data_6TGC
#
_entry.id   6TGC
#
_cell.length_a   1.00
_cell.length_b   1.00
_cell.length_c   1.00
_cell.angle_alpha   90.00
_cell.angle_beta   90.00
_cell.angle_gamma   90.00
#
_symmetry.space_group_name_H-M   'P 1'
#
loop_
_entity.id
_entity.type
_entity.pdbx_description
1 polymer 'Dedicator of cytokinesis protein 2'
2 polymer 'Engulfment and cell motility protein 1'
3 polymer 'Ras-related C3 botulinum toxin substrate 1'
#
loop_
_entity_poly.entity_id
_entity_poly.type
_entity_poly.pdbx_seq_one_letter_code
_entity_poly.pdbx_strand_id
1 'polypeptide(L)'
;MAPWRKADKERHGVAIYNFQGSGAPQLSLQIGDVVRIQETCGDWYRGYLIKHKMLQGIFPKSFIHIKEVTVEKRRNTENI
IPAEIPLAQEVTTTLWEWGSIWKQLYVASKKERFLQVQSMMYDLMEWRSQLLSGTLPKDELKELKQKVTSKIDYGNKILE
LDLIVRDEDGNILDPDNTSVISLFHAHEEATDKITERIKEEMSKDQP(UNK)(UNK)(UNK)(UNK)(UNK)(UNK)
(UNK)(UNK)(UNK)(UNK)(UNK)(UNK)(UNK)(UNK)(UNK)(UNK)(UNK)(UNK)(UNK)(UNK)(UNK)(UNK)
(UNK)(UNK)(UNK)(UNK)(UNK)(UNK)(UNK)(UNK)(UNK)(UNK)(UNK)(UNK)(UNK)(UNK)(UNK)(UNK)
(UNK)(UNK)(UNK)(UNK)(UNK)(UNK)(UNK)(UNK)(UNK)(UNK)(UNK)(UNK)(UNK)(UNK)(UNK)(UNK)
(UNK)(UNK)(UNK)(UNK)(UNK)(UNK)(UNK)(UNK)(UNK)(UNK)(UNK)(UNK)(UNK)(UNK)(UNK)(UNK)
(UNK)(UNK)(UNK)(UNK)(UNK)(UNK)(UNK)(UNK)(UNK)(UNK)(UNK)(UNK)(UNK)(UNK)(UNK)(UNK)
(UNK)(UNK)(UNK)(UNK)(UNK)(UNK)(UNK)(UNK)(UNK)(UNK)(UNK)(UNK)(UNK)(UNK)(UNK)(UNK)
(UNK)(UNK)(UNK)(UNK)(UNK)(UNK)(UNK)(UNK)(UNK)(UNK)(UNK)(UNK)(UNK)(UNK)(UNK)(UNK)
(UNK)(UNK)(UNK)(UNK)(UNK)(UNK)(UNK)(UNK)(UNK)(UNK)(UNK)(UNK)(UNK)(UNK)(UNK)(UNK)
(UNK)(UNK)(UNK)(UNK)(UNK)(UNK)(UNK)(UNK)(UNK)(UNK)(UNK)(UNK)(UNK)(UNK)(UNK)(UNK)
(UNK)(UNK)(UNK)(UNK)(UNK)(UNK)(UNK)(UNK)(UNK)(UNK)(UNK)(UNK)(UNK)(UNK)(UNK)(UNK)
(UNK)(UNK)(UNK)(UNK)(UNK)(UNK)(UNK)(UNK)(UNK)(UNK)(UNK)(UNK)(UNK)(UNK)(UNK)(UNK)
(UNK)(UNK)(UNK)(UNK)(UNK)(UNK)(UNK)(UNK)(UNK)(UNK)(UNK)(UNK)(UNK)(UNK)(UNK)(UNK)
(UNK)(UNK)(UNK)(UNK)(UNK)(UNK)GFPEIIMPGDVRNDIYITLLQGDFDKYNKTTQRNVEVIMCVCAEDGKTLP
NAICVGAGDKPMNEYRSVVYYQVKQPRWMETVKVAVPIEDMQRIHLRFMFRHRSSLESKDKGEKNFAMSYVKLMKEDGTT
LHDGFHDLVVLKGDSKKMEDASAYLTLPSYRHHVENKGATLSRSSSSVGGLSVSSRDVFSISTLVCST(UNK)(UNK)
(UNK)(UNK)(UNK)(UNK)(UNK)(UNK)(UNK)(UNK)(UNK)(UNK)(UNK)(UNK)(UNK)(UNK)(UNK)(UNK)
(UNK)(UNK)(UNK)(UNK)(UNK)(UNK)(UNK)(UNK)(UNK)(UNK)(UNK)(UNK)(UNK)(UNK)(UNK)(UNK)
(UNK)(UNK)(UNK)(UNK)(UNK)(UNK)(UNK)(UNK)(UNK)(UNK)(UNK)(UNK)(UNK)(UNK)(UNK)IMMEH
SQSDEYDILVFDALIYIIGLIADRKFQ(UNK)(UNK)(UNK)(UNK)(UNK)(UNK)(UNK)(UNK)(UNK)(UNK)
(UNK)(UNK)(UNK)(UNK)(UNK)(UNK)(UNK)(UNK)(UNK)(UNK)(UNK)(UNK)(UNK)(UNK)(UNK)(UNK)
(UNK)(UNK)(UNK)(UNK)(UNK)(UNK)(UNK)(UNK)(UNK)(UNK)(UNK)(UNK)(UNK)(UNK)(UNK)(UNK)
(UNK)(UNK)(UNK)(UNK)(UNK)(UNK)(UNK)(UNK)(UNK)(UNK)(UNK)(UNK)(UNK)(UNK)(UNK)(UNK)
(UNK)(UNK)(UNK)(UNK)(UNK)(UNK)(UNK)(UNK)(UNK)(UNK)(UNK)(UNK)(UNK)(UNK)(UNK)(UNK)
(UNK)(UNK)(UNK)(UNK)(UNK)(UNK)(UNK)(UNK)(UNK)(UNK)(UNK)(UNK)(UNK)(UNK)(UNK)(UNK)
(UNK)(UNK)(UNK)(UNK)(UNK)(UNK)(UNK)(UNK)(UNK)(UNK)(UNK)(UNK)(UNK)(UNK)(UNK)(UNK)
(UNK)(UNK)(UNK)(UNK)(UNK)(UNK)(UNK)(UNK)(UNK)(UNK)(UNK)(UNK)(UNK)(UNK)(UNK)(UNK)
(UNK)(UNK)(UNK)(UNK)(UNK)(UNK)(UNK)(UNK)(UNK)(UNK)(UNK)(UNK)(UNK)(UNK)(UNK)(UNK)
(UNK)(UNK)(UNK)(UNK)(UNK)(UNK)(UNK)(UNK)(UNK)(UNK)(UNK)(UNK)(UNK)(UNK)(UNK)(UNK)
(UNK)(UNK)(UNK)(UNK)(UNK)(UNK)(UNK)(UNK)(UNK)(UNK)(UNK)(UNK)(UNK)(UNK)(UNK)(UNK)
(UNK)(UNK)(UNK)(UNK)(UNK)(UNK)(UNK)(UNK)(UNK)(UNK)(UNK)(UNK)(UNK)(UNK)(UNK)(UNK)
(UNK)(UNK)(UNK)(UNK)(UNK)(UNK)(UNK)(UNK)(UNK)(UNK)(UNK)(UNK)(UNK)(UNK)(UNK)(UNK)
(UNK)(UNK)(UNK)(UNK)(UNK)(UNK)(UNK)(UNK)(UNK)(UNK)(UNK)(UNK)(UNK)(UNK)(UNK)(UNK)
(UNK)(UNK)(UNK)(UNK)(UNK)(UNK)(UNK)(UNK)(UNK)(UNK)(UNK)(UNK)(UNK)(UNK)(UNK)(UNK)
(UNK)(UNK)(UNK)(UNK)(UNK)(UNK)(UNK)(UNK)(UNK)(UNK)(UNK)(UNK)(UNK)(UNK)(UNK)(UNK)
(UNK)(UNK)(UNK)(UNK)(UNK)(UNK)(UNK)(UNK)(UNK)(UNK)(UNK)(UNK)(UNK)(UNK)(UNK)(UNK)
(UNK)(UNK)(UNK)(UNK)(UNK)SSELVDFLMETFIMFKDLIGKNVYPGDWMAMSMVQNRVFLRAINKFAETMNQKFL
EHTNFEFQLWNNYFHLAVAFITQDSLQLEQFSHAKYNKILNKYGDMRRLIGFSIRDMWYKLGQNKICFIPGMVGPILEMT
LIPEAELRKATIPIFFDMMLCEYQRSGDFKKFENEIILKLDHEVEGGRGDEQYMQLLESILMECAAEHPTIAKSVENFVN
LVKGLLEKLLDYRGVMTDESKDNRMSCTVNLLNFYKDNNREEMYIRYLYKLRDLHLDCDNYTEAAYTLLLHTWLLKWSDE
QCASQVMQTGQQHPQTHRQLKETLYETIIGYFDKGKMWEEAISLCKELAEQYEMEIFDYELLSQNLIQQAKFYESIMKIL
RPKPDYFAVGYYGQGFPSFLRNKVFIYRGKEYERREDFQMQLMTQFPNAEKMNTTSAPGDDVKNAPGQYIQCFTVQPVLD
EHPRFKNKPVPDQIINFYKSNYVQRFHYSRPVRRGTVDPENEFASMWIERTSFVTAYKLPGILRWFEVVHMSQTTISPLE
NAIETMSTANEKILMMINQYQSDETLPINPLSMLLNGIVDPAVMGGFAKYEKAFFTEEYVRDHPEDQDKLTHLKDLIAWQ
IPFLGAGIKIHEKRVSDNLRPFHDRMEECFKNLKMKVEKEYGVREMPDFDDRRVGRPRSMLRSYRQMSIISLASMNSDCS
TPSKPTSESFDLELASPKTPRVEQEEPISPGSTLPEVKLRRSKKRTKRSSVVFADEKAAAESDLKRLSRKHEFMSDTNLS
EHAAIPLKASVLSQMSFASQSMPTIPALALSVAGIPGLDEANTSPRLSQTFLQLSDGDKKTLTRKKVNQFFKTMLASKSA
EEGKQIPDSLSTDL
;
A,D
2 'polypeptide(L)'
;MPPPADIVKVAIEWPGAYPKLMEIDQKKPLSAIIKEVCDGWSLANHEYFALQHADSSNFYITEKNRNEIKNGTILRLTTS
PAQNAQQLHERIQSSSMDAKLEALKDLASLSRDVTFAQEFINLDGISLLTQMVESGTELYQKLQKIMKPCFGDMLSFTLT
AFVELMDHGIVSWDTFSVAFIKKIASFVNKSAIDISILQRSLAILESMVLNSHDLYQKVAQEITIGQLIPHLQGSDQEIQ
TYTIAVINALFLKAPDERRQEMANILAQKQLRSIILTHVIRAQRAINNEMAHQLYVLQVLTFNLLEDRMMTKMDPQDQAQ
RDIIFELRRIAFDAESEPNNSSGSMEKRKSMYTRDYKKLGFINHVNPAMDFTQTPPGMLALDNMLYFAKHHQDAYIRIVL
ENSSREDKHECPFGRSSIELTKMLCEILKVGELPSETCNDFHPMFFTHDRSFEEFFCICIQLLNKTWKEMRATSEDFNKV
MQVVKEQVMRALTTKPSSLDQFKSKLQNLSYTEILKIRQSERMNQEDFQSRPILELKEKIQPEILELIKQQRLNRLVEGT
CFRKLNARRRQDKFWYCRLSPNHKVLHYGDLEESPQGEVPHDSLQDKLPVADIKAVVTGKDCPHMKEKGALKQNKEVLEL
AFSILYDSNCQLNFIAPDKHEYCIWTDGLNALLGKDMMSDLTRNDLDTLLSMEIKLRLLDLENIQIPDAPPPIPKEPSNY
DFVYDCN
;
B,E
3 'polypeptide(L)'
;MQAIKCVVVGDGAVGKTCLLISYTTNAFPGEYIPTVFDNYSANVMVDGKPVNLGLWDTAGQEDYDRLRPLSYPQTDVFLI
CFSLVSPASFENVRAKWYPEVRHHCPNTPIILVGTKLDLRDDKDTIEKLKEKKLTPITYPQGLAMAKEIGAVKYLECSAL
TQRGLKTVFDEAIRAVLCPPPVKKRKRKCLLL
;
C,F
#
# COMPACT_ATOMS: atom_id res chain seq x y z
N MET A 1 -74.48 75.55 -7.63
CA MET A 1 -74.30 74.29 -8.34
C MET A 1 -75.35 73.26 -8.00
N ALA A 2 -75.01 72.00 -8.30
CA ALA A 2 -75.89 70.87 -8.20
C ALA A 2 -75.08 69.73 -7.60
N PRO A 3 -75.69 68.93 -6.72
CA PRO A 3 -74.97 67.83 -6.08
C PRO A 3 -74.39 66.84 -7.08
N TRP A 4 -73.55 65.92 -6.61
CA TRP A 4 -72.91 64.94 -7.48
C TRP A 4 -73.83 63.73 -7.60
N ARG A 5 -74.85 63.87 -8.45
CA ARG A 5 -75.84 62.84 -8.69
C ARG A 5 -75.20 61.53 -9.11
N LYS A 6 -75.82 60.43 -8.70
CA LYS A 6 -75.29 59.13 -9.05
C LYS A 6 -75.57 58.84 -10.51
N ALA A 7 -74.62 58.20 -11.18
CA ALA A 7 -74.81 57.76 -12.55
C ALA A 7 -75.42 56.36 -12.59
N ASP A 8 -76.53 56.22 -11.86
CA ASP A 8 -77.25 54.96 -11.74
C ASP A 8 -77.93 54.53 -13.02
N LYS A 9 -78.45 55.46 -13.81
CA LYS A 9 -78.89 55.23 -15.18
C LYS A 9 -77.88 55.71 -16.18
N GLU A 10 -77.01 56.64 -15.80
CA GLU A 10 -75.88 57.12 -16.57
C GLU A 10 -74.82 56.02 -16.50
N ARG A 11 -75.19 54.84 -17.01
CA ARG A 11 -74.59 53.61 -16.51
C ARG A 11 -73.24 53.28 -17.10
N HIS A 12 -73.17 53.02 -18.40
CA HIS A 12 -71.93 52.57 -19.01
C HIS A 12 -71.54 53.55 -20.10
N GLY A 13 -70.75 54.54 -19.72
CA GLY A 13 -70.29 55.52 -20.67
C GLY A 13 -69.28 54.92 -21.60
N VAL A 14 -69.54 55.02 -22.89
CA VAL A 14 -68.49 54.92 -23.89
C VAL A 14 -68.05 56.34 -24.23
N ALA A 15 -66.77 56.61 -24.04
CA ALA A 15 -66.28 57.97 -24.18
C ALA A 15 -66.52 58.44 -25.60
N ILE A 16 -67.46 59.38 -25.76
CA ILE A 16 -67.64 60.09 -27.01
C ILE A 16 -66.33 60.65 -27.54
N TYR A 17 -65.42 60.99 -26.64
CA TYR A 17 -64.21 61.70 -27.01
C TYR A 17 -63.14 61.52 -25.93
N ASN A 18 -61.92 61.88 -26.34
CA ASN A 18 -60.66 61.57 -25.69
C ASN A 18 -60.44 62.40 -24.44
N PHE A 19 -60.99 61.97 -23.30
CA PHE A 19 -60.96 62.83 -22.14
C PHE A 19 -59.90 62.40 -21.14
N GLN A 20 -58.64 62.63 -21.45
CA GLN A 20 -57.66 62.56 -20.36
C GLN A 20 -57.84 63.77 -19.47
N GLY A 21 -58.66 63.60 -18.44
CA GLY A 21 -58.69 64.52 -17.33
C GLY A 21 -57.46 64.32 -16.48
N SER A 22 -57.59 64.67 -15.20
CA SER A 22 -56.52 64.49 -14.25
C SER A 22 -56.75 63.31 -13.32
N GLY A 23 -57.65 62.40 -13.65
CA GLY A 23 -57.97 61.35 -12.72
C GLY A 23 -59.03 61.80 -11.76
N ALA A 24 -58.60 62.26 -10.59
CA ALA A 24 -59.49 63.01 -9.70
C ALA A 24 -59.09 64.48 -9.75
N PRO A 25 -60.03 65.40 -9.98
CA PRO A 25 -61.42 65.03 -10.24
C PRO A 25 -61.63 64.58 -11.69
N GLN A 26 -60.98 65.24 -12.63
CA GLN A 26 -61.23 65.05 -14.06
C GLN A 26 -60.70 63.67 -14.47
N LEU A 27 -61.60 62.73 -14.71
CA LEU A 27 -61.21 61.35 -15.01
C LEU A 27 -60.50 61.22 -16.35
N SER A 28 -59.24 60.79 -16.33
CA SER A 28 -58.54 60.52 -17.58
C SER A 28 -59.27 59.48 -18.39
N LEU A 29 -59.50 59.81 -19.66
CA LEU A 29 -60.26 58.97 -20.57
C LEU A 29 -59.64 59.08 -21.96
N GLN A 30 -60.06 58.18 -22.82
CA GLN A 30 -59.73 58.25 -24.23
C GLN A 30 -61.06 58.51 -24.94
N ILE A 31 -61.08 58.37 -26.24
CA ILE A 31 -62.37 58.26 -26.91
C ILE A 31 -62.78 56.80 -26.86
N GLY A 32 -64.06 56.57 -26.64
CA GLY A 32 -64.59 55.23 -26.77
C GLY A 32 -64.24 54.30 -25.64
N ASP A 33 -63.97 54.82 -24.45
CA ASP A 33 -63.75 53.96 -23.30
C ASP A 33 -65.11 53.57 -22.76
N VAL A 34 -65.45 52.28 -22.82
CA VAL A 34 -66.60 51.82 -22.06
C VAL A 34 -66.27 52.03 -20.60
N VAL A 35 -66.94 52.99 -19.98
CA VAL A 35 -66.75 53.31 -18.59
C VAL A 35 -68.11 53.20 -17.93
N ARG A 36 -68.15 52.53 -16.78
CA ARG A 36 -69.32 52.65 -15.93
C ARG A 36 -69.10 53.81 -15.00
N ILE A 37 -70.12 54.63 -14.84
CA ILE A 37 -69.97 55.89 -14.14
C ILE A 37 -70.68 55.76 -12.81
N GLN A 38 -69.96 56.10 -11.74
CA GLN A 38 -70.50 55.91 -10.40
C GLN A 38 -71.53 56.97 -10.08
N GLU A 39 -71.09 58.20 -9.96
CA GLU A 39 -71.95 59.36 -9.88
C GLU A 39 -71.61 60.31 -11.02
N THR A 40 -72.19 61.50 -10.97
CA THR A 40 -71.98 62.50 -12.00
C THR A 40 -72.57 63.82 -11.53
N CYS A 41 -72.04 64.91 -12.09
CA CYS A 41 -72.63 66.24 -11.91
C CYS A 41 -72.95 66.80 -13.29
N GLY A 42 -74.14 66.47 -13.80
CA GLY A 42 -74.67 67.09 -15.01
C GLY A 42 -73.74 67.04 -16.21
N ASP A 43 -73.22 68.21 -16.58
CA ASP A 43 -72.24 68.38 -17.64
C ASP A 43 -71.01 67.51 -17.44
N TRP A 44 -70.89 66.89 -16.28
CA TRP A 44 -69.76 66.05 -15.96
C TRP A 44 -70.24 64.66 -15.61
N TYR A 45 -69.29 63.80 -15.28
CA TYR A 45 -69.59 62.52 -14.70
C TYR A 45 -68.88 62.45 -13.38
N ARG A 46 -69.01 61.33 -12.69
CA ARG A 46 -68.01 60.96 -11.72
C ARG A 46 -68.07 59.45 -11.57
N GLY A 47 -67.23 58.77 -12.34
CA GLY A 47 -67.25 57.32 -12.44
C GLY A 47 -65.92 56.85 -12.97
N TYR A 48 -65.92 55.79 -13.76
CA TYR A 48 -64.68 55.06 -13.95
C TYR A 48 -64.72 54.22 -15.22
N LEU A 49 -63.56 54.06 -15.84
CA LEU A 49 -63.40 53.07 -16.89
C LEU A 49 -63.96 51.73 -16.44
N ILE A 50 -64.75 51.10 -17.30
CA ILE A 50 -65.20 49.74 -17.01
C ILE A 50 -63.99 48.83 -16.77
N LYS A 51 -62.87 49.11 -17.45
CA LYS A 51 -61.69 48.30 -17.16
C LYS A 51 -61.19 48.55 -15.76
N HIS A 52 -61.08 49.82 -15.38
CA HIS A 52 -60.32 50.29 -14.24
C HIS A 52 -61.26 51.14 -13.40
N LYS A 53 -62.32 50.48 -12.95
CA LYS A 53 -63.31 51.06 -12.06
C LYS A 53 -62.71 51.79 -10.87
N MET A 54 -61.43 51.59 -10.58
CA MET A 54 -60.77 52.39 -9.55
C MET A 54 -60.09 53.62 -10.13
N LEU A 55 -59.93 53.69 -11.46
CA LEU A 55 -59.58 54.95 -12.13
C LEU A 55 -60.84 55.81 -12.10
N GLN A 56 -61.19 56.30 -10.93
CA GLN A 56 -62.44 57.04 -10.77
C GLN A 56 -62.18 58.53 -10.73
N GLY A 57 -62.95 59.26 -11.51
CA GLY A 57 -62.97 60.69 -11.40
C GLY A 57 -64.23 61.24 -11.99
N ILE A 58 -64.31 62.55 -12.02
CA ILE A 58 -65.34 63.25 -12.78
C ILE A 58 -64.88 63.26 -14.23
N PHE A 59 -65.82 63.24 -15.17
CA PHE A 59 -65.43 63.34 -16.58
C PHE A 59 -66.63 63.81 -17.36
N PRO A 60 -66.44 64.42 -18.53
CA PRO A 60 -67.46 65.30 -19.06
C PRO A 60 -68.63 64.51 -19.57
N LYS A 61 -69.84 64.98 -19.23
CA LYS A 61 -70.99 64.61 -20.02
C LYS A 61 -70.66 64.71 -21.50
N SER A 62 -69.71 65.58 -21.85
CA SER A 62 -69.35 65.80 -23.24
C SER A 62 -68.60 64.64 -23.86
N PHE A 63 -67.54 64.12 -23.22
CA PHE A 63 -66.72 63.12 -23.89
C PHE A 63 -67.04 61.71 -23.44
N ILE A 64 -68.32 61.42 -23.20
CA ILE A 64 -68.74 60.09 -22.75
C ILE A 64 -70.17 59.85 -23.22
N HIS A 65 -70.42 58.69 -23.82
CA HIS A 65 -71.75 58.28 -24.26
C HIS A 65 -72.26 57.11 -23.44
N ILE A 66 -73.44 57.28 -22.85
CA ILE A 66 -74.16 56.19 -22.19
C ILE A 66 -75.04 55.52 -23.23
N LYS A 67 -74.76 54.26 -23.51
CA LYS A 67 -75.83 53.37 -23.92
C LYS A 67 -76.08 52.39 -22.77
N GLU A 68 -77.27 51.80 -22.76
CA GLU A 68 -77.64 50.91 -21.67
C GLU A 68 -76.90 49.59 -21.76
N VAL A 69 -76.03 49.38 -20.77
CA VAL A 69 -75.19 48.22 -20.67
C VAL A 69 -75.32 47.67 -19.26
N ILE A 81 -85.59 43.54 -23.09
CA ILE A 81 -84.25 43.93 -23.54
C ILE A 81 -83.92 43.20 -24.84
N PRO A 82 -83.36 43.92 -25.80
CA PRO A 82 -82.96 43.27 -27.06
C PRO A 82 -81.85 42.24 -26.83
N ALA A 83 -82.10 41.01 -27.30
CA ALA A 83 -81.18 39.89 -27.09
C ALA A 83 -79.80 40.17 -27.68
N GLU A 84 -79.74 41.10 -28.61
CA GLU A 84 -78.49 41.47 -29.22
C GLU A 84 -77.61 42.04 -28.13
N ILE A 85 -78.21 42.68 -27.14
CA ILE A 85 -77.41 43.18 -26.03
C ILE A 85 -76.63 42.00 -25.47
N PRO A 86 -77.27 40.93 -24.92
CA PRO A 86 -76.48 39.80 -24.41
C PRO A 86 -75.52 39.22 -25.43
N LEU A 87 -76.05 38.98 -26.61
CA LEU A 87 -75.35 38.15 -27.57
C LEU A 87 -74.18 38.92 -28.16
N ALA A 88 -74.42 40.18 -28.45
CA ALA A 88 -73.34 41.12 -28.68
C ALA A 88 -72.29 41.01 -27.61
N GLN A 89 -72.58 41.46 -26.37
CA GLN A 89 -71.47 41.61 -25.44
C GLN A 89 -70.69 40.33 -25.34
N GLU A 90 -71.36 39.21 -25.56
CA GLU A 90 -70.65 37.94 -25.55
C GLU A 90 -69.75 37.77 -26.76
N VAL A 91 -70.21 38.13 -27.95
CA VAL A 91 -69.28 38.11 -29.06
C VAL A 91 -68.13 39.03 -28.75
N THR A 92 -68.48 40.21 -28.23
CA THR A 92 -67.50 41.20 -27.85
C THR A 92 -66.41 40.56 -27.02
N THR A 93 -66.75 40.11 -25.83
CA THR A 93 -65.74 39.59 -24.93
C THR A 93 -65.06 38.38 -25.50
N THR A 94 -65.83 37.53 -26.19
CA THR A 94 -65.23 36.45 -26.94
C THR A 94 -63.98 36.95 -27.58
N LEU A 95 -64.14 37.95 -28.39
CA LEU A 95 -63.01 38.31 -29.20
C LEU A 95 -62.03 39.18 -28.46
N TRP A 96 -62.47 39.97 -27.48
CA TRP A 96 -61.47 40.60 -26.64
C TRP A 96 -60.43 39.59 -26.24
N GLU A 97 -60.85 38.54 -25.57
CA GLU A 97 -59.83 37.55 -25.24
C GLU A 97 -59.31 36.85 -26.46
N TRP A 98 -60.18 36.48 -27.38
CA TRP A 98 -59.79 35.74 -28.56
C TRP A 98 -58.61 36.38 -29.23
N GLY A 99 -58.65 37.68 -29.34
CA GLY A 99 -57.64 38.38 -30.11
C GLY A 99 -56.46 38.77 -29.25
N SER A 100 -56.70 39.02 -27.97
CA SER A 100 -55.56 39.09 -27.09
C SER A 100 -54.68 37.88 -27.33
N ILE A 101 -55.28 36.69 -27.32
CA ILE A 101 -54.45 35.52 -27.52
C ILE A 101 -54.09 35.41 -28.97
N TRP A 102 -54.87 35.99 -29.86
CA TRP A 102 -54.43 36.02 -31.24
C TRP A 102 -53.07 36.68 -31.35
N LYS A 103 -52.94 37.91 -30.84
CA LYS A 103 -51.63 38.54 -30.67
C LYS A 103 -50.61 37.51 -30.24
N GLN A 104 -50.94 36.79 -29.18
CA GLN A 104 -50.11 35.68 -28.78
C GLN A 104 -49.79 34.77 -29.93
N LEU A 105 -50.77 34.37 -30.70
CA LEU A 105 -50.51 33.33 -31.67
C LEU A 105 -49.41 33.77 -32.60
N TYR A 106 -49.41 35.05 -32.93
CA TYR A 106 -48.33 35.62 -33.71
C TYR A 106 -47.05 35.65 -32.93
N VAL A 107 -47.13 35.99 -31.64
CA VAL A 107 -45.98 35.75 -30.79
C VAL A 107 -45.71 34.26 -30.78
N ALA A 108 -46.75 33.46 -30.55
CA ALA A 108 -46.61 32.02 -30.70
C ALA A 108 -46.16 31.67 -32.09
N SER A 109 -46.32 32.59 -33.03
CA SER A 109 -45.70 32.45 -34.32
C SER A 109 -46.30 31.30 -35.09
N LYS A 110 -47.23 30.56 -34.49
CA LYS A 110 -47.95 29.57 -35.27
C LYS A 110 -49.21 30.25 -35.75
N LYS A 111 -49.03 30.98 -36.82
CA LYS A 111 -50.07 31.86 -37.27
C LYS A 111 -51.06 31.12 -38.12
N GLU A 112 -50.83 29.83 -38.31
CA GLU A 112 -51.88 28.89 -38.66
C GLU A 112 -53.13 29.20 -37.87
N ARG A 113 -52.98 29.11 -36.56
CA ARG A 113 -54.09 29.28 -35.65
C ARG A 113 -54.66 30.64 -35.96
N PHE A 114 -53.75 31.51 -36.37
CA PHE A 114 -53.91 32.92 -36.15
C PHE A 114 -54.75 33.54 -37.24
N LEU A 115 -54.34 33.36 -38.48
CA LEU A 115 -55.31 33.47 -39.54
C LEU A 115 -56.52 32.60 -39.27
N GLN A 116 -56.28 31.32 -38.97
CA GLN A 116 -57.36 30.37 -38.84
C GLN A 116 -58.56 30.99 -38.18
N VAL A 117 -58.30 31.71 -37.10
CA VAL A 117 -59.37 32.41 -36.42
C VAL A 117 -59.70 33.72 -37.11
N GLN A 118 -58.70 34.59 -37.31
CA GLN A 118 -59.04 35.96 -37.74
C GLN A 118 -59.93 35.95 -38.95
N SER A 119 -59.72 34.98 -39.84
CA SER A 119 -60.73 34.56 -40.77
C SER A 119 -62.09 34.73 -40.15
N MET A 120 -62.31 33.97 -39.10
CA MET A 120 -63.60 33.95 -38.45
C MET A 120 -63.90 35.28 -37.82
N MET A 121 -62.95 35.83 -37.10
CA MET A 121 -63.25 36.94 -36.22
C MET A 121 -63.85 38.08 -37.01
N TYR A 122 -63.47 38.21 -38.26
CA TYR A 122 -64.20 39.14 -39.09
C TYR A 122 -65.64 38.70 -39.35
N ASP A 123 -65.92 37.44 -39.63
CA ASP A 123 -67.32 37.13 -39.85
C ASP A 123 -68.07 37.33 -38.55
N LEU A 124 -67.44 36.95 -37.46
CA LEU A 124 -67.93 37.25 -36.13
C LEU A 124 -68.34 38.71 -36.03
N MET A 125 -67.37 39.62 -36.20
CA MET A 125 -67.63 41.05 -36.32
C MET A 125 -68.93 41.31 -37.03
N GLU A 126 -69.06 40.78 -38.24
CA GLU A 126 -70.26 41.15 -38.97
C GLU A 126 -71.47 40.55 -38.29
N TRP A 127 -71.27 39.49 -37.55
CA TRP A 127 -72.43 38.83 -37.01
C TRP A 127 -72.90 39.54 -35.76
N ARG A 128 -71.97 40.09 -35.00
CA ARG A 128 -72.26 41.26 -34.19
C ARG A 128 -73.15 42.24 -34.95
N SER A 129 -72.64 42.81 -36.03
CA SER A 129 -73.42 43.80 -36.76
C SER A 129 -74.80 43.27 -37.10
N GLN A 130 -74.88 41.98 -37.44
CA GLN A 130 -76.15 41.34 -37.63
C GLN A 130 -77.02 41.50 -36.39
N LEU A 131 -76.44 41.31 -35.21
CA LEU A 131 -77.18 41.52 -33.98
C LEU A 131 -77.63 42.97 -33.84
N LEU A 132 -76.66 43.88 -33.70
CA LEU A 132 -76.94 45.30 -33.78
C LEU A 132 -77.00 45.84 -35.20
N SER A 133 -77.49 45.04 -36.13
CA SER A 133 -78.46 45.63 -37.05
C SER A 133 -79.80 45.70 -36.33
N GLY A 134 -80.09 44.70 -35.51
CA GLY A 134 -81.41 44.55 -34.93
C GLY A 134 -82.48 44.45 -35.97
N THR A 135 -82.09 44.20 -37.21
CA THR A 135 -82.93 44.19 -38.41
C THR A 135 -83.31 42.79 -38.82
N LEU A 136 -82.36 41.93 -38.93
CA LEU A 136 -82.62 40.63 -39.49
C LEU A 136 -83.39 39.75 -38.50
N PRO A 137 -84.36 39.00 -39.02
CA PRO A 137 -85.51 38.60 -38.21
C PRO A 137 -85.36 37.26 -37.54
N LYS A 138 -86.47 36.89 -36.88
CA LYS A 138 -86.67 35.56 -36.29
C LYS A 138 -85.89 34.48 -37.00
N ASP A 139 -86.12 34.28 -38.30
CA ASP A 139 -85.41 33.22 -39.01
C ASP A 139 -83.91 33.49 -39.03
N GLU A 140 -83.53 34.68 -39.50
CA GLU A 140 -82.15 35.05 -39.66
C GLU A 140 -81.48 34.90 -38.31
N LEU A 141 -82.00 35.67 -37.36
CA LEU A 141 -81.47 35.76 -36.01
C LEU A 141 -81.35 34.39 -35.35
N LYS A 142 -82.34 33.55 -35.56
CA LYS A 142 -82.34 32.23 -34.94
C LYS A 142 -81.24 31.34 -35.49
N GLU A 143 -81.13 31.25 -36.81
CA GLU A 143 -80.05 30.41 -37.31
C GLU A 143 -78.73 31.00 -36.91
N LEU A 144 -78.62 32.31 -36.99
CA LEU A 144 -77.39 32.96 -36.59
C LEU A 144 -77.04 32.58 -35.16
N LYS A 145 -77.91 32.93 -34.21
CA LYS A 145 -77.68 32.64 -32.81
C LYS A 145 -77.20 31.22 -32.63
N GLN A 146 -77.82 30.28 -33.33
CA GLN A 146 -77.22 28.97 -33.43
C GLN A 146 -75.74 29.10 -33.77
N LYS A 147 -75.45 29.77 -34.88
CA LYS A 147 -74.09 29.74 -35.41
C LYS A 147 -73.09 30.32 -34.42
N VAL A 148 -73.53 31.33 -33.69
CA VAL A 148 -72.68 32.11 -32.82
C VAL A 148 -72.02 31.12 -31.92
N THR A 149 -72.81 30.54 -31.04
CA THR A 149 -72.37 29.42 -30.25
C THR A 149 -71.57 28.46 -31.10
N SER A 150 -72.18 27.99 -32.19
CA SER A 150 -71.60 26.88 -32.94
C SER A 150 -70.10 27.00 -32.96
N LYS A 151 -69.63 28.08 -33.51
CA LYS A 151 -68.18 28.06 -33.62
C LYS A 151 -67.50 29.01 -32.69
N ILE A 152 -68.21 29.87 -31.96
CA ILE A 152 -67.53 30.47 -30.83
C ILE A 152 -67.02 29.35 -29.95
N ASP A 153 -67.96 28.54 -29.53
CA ASP A 153 -67.65 27.37 -28.74
C ASP A 153 -66.69 26.47 -29.48
N TYR A 154 -66.80 26.33 -30.80
CA TYR A 154 -65.69 25.66 -31.48
C TYR A 154 -64.37 26.36 -31.27
N GLY A 155 -64.38 27.67 -31.13
CA GLY A 155 -63.16 28.35 -30.85
C GLY A 155 -62.56 27.85 -29.56
N ASN A 156 -63.19 28.17 -28.44
CA ASN A 156 -62.58 27.82 -27.16
C ASN A 156 -62.39 26.33 -27.07
N LYS A 157 -63.10 25.59 -27.90
CA LYS A 157 -62.70 24.25 -28.26
C LYS A 157 -61.27 24.23 -28.73
N ILE A 158 -60.97 24.89 -29.85
CA ILE A 158 -59.62 24.90 -30.39
C ILE A 158 -58.84 26.11 -29.96
N LEU A 159 -59.51 27.21 -29.63
CA LEU A 159 -58.88 28.15 -28.73
C LEU A 159 -58.68 27.51 -27.37
N GLU A 160 -59.30 26.36 -27.13
CA GLU A 160 -58.81 25.46 -26.10
C GLU A 160 -59.02 26.07 -24.74
N LEU A 161 -60.25 26.50 -24.49
CA LEU A 161 -60.63 27.17 -23.28
C LEU A 161 -62.02 26.70 -22.85
N ASP A 162 -62.63 27.51 -22.00
CA ASP A 162 -63.74 27.09 -21.16
C ASP A 162 -65.07 27.59 -21.71
N LEU A 163 -65.93 26.66 -22.07
CA LEU A 163 -67.13 27.02 -22.80
C LEU A 163 -68.30 27.26 -21.85
N ILE A 164 -69.47 27.50 -22.43
CA ILE A 164 -70.56 28.12 -21.69
C ILE A 164 -71.90 27.49 -22.06
N VAL A 165 -72.92 27.84 -21.27
CA VAL A 165 -74.30 27.64 -21.68
C VAL A 165 -74.60 28.53 -22.86
N ARG A 166 -75.51 28.10 -23.72
CA ARG A 166 -75.81 28.98 -24.82
C ARG A 166 -76.67 30.03 -24.14
N ASP A 167 -76.09 31.18 -23.84
CA ASP A 167 -76.75 32.04 -22.88
C ASP A 167 -77.35 33.32 -23.48
N PRO A 175 -75.16 30.48 -18.03
CA PRO A 175 -76.36 30.55 -17.20
C PRO A 175 -75.98 30.63 -15.75
N ASP A 176 -75.92 29.49 -15.09
CA ASP A 176 -75.41 29.34 -13.73
C ASP A 176 -76.14 30.18 -12.72
N ASN A 177 -77.22 30.84 -13.11
CA ASN A 177 -78.17 31.29 -12.12
C ASN A 177 -78.66 30.11 -11.30
N THR A 178 -79.30 29.15 -11.96
CA THR A 178 -79.68 27.92 -11.28
C THR A 178 -79.99 26.87 -12.34
N SER A 179 -79.16 25.83 -12.42
CA SER A 179 -79.62 24.59 -12.99
C SER A 179 -79.20 23.41 -12.13
N VAL A 180 -77.96 23.49 -11.67
CA VAL A 180 -77.38 22.70 -10.60
C VAL A 180 -77.27 21.24 -10.93
N ILE A 181 -78.07 20.77 -11.88
CA ILE A 181 -77.68 19.55 -12.55
C ILE A 181 -77.91 19.69 -14.02
N SER A 182 -79.03 20.30 -14.40
CA SER A 182 -79.25 20.60 -15.80
C SER A 182 -78.02 21.24 -16.38
N LEU A 183 -77.36 22.06 -15.57
CA LEU A 183 -76.11 22.64 -16.00
C LEU A 183 -75.14 21.56 -16.41
N PHE A 184 -74.94 20.57 -15.56
CA PHE A 184 -74.24 19.40 -16.04
C PHE A 184 -74.83 18.97 -17.34
N HIS A 185 -76.10 18.62 -17.32
CA HIS A 185 -76.71 18.03 -18.50
C HIS A 185 -76.32 18.78 -19.73
N ALA A 186 -76.14 20.09 -19.58
CA ALA A 186 -75.66 20.89 -20.68
C ALA A 186 -74.20 20.58 -20.95
N HIS A 187 -73.31 20.91 -20.02
CA HIS A 187 -71.90 20.59 -20.19
C HIS A 187 -71.71 19.24 -20.82
N GLU A 188 -72.46 18.27 -20.34
CA GLU A 188 -72.59 17.01 -21.05
C GLU A 188 -72.90 17.27 -22.51
N GLU A 189 -74.10 17.76 -22.79
CA GLU A 189 -74.53 17.95 -24.17
C GLU A 189 -73.53 18.78 -24.95
N ALA A 190 -72.84 19.65 -24.26
CA ALA A 190 -71.84 20.51 -24.84
C ALA A 190 -70.75 19.63 -25.37
N THR A 191 -69.96 19.07 -24.47
CA THR A 191 -68.88 18.21 -24.91
C THR A 191 -69.36 17.18 -25.89
N ASP A 192 -70.62 16.78 -25.75
CA ASP A 192 -71.21 15.90 -26.72
C ASP A 192 -71.09 16.56 -28.07
N LYS A 193 -71.76 17.69 -28.25
CA LYS A 193 -71.70 18.36 -29.54
C LYS A 193 -70.29 18.78 -29.86
N ILE A 194 -69.50 19.06 -28.84
CA ILE A 194 -68.15 19.57 -29.02
C ILE A 194 -67.30 18.55 -29.71
N THR A 195 -67.07 17.43 -29.05
CA THR A 195 -66.45 16.31 -29.72
C THR A 195 -67.23 15.88 -30.93
N GLU A 196 -68.52 16.14 -30.98
CA GLU A 196 -69.26 15.77 -32.17
C GLU A 196 -68.71 16.52 -33.37
N ARG A 197 -68.87 17.83 -33.35
CA ARG A 197 -68.31 18.67 -34.38
C ARG A 197 -66.80 18.56 -34.43
N ILE A 198 -66.18 18.04 -33.38
CA ILE A 198 -64.73 17.96 -33.38
C ILE A 198 -64.24 16.75 -34.13
N LYS A 199 -64.82 15.59 -33.87
CA LYS A 199 -64.64 14.49 -34.79
C LYS A 199 -65.11 14.90 -36.17
N GLU A 200 -66.12 15.75 -36.24
CA GLU A 200 -66.54 16.27 -37.53
C GLU A 200 -65.49 17.20 -38.11
N GLU A 201 -64.60 17.70 -37.27
CA GLU A 201 -63.54 18.57 -37.77
C GLU A 201 -62.32 17.76 -38.16
N MET A 202 -62.06 16.69 -37.42
CA MET A 202 -61.17 15.66 -37.90
C MET A 202 -61.69 15.08 -39.20
N SER A 203 -63.00 15.13 -39.40
CA SER A 203 -63.57 14.85 -40.70
C SER A 203 -63.33 16.00 -41.65
N LYS A 204 -63.51 17.24 -41.21
CA LYS A 204 -63.02 18.37 -41.97
C LYS A 204 -61.52 18.25 -42.18
N ASP A 205 -60.84 17.59 -41.26
CA ASP A 205 -59.49 17.13 -41.55
C ASP A 205 -59.52 15.91 -42.47
N GLN A 206 -60.38 14.93 -42.18
CA GLN A 206 -60.56 13.82 -43.09
C GLN A 206 -61.27 14.22 -44.36
N PRO A 207 -61.56 15.51 -44.54
CA PRO A 207 -62.16 16.02 -45.76
C PRO A 207 -61.11 16.13 -46.85
N UNK A 279 -64.86 15.51 -43.92
CA UNK A 279 -65.24 14.48 -44.87
C UNK A 279 -66.59 14.85 -45.43
N UNK A 280 -66.92 14.28 -46.58
CA UNK A 280 -68.17 14.62 -47.26
C UNK A 280 -68.58 13.44 -48.13
N UNK A 281 -69.81 13.51 -48.63
CA UNK A 281 -70.34 12.51 -49.56
C UNK A 281 -71.30 13.22 -50.53
N UNK A 282 -70.78 13.63 -51.67
CA UNK A 282 -71.58 14.19 -52.74
C UNK A 282 -71.63 13.20 -53.90
N UNK A 283 -72.26 13.61 -55.00
CA UNK A 283 -72.52 12.70 -56.10
C UNK A 283 -71.84 13.20 -57.37
N UNK A 284 -71.52 12.25 -58.23
CA UNK A 284 -70.99 12.52 -59.56
C UNK A 284 -72.01 12.05 -60.60
N UNK A 285 -71.76 12.41 -61.85
CA UNK A 285 -72.66 12.04 -62.92
C UNK A 285 -71.91 12.12 -64.25
N UNK A 286 -72.39 11.37 -65.23
CA UNK A 286 -71.84 11.39 -66.58
C UNK A 286 -73.00 11.59 -67.55
N UNK A 287 -72.96 12.69 -68.31
CA UNK A 287 -74.09 13.13 -69.12
C UNK A 287 -74.66 12.01 -69.97
N UNK A 288 -75.99 11.81 -69.88
CA UNK A 288 -76.66 10.77 -70.64
C UNK A 288 -77.27 11.26 -71.95
N UNK A 289 -78.36 12.01 -71.89
CA UNK A 289 -78.89 12.88 -72.95
C UNK A 289 -80.24 13.42 -72.49
N UNK A 290 -80.83 14.28 -73.32
CA UNK A 290 -82.14 14.86 -73.06
C UNK A 290 -82.81 15.14 -74.42
N UNK A 291 -83.82 16.00 -74.42
CA UNK A 291 -84.59 16.31 -75.62
C UNK A 291 -84.30 17.74 -76.03
N UNK A 292 -83.47 17.90 -77.08
CA UNK A 292 -83.00 19.19 -77.55
C UNK A 292 -84.13 19.85 -78.35
N UNK A 293 -84.99 20.59 -77.62
CA UNK A 293 -86.11 21.25 -78.25
C UNK A 293 -85.66 22.26 -79.31
N UNK A 294 -84.43 22.75 -79.22
CA UNK A 294 -83.83 23.56 -80.26
C UNK A 294 -82.39 23.12 -80.50
N UNK A 295 -81.91 23.38 -81.70
CA UNK A 295 -80.55 23.01 -82.10
C UNK A 295 -79.64 24.19 -81.84
N UNK A 296 -80.00 24.97 -80.83
CA UNK A 296 -79.25 26.12 -80.40
C UNK A 296 -78.67 25.82 -79.03
N UNK A 297 -77.59 26.52 -78.71
CA UNK A 297 -76.87 26.25 -77.48
C UNK A 297 -77.79 26.48 -76.28
N UNK A 298 -78.21 25.39 -75.64
CA UNK A 298 -78.96 25.46 -74.40
C UNK A 298 -78.02 25.10 -73.27
N UNK A 299 -77.47 26.10 -72.59
CA UNK A 299 -76.63 25.81 -71.45
C UNK A 299 -77.47 25.14 -70.36
N UNK A 300 -77.10 23.91 -70.04
CA UNK A 300 -77.81 23.16 -69.01
C UNK A 300 -76.78 22.82 -67.97
N UNK A 301 -76.51 23.77 -67.09
CA UNK A 301 -75.74 23.56 -65.88
C UNK A 301 -76.69 23.11 -64.79
N UNK A 302 -76.39 21.99 -64.16
CA UNK A 302 -77.18 21.57 -63.02
C UNK A 302 -77.04 22.60 -61.90
N UNK A 303 -78.03 22.61 -61.02
CA UNK A 303 -78.05 23.59 -59.95
C UNK A 303 -78.44 22.89 -58.65
N UNK A 304 -78.70 23.71 -57.63
CA UNK A 304 -79.14 23.22 -56.35
C UNK A 304 -79.91 24.33 -55.66
N UNK A 305 -80.43 24.01 -54.47
CA UNK A 305 -81.17 24.95 -53.66
C UNK A 305 -81.27 24.39 -52.25
N UNK A 306 -82.10 25.02 -51.45
CA UNK A 306 -82.63 24.43 -50.22
C UNK A 306 -84.14 24.56 -50.27
N UNK A 307 -84.79 24.02 -49.24
CA UNK A 307 -86.23 24.20 -49.15
C UNK A 307 -86.57 25.68 -49.05
N UNK A 308 -85.76 26.43 -48.31
CA UNK A 308 -85.88 27.88 -48.30
C UNK A 308 -85.61 28.46 -49.68
N UNK A 309 -84.71 27.85 -50.45
CA UNK A 309 -84.39 28.36 -51.77
C UNK A 309 -85.41 27.89 -52.79
N UNK A 310 -85.70 26.58 -52.81
CA UNK A 310 -86.89 26.03 -53.45
C UNK A 310 -86.95 26.33 -54.95
N UNK A 311 -85.82 26.60 -55.57
CA UNK A 311 -85.82 26.99 -56.98
C UNK A 311 -84.44 26.73 -57.56
N UNK A 312 -84.19 27.32 -58.73
CA UNK A 312 -82.85 27.33 -59.27
C UNK A 312 -81.98 28.25 -58.44
N UNK A 313 -81.32 27.72 -57.42
CA UNK A 313 -80.72 28.62 -56.43
C UNK A 313 -79.31 28.20 -56.05
N UNK A 314 -78.57 27.64 -57.00
CA UNK A 314 -77.15 27.43 -56.82
C UNK A 314 -76.41 28.00 -58.02
N UNK A 315 -75.10 27.76 -58.05
CA UNK A 315 -74.24 28.36 -59.06
C UNK A 315 -74.43 27.65 -60.40
N UNK A 316 -74.07 28.36 -61.47
CA UNK A 316 -74.05 27.77 -62.80
C UNK A 316 -72.79 26.92 -62.89
N UNK A 317 -72.93 25.64 -62.52
CA UNK A 317 -71.81 24.72 -62.53
C UNK A 317 -71.19 24.68 -63.92
N UNK A 318 -69.90 24.35 -63.96
CA UNK A 318 -69.22 24.30 -65.26
C UNK A 318 -69.49 23.00 -65.98
N UNK A 319 -70.75 22.60 -66.00
CA UNK A 319 -71.30 21.61 -66.93
C UNK A 319 -72.25 22.30 -67.90
N UNK A 320 -71.94 23.55 -68.22
CA UNK A 320 -72.82 24.35 -69.05
C UNK A 320 -72.99 23.69 -70.41
N UNK A 321 -74.23 23.40 -70.76
CA UNK A 321 -74.55 22.62 -71.93
C UNK A 321 -74.81 23.56 -73.11
N UNK A 322 -75.39 23.04 -74.17
CA UNK A 322 -75.66 23.75 -75.41
C UNK A 322 -76.54 22.83 -76.23
N UNK A 323 -76.81 23.20 -77.47
CA UNK A 323 -77.17 22.14 -78.40
C UNK A 323 -75.97 21.22 -78.38
N UNK A 324 -74.86 21.65 -78.97
CA UNK A 324 -73.61 20.91 -78.84
C UNK A 324 -73.09 21.20 -77.44
N UNK A 325 -73.56 20.42 -76.47
CA UNK A 325 -73.58 20.81 -75.08
C UNK A 325 -72.22 20.76 -74.38
N UNK A 326 -72.22 20.80 -73.04
CA UNK A 326 -71.14 20.17 -72.28
C UNK A 326 -71.12 18.69 -72.57
N UNK A 327 -72.25 18.19 -73.05
CA UNK A 327 -72.37 17.01 -73.88
C UNK A 327 -71.93 17.41 -75.28
N UNK A 328 -72.34 16.68 -76.31
CA UNK A 328 -72.20 17.25 -77.64
C UNK A 328 -73.38 16.78 -78.47
N UNK A 329 -74.45 17.55 -78.46
CA UNK A 329 -75.74 17.03 -78.87
C UNK A 329 -75.98 17.23 -80.36
N UNK A 330 -77.23 17.01 -80.78
CA UNK A 330 -77.56 16.75 -82.18
C UNK A 330 -78.81 17.54 -82.53
N UNK A 331 -79.44 17.20 -83.65
CA UNK A 331 -80.49 18.00 -84.28
C UNK A 331 -81.65 18.33 -83.34
N UNK A 332 -82.38 17.32 -82.90
CA UNK A 332 -83.22 17.44 -81.71
C UNK A 332 -83.00 16.30 -80.74
N UNK A 333 -82.53 15.16 -81.22
CA UNK A 333 -81.83 14.21 -80.37
C UNK A 333 -80.56 14.85 -79.84
N UNK A 334 -79.84 14.15 -78.95
CA UNK A 334 -78.79 14.84 -78.22
C UNK A 334 -77.64 13.90 -77.85
N UNK A 335 -76.53 13.95 -78.59
CA UNK A 335 -75.35 13.17 -78.25
C UNK A 335 -74.56 13.86 -77.13
N UNK A 336 -73.51 13.20 -76.64
CA UNK A 336 -73.01 13.56 -75.33
C UNK A 336 -71.50 13.45 -75.19
N UNK A 337 -70.90 14.55 -74.76
CA UNK A 337 -69.69 14.56 -73.95
C UNK A 337 -70.09 14.55 -72.48
N UNK A 338 -69.10 14.58 -71.59
CA UNK A 338 -69.36 14.34 -70.18
C UNK A 338 -69.67 15.64 -69.44
N UNK A 339 -70.44 15.49 -68.35
CA UNK A 339 -70.81 16.55 -67.42
C UNK A 339 -71.55 15.93 -66.24
N UNK A 340 -71.43 16.53 -65.06
CA UNK A 340 -72.07 15.99 -63.86
C UNK A 340 -73.14 16.94 -63.31
N UNK A 341 -73.98 16.40 -62.42
CA UNK A 341 -75.06 17.14 -61.78
C UNK A 341 -74.61 17.59 -60.39
N UNK A 342 -75.13 18.74 -59.96
CA UNK A 342 -74.63 19.46 -58.80
C UNK A 342 -75.57 19.32 -57.61
N UNK A 343 -76.16 18.14 -57.44
CA UNK A 343 -77.10 17.96 -56.37
C UNK A 343 -76.44 17.31 -55.14
N UNK A 344 -77.02 17.58 -53.98
CA UNK A 344 -76.54 17.08 -52.70
C UNK A 344 -77.29 15.81 -52.31
N UNK A 345 -76.72 15.08 -51.36
CA UNK A 345 -77.25 13.80 -50.91
C UNK A 345 -78.14 13.90 -49.68
N UNK A 346 -78.21 15.06 -49.04
CA UNK A 346 -79.21 15.27 -48.00
C UNK A 346 -79.87 16.64 -48.08
N UNK A 347 -79.36 17.56 -48.90
CA UNK A 347 -79.89 18.92 -48.96
C UNK A 347 -80.61 19.19 -50.28
N UNK A 348 -79.94 18.99 -51.41
CA UNK A 348 -80.65 18.88 -52.68
C UNK A 348 -81.28 17.51 -52.85
N UNK A 349 -81.18 16.66 -51.83
CA UNK A 349 -81.79 15.34 -51.85
C UNK A 349 -83.11 15.28 -51.12
N UNK A 350 -83.37 16.21 -50.21
CA UNK A 350 -84.61 16.20 -49.45
C UNK A 350 -85.37 17.50 -49.52
N UNK A 351 -84.68 18.64 -49.50
CA UNK A 351 -85.35 19.93 -49.45
C UNK A 351 -86.09 20.18 -50.77
N UNK A 352 -86.69 21.35 -50.87
CA UNK A 352 -87.24 21.77 -52.16
C UNK A 352 -86.04 22.09 -53.02
N UNK A 353 -85.37 21.03 -53.47
CA UNK A 353 -84.06 21.14 -54.11
C UNK A 353 -83.63 19.81 -54.70
N UNK A 354 -82.87 19.86 -55.79
CA UNK A 354 -82.37 18.71 -56.56
C UNK A 354 -81.21 19.21 -57.42
N UNK A 355 -80.81 18.43 -58.42
CA UNK A 355 -79.89 18.95 -59.43
C UNK A 355 -80.70 19.97 -60.22
N UNK A 356 -80.74 21.19 -59.68
CA UNK A 356 -81.81 22.15 -59.92
C UNK A 356 -81.66 22.80 -61.29
N UNK A 357 -82.31 23.94 -61.49
CA UNK A 357 -82.70 24.42 -62.80
C UNK A 357 -82.13 25.81 -63.03
N UNK A 358 -80.86 25.99 -62.66
CA UNK A 358 -80.13 27.22 -62.97
C UNK A 358 -79.23 26.84 -64.14
N UNK A 359 -79.82 26.85 -65.32
CA UNK A 359 -79.17 26.40 -66.54
C UNK A 359 -79.50 27.38 -67.66
N UNK A 360 -78.48 28.03 -68.20
CA UNK A 360 -78.69 29.10 -69.17
C UNK A 360 -79.13 28.51 -70.51
N UNK A 361 -80.31 27.89 -70.49
CA UNK A 361 -80.78 27.10 -71.62
C UNK A 361 -81.13 28.05 -72.75
N UNK A 362 -80.12 28.43 -73.53
CA UNK A 362 -80.25 29.45 -74.54
C UNK A 362 -80.71 28.90 -75.88
N UNK A 363 -81.24 27.68 -75.90
CA UNK A 363 -81.89 27.17 -77.09
C UNK A 363 -83.20 27.92 -77.30
N UNK A 364 -83.64 28.00 -78.55
CA UNK A 364 -84.87 28.71 -78.87
C UNK A 364 -86.08 27.97 -78.32
N UNK A 365 -82.91 31.55 -80.48
CA UNK A 365 -82.10 31.17 -79.34
C UNK A 365 -82.57 31.86 -78.07
N UNK A 366 -83.54 31.25 -77.39
CA UNK A 366 -84.10 31.84 -76.18
C UNK A 366 -83.11 31.69 -75.03
N UNK A 367 -82.32 32.74 -74.79
CA UNK A 367 -81.23 32.69 -73.83
C UNK A 367 -81.76 32.95 -72.43
N UNK A 368 -82.08 31.89 -71.70
CA UNK A 368 -82.59 32.02 -70.35
C UNK A 368 -82.58 30.65 -69.68
N UNK A 369 -82.77 30.65 -68.37
CA UNK A 369 -83.00 29.43 -67.61
C UNK A 369 -84.48 29.05 -67.67
N UNK A 370 -84.93 28.79 -68.89
CA UNK A 370 -86.34 28.57 -69.19
C UNK A 370 -86.78 27.14 -68.89
N UNK A 371 -86.01 26.40 -68.10
CA UNK A 371 -86.31 25.00 -67.82
C UNK A 371 -86.19 24.72 -66.33
N UNK A 372 -87.13 23.95 -65.81
CA UNK A 372 -87.06 23.41 -64.45
C UNK A 372 -86.51 21.99 -64.58
N UNK A 373 -85.20 21.91 -64.75
CA UNK A 373 -84.52 20.64 -65.04
C UNK A 373 -84.47 19.81 -63.77
N UNK A 374 -85.53 19.05 -63.54
CA UNK A 374 -85.68 18.26 -62.32
C UNK A 374 -84.88 16.96 -62.41
N UNK A 375 -83.55 17.09 -62.40
CA UNK A 375 -82.75 15.91 -62.16
C UNK A 375 -82.90 15.62 -60.68
N UNK A 376 -84.02 14.96 -60.34
CA UNK A 376 -84.59 15.01 -59.00
C UNK A 376 -83.77 14.13 -58.05
N UNK A 377 -82.62 14.67 -57.64
CA UNK A 377 -81.89 14.06 -56.54
C UNK A 377 -82.68 14.19 -55.24
N UNK A 378 -83.58 15.18 -55.19
CA UNK A 378 -84.63 15.17 -54.18
C UNK A 378 -85.27 13.79 -54.19
N UNK A 379 -85.72 13.36 -55.36
CA UNK A 379 -86.29 12.03 -55.52
C UNK A 379 -85.22 10.94 -55.58
N UNK A 380 -83.96 11.29 -55.85
CA UNK A 380 -82.94 10.29 -55.99
C UNK A 380 -81.95 10.25 -54.83
N UNK A 381 -81.31 11.38 -54.53
CA UNK A 381 -80.16 11.39 -53.64
C UNK A 381 -80.55 11.31 -52.17
N UNK A 382 -81.83 11.46 -51.84
CA UNK A 382 -82.24 11.22 -50.46
C UNK A 382 -81.78 9.84 -50.03
N UNK A 383 -82.12 8.82 -50.82
CA UNK A 383 -81.50 7.51 -50.67
C UNK A 383 -80.07 7.58 -51.14
N UNK A 384 -79.14 7.10 -50.33
CA UNK A 384 -77.73 7.08 -50.70
C UNK A 384 -77.55 6.00 -51.75
N UNK A 385 -77.96 6.31 -52.98
CA UNK A 385 -77.85 5.37 -54.09
C UNK A 385 -76.90 5.96 -55.12
N UNK A 386 -75.61 5.69 -54.94
CA UNK A 386 -74.56 6.07 -55.87
C UNK A 386 -74.18 4.94 -56.83
N UNK A 387 -75.07 3.96 -56.98
CA UNK A 387 -74.83 2.75 -57.76
C UNK A 387 -74.99 3.05 -59.25
N UNK A 388 -75.20 2.01 -60.04
CA UNK A 388 -75.25 2.20 -61.48
C UNK A 388 -76.52 2.93 -61.88
N UNK A 389 -76.69 4.15 -61.38
CA UNK A 389 -77.28 5.20 -62.19
C UNK A 389 -76.30 5.63 -63.25
N UNK A 390 -75.04 5.26 -63.06
CA UNK A 390 -74.03 5.21 -64.11
C UNK A 390 -74.50 4.32 -65.26
N UNK A 391 -75.54 3.54 -65.02
CA UNK A 391 -76.05 2.60 -66.01
C UNK A 391 -76.83 3.35 -67.09
N UNK A 392 -77.65 2.61 -67.83
CA UNK A 392 -78.14 3.01 -69.15
C UNK A 392 -79.14 4.17 -69.02
N UNK A 393 -78.60 5.38 -69.01
CA UNK A 393 -79.39 6.56 -69.27
C UNK A 393 -78.86 7.23 -70.54
N UNK A 394 -79.77 7.59 -71.46
CA UNK A 394 -79.45 8.42 -72.62
C UNK A 394 -80.71 8.71 -73.42
N UNK A 395 -80.72 9.82 -74.14
CA UNK A 395 -81.72 10.19 -75.15
C UNK A 395 -81.04 10.61 -76.44
N UNK A 396 -79.82 10.12 -76.67
CA UNK A 396 -78.95 10.66 -77.70
C UNK A 396 -79.36 10.18 -79.09
N UNK A 397 -78.89 10.91 -80.10
CA UNK A 397 -78.94 10.39 -81.46
C UNK A 397 -77.85 9.33 -81.57
N UNK A 398 -78.15 8.13 -81.07
CA UNK A 398 -77.18 7.05 -81.02
C UNK A 398 -76.94 6.50 -82.41
N UNK A 399 -85.78 21.18 -71.84
CA UNK A 399 -84.53 20.49 -71.55
C UNK A 399 -84.69 19.59 -70.33
N UNK A 400 -84.56 18.28 -70.56
CA UNK A 400 -84.70 17.32 -69.48
C UNK A 400 -83.33 17.03 -68.89
N UNK A 401 -83.26 16.10 -67.93
CA UNK A 401 -82.00 15.83 -67.25
C UNK A 401 -81.85 14.34 -66.98
N UNK A 402 -80.72 13.78 -67.43
CA UNK A 402 -80.37 12.38 -67.24
C UNK A 402 -78.86 12.26 -67.37
N UNK A 403 -78.27 11.35 -66.59
CA UNK A 403 -76.82 11.24 -66.57
C UNK A 403 -76.44 9.81 -66.18
N UNK A 404 -75.13 9.58 -66.07
CA UNK A 404 -74.58 8.31 -65.58
C UNK A 404 -73.88 8.64 -64.26
N UNK A 405 -74.56 8.40 -63.15
CA UNK A 405 -74.19 9.00 -61.88
C UNK A 405 -73.11 8.21 -61.15
N UNK A 406 -72.45 8.90 -60.23
CA UNK A 406 -71.51 8.29 -59.29
C UNK A 406 -71.56 9.11 -58.01
N UNK A 407 -70.58 8.88 -57.13
CA UNK A 407 -70.51 9.57 -55.84
C UNK A 407 -69.23 10.41 -55.81
N UNK A 408 -69.34 11.65 -56.27
CA UNK A 408 -68.24 12.62 -56.12
C UNK A 408 -68.23 13.05 -54.67
N UNK A 409 -67.79 12.13 -53.79
CA UNK A 409 -67.97 12.29 -52.36
C UNK A 409 -67.30 13.54 -51.80
N UNK A 410 -66.12 13.92 -52.32
CA UNK A 410 -65.39 15.09 -51.85
C UNK A 410 -65.09 15.02 -50.37
N UNK A 411 -64.90 13.81 -49.85
CA UNK A 411 -64.51 13.64 -48.46
C UNK A 411 -63.07 14.10 -48.27
N GLY A 412 -89.47 9.19 -62.84
CA GLY A 412 -88.21 8.92 -62.17
C GLY A 412 -88.26 7.65 -61.34
N PHE A 413 -88.10 7.81 -60.03
CA PHE A 413 -87.90 6.70 -59.12
C PHE A 413 -89.16 6.33 -58.34
N PRO A 414 -89.77 7.29 -57.65
CA PRO A 414 -90.88 7.04 -56.73
C PRO A 414 -90.43 6.21 -55.53
N GLU A 415 -89.38 6.72 -54.86
CA GLU A 415 -88.82 6.00 -53.72
C GLU A 415 -89.75 6.08 -52.51
N ILE A 416 -90.13 7.31 -52.13
CA ILE A 416 -91.13 7.55 -51.10
C ILE A 416 -90.73 6.96 -49.75
N ILE A 417 -89.52 7.24 -49.30
CA ILE A 417 -89.06 6.79 -48.00
C ILE A 417 -89.42 7.81 -46.93
N MET A 418 -89.59 7.34 -45.70
CA MET A 418 -90.08 8.16 -44.59
C MET A 418 -91.26 9.00 -45.07
N PRO A 419 -92.28 8.27 -45.49
CA PRO A 419 -92.96 8.57 -46.74
C PRO A 419 -93.09 10.04 -47.07
N GLY A 420 -93.76 10.81 -46.21
CA GLY A 420 -94.32 12.06 -46.68
C GLY A 420 -95.36 11.73 -47.74
N ASP A 421 -96.32 12.62 -47.97
CA ASP A 421 -97.46 12.24 -48.80
C ASP A 421 -97.61 13.20 -49.99
N VAL A 422 -97.17 12.74 -51.17
CA VAL A 422 -97.33 13.46 -52.43
C VAL A 422 -98.44 12.82 -53.22
N ARG A 423 -99.42 13.63 -53.61
CA ARG A 423 -100.49 13.10 -54.43
C ARG A 423 -99.95 12.67 -55.78
N ASN A 424 -100.11 11.38 -56.08
CA ASN A 424 -99.87 10.82 -57.40
C ASN A 424 -98.53 11.30 -57.98
N ASP A 425 -97.48 10.78 -57.37
CA ASP A 425 -96.18 10.82 -58.00
C ASP A 425 -96.28 9.77 -59.10
N ILE A 426 -97.20 10.02 -60.05
CA ILE A 426 -97.73 9.00 -60.97
C ILE A 426 -96.85 8.90 -62.20
N TYR A 427 -95.91 7.98 -62.15
CA TYR A 427 -94.74 8.05 -63.00
C TYR A 427 -95.03 7.22 -64.25
N ILE A 428 -95.90 7.72 -65.12
CA ILE A 428 -96.22 7.05 -66.37
C ILE A 428 -95.10 7.37 -67.34
N THR A 429 -94.77 6.41 -68.22
CA THR A 429 -93.74 6.66 -69.22
C THR A 429 -93.72 5.56 -70.28
N LEU A 430 -93.37 5.97 -71.50
CA LEU A 430 -93.33 5.12 -72.68
C LEU A 430 -91.91 4.57 -72.83
N LEU A 431 -91.80 3.35 -73.38
CA LEU A 431 -90.47 2.74 -73.47
C LEU A 431 -90.12 2.26 -74.86
N GLN A 432 -91.11 2.24 -75.76
CA GLN A 432 -90.96 1.55 -77.03
C GLN A 432 -91.12 2.49 -78.21
N GLY A 433 -90.17 2.41 -79.14
CA GLY A 433 -90.35 3.03 -80.43
C GLY A 433 -90.53 1.92 -81.44
N ASP A 434 -91.77 1.71 -81.85
CA ASP A 434 -92.14 0.59 -82.69
C ASP A 434 -92.93 1.20 -83.83
N PHE A 435 -92.32 1.27 -85.00
CA PHE A 435 -92.90 2.07 -86.07
C PHE A 435 -93.78 1.23 -86.94
N ASP A 436 -94.73 0.54 -86.31
CA ASP A 436 -95.83 -0.18 -86.95
C ASP A 436 -95.36 -1.43 -87.69
N LYS A 437 -94.06 -1.52 -87.99
CA LYS A 437 -93.52 -2.72 -88.65
C LYS A 437 -92.01 -2.63 -88.75
N TYR A 438 -91.36 -3.72 -89.15
CA TYR A 438 -89.95 -3.68 -89.46
C TYR A 438 -89.78 -2.94 -90.77
N ASN A 439 -89.86 -1.61 -90.71
CA ASN A 439 -90.29 -0.76 -91.81
C ASN A 439 -89.36 -0.81 -93.01
N LYS A 440 -89.88 -0.33 -94.13
CA LYS A 440 -89.01 0.11 -95.20
C LYS A 440 -88.97 1.61 -95.01
N THR A 441 -90.12 2.13 -94.58
CA THR A 441 -90.46 3.53 -94.66
C THR A 441 -89.49 4.33 -93.81
N THR A 442 -89.51 5.65 -94.00
CA THR A 442 -88.73 6.51 -93.13
C THR A 442 -89.05 6.08 -91.72
N GLN A 443 -88.05 5.52 -91.03
CA GLN A 443 -88.37 4.90 -89.76
C GLN A 443 -88.62 6.01 -88.76
N ARG A 444 -89.70 6.75 -88.98
CA ARG A 444 -90.39 7.55 -87.98
C ARG A 444 -89.40 8.25 -87.06
N ASN A 445 -88.65 9.22 -87.60
CA ASN A 445 -88.01 10.19 -86.71
C ASN A 445 -89.08 10.59 -85.71
N VAL A 446 -88.81 10.31 -84.44
CA VAL A 446 -89.73 9.54 -83.62
C VAL A 446 -90.94 10.36 -83.19
N GLU A 447 -92.11 9.68 -83.16
CA GLU A 447 -93.41 10.20 -82.76
C GLU A 447 -94.31 9.08 -82.23
N VAL A 448 -94.35 8.95 -80.91
CA VAL A 448 -95.40 8.18 -80.25
C VAL A 448 -96.25 9.26 -79.59
N ILE A 449 -97.37 9.61 -80.20
CA ILE A 449 -98.18 10.66 -79.60
C ILE A 449 -98.64 10.20 -78.23
N MET A 450 -98.61 11.12 -77.28
CA MET A 450 -99.45 11.00 -76.11
C MET A 450 -100.68 11.87 -76.31
N CYS A 451 -101.75 11.52 -75.62
CA CYS A 451 -102.87 12.42 -75.38
C CYS A 451 -103.84 11.77 -74.41
N VAL A 452 -104.23 12.51 -73.38
CA VAL A 452 -105.31 12.07 -72.50
C VAL A 452 -106.61 12.11 -73.29
N CYS A 453 -107.36 11.00 -73.26
CA CYS A 453 -108.50 10.78 -74.15
C CYS A 453 -109.56 9.93 -73.46
N ALA A 454 -110.78 10.45 -73.37
CA ALA A 454 -111.81 9.78 -72.60
C ALA A 454 -112.26 8.50 -73.31
N GLU A 455 -113.12 7.71 -72.62
CA GLU A 455 -113.49 6.36 -73.07
C GLU A 455 -113.79 6.28 -74.56
N ASP A 456 -114.17 7.39 -75.17
CA ASP A 456 -114.28 7.48 -76.61
C ASP A 456 -113.19 8.34 -77.22
N GLY A 457 -111.94 8.18 -76.78
CA GLY A 457 -110.84 8.95 -77.33
C GLY A 457 -110.93 10.43 -77.13
N LYS A 458 -111.76 10.86 -76.19
CA LYS A 458 -112.10 12.26 -76.04
C LYS A 458 -110.89 13.00 -75.51
N THR A 459 -110.06 13.50 -76.41
CA THR A 459 -108.68 13.84 -76.09
C THR A 459 -108.70 15.01 -75.12
N LEU A 460 -108.50 14.70 -73.86
CA LEU A 460 -108.37 15.72 -72.86
C LEU A 460 -106.98 16.33 -72.95
N PRO A 461 -106.87 17.63 -73.22
CA PRO A 461 -105.57 18.19 -73.58
C PRO A 461 -104.70 18.47 -72.37
N ASN A 462 -103.46 18.86 -72.66
CA ASN A 462 -102.59 19.52 -71.68
C ASN A 462 -102.52 18.82 -70.34
N ALA A 463 -102.26 17.49 -70.33
CA ALA A 463 -102.33 16.75 -69.07
C ALA A 463 -101.18 15.75 -68.89
N ILE A 464 -100.02 15.98 -69.50
CA ILE A 464 -98.82 15.16 -69.25
C ILE A 464 -97.62 16.10 -69.24
N CYS A 465 -96.53 15.63 -68.64
CA CYS A 465 -95.28 16.39 -68.53
C CYS A 465 -94.15 15.60 -69.20
N VAL A 466 -93.10 16.29 -69.64
CA VAL A 466 -91.99 15.67 -70.35
C VAL A 466 -90.78 15.64 -69.42
N GLY A 467 -89.93 14.63 -69.60
CA GLY A 467 -88.62 14.59 -68.97
C GLY A 467 -88.69 14.97 -67.51
N ALA A 468 -89.63 14.36 -66.79
CA ALA A 468 -89.96 14.75 -65.43
C ALA A 468 -90.35 16.23 -65.37
N GLY A 469 -91.39 16.58 -66.11
CA GLY A 469 -91.93 17.93 -66.00
C GLY A 469 -91.27 18.97 -66.88
N ASP A 470 -91.30 18.77 -68.19
CA ASP A 470 -90.71 19.70 -69.14
C ASP A 470 -91.79 20.54 -69.81
N LYS A 471 -92.81 19.87 -70.37
CA LYS A 471 -93.91 20.54 -71.04
C LYS A 471 -95.07 20.37 -70.08
N PRO A 472 -96.08 21.24 -70.07
CA PRO A 472 -97.43 20.75 -69.76
C PRO A 472 -98.16 20.41 -71.05
N MET A 473 -98.42 19.13 -71.32
CA MET A 473 -99.38 18.74 -72.34
C MET A 473 -99.63 17.25 -72.33
N ASN A 474 -100.87 16.89 -72.56
CA ASN A 474 -101.20 15.49 -72.78
C ASN A 474 -100.67 15.02 -74.13
N GLU A 475 -100.75 15.86 -75.15
CA GLU A 475 -100.15 15.54 -76.44
C GLU A 475 -98.64 15.57 -76.32
N TYR A 476 -98.06 14.38 -76.19
CA TYR A 476 -96.62 14.23 -76.22
C TYR A 476 -96.23 13.25 -77.32
N ARG A 477 -95.60 13.79 -78.34
CA ARG A 477 -94.92 13.05 -79.39
C ARG A 477 -93.43 13.30 -79.21
N SER A 478 -92.58 12.63 -79.99
CA SER A 478 -91.18 12.53 -79.63
C SER A 478 -90.34 13.52 -80.42
N VAL A 479 -89.15 13.77 -79.87
CA VAL A 479 -88.17 14.74 -80.35
C VAL A 479 -87.66 14.36 -81.72
N VAL A 480 -87.14 15.34 -82.47
CA VAL A 480 -86.70 15.04 -83.82
C VAL A 480 -85.42 14.22 -83.68
N TYR A 481 -85.58 12.90 -83.75
CA TYR A 481 -84.53 11.94 -83.48
C TYR A 481 -84.29 11.14 -84.73
N TYR A 482 -83.05 11.09 -85.20
CA TYR A 482 -82.79 10.64 -86.58
C TYR A 482 -83.07 9.16 -86.75
N GLN A 483 -84.34 8.84 -87.04
CA GLN A 483 -84.77 7.57 -87.66
C GLN A 483 -83.90 6.37 -87.29
N VAL A 484 -83.44 6.36 -86.04
CA VAL A 484 -83.06 5.16 -85.30
C VAL A 484 -84.35 4.58 -84.74
N LYS A 485 -84.86 3.51 -85.37
CA LYS A 485 -86.24 3.11 -85.09
C LYS A 485 -86.37 2.68 -83.64
N GLN A 486 -85.24 2.38 -82.99
CA GLN A 486 -85.23 2.10 -81.56
C GLN A 486 -84.58 3.27 -80.82
N PRO A 487 -85.36 4.23 -80.32
CA PRO A 487 -84.76 5.21 -79.39
C PRO A 487 -84.42 4.53 -78.08
N ARG A 488 -83.92 5.29 -77.11
CA ARG A 488 -83.52 4.71 -75.84
C ARG A 488 -84.44 5.13 -74.71
N TRP A 489 -85.38 6.05 -74.98
CA TRP A 489 -86.56 6.28 -74.16
C TRP A 489 -86.22 6.76 -72.75
N MET A 490 -85.58 7.94 -72.77
CA MET A 490 -85.40 8.81 -71.62
C MET A 490 -86.68 9.36 -71.05
N GLU A 491 -87.73 9.45 -71.86
CA GLU A 491 -88.75 10.46 -71.64
C GLU A 491 -89.56 10.08 -70.41
N THR A 492 -89.18 10.68 -69.28
CA THR A 492 -89.94 10.56 -68.04
C THR A 492 -91.14 11.48 -68.17
N VAL A 493 -92.30 10.90 -68.47
CA VAL A 493 -93.47 11.67 -68.87
C VAL A 493 -94.70 11.23 -68.08
N LYS A 494 -94.89 11.81 -66.89
CA LYS A 494 -95.91 11.36 -65.94
C LYS A 494 -97.30 11.75 -66.41
N VAL A 495 -98.11 10.75 -66.76
CA VAL A 495 -99.51 11.01 -67.07
C VAL A 495 -100.31 11.07 -65.78
N ALA A 496 -100.86 12.25 -65.50
CA ALA A 496 -101.53 12.57 -64.23
C ALA A 496 -102.88 13.20 -64.56
N VAL A 497 -103.96 12.47 -64.29
CA VAL A 497 -105.30 12.96 -64.59
C VAL A 497 -106.17 12.67 -63.37
N PRO A 498 -107.21 13.45 -63.10
CA PRO A 498 -108.12 13.10 -62.01
C PRO A 498 -108.60 11.66 -62.12
N ILE A 499 -108.53 10.97 -61.00
CA ILE A 499 -108.88 9.55 -60.94
C ILE A 499 -110.26 9.30 -61.50
N GLU A 500 -111.16 10.27 -61.41
CA GLU A 500 -112.48 10.06 -61.99
C GLU A 500 -112.46 10.34 -63.48
N ASP A 501 -111.66 11.32 -63.91
CA ASP A 501 -111.28 11.30 -65.31
C ASP A 501 -110.53 10.03 -65.64
N MET A 502 -109.48 9.72 -64.87
CA MET A 502 -108.72 8.50 -65.09
C MET A 502 -109.60 7.25 -65.22
N GLN A 503 -110.80 7.28 -64.66
CA GLN A 503 -111.75 6.21 -64.89
C GLN A 503 -112.28 6.26 -66.31
N ARG A 504 -112.86 7.38 -66.64
CA ARG A 504 -113.50 7.65 -67.94
C ARG A 504 -112.60 8.46 -68.86
N ILE A 505 -111.30 8.21 -68.78
CA ILE A 505 -110.35 8.53 -69.85
C ILE A 505 -109.53 7.30 -70.20
N HIS A 506 -108.75 7.43 -71.27
CA HIS A 506 -107.60 6.58 -71.56
C HIS A 506 -106.57 7.41 -72.33
N LEU A 507 -105.50 6.78 -72.78
CA LEU A 507 -104.38 7.48 -73.41
C LEU A 507 -104.14 6.87 -74.78
N ARG A 508 -104.89 7.30 -75.80
CA ARG A 508 -104.63 6.62 -77.08
C ARG A 508 -103.39 7.17 -77.75
N PHE A 509 -102.40 6.31 -77.88
CA PHE A 509 -101.07 6.66 -78.36
C PHE A 509 -100.88 5.97 -79.69
N MET A 510 -100.64 6.74 -80.75
CA MET A 510 -100.36 6.19 -82.05
C MET A 510 -99.34 7.03 -82.79
N PHE A 511 -98.90 6.52 -83.94
CA PHE A 511 -97.53 6.69 -84.41
C PHE A 511 -97.50 6.95 -85.91
N ARG A 512 -97.24 8.20 -86.29
CA ARG A 512 -96.89 8.55 -87.66
C ARG A 512 -95.50 9.16 -87.73
N HIS A 513 -94.98 9.26 -88.95
CA HIS A 513 -93.55 9.33 -89.24
C HIS A 513 -93.10 10.77 -89.47
N ARG A 514 -92.58 11.41 -88.43
CA ARG A 514 -91.95 12.72 -88.53
C ARG A 514 -90.54 12.57 -89.08
N SER A 515 -89.80 13.68 -89.16
CA SER A 515 -88.40 13.63 -89.58
C SER A 515 -87.70 14.92 -89.22
N SER A 516 -86.38 14.89 -89.40
CA SER A 516 -85.61 16.13 -89.48
C SER A 516 -85.94 16.86 -90.77
N LEU A 517 -85.93 16.14 -91.90
CA LEU A 517 -86.45 16.68 -93.16
C LEU A 517 -86.79 15.53 -94.11
N GLU A 518 -87.76 15.79 -95.00
CA GLU A 518 -88.07 15.00 -96.20
C GLU A 518 -88.24 13.53 -95.81
N SER A 519 -89.42 13.22 -95.27
CA SER A 519 -89.77 11.86 -94.89
C SER A 519 -90.73 11.26 -95.92
N LYS A 520 -90.44 11.61 -97.20
CA LYS A 520 -91.18 11.34 -98.44
C LYS A 520 -92.56 11.99 -98.38
N ASP A 521 -92.93 12.44 -97.19
CA ASP A 521 -94.28 12.92 -96.88
C ASP A 521 -94.24 13.37 -95.42
N LYS A 522 -95.33 13.97 -94.95
CA LYS A 522 -95.43 14.38 -93.56
C LYS A 522 -96.61 13.61 -92.94
N GLY A 523 -96.30 12.64 -92.09
CA GLY A 523 -97.30 11.99 -91.27
C GLY A 523 -98.20 10.92 -91.88
N GLU A 524 -97.64 9.75 -92.22
CA GLU A 524 -98.47 8.64 -92.70
C GLU A 524 -99.60 8.35 -91.71
N LYS A 525 -100.82 8.17 -92.23
CA LYS A 525 -102.05 8.30 -91.43
C LYS A 525 -102.39 7.00 -90.70
N ASN A 526 -102.94 7.17 -89.48
CA ASN A 526 -103.67 6.17 -88.67
C ASN A 526 -103.07 4.77 -88.81
N PHE A 527 -101.82 4.63 -88.39
CA PHE A 527 -101.10 3.44 -88.84
C PHE A 527 -100.82 2.43 -87.73
N ALA A 528 -101.19 2.72 -86.49
CA ALA A 528 -101.18 1.75 -85.40
C ALA A 528 -101.94 2.37 -84.25
N MET A 529 -102.36 1.54 -83.30
CA MET A 529 -103.26 1.97 -82.24
C MET A 529 -102.76 1.48 -80.91
N SER A 530 -103.20 2.16 -79.85
CA SER A 530 -102.84 1.83 -78.49
C SER A 530 -103.59 2.74 -77.56
N TYR A 531 -103.95 2.23 -76.39
CA TYR A 531 -104.20 3.08 -75.23
C TYR A 531 -104.24 2.18 -74.00
N VAL A 532 -104.67 2.74 -72.88
CA VAL A 532 -105.13 1.93 -71.76
C VAL A 532 -106.37 2.62 -71.21
N LYS A 533 -107.53 2.11 -71.57
CA LYS A 533 -108.64 2.13 -70.65
C LYS A 533 -108.11 1.68 -69.30
N LEU A 534 -108.30 2.52 -68.29
CA LEU A 534 -107.20 2.74 -67.37
C LEU A 534 -107.23 1.83 -66.15
N MET A 535 -108.33 1.80 -65.40
CA MET A 535 -108.28 1.11 -64.12
C MET A 535 -108.04 -0.36 -64.39
N LYS A 536 -107.79 -1.11 -63.32
CA LYS A 536 -108.40 -2.41 -63.37
C LYS A 536 -109.87 -2.20 -63.66
N GLU A 537 -110.34 -2.74 -64.78
CA GLU A 537 -111.77 -2.70 -65.08
C GLU A 537 -112.56 -3.14 -63.84
N ASP A 538 -111.92 -3.82 -62.89
CA ASP A 538 -112.34 -3.88 -61.50
C ASP A 538 -112.61 -2.50 -60.91
N GLY A 539 -112.12 -1.44 -61.53
CA GLY A 539 -112.28 -0.11 -61.02
C GLY A 539 -111.15 0.35 -60.13
N THR A 540 -110.32 -0.56 -59.65
CA THR A 540 -109.19 -0.14 -58.84
C THR A 540 -108.02 0.27 -59.72
N THR A 541 -107.08 0.99 -59.10
CA THR A 541 -105.82 1.29 -59.75
C THR A 541 -105.15 0.01 -60.23
N LEU A 542 -104.94 -0.09 -61.55
CA LEU A 542 -104.49 -1.35 -62.12
C LEU A 542 -103.00 -1.50 -61.86
N HIS A 543 -102.50 -2.73 -62.02
CA HIS A 543 -101.10 -3.00 -61.69
C HIS A 543 -100.16 -2.10 -62.47
N ASP A 544 -99.26 -1.44 -61.74
CA ASP A 544 -98.40 -0.43 -62.35
C ASP A 544 -97.28 -1.10 -63.11
N GLY A 545 -96.31 -0.32 -63.56
CA GLY A 545 -95.20 -0.89 -64.28
C GLY A 545 -95.52 -1.11 -65.74
N PHE A 546 -95.02 -2.24 -66.25
CA PHE A 546 -94.77 -2.45 -67.67
C PHE A 546 -96.10 -2.78 -68.32
N HIS A 547 -96.32 -2.32 -69.55
CA HIS A 547 -97.52 -2.69 -70.28
C HIS A 547 -97.20 -2.68 -71.78
N ASP A 548 -97.41 -3.82 -72.42
CA ASP A 548 -96.62 -4.25 -73.57
C ASP A 548 -97.50 -4.59 -74.74
N LEU A 549 -98.50 -3.75 -74.98
CA LEU A 549 -99.78 -4.15 -75.57
C LEU A 549 -99.63 -4.98 -76.85
N VAL A 550 -100.64 -5.83 -77.09
CA VAL A 550 -101.07 -6.12 -78.45
C VAL A 550 -101.72 -4.86 -79.01
N VAL A 551 -101.07 -4.23 -79.96
CA VAL A 551 -101.53 -2.94 -80.46
C VAL A 551 -102.81 -3.12 -81.26
N LEU A 552 -103.37 -2.03 -81.73
CA LEU A 552 -104.35 -2.11 -82.78
C LEU A 552 -103.87 -1.26 -83.94
N LYS A 553 -104.56 -1.34 -85.06
CA LYS A 553 -104.66 -0.25 -86.03
C LYS A 553 -105.97 -0.47 -86.75
N GLY A 554 -106.69 0.61 -87.07
CA GLY A 554 -107.93 0.47 -87.80
C GLY A 554 -108.24 1.66 -88.69
N ASP A 555 -109.53 1.97 -88.74
CA ASP A 555 -110.18 2.95 -89.61
C ASP A 555 -110.00 4.34 -89.00
N SER A 556 -110.84 5.29 -89.42
CA SER A 556 -110.65 6.67 -89.02
C SER A 556 -111.16 6.94 -87.61
N LYS A 557 -112.47 6.81 -87.35
CA LYS A 557 -112.91 7.13 -86.00
C LYS A 557 -112.67 5.97 -85.04
N LYS A 558 -112.79 4.73 -85.55
CA LYS A 558 -112.66 3.56 -84.70
C LYS A 558 -111.47 3.70 -83.78
N MET A 559 -110.38 4.21 -84.33
CA MET A 559 -109.13 4.36 -83.61
C MET A 559 -109.31 5.31 -82.42
N GLU A 560 -110.39 6.09 -82.44
CA GLU A 560 -110.86 6.89 -81.31
C GLU A 560 -112.13 6.32 -80.67
N ASP A 561 -112.76 5.32 -81.29
CA ASP A 561 -114.06 4.82 -80.84
C ASP A 561 -114.02 4.35 -79.39
N ALA A 562 -115.15 4.48 -78.71
CA ALA A 562 -115.26 3.96 -77.35
C ALA A 562 -115.03 2.45 -77.34
N SER A 563 -116.00 1.68 -77.82
CA SER A 563 -115.93 0.22 -77.75
C SER A 563 -114.65 -0.34 -78.34
N ALA A 564 -113.95 0.44 -79.16
CA ALA A 564 -112.64 0.05 -79.63
C ALA A 564 -111.67 0.01 -78.47
N TYR A 565 -111.19 -1.21 -78.16
CA TYR A 565 -110.20 -1.46 -77.13
C TYR A 565 -110.81 -1.22 -75.75
N LEU A 566 -112.12 -0.99 -75.74
CA LEU A 566 -112.89 -1.01 -74.50
C LEU A 566 -113.59 -2.34 -74.26
N THR A 567 -114.36 -2.83 -75.24
CA THR A 567 -115.00 -4.13 -75.10
C THR A 567 -114.00 -5.24 -74.81
N LEU A 568 -112.80 -5.06 -75.23
CA LEU A 568 -111.61 -5.88 -75.13
C LEU A 568 -110.76 -5.48 -73.92
N PRO A 569 -110.21 -6.43 -73.17
CA PRO A 569 -109.30 -6.08 -72.07
C PRO A 569 -108.01 -5.45 -72.61
N SER A 570 -107.16 -4.97 -71.70
CA SER A 570 -106.31 -3.81 -72.01
C SER A 570 -104.83 -4.01 -71.56
N TYR A 571 -104.22 -5.15 -71.90
CA TYR A 571 -102.78 -5.29 -71.92
C TYR A 571 -102.46 -6.01 -73.23
N ARG A 572 -101.18 -6.34 -73.48
CA ARG A 572 -100.85 -7.50 -74.29
C ARG A 572 -101.15 -8.78 -73.55
N HIS A 573 -100.73 -8.84 -72.29
CA HIS A 573 -101.27 -9.80 -71.36
C HIS A 573 -102.72 -10.15 -71.65
N HIS A 574 -103.56 -9.14 -71.77
CA HIS A 574 -104.98 -9.35 -71.92
C HIS A 574 -105.41 -9.53 -73.39
N VAL A 575 -104.52 -9.30 -74.34
CA VAL A 575 -104.80 -9.62 -75.74
C VAL A 575 -103.83 -10.70 -76.20
N GLU A 576 -103.42 -11.54 -75.25
CA GLU A 576 -102.73 -12.80 -75.52
C GLU A 576 -103.53 -14.01 -75.07
N ASN A 577 -104.84 -13.88 -74.89
CA ASN A 577 -105.69 -15.03 -74.62
C ASN A 577 -106.23 -15.58 -75.93
N GLY A 590 -115.91 -4.74 -81.16
CA GLY A 590 -116.38 -3.37 -81.29
C GLY A 590 -115.27 -2.40 -81.64
N GLY A 591 -115.22 -2.01 -82.91
CA GLY A 591 -114.18 -1.11 -83.39
C GLY A 591 -113.48 -1.70 -84.58
N LEU A 592 -113.39 -3.04 -84.60
CA LEU A 592 -112.84 -3.76 -85.74
C LEU A 592 -111.42 -3.34 -86.06
N SER A 593 -110.77 -2.68 -85.11
CA SER A 593 -109.45 -2.10 -85.33
C SER A 593 -108.48 -3.17 -84.86
N VAL A 594 -107.81 -3.80 -85.83
CA VAL A 594 -107.17 -5.07 -85.59
C VAL A 594 -106.21 -4.98 -84.42
N SER A 595 -106.28 -5.97 -83.53
CA SER A 595 -105.30 -6.14 -82.47
C SER A 595 -104.02 -6.73 -83.07
N SER A 596 -103.21 -5.86 -83.68
CA SER A 596 -101.98 -6.26 -84.32
C SER A 596 -100.85 -6.42 -83.31
N ARG A 597 -99.66 -6.72 -83.82
CA ARG A 597 -98.64 -7.55 -83.18
C ARG A 597 -97.84 -6.89 -82.06
N ASP A 598 -97.12 -5.80 -82.34
CA ASP A 598 -95.84 -5.58 -81.66
C ASP A 598 -95.94 -5.20 -80.18
N VAL A 599 -94.97 -5.67 -79.40
CA VAL A 599 -94.82 -5.22 -78.04
C VAL A 599 -94.47 -3.76 -78.02
N PHE A 600 -95.22 -3.00 -77.25
CA PHE A 600 -94.88 -1.62 -77.00
C PHE A 600 -94.99 -1.48 -75.49
N SER A 601 -93.89 -1.75 -74.83
CA SER A 601 -93.87 -1.86 -73.37
C SER A 601 -94.00 -0.49 -72.73
N ILE A 602 -94.85 -0.40 -71.71
CA ILE A 602 -95.17 0.87 -71.07
C ILE A 602 -94.98 0.71 -69.57
N SER A 603 -93.94 1.34 -69.04
CA SER A 603 -93.76 1.46 -67.59
C SER A 603 -94.67 2.54 -67.01
N THR A 604 -95.25 2.24 -65.86
CA THR A 604 -96.00 3.23 -65.10
C THR A 604 -95.76 3.00 -63.61
N LEU A 605 -95.50 4.08 -62.88
CA LEU A 605 -95.58 4.04 -61.42
C LEU A 605 -96.79 4.87 -61.05
N VAL A 606 -97.92 4.21 -60.83
CA VAL A 606 -99.18 4.87 -60.53
C VAL A 606 -99.38 4.86 -59.03
N CYS A 607 -100.18 5.79 -58.52
CA CYS A 607 -100.40 5.92 -57.09
C CYS A 607 -101.83 5.61 -56.67
N SER A 608 -102.81 6.29 -57.26
CA SER A 608 -104.17 6.35 -56.74
C SER A 608 -104.17 6.98 -55.35
N THR A 609 -103.17 7.82 -55.11
CA THR A 609 -103.09 8.54 -53.84
C THR A 609 -104.34 9.39 -53.70
N UNK A 642 -104.11 -6.52 -55.04
CA UNK A 642 -104.11 -7.10 -53.70
C UNK A 642 -104.54 -6.06 -52.69
N UNK A 643 -103.60 -5.17 -52.36
CA UNK A 643 -103.92 -4.09 -51.46
C UNK A 643 -105.01 -3.18 -52.02
N UNK A 644 -105.18 -3.14 -53.34
CA UNK A 644 -106.32 -2.43 -53.90
C UNK A 644 -107.63 -3.00 -53.35
N UNK A 645 -107.69 -4.32 -53.19
CA UNK A 645 -108.85 -4.93 -52.55
C UNK A 645 -108.89 -4.58 -51.06
N UNK A 646 -107.73 -4.59 -50.41
CA UNK A 646 -107.69 -4.19 -49.01
C UNK A 646 -108.20 -2.77 -48.82
N UNK A 647 -108.06 -1.93 -49.84
CA UNK A 647 -108.56 -0.57 -49.77
C UNK A 647 -110.03 -0.50 -50.09
N UNK A 648 -110.49 -1.23 -51.10
CA UNK A 648 -111.92 -1.43 -51.27
C UNK A 648 -112.56 -1.87 -49.97
N UNK A 649 -111.81 -2.57 -49.14
CA UNK A 649 -112.28 -2.86 -47.79
C UNK A 649 -112.51 -1.61 -46.98
N UNK A 650 -111.89 -0.48 -47.31
CA UNK A 650 -112.26 0.76 -46.63
C UNK A 650 -113.71 1.11 -46.92
N UNK A 651 -114.12 1.00 -48.18
CA UNK A 651 -115.53 1.15 -48.49
C UNK A 651 -116.35 0.10 -47.76
N UNK A 652 -115.93 -1.16 -47.82
CA UNK A 652 -116.64 -2.23 -47.12
C UNK A 652 -116.79 -1.94 -45.64
N UNK A 653 -115.88 -1.18 -45.06
CA UNK A 653 -116.12 -0.62 -43.74
C UNK A 653 -117.22 0.42 -43.80
N UNK A 654 -117.07 1.40 -44.69
CA UNK A 654 -118.07 2.46 -44.81
C UNK A 654 -119.33 1.94 -45.49
N UNK A 655 -119.21 1.55 -46.76
CA UNK A 655 -120.31 0.93 -47.50
C UNK A 655 -120.07 -0.57 -47.41
N UNK A 656 -120.74 -1.22 -46.47
CA UNK A 656 -120.39 -2.60 -46.15
C UNK A 656 -120.82 -3.53 -47.27
N UNK A 657 -119.89 -3.80 -48.19
CA UNK A 657 -120.19 -4.72 -49.29
C UNK A 657 -120.38 -6.14 -48.78
N UNK A 658 -119.57 -6.59 -47.83
CA UNK A 658 -119.69 -7.94 -47.31
C UNK A 658 -118.93 -8.02 -46.00
N ILE A 659 -118.93 -9.23 -45.42
CA ILE A 659 -118.16 -9.51 -44.23
C ILE A 659 -116.68 -9.61 -44.57
N MET A 660 -116.39 -9.63 -45.87
CA MET A 660 -115.00 -9.72 -46.32
C MET A 660 -114.15 -8.57 -45.80
N MET A 661 -114.77 -7.60 -45.12
CA MET A 661 -114.00 -6.56 -44.46
C MET A 661 -112.87 -7.16 -43.64
N GLU A 662 -113.18 -8.18 -42.85
CA GLU A 662 -112.15 -8.84 -42.06
C GLU A 662 -111.16 -9.59 -42.95
N HIS A 663 -111.65 -10.17 -44.04
CA HIS A 663 -110.75 -10.85 -44.94
C HIS A 663 -109.69 -9.91 -45.48
N SER A 664 -110.10 -8.81 -46.10
CA SER A 664 -109.13 -7.84 -46.56
C SER A 664 -108.42 -7.17 -45.41
N GLN A 665 -108.98 -7.24 -44.20
CA GLN A 665 -108.25 -6.77 -43.03
C GLN A 665 -107.02 -7.62 -42.80
N SER A 666 -107.17 -8.94 -42.86
CA SER A 666 -106.00 -9.81 -42.84
C SER A 666 -105.11 -9.53 -44.04
N ASP A 667 -105.72 -9.33 -45.21
CA ASP A 667 -104.94 -9.10 -46.43
C ASP A 667 -104.04 -7.88 -46.28
N GLU A 668 -104.55 -6.83 -45.65
CA GLU A 668 -103.74 -5.66 -45.40
C GLU A 668 -102.79 -5.89 -44.23
N TYR A 669 -103.18 -6.73 -43.26
CA TYR A 669 -102.21 -7.22 -42.29
C TYR A 669 -101.08 -7.93 -43.00
N ASP A 670 -101.27 -8.24 -44.29
CA ASP A 670 -100.18 -8.76 -45.12
C ASP A 670 -99.63 -7.70 -46.08
N ILE A 671 -100.43 -6.67 -46.42
CA ILE A 671 -99.99 -5.69 -47.42
C ILE A 671 -98.91 -4.76 -46.87
N LEU A 672 -99.13 -4.19 -45.68
CA LEU A 672 -98.11 -3.47 -44.91
C LEU A 672 -97.53 -2.27 -45.67
N VAL A 673 -98.24 -1.82 -46.69
CA VAL A 673 -97.81 -0.63 -47.42
C VAL A 673 -98.10 0.59 -46.58
N PHE A 674 -97.06 1.17 -45.99
CA PHE A 674 -97.24 2.41 -45.26
C PHE A 674 -97.90 3.47 -46.13
N ASP A 675 -97.88 3.29 -47.45
CA ASP A 675 -98.71 4.13 -48.31
C ASP A 675 -100.16 3.73 -48.20
N ALA A 676 -100.46 2.45 -48.43
CA ALA A 676 -101.77 1.96 -48.09
C ALA A 676 -102.15 2.39 -46.69
N LEU A 677 -101.16 2.57 -45.82
CA LEU A 677 -101.45 3.24 -44.56
C LEU A 677 -101.77 4.71 -44.75
N ILE A 678 -101.09 5.39 -45.67
CA ILE A 678 -101.45 6.78 -45.92
C ILE A 678 -102.83 6.88 -46.55
N TYR A 679 -103.12 6.00 -47.50
CA TYR A 679 -104.52 5.78 -47.87
C TYR A 679 -105.36 5.49 -46.64
N ILE A 680 -104.78 4.83 -45.65
CA ILE A 680 -105.55 4.48 -44.47
C ILE A 680 -105.64 5.63 -43.49
N ILE A 681 -104.80 6.66 -43.64
CA ILE A 681 -105.01 7.87 -42.86
C ILE A 681 -106.48 8.27 -42.88
N GLY A 682 -107.15 8.01 -43.99
CA GLY A 682 -108.60 8.08 -44.02
C GLY A 682 -109.21 6.70 -43.89
N LEU A 683 -108.70 5.74 -44.67
CA LEU A 683 -109.35 4.44 -44.76
C LEU A 683 -109.45 3.76 -43.40
N ILE A 684 -108.33 3.50 -42.76
CA ILE A 684 -108.34 2.81 -41.47
C ILE A 684 -108.95 3.68 -40.39
N ALA A 685 -108.77 4.99 -40.48
CA ALA A 685 -109.42 5.86 -39.52
C ALA A 685 -110.93 5.61 -39.53
N ASP A 686 -111.54 5.63 -40.72
CA ASP A 686 -112.96 5.34 -40.82
C ASP A 686 -113.26 3.90 -40.46
N ARG A 687 -112.35 2.98 -40.79
CA ARG A 687 -112.57 1.58 -40.46
C ARG A 687 -112.72 1.40 -38.95
N LYS A 688 -111.79 1.94 -38.19
CA LYS A 688 -111.97 2.03 -36.75
C LYS A 688 -113.29 2.71 -36.42
N PHE A 689 -113.59 3.82 -37.10
CA PHE A 689 -114.90 4.41 -36.96
C PHE A 689 -116.00 3.46 -37.43
N GLN A 690 -115.71 2.61 -38.40
CA GLN A 690 -116.68 1.64 -38.86
C GLN A 690 -116.72 0.44 -37.91
N UNK A 708 -117.57 -9.36 -34.37
CA UNK A 708 -116.25 -9.96 -34.46
C UNK A 708 -115.28 -9.00 -35.12
N UNK A 709 -115.84 -7.93 -35.69
CA UNK A 709 -115.04 -6.97 -36.44
C UNK A 709 -114.01 -6.26 -35.56
N UNK A 710 -114.15 -6.35 -34.24
CA UNK A 710 -113.32 -5.61 -33.31
C UNK A 710 -111.82 -5.83 -33.52
N UNK A 711 -111.44 -6.90 -34.23
CA UNK A 711 -110.03 -7.11 -34.55
C UNK A 711 -109.43 -5.91 -35.25
N UNK A 712 -110.26 -5.03 -35.80
CA UNK A 712 -109.77 -3.78 -36.38
C UNK A 712 -109.06 -2.94 -35.34
N UNK A 713 -109.72 -2.70 -34.21
CA UNK A 713 -109.02 -2.14 -33.06
C UNK A 713 -107.70 -2.85 -32.87
N UNK A 714 -107.71 -4.17 -32.99
CA UNK A 714 -106.45 -4.90 -33.07
C UNK A 714 -105.69 -4.57 -34.35
N UNK A 715 -106.29 -4.84 -35.51
CA UNK A 715 -105.55 -4.83 -36.77
C UNK A 715 -105.06 -3.45 -37.17
N UNK A 716 -105.54 -2.39 -36.51
CA UNK A 716 -104.95 -1.08 -36.75
C UNK A 716 -103.47 -1.09 -36.44
N UNK A 717 -103.06 -1.93 -35.49
CA UNK A 717 -101.65 -2.14 -35.23
C UNK A 717 -100.97 -2.84 -36.39
N UNK A 718 -101.65 -3.82 -37.00
CA UNK A 718 -101.20 -4.33 -38.29
C UNK A 718 -100.82 -3.19 -39.20
N UNK A 719 -101.48 -2.04 -39.02
CA UNK A 719 -101.02 -0.79 -39.56
C UNK A 719 -100.08 -0.07 -38.61
N UNK A 720 -100.55 0.22 -37.39
CA UNK A 720 -100.00 1.31 -36.58
C UNK A 720 -98.52 1.20 -36.27
N UNK A 721 -97.89 0.07 -36.57
CA UNK A 721 -96.47 -0.07 -36.26
C UNK A 721 -95.57 0.57 -37.30
N UNK A 722 -96.12 0.92 -38.46
CA UNK A 722 -95.30 1.25 -39.62
C UNK A 722 -94.53 2.55 -39.47
N UNK A 723 -94.58 3.16 -38.29
CA UNK A 723 -93.85 4.39 -38.04
C UNK A 723 -92.34 4.22 -38.17
N UNK A 724 -91.85 2.99 -38.36
CA UNK A 724 -90.43 2.77 -38.62
C UNK A 724 -90.08 3.41 -39.96
N UNK A 725 -90.74 2.98 -41.03
CA UNK A 725 -90.57 3.66 -42.30
C UNK A 725 -91.24 5.02 -42.28
N UNK A 726 -92.56 5.04 -42.16
CA UNK A 726 -93.34 6.26 -42.33
C UNK A 726 -93.39 7.02 -41.02
N UNK A 727 -92.21 7.32 -40.48
CA UNK A 727 -92.14 8.08 -39.23
C UNK A 727 -92.92 9.38 -39.35
N UNK A 728 -92.88 10.00 -40.52
CA UNK A 728 -93.66 11.20 -40.75
C UNK A 728 -95.14 10.96 -40.60
N UNK A 729 -95.70 10.02 -41.36
CA UNK A 729 -97.13 9.77 -41.35
C UNK A 729 -97.66 9.44 -39.96
N UNK A 730 -96.78 9.20 -38.99
CA UNK A 730 -97.25 9.02 -37.62
C UNK A 730 -98.00 10.25 -37.14
N UNK A 731 -97.49 11.44 -37.46
CA UNK A 731 -98.25 12.65 -37.19
C UNK A 731 -99.56 12.64 -37.96
N UNK A 732 -99.54 12.08 -39.17
CA UNK A 732 -100.78 11.81 -39.88
C UNK A 732 -101.80 11.11 -39.00
N UNK A 733 -101.35 10.12 -38.22
CA UNK A 733 -102.20 9.56 -37.19
C UNK A 733 -102.78 10.65 -36.31
N UNK A 734 -101.90 11.42 -35.66
CA UNK A 734 -102.32 12.65 -35.01
C UNK A 734 -103.30 13.41 -35.88
N UNK A 735 -102.96 13.61 -37.14
CA UNK A 735 -103.88 14.23 -38.08
C UNK A 735 -105.23 13.54 -38.04
N UNK A 736 -105.25 12.24 -38.35
CA UNK A 736 -106.48 11.50 -38.15
C UNK A 736 -107.01 11.67 -36.75
N UNK A 737 -106.15 11.54 -35.75
CA UNK A 737 -106.55 11.84 -34.39
C UNK A 737 -107.12 13.24 -34.30
N UNK A 738 -106.43 14.21 -34.88
CA UNK A 738 -106.97 15.56 -34.92
C UNK A 738 -108.23 15.62 -35.79
N UNK A 739 -108.25 14.89 -36.88
CA UNK A 739 -109.35 15.04 -37.85
C UNK A 739 -110.23 13.80 -37.94
N UNK A 740 -109.61 12.66 -38.24
CA UNK A 740 -110.35 11.48 -38.66
C UNK A 740 -110.55 10.50 -37.52
N UNK A 741 -110.72 11.02 -36.31
CA UNK A 741 -111.09 10.23 -35.14
C UNK A 741 -112.58 10.45 -34.92
N UNK A 742 -113.38 9.42 -35.16
CA UNK A 742 -114.82 9.56 -35.30
C UNK A 742 -115.59 8.48 -34.56
N UNK A 743 -115.24 8.22 -33.30
CA UNK A 743 -115.90 7.15 -32.56
C UNK A 743 -116.72 7.64 -31.37
N UNK A 744 -116.20 8.61 -30.59
CA UNK A 744 -116.95 9.21 -29.49
C UNK A 744 -117.41 8.18 -28.47
N UNK A 745 -116.58 7.17 -28.21
CA UNK A 745 -117.00 6.10 -27.31
C UNK A 745 -115.79 5.32 -26.87
N UNK A 746 -115.68 5.11 -25.57
CA UNK A 746 -114.60 4.30 -25.03
C UNK A 746 -114.94 2.83 -25.09
N UNK A 747 -115.86 2.47 -25.99
CA UNK A 747 -116.13 1.05 -26.22
C UNK A 747 -114.85 0.31 -26.53
N UNK A 748 -114.00 0.89 -27.35
CA UNK A 748 -112.69 0.31 -27.52
C UNK A 748 -111.91 0.26 -26.21
N UNK A 749 -112.16 1.18 -25.28
CA UNK A 749 -111.52 1.00 -23.99
C UNK A 749 -111.98 -0.27 -23.30
N UNK A 750 -113.14 -0.79 -23.69
CA UNK A 750 -113.50 -2.12 -23.24
C UNK A 750 -112.79 -3.17 -24.08
N UNK A 751 -112.72 -2.96 -25.39
CA UNK A 751 -111.87 -3.78 -26.23
C UNK A 751 -110.48 -3.93 -25.64
N UNK A 752 -110.07 -2.98 -24.82
CA UNK A 752 -108.80 -3.08 -24.12
C UNK A 752 -108.77 -4.35 -23.28
N UNK A 753 -109.59 -4.38 -22.23
CA UNK A 753 -109.66 -5.58 -21.40
C UNK A 753 -109.96 -6.79 -22.25
N UNK A 754 -110.65 -6.59 -23.36
CA UNK A 754 -110.82 -7.68 -24.30
C UNK A 754 -109.48 -8.25 -24.69
N UNK A 755 -108.58 -7.42 -25.21
CA UNK A 755 -107.25 -7.92 -25.50
C UNK A 755 -106.60 -8.49 -24.25
N UNK A 756 -107.08 -8.14 -23.06
CA UNK A 756 -106.53 -8.65 -21.82
C UNK A 756 -107.12 -10.00 -21.47
N UNK A 757 -101.80 -7.99 -27.79
CA UNK A 757 -100.49 -8.59 -27.96
C UNK A 757 -99.39 -7.55 -27.77
N UNK A 758 -99.19 -6.72 -28.78
CA UNK A 758 -98.15 -5.70 -28.74
C UNK A 758 -98.59 -4.60 -27.78
N UNK A 759 -98.04 -4.62 -26.57
CA UNK A 759 -98.38 -3.59 -25.59
C UNK A 759 -98.05 -2.19 -26.07
N UNK A 760 -97.23 -2.08 -27.11
CA UNK A 760 -97.00 -0.80 -27.73
C UNK A 760 -98.33 -0.21 -28.22
N UNK A 761 -98.31 1.09 -28.43
CA UNK A 761 -99.44 1.88 -28.90
C UNK A 761 -100.59 1.90 -27.91
N UNK A 762 -100.46 1.17 -26.80
CA UNK A 762 -101.35 1.40 -25.67
C UNK A 762 -101.41 2.88 -25.40
N UNK A 763 -100.28 3.57 -25.59
CA UNK A 763 -100.31 5.02 -25.67
C UNK A 763 -101.22 5.48 -26.78
N UNK A 764 -100.87 5.15 -28.03
CA UNK A 764 -101.67 5.63 -29.16
C UNK A 764 -103.10 5.14 -29.05
N UNK A 765 -103.29 3.92 -28.57
CA UNK A 765 -104.64 3.45 -28.34
C UNK A 765 -105.37 4.39 -27.41
N UNK A 766 -104.89 4.49 -26.17
CA UNK A 766 -105.51 5.38 -25.21
C UNK A 766 -105.64 6.78 -25.77
N UNK A 767 -104.77 7.16 -26.68
CA UNK A 767 -104.86 8.47 -27.29
C UNK A 767 -106.14 8.58 -28.10
N UNK A 768 -106.32 7.65 -29.03
CA UNK A 768 -107.58 7.59 -29.72
C UNK A 768 -108.73 7.54 -28.73
N UNK A 769 -108.56 6.78 -27.65
CA UNK A 769 -109.59 6.67 -26.63
C UNK A 769 -109.88 8.00 -25.97
N UNK A 770 -108.90 8.88 -25.95
CA UNK A 770 -109.12 10.20 -25.40
C UNK A 770 -110.12 10.97 -26.25
N UNK A 771 -109.87 10.99 -27.56
CA UNK A 771 -110.88 11.51 -28.47
C UNK A 771 -112.19 10.76 -28.33
N UNK A 772 -112.13 9.48 -27.99
CA UNK A 772 -113.37 8.73 -27.82
C UNK A 772 -114.20 9.29 -26.70
N UNK A 773 -113.69 9.21 -25.48
CA UNK A 773 -114.43 9.71 -24.33
C UNK A 773 -114.70 11.20 -24.42
N UNK A 774 -113.86 11.96 -25.12
CA UNK A 774 -114.11 13.39 -25.22
C UNK A 774 -115.21 13.67 -26.23
N UNK A 775 -114.99 13.26 -27.48
CA UNK A 775 -116.05 13.21 -28.47
C UNK A 775 -117.27 12.51 -27.95
N UNK A 776 -117.11 11.59 -27.01
CA UNK A 776 -118.27 11.10 -26.27
C UNK A 776 -118.79 12.25 -25.42
N UNK A 777 -119.92 12.82 -25.83
CA UNK A 777 -120.50 13.94 -25.13
C UNK A 777 -121.01 13.58 -23.74
N UNK A 778 -120.92 12.31 -23.34
CA UNK A 778 -121.37 11.89 -22.03
C UNK A 778 -120.34 12.27 -20.96
N UNK A 779 -120.61 11.87 -19.71
CA UNK A 779 -119.75 12.22 -18.59
C UNK A 779 -119.52 11.08 -17.62
N UNK A 780 -120.09 9.91 -17.87
CA UNK A 780 -119.94 8.77 -16.98
C UNK A 780 -118.56 8.15 -17.03
N UNK A 781 -117.62 8.78 -17.72
CA UNK A 781 -116.29 8.21 -17.91
C UNK A 781 -115.58 7.94 -16.60
N UNK A 782 -116.18 8.35 -15.48
CA UNK A 782 -115.77 7.87 -14.18
C UNK A 782 -115.53 6.37 -14.23
N UNK A 783 -116.51 5.63 -14.74
CA UNK A 783 -116.35 4.20 -14.87
C UNK A 783 -115.24 3.86 -15.85
N UNK A 784 -115.11 4.64 -16.92
CA UNK A 784 -113.93 4.54 -17.76
C UNK A 784 -112.66 4.54 -16.92
N UNK A 785 -112.58 5.45 -15.96
CA UNK A 785 -111.52 5.40 -14.97
C UNK A 785 -111.44 4.02 -14.33
N UNK A 786 -112.53 3.59 -13.70
CA UNK A 786 -112.64 2.20 -13.31
C UNK A 786 -112.19 1.28 -14.44
N UNK A 787 -112.74 1.48 -15.63
CA UNK A 787 -112.28 0.72 -16.78
C UNK A 787 -110.79 0.90 -17.00
N UNK A 788 -110.31 2.14 -16.96
CA UNK A 788 -108.89 2.35 -16.91
C UNK A 788 -108.27 1.66 -15.71
N UNK A 789 -108.87 1.84 -14.54
CA UNK A 789 -108.49 1.01 -13.40
C UNK A 789 -108.48 -0.45 -13.80
N UNK A 790 -109.51 -0.89 -14.52
CA UNK A 790 -109.49 -2.20 -15.14
C UNK A 790 -108.25 -2.36 -16.01
N UNK A 791 -108.08 -1.50 -17.00
CA UNK A 791 -106.82 -1.46 -17.71
C UNK A 791 -105.66 -1.47 -16.73
N UNK A 792 -105.75 -0.67 -15.67
CA UNK A 792 -104.74 -0.70 -14.63
C UNK A 792 -104.75 -2.02 -13.89
N UNK A 793 -105.93 -2.52 -13.57
CA UNK A 793 -106.03 -3.92 -13.22
C UNK A 793 -105.44 -4.78 -14.31
N UNK A 794 -105.75 -4.50 -15.58
CA UNK A 794 -105.03 -5.15 -16.65
C UNK A 794 -103.55 -4.95 -16.48
N UNK A 795 -103.14 -3.75 -16.09
CA UNK A 795 -101.79 -3.55 -15.59
C UNK A 795 -101.53 -4.49 -14.42
N UNK A 796 -102.28 -4.34 -13.34
CA UNK A 796 -102.24 -5.31 -12.27
C UNK A 796 -102.35 -6.73 -12.79
N UNK A 797 -102.94 -6.93 -13.97
CA UNK A 797 -102.96 -8.25 -14.58
C UNK A 797 -101.54 -8.79 -14.76
N UNK A 798 -100.69 -8.04 -15.44
CA UNK A 798 -99.30 -8.46 -15.56
C UNK A 798 -98.56 -8.34 -14.25
N UNK A 799 -99.30 -8.11 -13.16
CA UNK A 799 -98.73 -8.04 -11.82
C UNK A 799 -97.82 -9.22 -11.54
N UNK A 800 -98.14 -10.38 -12.09
CA UNK A 800 -97.29 -11.55 -11.90
C UNK A 800 -97.62 -12.60 -12.96
N UNK A 801 -96.58 -13.13 -13.60
CA UNK A 801 -96.69 -14.29 -14.46
C UNK A 801 -95.28 -14.69 -14.89
N UNK A 802 -95.10 -15.98 -15.18
CA UNK A 802 -93.78 -16.46 -15.57
C UNK A 802 -93.42 -16.00 -16.98
N UNK A 803 -94.29 -16.26 -17.95
CA UNK A 803 -94.04 -15.92 -19.34
C UNK A 803 -94.45 -14.48 -19.68
N UNK A 804 -94.72 -13.65 -18.67
CA UNK A 804 -95.06 -12.25 -18.90
C UNK A 804 -93.83 -11.35 -18.89
N UNK A 805 -92.64 -11.93 -18.90
CA UNK A 805 -91.45 -11.11 -19.08
C UNK A 805 -91.50 -10.38 -20.42
N UNK A 806 -91.72 -11.12 -21.50
CA UNK A 806 -91.99 -10.48 -22.79
C UNK A 806 -93.26 -9.65 -22.76
N UNK A 807 -94.03 -9.71 -21.67
CA UNK A 807 -95.07 -8.72 -21.40
C UNK A 807 -94.62 -7.69 -20.39
N UNK A 808 -93.87 -8.11 -19.36
CA UNK A 808 -93.39 -7.16 -18.36
C UNK A 808 -92.49 -6.10 -18.96
N UNK A 809 -92.00 -6.33 -20.17
CA UNK A 809 -91.20 -5.33 -20.84
C UNK A 809 -91.94 -4.00 -20.94
N UNK A 810 -92.93 -3.89 -21.81
CA UNK A 810 -93.52 -2.59 -22.08
C UNK A 810 -94.24 -2.04 -20.85
N UNK A 811 -94.50 -2.89 -19.86
CA UNK A 811 -94.81 -2.37 -18.55
C UNK A 811 -93.85 -1.26 -18.21
N UNK A 812 -92.58 -1.45 -18.55
CA UNK A 812 -91.72 -0.30 -18.62
C UNK A 812 -92.33 0.79 -19.46
N UNK A 813 -92.64 0.53 -20.74
CA UNK A 813 -92.95 1.63 -21.64
C UNK A 813 -94.07 2.48 -21.08
N UNK A 814 -95.29 1.96 -21.06
CA UNK A 814 -96.34 2.49 -20.23
C UNK A 814 -96.71 3.92 -20.61
N UNK A 815 -95.80 4.65 -21.26
CA UNK A 815 -96.01 5.50 -22.42
C UNK A 815 -97.23 6.42 -22.33
N UNK A 816 -98.21 6.00 -21.56
CA UNK A 816 -99.45 6.72 -21.48
C UNK A 816 -99.56 7.36 -20.16
N UNK A 817 -98.60 7.02 -19.32
CA UNK A 817 -98.08 8.00 -18.40
C UNK A 817 -98.10 9.29 -19.22
N UNK A 818 -97.42 9.26 -20.36
CA UNK A 818 -97.48 10.40 -21.25
C UNK A 818 -98.89 10.64 -21.73
N UNK A 819 -99.56 9.59 -22.20
CA UNK A 819 -100.90 9.77 -22.71
C UNK A 819 -101.86 9.77 -21.53
N UNK A 820 -101.34 10.08 -20.34
CA UNK A 820 -102.18 10.42 -19.21
C UNK A 820 -103.33 11.28 -19.68
N UNK A 821 -103.01 12.35 -20.39
CA UNK A 821 -103.97 13.10 -21.19
C UNK A 821 -105.24 13.40 -20.39
N UNK A 822 -105.01 13.91 -19.18
CA UNK A 822 -106.07 14.36 -18.29
C UNK A 822 -107.03 13.23 -17.92
N UNK A 823 -106.53 12.01 -17.85
CA UNK A 823 -107.39 10.91 -17.45
C UNK A 823 -107.91 11.10 -16.03
N UNK A 824 -107.03 10.96 -15.05
CA UNK A 824 -107.47 10.99 -13.66
C UNK A 824 -106.26 11.21 -12.78
N UNK A 825 -106.21 12.35 -12.09
CA UNK A 825 -104.91 12.84 -11.69
C UNK A 825 -104.33 12.04 -10.54
N UNK A 826 -104.89 12.18 -9.36
CA UNK A 826 -104.45 11.32 -8.28
C UNK A 826 -104.84 9.88 -8.57
N UNK A 827 -105.88 9.69 -9.37
CA UNK A 827 -106.30 8.34 -9.67
C UNK A 827 -105.26 7.61 -10.49
N UNK A 828 -104.96 8.11 -11.68
CA UNK A 828 -103.86 7.51 -12.43
C UNK A 828 -102.61 7.52 -11.59
N UNK A 829 -102.51 8.46 -10.65
CA UNK A 829 -101.33 8.47 -9.80
C UNK A 829 -101.23 7.19 -9.01
N UNK A 830 -102.16 6.96 -8.09
CA UNK A 830 -102.12 5.71 -7.35
C UNK A 830 -102.18 4.53 -8.29
N UNK A 831 -102.80 4.72 -9.45
CA UNK A 831 -102.87 3.64 -10.42
C UNK A 831 -101.48 3.21 -10.81
N UNK A 832 -100.62 4.16 -11.10
CA UNK A 832 -99.24 3.81 -11.32
C UNK A 832 -98.59 3.34 -10.03
N UNK A 833 -98.97 3.93 -8.91
CA UNK A 833 -98.38 3.50 -7.64
C UNK A 833 -98.46 2.00 -7.54
N UNK A 834 -99.61 1.47 -7.92
CA UNK A 834 -99.72 0.07 -8.20
C UNK A 834 -98.81 -0.32 -9.36
N UNK A 835 -99.11 0.21 -10.56
CA UNK A 835 -98.56 -0.32 -11.79
C UNK A 835 -97.09 -0.63 -11.67
N UNK A 836 -96.35 0.22 -10.98
CA UNK A 836 -94.97 -0.04 -10.59
C UNK A 836 -94.94 -0.96 -9.38
N UNK A 837 -95.53 -0.51 -8.26
CA UNK A 837 -95.67 -1.39 -7.12
C UNK A 837 -96.16 -2.76 -7.55
N UNK A 838 -96.97 -2.80 -8.62
CA UNK A 838 -97.36 -4.07 -9.24
C UNK A 838 -96.15 -4.90 -9.66
N UNK A 839 -94.97 -4.29 -9.69
CA UNK A 839 -93.83 -5.09 -10.05
C UNK A 839 -93.06 -5.51 -8.81
N UNK A 840 -92.21 -6.51 -9.00
CA UNK A 840 -91.26 -6.94 -7.99
C UNK A 840 -90.19 -7.76 -8.68
N UNK A 841 -88.98 -7.69 -8.14
CA UNK A 841 -87.82 -8.40 -8.68
C UNK A 841 -87.56 -8.01 -10.14
N UNK A 842 -87.23 -6.75 -10.34
CA UNK A 842 -86.92 -6.23 -11.67
C UNK A 842 -86.15 -4.93 -11.55
N UNK A 843 -85.23 -4.72 -12.50
CA UNK A 843 -84.38 -3.54 -12.49
C UNK A 843 -84.55 -2.71 -13.74
N UNK A 844 -84.48 -3.34 -14.91
CA UNK A 844 -84.57 -2.59 -16.16
C UNK A 844 -85.74 -1.64 -16.17
N UNK A 845 -86.88 -2.04 -15.63
CA UNK A 845 -88.01 -1.14 -15.52
C UNK A 845 -87.74 0.04 -14.60
N UNK A 846 -86.59 0.11 -13.95
CA UNK A 846 -86.20 1.39 -13.39
C UNK A 846 -85.97 2.39 -14.50
N UNK A 847 -85.58 1.92 -15.68
CA UNK A 847 -85.57 2.81 -16.82
C UNK A 847 -86.96 3.38 -17.03
N UNK A 848 -87.97 2.52 -17.00
CA UNK A 848 -89.32 3.04 -16.95
C UNK A 848 -89.47 4.00 -15.81
N UNK A 849 -88.86 3.71 -14.68
CA UNK A 849 -89.09 4.54 -13.51
C UNK A 849 -88.63 5.95 -13.76
N UNK A 850 -87.48 6.10 -14.39
CA UNK A 850 -87.02 7.45 -14.71
C UNK A 850 -87.86 8.06 -15.82
N UNK A 851 -88.25 7.25 -16.79
CA UNK A 851 -89.18 7.72 -17.79
C UNK A 851 -90.41 8.30 -17.13
N UNK A 852 -90.96 7.56 -16.21
CA UNK A 852 -92.10 8.00 -15.45
C UNK A 852 -91.73 9.15 -14.55
N UNK A 853 -90.46 9.30 -14.23
CA UNK A 853 -90.10 10.45 -13.42
C UNK A 853 -90.21 11.71 -14.23
N UNK A 854 -89.58 11.70 -15.40
CA UNK A 854 -89.87 12.72 -16.39
C UNK A 854 -91.37 12.86 -16.59
N UNK A 855 -92.09 11.76 -16.48
CA UNK A 855 -93.52 11.84 -16.60
C UNK A 855 -94.15 12.39 -15.33
N UNK A 856 -93.45 12.30 -14.22
CA UNK A 856 -93.95 12.88 -12.99
C UNK A 856 -93.82 14.37 -13.09
N UNK A 857 -92.86 14.78 -13.89
CA UNK A 857 -92.77 16.17 -14.32
C UNK A 857 -93.86 16.47 -15.33
N UNK A 858 -94.06 15.58 -16.29
CA UNK A 858 -95.25 15.67 -17.12
C UNK A 858 -96.47 15.77 -16.26
N UNK A 859 -96.36 15.34 -15.00
CA UNK A 859 -97.35 15.64 -13.98
C UNK A 859 -96.93 16.86 -13.17
N UNK A 860 -95.76 16.79 -12.55
CA UNK A 860 -95.20 17.88 -11.75
C UNK A 860 -96.25 18.53 -10.86
N UNK A 861 -96.82 17.71 -9.99
CA UNK A 861 -97.85 18.16 -9.06
C UNK A 861 -97.47 17.77 -7.65
N UNK A 862 -98.01 18.50 -6.68
CA UNK A 862 -97.99 17.98 -5.33
C UNK A 862 -98.74 16.67 -5.26
N UNK A 863 -99.79 16.53 -6.06
CA UNK A 863 -100.35 15.21 -6.31
C UNK A 863 -99.30 14.30 -6.91
N UNK A 864 -98.67 14.76 -7.98
CA UNK A 864 -97.51 14.05 -8.45
C UNK A 864 -96.42 14.01 -7.41
N UNK A 865 -96.42 14.91 -6.43
CA UNK A 865 -95.45 14.73 -5.36
C UNK A 865 -95.82 13.51 -4.52
N UNK A 866 -97.10 13.21 -4.40
CA UNK A 866 -97.45 11.94 -3.79
C UNK A 866 -97.06 10.79 -4.70
N UNK A 867 -97.43 10.89 -5.97
CA UNK A 867 -96.94 9.95 -6.97
C UNK A 867 -95.43 9.82 -6.92
N UNK A 868 -94.78 10.86 -6.46
CA UNK A 868 -93.34 10.93 -6.37
C UNK A 868 -92.86 10.27 -5.11
N UNK A 869 -93.61 10.37 -4.04
CA UNK A 869 -93.40 9.47 -2.92
C UNK A 869 -93.50 8.04 -3.39
N UNK A 870 -94.36 7.79 -4.37
CA UNK A 870 -94.55 6.43 -4.84
C UNK A 870 -93.36 5.97 -5.68
N UNK A 871 -93.11 6.66 -6.76
CA UNK A 871 -91.88 6.42 -7.49
C UNK A 871 -90.67 6.68 -6.61
N UNK A 872 -90.88 7.20 -5.41
CA UNK A 872 -89.77 7.46 -4.52
C UNK A 872 -89.54 6.28 -3.61
N UNK A 873 -90.59 5.57 -3.29
CA UNK A 873 -90.43 4.19 -2.88
C UNK A 873 -89.64 3.47 -3.94
N UNK A 874 -90.04 3.63 -5.20
CA UNK A 874 -89.24 3.10 -6.29
C UNK A 874 -87.83 3.67 -6.27
N UNK A 875 -87.68 4.88 -5.75
CA UNK A 875 -86.37 5.50 -5.69
C UNK A 875 -85.49 4.85 -4.65
N UNK A 876 -86.03 4.66 -3.46
CA UNK A 876 -85.31 3.87 -2.46
C UNK A 876 -85.06 2.47 -2.99
N UNK A 877 -85.99 1.97 -3.82
CA UNK A 877 -85.75 0.70 -4.47
C UNK A 877 -84.49 0.76 -5.29
N UNK A 878 -84.35 1.80 -6.09
CA UNK A 878 -83.09 2.03 -6.77
C UNK A 878 -81.97 2.24 -5.77
N UNK A 879 -82.26 2.89 -4.66
CA UNK A 879 -81.23 3.13 -3.66
C UNK A 879 -80.62 1.82 -3.24
N UNK A 880 -81.45 0.80 -3.17
CA UNK A 880 -80.93 -0.56 -3.03
C UNK A 880 -80.28 -1.02 -4.32
N UNK A 881 -81.01 -0.91 -5.44
CA UNK A 881 -80.61 -1.48 -6.71
C UNK A 881 -79.18 -1.14 -7.05
N UNK A 882 -78.74 0.03 -6.63
CA UNK A 882 -77.35 0.41 -6.76
C UNK A 882 -76.63 0.26 -5.43
N UNK A 883 -77.35 0.38 -4.32
CA UNK A 883 -76.78 0.17 -3.01
C UNK A 883 -76.29 -1.26 -2.93
N UNK A 884 -77.18 -2.19 -3.22
CA UNK A 884 -76.80 -3.58 -3.36
C UNK A 884 -76.57 -3.82 -4.84
N UNK A 885 -75.30 -4.03 -5.19
CA UNK A 885 -74.88 -4.47 -6.52
C UNK A 885 -73.37 -4.63 -6.51
N UNK A 886 -72.86 -5.44 -7.43
CA UNK A 886 -71.43 -5.46 -7.70
C UNK A 886 -71.12 -4.97 -9.11
N UNK A 887 -72.13 -4.90 -9.97
CA UNK A 887 -71.97 -4.50 -11.37
C UNK A 887 -73.07 -3.53 -11.78
N UNK A 888 -73.31 -2.50 -10.97
CA UNK A 888 -74.41 -1.57 -11.24
C UNK A 888 -74.03 -0.50 -12.24
N UNK A 889 -72.95 -0.71 -12.98
CA UNK A 889 -72.45 0.32 -13.88
C UNK A 889 -73.54 0.73 -14.86
N UNK A 890 -73.96 -0.18 -15.74
CA UNK A 890 -75.09 0.13 -16.59
C UNK A 890 -76.32 0.43 -15.75
N UNK A 891 -76.53 -0.33 -14.69
CA UNK A 891 -77.75 -0.18 -13.92
C UNK A 891 -77.79 1.14 -13.19
N UNK A 892 -76.86 1.36 -12.27
CA UNK A 892 -76.85 2.63 -11.58
C UNK A 892 -76.70 3.77 -12.58
N UNK A 893 -76.08 3.51 -13.73
CA UNK A 893 -76.09 4.49 -14.80
C UNK A 893 -77.51 4.91 -15.10
N UNK A 894 -78.31 3.97 -15.57
CA UNK A 894 -79.72 4.25 -15.81
C UNK A 894 -80.38 4.86 -14.59
N UNK A 895 -79.88 4.53 -13.41
CA UNK A 895 -80.57 4.94 -12.21
C UNK A 895 -80.36 6.42 -11.99
N UNK A 896 -79.11 6.78 -11.75
CA UNK A 896 -78.76 8.15 -11.45
C UNK A 896 -79.40 9.11 -12.42
N UNK A 897 -79.69 8.65 -13.63
CA UNK A 897 -80.52 9.40 -14.55
C UNK A 897 -81.77 9.89 -13.84
N UNK A 898 -82.49 8.95 -13.24
CA UNK A 898 -83.66 9.34 -12.48
C UNK A 898 -83.26 10.36 -11.43
N UNK A 899 -82.39 9.95 -10.50
CA UNK A 899 -81.95 10.84 -9.44
C UNK A 899 -81.76 12.25 -9.95
N UNK A 900 -81.11 12.37 -11.09
CA UNK A 900 -81.00 13.66 -11.74
C UNK A 900 -82.38 14.22 -12.00
N UNK A 901 -83.15 13.55 -12.85
CA UNK A 901 -84.44 14.09 -13.25
C UNK A 901 -85.25 14.53 -12.06
N UNK A 902 -85.22 13.70 -11.03
CA UNK A 902 -85.74 14.03 -9.73
C UNK A 902 -85.30 15.43 -9.35
N UNK A 903 -83.99 15.62 -9.23
CA UNK A 903 -83.53 16.94 -8.87
C UNK A 903 -84.07 17.98 -9.84
N UNK A 904 -84.07 17.63 -11.12
CA UNK A 904 -84.54 18.47 -12.20
C UNK A 904 -85.97 18.89 -12.00
N UNK A 905 -86.68 18.27 -11.08
CA UNK A 905 -87.91 18.86 -10.62
C UNK A 905 -87.69 20.34 -10.41
N UNK A 906 -86.75 20.68 -9.54
CA UNK A 906 -86.41 22.06 -9.27
C UNK A 906 -87.65 22.86 -8.91
N UNK A 907 -94.95 24.86 -3.62
CA UNK A 907 -94.58 23.47 -3.87
C UNK A 907 -93.07 23.34 -3.79
N UNK A 908 -92.41 24.48 -3.82
CA UNK A 908 -91.00 24.52 -3.48
C UNK A 908 -90.75 23.68 -2.24
N UNK A 909 -91.46 23.97 -1.16
CA UNK A 909 -91.30 23.14 0.02
C UNK A 909 -91.92 21.77 -0.18
N UNK A 910 -92.90 21.64 -1.08
CA UNK A 910 -93.39 20.30 -1.39
C UNK A 910 -92.25 19.47 -1.93
N UNK A 911 -91.47 20.05 -2.83
CA UNK A 911 -90.17 19.49 -3.03
C UNK A 911 -89.50 19.26 -1.69
N UNK A 912 -89.29 20.31 -0.89
CA UNK A 912 -88.45 20.17 0.30
C UNK A 912 -88.71 18.86 1.01
N UNK A 913 -89.98 18.52 1.17
CA UNK A 913 -90.29 17.19 1.63
C UNK A 913 -89.79 16.14 0.66
N UNK A 914 -90.35 16.12 -0.56
CA UNK A 914 -89.98 15.11 -1.55
C UNK A 914 -88.48 14.93 -1.64
N UNK A 915 -87.77 16.02 -1.57
CA UNK A 915 -86.33 16.04 -1.39
C UNK A 915 -85.94 15.26 -0.16
N UNK A 916 -86.31 15.76 1.02
CA UNK A 916 -85.97 15.09 2.26
C UNK A 916 -86.12 13.60 2.10
N UNK A 917 -87.14 13.19 1.38
CA UNK A 917 -87.26 11.81 0.98
C UNK A 917 -86.03 11.43 0.19
N UNK A 918 -85.88 11.99 -1.01
CA UNK A 918 -84.82 11.54 -1.91
C UNK A 918 -83.48 11.47 -1.19
N UNK A 919 -83.28 12.37 -0.25
CA UNK A 919 -82.03 12.43 0.49
C UNK A 919 -81.96 11.31 1.50
N UNK A 920 -82.88 11.33 2.47
CA UNK A 920 -82.93 10.28 3.45
C UNK A 920 -82.83 8.93 2.80
N UNK A 921 -83.46 8.77 1.65
CA UNK A 921 -83.24 7.63 0.80
C UNK A 921 -81.78 7.53 0.47
N UNK A 922 -81.23 8.48 -0.29
CA UNK A 922 -79.85 8.32 -0.71
C UNK A 922 -79.08 9.57 -0.35
N UNK A 923 -78.68 9.66 0.90
CA UNK A 923 -77.56 10.51 1.19
C UNK A 923 -76.36 9.64 1.48
N UNK A 924 -76.42 8.90 2.59
CA UNK A 924 -75.35 7.98 2.90
C UNK A 924 -75.27 6.92 1.82
N UNK A 925 -76.40 6.65 1.17
CA UNK A 925 -76.39 5.85 -0.03
C UNK A 925 -75.70 6.61 -1.15
N UNK A 926 -76.14 7.83 -1.38
CA UNK A 926 -75.42 8.66 -2.33
C UNK A 926 -73.93 8.62 -2.04
N UNK A 927 -73.56 8.92 -0.80
CA UNK A 927 -72.16 8.96 -0.46
C UNK A 927 -71.49 7.63 -0.68
N UNK A 928 -72.19 6.54 -0.39
CA UNK A 928 -71.55 5.25 -0.58
C UNK A 928 -71.30 5.01 -2.05
N UNK A 929 -72.29 5.27 -2.88
CA UNK A 929 -72.06 5.34 -4.30
C UNK A 929 -70.83 6.15 -4.60
N UNK A 930 -70.66 7.26 -3.89
CA UNK A 930 -69.49 8.07 -4.11
C UNK A 930 -68.23 7.33 -3.74
N UNK A 931 -68.29 6.48 -2.73
CA UNK A 931 -67.13 5.68 -2.40
C UNK A 931 -66.72 4.83 -3.57
N UNK A 932 -67.68 4.42 -4.40
CA UNK A 932 -67.33 3.79 -5.65
C UNK A 932 -66.50 4.74 -6.49
N UNK A 933 -65.77 4.18 -7.44
CA UNK A 933 -64.82 5.00 -8.19
C UNK A 933 -64.68 4.45 -9.60
N UNK A 934 -63.81 5.12 -10.37
CA UNK A 934 -63.51 4.73 -11.74
C UNK A 934 -62.28 5.46 -12.22
N UNK A 935 -66.40 7.17 -14.20
CA UNK A 935 -67.53 6.86 -15.05
C UNK A 935 -68.70 7.75 -14.67
N UNK A 936 -69.87 7.14 -14.51
CA UNK A 936 -71.02 7.91 -14.07
C UNK A 936 -70.74 8.60 -12.75
N UNK A 937 -69.63 8.28 -12.10
CA UNK A 937 -69.14 9.14 -11.04
C UNK A 937 -69.18 10.58 -11.48
N UNK A 938 -68.99 10.82 -12.78
CA UNK A 938 -69.40 12.09 -13.31
C UNK A 938 -70.82 12.35 -12.87
N UNK A 939 -71.74 11.55 -13.38
CA UNK A 939 -73.14 11.78 -13.09
C UNK A 939 -73.42 11.60 -11.61
N UNK A 940 -72.73 10.66 -10.98
CA UNK A 940 -72.95 10.48 -9.56
C UNK A 940 -72.62 11.75 -8.80
N UNK A 941 -71.35 12.10 -8.81
CA UNK A 941 -70.91 13.37 -8.28
C UNK A 941 -71.91 14.45 -8.57
N UNK A 942 -72.42 14.47 -9.79
CA UNK A 942 -73.40 15.47 -10.13
C UNK A 942 -74.60 15.41 -9.22
N UNK A 943 -75.17 14.23 -9.10
CA UNK A 943 -76.26 14.07 -8.18
C UNK A 943 -75.84 14.60 -6.83
N UNK A 944 -74.82 13.97 -6.25
CA UNK A 944 -74.33 14.35 -4.93
C UNK A 944 -74.36 15.85 -4.77
N UNK A 945 -73.85 16.54 -5.76
CA UNK A 945 -73.87 17.98 -5.71
C UNK A 945 -75.30 18.44 -5.64
N UNK A 946 -76.02 18.32 -6.74
CA UNK A 946 -77.30 19.00 -6.84
C UNK A 946 -78.15 18.68 -5.64
N UNK A 947 -78.14 17.43 -5.24
CA UNK A 947 -78.71 17.01 -3.99
C UNK A 947 -78.29 17.97 -2.90
N UNK A 948 -77.00 18.04 -2.64
CA UNK A 948 -76.62 18.92 -1.55
C UNK A 948 -77.02 20.35 -1.85
N UNK A 949 -76.94 20.75 -3.11
CA UNK A 949 -77.42 22.05 -3.54
C UNK A 949 -78.87 22.22 -3.19
N UNK A 950 -79.54 21.12 -2.91
CA UNK A 950 -80.95 21.19 -2.60
C UNK A 950 -81.16 21.06 -1.10
N UNK A 951 -81.84 22.04 -0.53
CA UNK A 951 -82.62 21.87 0.70
C UNK A 951 -81.77 21.43 1.88
N UNK A 952 -80.50 21.81 1.84
CA UNK A 952 -79.66 21.56 3.00
C UNK A 952 -80.25 22.18 4.25
N UNK A 953 -81.08 23.22 4.11
CA UNK A 953 -81.90 23.61 5.24
C UNK A 953 -82.69 22.41 5.72
N UNK A 954 -83.59 21.94 4.87
CA UNK A 954 -84.24 20.67 5.15
C UNK A 954 -83.20 19.57 5.28
N UNK A 955 -82.53 19.24 4.16
CA UNK A 955 -81.72 18.03 4.11
C UNK A 955 -80.77 17.96 5.29
N UNK A 956 -80.47 19.11 5.89
CA UNK A 956 -79.49 19.17 6.95
C UNK A 956 -80.15 19.01 8.30
N UNK A 957 -81.14 19.85 8.60
CA UNK A 957 -81.92 19.60 9.80
C UNK A 957 -82.31 18.14 9.86
N UNK A 958 -82.61 17.56 8.70
CA UNK A 958 -83.05 16.18 8.64
C UNK A 958 -81.90 15.20 8.84
N UNK A 959 -80.94 15.19 7.92
CA UNK A 959 -79.93 14.14 7.95
C UNK A 959 -79.25 14.09 9.30
N UNK A 960 -79.35 15.18 10.06
CA UNK A 960 -79.11 15.14 11.49
C UNK A 960 -79.80 13.95 12.12
N UNK A 961 -79.02 13.11 12.77
CA UNK A 961 -79.56 11.91 13.42
C UNK A 961 -80.37 11.10 12.43
N SER A 962 -79.53 10.74 17.37
CA SER A 962 -79.40 9.39 17.90
C SER A 962 -77.98 8.88 17.70
N SER A 963 -77.54 8.90 16.46
CA SER A 963 -76.21 8.49 16.09
C SER A 963 -75.26 9.66 16.32
N GLU A 964 -74.07 9.35 16.84
CA GLU A 964 -72.98 10.30 16.67
C GLU A 964 -72.92 10.77 15.22
N LEU A 965 -73.09 9.84 14.27
CA LEU A 965 -73.19 10.12 12.84
C LEU A 965 -72.00 10.93 12.36
N VAL A 966 -70.95 11.04 13.16
CA VAL A 966 -69.82 11.83 12.73
C VAL A 966 -68.96 11.02 11.78
N ASP A 967 -68.99 9.70 11.94
CA ASP A 967 -68.22 8.87 11.04
C ASP A 967 -68.61 9.12 9.60
N PHE A 968 -69.91 8.99 9.30
CA PHE A 968 -70.47 9.47 8.04
C PHE A 968 -69.86 10.79 7.64
N LEU A 969 -69.72 11.70 8.58
CA LEU A 969 -69.23 13.00 8.21
C LEU A 969 -67.81 12.91 7.70
N MET A 970 -66.96 12.23 8.46
CA MET A 970 -65.59 11.99 8.02
C MET A 970 -65.59 11.34 6.64
N GLU A 971 -66.49 10.39 6.44
CA GLU A 971 -66.67 9.83 5.12
C GLU A 971 -66.81 10.92 4.08
N THR A 972 -67.84 11.75 4.25
CA THR A 972 -68.10 12.83 3.30
C THR A 972 -66.84 13.58 3.02
N PHE A 973 -66.11 13.91 4.06
CA PHE A 973 -65.00 14.82 3.88
C PHE A 973 -63.88 14.15 3.18
N ILE A 974 -63.69 12.87 3.46
CA ILE A 974 -62.70 12.13 2.71
C ILE A 974 -63.07 12.12 1.26
N MET A 975 -64.34 11.92 0.96
CA MET A 975 -64.76 11.99 -0.44
C MET A 975 -64.49 13.34 -1.02
N PHE A 976 -64.76 14.38 -0.27
CA PHE A 976 -64.49 15.70 -0.78
C PHE A 976 -63.03 15.89 -1.11
N LYS A 977 -62.16 15.50 -0.19
CA LYS A 977 -60.74 15.67 -0.48
C LYS A 977 -60.40 14.92 -1.74
N ASP A 978 -60.97 13.74 -1.91
CA ASP A 978 -60.80 13.05 -3.17
C ASP A 978 -61.21 13.93 -4.33
N LEU A 979 -62.37 14.54 -4.21
CA LEU A 979 -62.98 15.14 -5.38
C LEU A 979 -62.32 16.44 -5.74
N ILE A 980 -62.36 17.40 -4.83
CA ILE A 980 -61.53 18.57 -5.01
C ILE A 980 -60.11 18.18 -5.34
N GLY A 981 -59.70 16.96 -4.98
CA GLY A 981 -58.41 16.46 -5.34
C GLY A 981 -58.24 16.40 -6.84
N LYS A 982 -59.32 16.19 -7.54
CA LYS A 982 -59.28 16.14 -8.99
C LYS A 982 -60.65 16.53 -9.49
N ASN A 983 -60.74 17.59 -10.29
CA ASN A 983 -62.03 17.83 -10.91
C ASN A 983 -62.39 16.57 -11.63
N VAL A 984 -63.38 15.88 -11.08
CA VAL A 984 -63.92 14.75 -11.81
C VAL A 984 -64.35 15.18 -13.19
N TYR A 985 -64.78 16.42 -13.33
CA TYR A 985 -65.21 16.91 -14.62
C TYR A 985 -64.00 17.13 -15.50
N PRO A 986 -64.17 17.13 -16.82
CA PRO A 986 -63.12 17.64 -17.68
C PRO A 986 -63.00 19.13 -17.47
N GLY A 987 -61.79 19.64 -17.66
CA GLY A 987 -61.59 21.07 -17.54
C GLY A 987 -62.54 21.84 -18.44
N ASP A 988 -62.50 23.15 -18.29
CA ASP A 988 -63.35 24.16 -18.93
C ASP A 988 -64.68 24.27 -18.25
N TRP A 989 -65.00 23.40 -17.32
CA TRP A 989 -66.36 23.48 -16.86
C TRP A 989 -66.33 24.37 -15.66
N MET A 990 -65.61 25.48 -15.82
CA MET A 990 -65.60 26.49 -14.78
C MET A 990 -67.01 26.76 -14.30
N ALA A 991 -67.96 26.78 -15.21
CA ALA A 991 -69.34 26.78 -14.76
C ALA A 991 -69.55 25.66 -13.75
N MET A 992 -69.39 24.43 -14.19
CA MET A 992 -69.53 23.37 -13.24
C MET A 992 -68.47 23.48 -12.18
N SER A 993 -67.24 23.20 -12.57
CA SER A 993 -66.15 23.10 -11.61
C SER A 993 -66.31 24.11 -10.50
N MET A 994 -66.59 25.34 -10.88
CA MET A 994 -66.94 26.32 -9.89
C MET A 994 -68.14 25.87 -9.07
N VAL A 995 -69.30 25.69 -9.70
CA VAL A 995 -70.47 25.49 -8.86
C VAL A 995 -70.32 24.27 -8.00
N GLN A 996 -69.58 23.30 -8.50
CA GLN A 996 -69.05 22.30 -7.61
C GLN A 996 -68.52 22.99 -6.38
N ASN A 997 -67.57 23.87 -6.57
CA ASN A 997 -66.93 24.46 -5.40
C ASN A 997 -67.93 25.20 -4.54
N ARG A 998 -68.87 25.89 -5.18
CA ARG A 998 -70.00 26.42 -4.46
C ARG A 998 -70.57 25.42 -3.50
N VAL A 999 -71.15 24.38 -4.07
CA VAL A 999 -72.00 23.56 -3.27
C VAL A 999 -71.17 22.82 -2.27
N PHE A 1000 -69.96 22.54 -2.62
CA PHE A 1000 -69.11 21.96 -1.63
C PHE A 1000 -69.01 22.90 -0.46
N LEU A 1001 -68.85 24.19 -0.75
CA LEU A 1001 -68.83 25.18 0.29
C LEU A 1001 -70.09 25.14 1.12
N ARG A 1002 -71.22 25.28 0.44
CA ARG A 1002 -72.52 24.98 1.03
C ARG A 1002 -72.38 23.90 2.07
N ALA A 1003 -71.92 22.74 1.63
CA ALA A 1003 -71.81 21.58 2.50
C ALA A 1003 -70.98 21.91 3.70
N ILE A 1004 -69.76 22.34 3.46
CA ILE A 1004 -68.84 22.59 4.53
C ILE A 1004 -69.51 23.43 5.59
N ASN A 1005 -69.96 24.59 5.18
CA ASN A 1005 -70.60 25.54 6.06
C ASN A 1005 -71.63 24.85 6.94
N LYS A 1006 -72.54 24.11 6.32
CA LYS A 1006 -73.50 23.37 7.11
C LYS A 1006 -72.78 22.56 8.16
N PHE A 1007 -71.74 21.86 7.72
CA PHE A 1007 -71.16 20.84 8.56
C PHE A 1007 -70.36 21.44 9.67
N ALA A 1008 -69.64 22.48 9.36
CA ALA A 1008 -69.08 23.32 10.40
C ALA A 1008 -70.14 23.63 11.44
N GLU A 1009 -71.20 24.33 11.02
CA GLU A 1009 -72.25 24.73 11.96
C GLU A 1009 -72.59 23.60 12.90
N THR A 1010 -72.92 22.46 12.33
CA THR A 1010 -73.24 21.31 13.13
C THR A 1010 -72.15 21.04 14.14
N MET A 1011 -71.00 20.62 13.65
CA MET A 1011 -69.95 20.15 14.54
C MET A 1011 -69.69 21.17 15.62
N ASN A 1012 -69.93 22.44 15.30
CA ASN A 1012 -69.89 23.46 16.32
C ASN A 1012 -70.87 23.13 17.42
N GLN A 1013 -72.16 23.08 17.09
CA GLN A 1013 -73.05 22.97 18.21
C GLN A 1013 -72.85 21.59 18.81
N LYS A 1014 -72.39 20.62 18.01
CA LYS A 1014 -72.26 19.30 18.58
C LYS A 1014 -70.81 18.95 18.90
N PHE A 1015 -69.94 18.94 17.89
CA PHE A 1015 -68.70 18.20 18.04
C PHE A 1015 -67.74 18.89 18.98
N LEU A 1016 -67.93 20.19 19.15
CA LEU A 1016 -67.04 20.97 19.99
C LEU A 1016 -67.36 20.74 21.45
N GLU A 1017 -66.77 21.56 22.30
CA GLU A 1017 -67.05 21.62 23.73
C GLU A 1017 -66.77 20.30 24.43
N HIS A 1018 -65.64 19.67 24.14
CA HIS A 1018 -65.18 18.35 24.54
C HIS A 1018 -66.26 17.35 24.20
N THR A 1019 -67.37 17.79 23.63
CA THR A 1019 -68.51 16.90 23.59
C THR A 1019 -68.20 15.73 22.68
N ASN A 1020 -68.02 16.00 21.39
CA ASN A 1020 -67.22 15.13 20.53
C ASN A 1020 -65.76 15.53 20.61
N PHE A 1021 -65.46 16.53 21.41
CA PHE A 1021 -64.17 17.16 21.54
C PHE A 1021 -63.77 17.70 20.17
N GLU A 1022 -64.63 17.60 19.16
CA GLU A 1022 -64.39 18.15 17.84
C GLU A 1022 -63.03 17.75 17.31
N PHE A 1023 -62.79 16.46 17.23
CA PHE A 1023 -61.37 16.13 17.26
C PHE A 1023 -60.76 15.72 15.95
N GLN A 1024 -61.21 14.60 15.44
CA GLN A 1024 -60.37 13.99 14.44
C GLN A 1024 -60.95 14.31 13.10
N LEU A 1025 -62.27 14.21 13.03
CA LEU A 1025 -62.94 14.90 11.97
C LEU A 1025 -62.36 16.28 11.80
N TRP A 1026 -62.50 17.12 12.82
CA TRP A 1026 -62.06 18.49 12.74
C TRP A 1026 -60.70 18.61 12.10
N ASN A 1027 -59.77 17.81 12.59
CA ASN A 1027 -58.49 17.69 11.93
C ASN A 1027 -58.65 17.54 10.43
N ASN A 1028 -59.36 16.50 10.01
CA ASN A 1028 -59.57 16.28 8.59
C ASN A 1028 -60.26 17.47 7.95
N TYR A 1029 -61.28 17.99 8.60
CA TYR A 1029 -61.99 19.15 8.10
C TYR A 1029 -61.03 20.23 7.69
N PHE A 1030 -60.09 20.48 8.55
CA PHE A 1030 -59.11 21.51 8.28
C PHE A 1030 -58.36 21.12 7.03
N HIS A 1031 -57.99 19.85 7.00
CA HIS A 1031 -57.18 19.35 5.91
C HIS A 1031 -57.90 19.61 4.60
N LEU A 1032 -59.20 19.41 4.60
CA LEU A 1032 -59.96 19.67 3.39
C LEU A 1032 -60.14 21.15 3.15
N ALA A 1033 -60.59 21.89 4.16
CA ALA A 1033 -60.69 23.33 4.01
C ALA A 1033 -59.53 23.85 3.18
N VAL A 1034 -58.33 23.44 3.53
CA VAL A 1034 -57.21 23.80 2.69
C VAL A 1034 -57.37 23.19 1.32
N ALA A 1035 -57.53 21.86 1.27
CA ALA A 1035 -57.50 21.16 -0.02
C ALA A 1035 -58.39 21.84 -1.02
N PHE A 1036 -59.60 22.20 -0.60
CA PHE A 1036 -60.39 23.18 -1.29
C PHE A 1036 -59.54 24.36 -1.70
N ILE A 1037 -59.09 25.13 -0.71
CA ILE A 1037 -58.69 26.48 -1.02
C ILE A 1037 -57.43 26.48 -1.84
N THR A 1038 -56.87 25.31 -2.07
CA THR A 1038 -55.91 25.15 -3.15
C THR A 1038 -56.58 25.35 -4.47
N GLN A 1039 -57.81 24.95 -4.58
CA GLN A 1039 -58.31 24.70 -5.90
C GLN A 1039 -59.74 25.21 -6.09
N ASP A 1040 -59.96 26.51 -5.89
CA ASP A 1040 -61.16 27.15 -6.47
C ASP A 1040 -61.01 27.22 -7.99
N SER A 1041 -60.74 26.03 -8.55
CA SER A 1041 -60.14 25.82 -9.85
C SER A 1041 -58.75 26.41 -9.88
N LEU A 1042 -58.54 27.32 -8.93
CA LEU A 1042 -57.44 28.24 -8.77
C LEU A 1042 -57.87 29.07 -7.60
N GLN A 1043 -56.98 29.75 -6.93
CA GLN A 1043 -57.51 30.90 -6.22
C GLN A 1043 -57.54 31.99 -7.27
N LEU A 1044 -57.49 33.22 -6.84
CA LEU A 1044 -57.39 34.35 -7.72
C LEU A 1044 -56.10 34.22 -8.53
N GLU A 1045 -55.81 35.23 -9.34
CA GLU A 1045 -54.52 35.40 -10.00
C GLU A 1045 -54.40 34.53 -11.22
N GLN A 1046 -55.50 34.22 -11.87
CA GLN A 1046 -55.48 33.82 -13.26
C GLN A 1046 -56.56 34.64 -13.89
N PHE A 1047 -56.64 34.66 -15.22
CA PHE A 1047 -57.83 35.18 -15.87
C PHE A 1047 -58.04 36.66 -15.57
N SER A 1048 -56.94 37.41 -15.50
CA SER A 1048 -56.77 38.53 -14.57
C SER A 1048 -57.95 39.47 -14.52
N HIS A 1049 -58.09 40.23 -15.59
CA HIS A 1049 -59.30 40.94 -15.90
C HIS A 1049 -59.96 40.20 -17.04
N ALA A 1050 -59.21 39.34 -17.71
CA ALA A 1050 -59.75 38.50 -18.76
C ALA A 1050 -60.98 37.76 -18.26
N LYS A 1051 -60.79 36.90 -17.28
CA LYS A 1051 -61.90 36.03 -16.95
C LYS A 1051 -62.34 36.19 -15.51
N TYR A 1052 -61.39 36.37 -14.61
CA TYR A 1052 -61.67 36.67 -13.23
C TYR A 1052 -62.87 37.56 -13.07
N ASN A 1053 -62.91 38.62 -13.84
CA ASN A 1053 -63.96 39.61 -13.72
C ASN A 1053 -65.32 38.96 -13.55
N LYS A 1054 -65.80 38.24 -14.55
CA LYS A 1054 -67.14 37.70 -14.41
C LYS A 1054 -67.15 36.75 -13.24
N ILE A 1055 -66.01 36.11 -13.03
CA ILE A 1055 -65.97 35.04 -12.06
C ILE A 1055 -66.36 35.59 -10.71
N LEU A 1056 -65.48 36.43 -10.18
CA LEU A 1056 -65.78 37.21 -8.99
C LEU A 1056 -67.21 37.68 -9.03
N ASN A 1057 -67.65 38.19 -10.17
CA ASN A 1057 -69.00 38.71 -10.24
C ASN A 1057 -70.00 37.64 -9.82
N LYS A 1058 -70.08 36.58 -10.58
CA LYS A 1058 -70.98 35.49 -10.24
C LYS A 1058 -70.40 34.63 -9.13
N TYR A 1059 -69.11 34.74 -8.87
CA TYR A 1059 -68.54 34.22 -7.63
C TYR A 1059 -67.12 34.70 -7.39
N GLY A 1060 -66.89 35.30 -6.23
CA GLY A 1060 -65.55 35.49 -5.71
C GLY A 1060 -65.54 35.34 -4.21
N ASP A 1061 -64.35 35.49 -3.61
CA ASP A 1061 -64.21 35.66 -2.16
C ASP A 1061 -64.46 34.36 -1.40
N MET A 1062 -64.39 33.25 -2.09
CA MET A 1062 -64.40 31.97 -1.41
C MET A 1062 -63.37 31.95 -0.29
N ARG A 1063 -62.16 32.40 -0.59
CA ARG A 1063 -61.13 32.39 0.43
C ARG A 1063 -61.66 32.95 1.71
N ARG A 1064 -62.31 34.12 1.65
CA ARG A 1064 -62.62 34.86 2.86
C ARG A 1064 -63.32 33.96 3.84
N LEU A 1065 -64.55 33.60 3.52
CA LEU A 1065 -65.33 32.78 4.40
C LEU A 1065 -64.62 31.49 4.71
N ILE A 1066 -63.72 31.05 3.82
CA ILE A 1066 -62.97 29.86 4.20
C ILE A 1066 -62.17 30.13 5.46
N GLY A 1067 -61.30 31.12 5.40
CA GLY A 1067 -60.56 31.47 6.60
C GLY A 1067 -61.50 31.77 7.75
N PHE A 1068 -62.65 32.32 7.45
CA PHE A 1068 -63.54 32.72 8.51
C PHE A 1068 -64.09 31.51 9.23
N SER A 1069 -64.35 30.47 8.47
CA SER A 1069 -64.51 29.17 9.07
C SER A 1069 -63.34 28.92 9.99
N ILE A 1070 -62.14 29.13 9.48
CA ILE A 1070 -60.99 28.94 10.33
C ILE A 1070 -61.03 29.90 11.51
N ARG A 1071 -61.85 30.93 11.45
CA ARG A 1071 -62.01 31.78 12.63
C ARG A 1071 -62.92 31.10 13.63
N ASP A 1072 -63.90 30.40 13.09
CA ASP A 1072 -64.72 29.55 13.94
C ASP A 1072 -63.86 28.51 14.62
N MET A 1073 -63.10 27.76 13.81
CA MET A 1073 -61.92 27.07 14.29
C MET A 1073 -61.24 27.84 15.38
N TRP A 1074 -60.93 29.08 15.10
CA TRP A 1074 -60.06 29.85 15.97
C TRP A 1074 -60.65 29.98 17.35
N TYR A 1075 -61.93 30.27 17.44
CA TYR A 1075 -62.45 30.29 18.80
C TYR A 1075 -62.47 28.89 19.35
N LYS A 1076 -62.57 27.91 18.47
CA LYS A 1076 -62.74 26.55 18.95
C LYS A 1076 -61.51 26.00 19.65
N LEU A 1077 -60.46 26.78 19.80
CA LEU A 1077 -59.20 26.19 20.20
C LEU A 1077 -59.09 26.10 21.72
N GLY A 1078 -59.92 25.24 22.29
CA GLY A 1078 -59.79 24.94 23.69
C GLY A 1078 -58.62 24.03 23.81
N GLN A 1079 -58.56 23.06 22.91
CA GLN A 1079 -57.38 22.26 22.69
C GLN A 1079 -57.20 22.12 21.18
N ASN A 1080 -56.33 22.97 20.65
CA ASN A 1080 -55.86 22.78 19.29
C ASN A 1080 -54.46 22.24 19.31
N LYS A 1081 -53.81 22.38 20.46
CA LYS A 1081 -52.58 21.73 20.86
C LYS A 1081 -52.43 20.47 20.06
N ILE A 1082 -53.50 19.70 20.15
CA ILE A 1082 -53.69 18.52 19.34
C ILE A 1082 -53.52 18.85 17.87
N CYS A 1083 -54.39 19.67 17.32
CA CYS A 1083 -54.43 19.86 15.89
C CYS A 1083 -53.20 20.57 15.40
N PHE A 1084 -52.25 20.83 16.28
CA PHE A 1084 -51.37 21.95 16.06
C PHE A 1084 -50.41 21.68 14.92
N ILE A 1085 -49.52 20.73 15.13
CA ILE A 1085 -48.33 20.63 14.30
C ILE A 1085 -48.71 20.62 12.83
N PRO A 1086 -49.46 19.66 12.35
CA PRO A 1086 -49.84 19.72 10.94
C PRO A 1086 -50.87 20.81 10.73
N GLY A 1087 -51.76 20.96 11.70
CA GLY A 1087 -52.88 21.85 11.53
C GLY A 1087 -52.47 23.30 11.37
N MET A 1088 -51.18 23.56 11.25
CA MET A 1088 -50.74 24.85 10.72
C MET A 1088 -50.29 24.73 9.27
N VAL A 1089 -49.84 23.54 8.87
CA VAL A 1089 -49.39 23.35 7.49
C VAL A 1089 -50.40 23.92 6.52
N GLY A 1090 -51.63 23.47 6.62
CA GLY A 1090 -52.67 24.16 5.92
C GLY A 1090 -52.62 25.65 6.17
N PRO A 1091 -52.94 26.09 7.38
CA PRO A 1091 -52.98 27.51 7.66
C PRO A 1091 -51.78 28.23 7.12
N ILE A 1092 -50.63 27.59 7.16
CA ILE A 1092 -49.54 28.10 6.37
C ILE A 1092 -49.98 28.26 4.94
N LEU A 1093 -50.51 27.20 4.37
CA LEU A 1093 -50.65 27.17 2.92
C LEU A 1093 -51.65 28.20 2.46
N GLU A 1094 -52.89 28.08 2.95
CA GLU A 1094 -53.86 29.15 2.79
C GLU A 1094 -53.24 30.49 3.12
N MET A 1095 -52.34 30.52 4.08
CA MET A 1095 -51.77 31.77 4.50
C MET A 1095 -50.78 32.27 3.48
N THR A 1096 -50.84 31.76 2.27
CA THR A 1096 -50.12 32.30 1.14
C THR A 1096 -51.13 32.74 0.08
N LEU A 1097 -50.60 33.42 -0.94
CA LEU A 1097 -51.17 33.58 -2.27
C LEU A 1097 -52.21 34.65 -2.54
N ILE A 1098 -52.69 35.31 -1.51
CA ILE A 1098 -53.51 36.48 -1.79
C ILE A 1098 -53.58 37.33 -0.54
N PRO A 1099 -52.98 38.49 -0.55
CA PRO A 1099 -52.86 39.27 0.67
C PRO A 1099 -54.16 39.32 1.47
N GLU A 1100 -55.25 39.40 0.72
CA GLU A 1100 -56.55 39.28 1.34
C GLU A 1100 -56.56 38.14 2.33
N ALA A 1101 -56.10 36.97 1.93
CA ALA A 1101 -56.23 35.83 2.82
C ALA A 1101 -55.39 36.03 4.07
N GLU A 1102 -54.09 36.05 3.93
CA GLU A 1102 -53.25 36.22 5.11
C GLU A 1102 -53.60 37.47 5.86
N LEU A 1103 -54.27 38.42 5.19
CA LEU A 1103 -54.78 39.57 5.91
C LEU A 1103 -55.53 39.05 7.11
N ARG A 1104 -56.07 37.85 6.98
CA ARG A 1104 -56.36 37.03 8.13
C ARG A 1104 -55.21 36.05 8.29
N LYS A 1105 -54.32 36.36 9.22
CA LYS A 1105 -53.41 35.33 9.73
C LYS A 1105 -53.46 35.35 11.25
N ALA A 1106 -54.45 36.00 11.84
CA ALA A 1106 -54.50 36.23 13.28
C ALA A 1106 -54.67 34.97 14.08
N THR A 1107 -54.77 33.80 13.47
CA THR A 1107 -54.79 32.60 14.30
C THR A 1107 -53.38 32.20 14.62
N ILE A 1108 -52.59 32.02 13.58
CA ILE A 1108 -51.19 31.64 13.73
C ILE A 1108 -50.60 32.22 15.01
N PRO A 1109 -50.69 33.53 15.25
CA PRO A 1109 -50.31 34.03 16.56
C PRO A 1109 -50.92 33.28 17.70
N ILE A 1110 -52.24 33.13 17.71
CA ILE A 1110 -52.85 32.58 18.89
C ILE A 1110 -52.43 31.14 19.06
N PHE A 1111 -52.30 30.44 17.95
CA PHE A 1111 -51.59 29.18 17.94
C PHE A 1111 -50.26 29.33 18.66
N PHE A 1112 -49.51 30.38 18.35
CA PHE A 1112 -48.23 30.56 19.01
C PHE A 1112 -48.42 30.82 20.49
N ASP A 1113 -49.41 31.61 20.82
CA ASP A 1113 -49.61 32.02 22.19
C ASP A 1113 -49.95 30.83 23.05
N MET A 1114 -51.03 30.16 22.69
CA MET A 1114 -51.32 28.85 23.22
C MET A 1114 -50.04 28.03 23.35
N MET A 1115 -49.25 27.98 22.28
CA MET A 1115 -48.00 27.23 22.37
C MET A 1115 -47.21 27.69 23.57
N LEU A 1116 -46.97 28.99 23.70
CA LEU A 1116 -46.25 29.48 24.86
C LEU A 1116 -46.96 29.08 26.15
N CYS A 1117 -48.28 28.96 26.09
CA CYS A 1117 -49.01 28.50 27.24
C CYS A 1117 -48.87 27.00 27.36
N ASP A 1124 -44.63 24.96 27.33
CA ASP A 1124 -44.17 25.99 26.41
C ASP A 1124 -44.49 25.61 24.96
N PHE A 1125 -43.67 26.08 24.01
CA PHE A 1125 -44.20 26.66 22.79
C PHE A 1125 -43.63 26.07 21.50
N LYS A 1126 -42.32 25.78 21.47
CA LYS A 1126 -41.54 25.74 20.24
C LYS A 1126 -42.13 24.87 19.16
N LYS A 1127 -42.96 23.92 19.55
CA LYS A 1127 -43.68 23.12 18.57
C LYS A 1127 -44.14 24.00 17.44
N PHE A 1128 -44.83 25.09 17.78
CA PHE A 1128 -45.19 26.10 16.81
C PHE A 1128 -44.02 26.37 15.90
N GLU A 1129 -42.99 27.00 16.44
CA GLU A 1129 -41.74 27.15 15.73
C GLU A 1129 -41.41 25.89 14.98
N ASN A 1130 -41.23 24.81 15.74
CA ASN A 1130 -40.93 23.53 15.14
C ASN A 1130 -41.82 23.28 13.96
N GLU A 1131 -43.09 23.05 14.27
CA GLU A 1131 -44.04 22.59 13.26
C GLU A 1131 -43.94 23.45 12.04
N ILE A 1132 -43.75 24.74 12.25
CA ILE A 1132 -44.01 25.65 11.15
C ILE A 1132 -42.92 25.53 10.12
N ILE A 1133 -41.69 25.61 10.57
CA ILE A 1133 -40.66 26.04 9.65
C ILE A 1133 -40.54 25.05 8.52
N LEU A 1134 -40.34 23.81 8.88
CA LEU A 1134 -40.26 22.74 7.93
C LEU A 1134 -41.24 22.94 6.79
N LYS A 1135 -42.53 23.10 7.09
CA LYS A 1135 -43.46 23.22 5.99
C LYS A 1135 -43.19 24.50 5.26
N LEU A 1136 -43.17 25.60 6.02
CA LEU A 1136 -42.60 26.85 5.56
C LEU A 1136 -41.49 26.57 4.60
N ASP A 1137 -40.50 25.83 5.11
CA ASP A 1137 -39.31 25.50 4.34
C ASP A 1137 -39.73 25.02 2.97
N HIS A 1138 -40.27 23.82 2.96
CA HIS A 1138 -40.58 23.16 1.72
C HIS A 1138 -41.63 23.92 0.98
N GLU A 1139 -42.47 24.65 1.72
CA GLU A 1139 -43.54 25.35 1.04
C GLU A 1139 -42.98 26.14 -0.11
N VAL A 1140 -41.96 26.93 0.17
CA VAL A 1140 -41.59 27.94 -0.81
C VAL A 1140 -40.95 27.31 -2.02
N GLU A 1141 -40.70 26.00 -1.97
CA GLU A 1141 -40.19 25.28 -3.12
C GLU A 1141 -40.99 25.62 -4.36
N GLY A 1142 -42.25 25.27 -4.36
CA GLY A 1142 -43.09 25.47 -5.53
C GLY A 1142 -44.11 26.55 -5.27
N GLY A 1143 -44.07 27.57 -6.08
CA GLY A 1143 -45.12 28.57 -6.10
C GLY A 1143 -44.82 29.71 -5.15
N ARG A 1144 -45.31 29.59 -3.92
CA ARG A 1144 -45.94 30.72 -3.26
C ARG A 1144 -45.25 32.04 -3.58
N GLY A 1145 -44.00 32.19 -3.22
CA GLY A 1145 -43.44 33.51 -3.36
C GLY A 1145 -44.03 34.42 -2.31
N ASP A 1146 -44.80 35.42 -2.73
CA ASP A 1146 -45.45 36.36 -1.82
C ASP A 1146 -44.44 37.16 -1.03
N GLU A 1147 -43.71 38.03 -1.72
CA GLU A 1147 -42.88 38.98 -1.04
C GLU A 1147 -43.57 39.56 0.18
N GLN A 1148 -44.79 40.07 0.02
CA GLN A 1148 -45.41 40.89 1.05
C GLN A 1148 -45.67 40.10 2.31
N TYR A 1149 -45.26 38.85 2.32
CA TYR A 1149 -45.58 37.95 3.40
C TYR A 1149 -45.09 38.48 4.72
N MET A 1150 -43.80 38.42 4.93
CA MET A 1150 -43.27 38.87 6.20
C MET A 1150 -43.71 40.28 6.49
N GLN A 1151 -43.85 41.07 5.43
CA GLN A 1151 -44.30 42.44 5.59
C GLN A 1151 -45.49 42.48 6.50
N LEU A 1152 -46.59 41.90 6.05
CA LEU A 1152 -47.74 41.93 6.93
C LEU A 1152 -47.46 41.16 8.19
N LEU A 1153 -46.65 40.13 8.08
CA LEU A 1153 -46.41 39.27 9.23
C LEU A 1153 -45.98 40.08 10.41
N GLU A 1154 -44.77 40.61 10.30
CA GLU A 1154 -44.11 41.31 11.38
C GLU A 1154 -45.11 42.11 12.15
N SER A 1155 -45.96 42.83 11.45
CA SER A 1155 -46.99 43.60 12.09
C SER A 1155 -47.87 42.71 12.92
N ILE A 1156 -48.69 41.92 12.23
CA ILE A 1156 -49.74 41.24 12.93
C ILE A 1156 -49.15 40.60 14.13
N LEU A 1157 -48.06 39.93 13.88
CA LEU A 1157 -47.34 39.25 14.92
C LEU A 1157 -47.04 40.20 16.05
N MET A 1158 -46.57 41.39 15.72
CA MET A 1158 -46.12 42.28 16.77
C MET A 1158 -47.27 42.70 17.64
N GLU A 1159 -48.44 42.81 17.06
CA GLU A 1159 -49.55 43.16 17.92
C GLU A 1159 -50.07 41.99 18.71
N CYS A 1160 -50.19 40.82 18.10
CA CYS A 1160 -50.57 39.68 18.95
C CYS A 1160 -49.59 39.54 20.08
N ALA A 1161 -48.33 39.77 19.79
CA ALA A 1161 -47.35 40.02 20.81
C ALA A 1161 -47.86 41.06 21.78
N ALA A 1162 -48.23 42.23 21.31
CA ALA A 1162 -48.73 43.22 22.22
C ALA A 1162 -49.96 42.66 22.90
N GLU A 1163 -50.43 43.34 23.94
CA GLU A 1163 -51.56 42.90 24.76
C GLU A 1163 -51.19 41.63 25.50
N HIS A 1164 -49.94 41.21 25.30
CA HIS A 1164 -49.46 39.93 25.74
C HIS A 1164 -47.97 40.06 25.99
N PRO A 1165 -47.55 40.82 26.99
CA PRO A 1165 -46.22 41.44 26.89
C PRO A 1165 -45.09 40.48 27.12
N THR A 1166 -45.20 39.58 28.09
CA THR A 1166 -44.23 38.50 28.16
C THR A 1166 -44.36 37.64 26.93
N ILE A 1167 -45.59 37.26 26.63
CA ILE A 1167 -45.82 36.67 25.34
C ILE A 1167 -45.27 37.57 24.26
N ALA A 1168 -45.61 38.86 24.28
CA ALA A 1168 -44.99 39.77 23.32
C ALA A 1168 -43.52 39.52 23.21
N LYS A 1169 -42.88 39.11 24.28
CA LYS A 1169 -41.47 38.83 24.24
C LYS A 1169 -41.21 37.47 23.63
N SER A 1170 -41.88 36.46 24.16
CA SER A 1170 -41.87 35.15 23.53
C SER A 1170 -42.07 35.29 22.02
N VAL A 1171 -43.17 35.93 21.65
CA VAL A 1171 -43.47 36.27 20.26
C VAL A 1171 -42.26 36.93 19.63
N GLU A 1172 -41.89 38.11 20.09
CA GLU A 1172 -40.78 38.82 19.49
C GLU A 1172 -39.65 37.88 19.14
N ASN A 1173 -39.36 36.92 20.00
CA ASN A 1173 -38.50 35.83 19.57
C ASN A 1173 -39.10 35.08 18.41
N PHE A 1174 -40.35 34.73 18.55
CA PHE A 1174 -41.02 34.05 17.46
C PHE A 1174 -40.86 34.85 16.20
N VAL A 1175 -41.16 36.13 16.29
CA VAL A 1175 -41.18 36.97 15.11
C VAL A 1175 -39.78 37.04 14.55
N ASN A 1176 -38.89 37.78 15.21
CA ASN A 1176 -37.57 38.03 14.68
C ASN A 1176 -37.01 36.74 14.12
N LEU A 1177 -37.23 35.66 14.85
CA LEU A 1177 -36.79 34.38 14.39
C LEU A 1177 -37.44 34.06 13.07
N VAL A 1178 -38.74 33.85 13.11
CA VAL A 1178 -39.53 33.53 11.95
C VAL A 1178 -39.31 34.58 10.89
N LYS A 1179 -38.75 35.70 11.29
CA LYS A 1179 -38.87 36.91 10.52
C LYS A 1179 -37.67 37.11 9.64
N GLY A 1180 -36.49 37.23 10.27
CA GLY A 1180 -35.30 36.96 9.51
C GLY A 1180 -35.47 35.67 8.77
N LEU A 1181 -36.20 34.74 9.35
CA LEU A 1181 -36.33 33.44 8.76
C LEU A 1181 -36.96 33.50 7.38
N LEU A 1182 -38.23 33.82 7.31
CA LEU A 1182 -38.84 33.98 6.02
C LEU A 1182 -38.05 34.93 5.17
N GLU A 1183 -37.55 35.99 5.79
CA GLU A 1183 -36.72 36.96 5.11
C GLU A 1183 -35.66 36.23 4.34
N LYS A 1184 -35.28 35.06 4.83
CA LYS A 1184 -34.33 34.22 4.13
C LYS A 1184 -35.05 33.46 3.06
N LEU A 1185 -36.24 33.03 3.41
CA LEU A 1185 -36.80 31.97 2.62
C LEU A 1185 -37.31 32.51 1.31
N LEU A 1186 -38.13 33.56 1.35
CA LEU A 1186 -38.40 34.29 0.12
C LEU A 1186 -37.15 34.61 -0.65
N ASP A 1187 -36.06 34.85 0.04
CA ASP A 1187 -34.87 35.01 -0.75
C ASP A 1187 -34.66 33.81 -1.65
N TYR A 1188 -34.61 32.62 -1.07
CA TYR A 1188 -34.36 31.52 -1.98
C TYR A 1188 -35.45 31.43 -3.02
N ARG A 1189 -36.68 31.73 -2.61
CA ARG A 1189 -37.78 31.75 -3.55
C ARG A 1189 -37.45 32.54 -4.79
N GLY A 1190 -37.20 33.83 -4.61
CA GLY A 1190 -36.89 34.66 -5.76
C GLY A 1190 -35.74 34.06 -6.55
N VAL A 1191 -34.72 33.61 -5.85
CA VAL A 1191 -33.49 33.31 -6.51
C VAL A 1191 -33.56 31.97 -7.21
N MET A 1192 -34.35 31.06 -6.69
CA MET A 1192 -34.27 29.72 -7.23
C MET A 1192 -34.70 29.71 -8.68
N THR A 1193 -33.72 29.76 -9.60
CA THR A 1193 -34.05 29.89 -11.00
C THR A 1193 -32.79 30.01 -11.85
N ASP A 1194 -32.91 29.58 -13.12
CA ASP A 1194 -32.19 30.06 -14.31
C ASP A 1194 -30.74 29.64 -14.56
N GLU A 1195 -30.20 28.76 -13.72
CA GLU A 1195 -28.89 28.13 -13.86
C GLU A 1195 -27.72 29.09 -13.61
N SER A 1196 -27.93 30.39 -13.67
CA SER A 1196 -27.56 31.31 -12.60
C SER A 1196 -26.56 30.80 -11.59
N LYS A 1197 -25.62 29.95 -11.96
CA LYS A 1197 -25.13 29.02 -10.96
C LYS A 1197 -24.78 29.74 -9.70
N ASP A 1198 -24.40 30.99 -9.86
CA ASP A 1198 -24.35 31.86 -8.73
C ASP A 1198 -25.51 31.70 -7.79
N ASN A 1199 -26.64 32.24 -8.17
CA ASN A 1199 -27.62 32.44 -7.14
C ASN A 1199 -28.08 31.10 -6.65
N ARG A 1200 -28.36 30.21 -7.58
CA ARG A 1200 -28.65 28.85 -7.21
C ARG A 1200 -27.70 28.42 -6.13
N MET A 1201 -26.42 28.49 -6.38
CA MET A 1201 -25.54 27.94 -5.40
C MET A 1201 -25.47 28.79 -4.15
N SER A 1202 -25.01 30.01 -4.27
CA SER A 1202 -24.92 30.83 -3.08
C SER A 1202 -26.15 30.72 -2.21
N CYS A 1203 -27.29 31.08 -2.78
CA CYS A 1203 -28.52 31.05 -2.03
C CYS A 1203 -28.71 29.69 -1.41
N THR A 1204 -28.26 28.69 -2.11
CA THR A 1204 -28.30 27.39 -1.49
C THR A 1204 -27.46 27.39 -0.25
N VAL A 1205 -26.23 27.83 -0.38
CA VAL A 1205 -25.37 27.97 0.77
C VAL A 1205 -26.11 28.67 1.86
N ASN A 1206 -26.84 29.68 1.49
CA ASN A 1206 -27.33 30.51 2.54
C ASN A 1206 -28.49 29.85 3.24
N LEU A 1207 -29.55 29.52 2.51
CA LEU A 1207 -30.65 28.81 3.11
C LEU A 1207 -30.09 27.71 3.97
N LEU A 1208 -29.01 27.08 3.51
CA LEU A 1208 -28.27 26.25 4.43
C LEU A 1208 -28.00 27.00 5.70
N ASN A 1209 -27.26 28.06 5.58
CA ASN A 1209 -26.69 28.70 6.73
C ASN A 1209 -27.75 29.28 7.63
N PHE A 1210 -28.90 29.53 7.07
CA PHE A 1210 -30.01 29.80 7.93
C PHE A 1210 -30.44 28.56 8.64
N TYR A 1211 -30.50 27.44 7.96
CA TYR A 1211 -30.82 26.27 8.74
C TYR A 1211 -29.71 25.98 9.72
N LYS A 1212 -28.55 26.56 9.49
CA LYS A 1212 -27.59 26.75 10.54
C LYS A 1212 -28.09 27.68 11.64
N ASP A 1213 -28.51 28.90 11.32
CA ASP A 1213 -28.85 29.85 12.38
C ASP A 1213 -29.88 29.27 13.32
N ASN A 1214 -31.12 29.21 12.85
CA ASN A 1214 -32.18 28.48 13.51
C ASN A 1214 -31.68 27.20 14.11
N ASN A 1215 -30.65 26.62 13.49
CA ASN A 1215 -30.05 25.36 13.85
C ASN A 1215 -30.88 24.18 13.37
N ARG A 1216 -31.68 24.35 12.32
CA ARG A 1216 -32.77 23.41 12.10
C ARG A 1216 -32.37 22.46 10.97
N GLU A 1217 -31.77 21.36 11.38
CA GLU A 1217 -30.81 20.74 10.53
C GLU A 1217 -31.36 19.70 9.58
N GLU A 1218 -32.21 18.80 10.04
CA GLU A 1218 -32.45 17.61 9.24
C GLU A 1218 -33.04 17.94 7.87
N MET A 1219 -33.27 19.20 7.56
CA MET A 1219 -33.46 19.60 6.18
C MET A 1219 -32.20 20.18 5.58
N TYR A 1220 -31.60 21.12 6.31
CA TYR A 1220 -30.28 21.62 6.00
C TYR A 1220 -29.46 20.57 5.34
N ILE A 1221 -29.32 19.46 6.02
CA ILE A 1221 -28.58 18.33 5.52
C ILE A 1221 -29.09 18.11 4.14
N ARG A 1222 -30.38 18.10 3.99
CA ARG A 1222 -30.80 17.47 2.77
C ARG A 1222 -30.71 18.46 1.64
N TYR A 1223 -31.02 19.71 1.94
CA TYR A 1223 -30.58 20.80 1.11
C TYR A 1223 -29.13 20.67 0.78
N LEU A 1224 -28.30 20.65 1.80
CA LEU A 1224 -26.89 20.38 1.60
C LEU A 1224 -26.74 19.41 0.46
N TYR A 1225 -27.43 18.32 0.53
CA TYR A 1225 -27.36 17.41 -0.56
C TYR A 1225 -27.74 18.09 -1.85
N LYS A 1226 -28.94 18.65 -1.90
CA LYS A 1226 -29.43 19.21 -3.14
C LYS A 1226 -28.33 20.03 -3.79
N LEU A 1227 -27.64 20.76 -2.96
CA LEU A 1227 -26.44 21.43 -3.41
C LEU A 1227 -25.44 20.47 -3.96
N ARG A 1228 -24.99 19.53 -3.13
CA ARG A 1228 -24.00 18.58 -3.56
C ARG A 1228 -24.31 18.14 -4.96
N ASP A 1229 -25.58 18.03 -5.25
CA ASP A 1229 -26.03 17.71 -6.59
C ASP A 1229 -25.70 18.83 -7.55
N LEU A 1230 -25.85 20.03 -7.07
CA LEU A 1230 -25.40 21.10 -7.91
C LEU A 1230 -23.96 20.91 -8.27
N HIS A 1231 -23.09 20.81 -7.28
CA HIS A 1231 -21.71 20.43 -7.57
C HIS A 1231 -21.58 19.20 -8.45
N LEU A 1232 -22.54 18.29 -8.38
CA LEU A 1232 -22.48 17.16 -9.28
C LEU A 1232 -22.43 17.67 -10.69
N ASP A 1233 -23.17 18.73 -10.93
CA ASP A 1233 -22.97 19.44 -12.18
C ASP A 1233 -21.55 19.96 -12.25
N CYS A 1234 -21.09 20.54 -11.16
CA CYS A 1234 -19.98 21.49 -11.14
C CYS A 1234 -18.62 20.81 -11.06
N ASP A 1235 -18.56 19.55 -10.65
CA ASP A 1235 -17.31 18.89 -10.38
C ASP A 1235 -16.52 19.66 -9.34
N ASN A 1236 -17.19 20.43 -8.54
CA ASN A 1236 -16.54 20.84 -7.33
C ASN A 1236 -16.73 19.73 -6.34
N TYR A 1237 -16.03 18.64 -6.63
CA TYR A 1237 -15.69 17.69 -5.60
C TYR A 1237 -15.28 18.43 -4.37
N THR A 1238 -14.91 19.68 -4.56
CA THR A 1238 -14.70 20.55 -3.43
C THR A 1238 -15.89 20.53 -2.54
N GLU A 1239 -16.84 21.37 -2.77
CA GLU A 1239 -17.77 21.43 -1.67
C GLU A 1239 -18.76 20.36 -1.80
N ALA A 1240 -18.74 19.70 -2.95
CA ALA A 1240 -19.30 18.39 -3.04
C ALA A 1240 -18.79 17.71 -1.80
N ALA A 1241 -17.50 17.56 -1.71
CA ALA A 1241 -16.98 17.05 -0.47
C ALA A 1241 -17.46 17.87 0.71
N TYR A 1242 -17.09 19.13 0.73
CA TYR A 1242 -17.45 19.98 1.84
C TYR A 1242 -18.90 19.79 2.20
N THR A 1243 -19.76 19.73 1.20
CA THR A 1243 -21.09 19.27 1.49
C THR A 1243 -21.00 18.16 2.49
N LEU A 1244 -20.31 17.10 2.11
CA LEU A 1244 -20.21 15.99 3.00
C LEU A 1244 -19.65 16.41 4.30
N LEU A 1245 -18.80 17.37 4.27
CA LEU A 1245 -17.95 17.52 5.41
C LEU A 1245 -18.68 18.24 6.48
N LEU A 1246 -19.21 19.37 6.13
CA LEU A 1246 -20.23 19.93 6.96
C LEU A 1246 -21.19 18.90 7.42
N HIS A 1247 -21.55 17.98 6.56
CA HIS A 1247 -22.54 17.05 7.04
C HIS A 1247 -21.97 16.36 8.23
N THR A 1248 -20.85 15.71 8.00
CA THR A 1248 -20.15 15.06 9.10
C THR A 1248 -20.14 15.93 10.31
N TRP A 1249 -19.79 17.18 10.09
CA TRP A 1249 -19.48 18.10 11.15
C TRP A 1249 -20.44 17.91 12.29
N LEU A 1250 -21.71 17.68 11.97
CA LEU A 1250 -22.63 17.27 13.01
C LEU A 1250 -22.85 15.77 12.98
N LEU A 1251 -21.78 15.01 12.86
CA LEU A 1251 -21.85 13.65 13.36
C LEU A 1251 -20.88 13.48 14.50
N LYS A 1252 -20.73 12.24 14.96
CA LYS A 1252 -19.99 11.88 16.16
C LYS A 1252 -19.75 10.38 16.11
N TRP A 1253 -18.77 9.90 16.85
CA TRP A 1253 -18.36 8.53 16.58
C TRP A 1253 -19.08 7.49 17.45
N SER A 1254 -20.40 7.28 17.25
CA SER A 1254 -21.18 6.20 17.89
C SER A 1254 -22.51 5.97 17.16
N ASP A 1255 -22.72 4.77 16.60
CA ASP A 1255 -23.89 4.55 15.80
C ASP A 1255 -25.18 4.60 16.61
N GLU A 1256 -26.29 4.72 15.88
CA GLU A 1256 -27.63 4.92 16.41
C GLU A 1256 -28.64 4.30 15.48
N GLN A 1271 -30.09 5.18 11.35
CA GLN A 1271 -29.40 3.92 11.55
C GLN A 1271 -27.99 4.14 12.05
N THR A 1272 -27.08 3.32 11.58
CA THR A 1272 -25.81 3.15 12.27
C THR A 1272 -25.08 4.47 12.22
N HIS A 1273 -25.33 5.28 13.22
CA HIS A 1273 -24.98 6.68 13.19
C HIS A 1273 -23.59 6.93 12.67
N ARG A 1274 -22.57 6.62 13.45
CA ARG A 1274 -21.30 7.09 12.98
C ARG A 1274 -20.79 6.17 11.91
N GLN A 1275 -21.38 5.01 11.82
CA GLN A 1275 -21.03 4.26 10.66
C GLN A 1275 -21.45 4.96 9.40
N LEU A 1276 -22.71 5.29 9.31
CA LEU A 1276 -23.13 6.08 8.18
C LEU A 1276 -22.26 7.31 8.05
N LYS A 1277 -21.77 7.85 9.17
CA LYS A 1277 -20.77 8.91 9.08
C LYS A 1277 -19.62 8.51 8.19
N GLU A 1278 -18.97 7.42 8.52
CA GLU A 1278 -17.98 6.97 7.57
C GLU A 1278 -18.56 7.00 6.18
N THR A 1279 -19.73 6.38 6.00
CA THR A 1279 -20.22 6.16 4.65
C THR A 1279 -20.09 7.43 3.86
N LEU A 1280 -20.52 8.48 4.49
CA LEU A 1280 -20.14 9.80 4.09
C LEU A 1280 -18.66 9.86 3.69
N TYR A 1281 -17.75 9.66 4.64
CA TYR A 1281 -16.35 9.94 4.31
C TYR A 1281 -15.97 9.25 3.05
N GLU A 1282 -16.47 8.07 2.87
CA GLU A 1282 -16.27 7.43 1.61
C GLU A 1282 -16.56 8.39 0.50
N THR A 1283 -17.81 8.77 0.43
CA THR A 1283 -18.24 9.54 -0.71
C THR A 1283 -17.33 10.74 -0.87
N ILE A 1284 -16.91 11.27 0.28
CA ILE A 1284 -15.88 12.28 0.32
C ILE A 1284 -14.76 11.87 -0.57
N ILE A 1285 -14.12 10.78 -0.21
CA ILE A 1285 -12.79 10.61 -0.71
C ILE A 1285 -12.88 10.38 -2.18
N GLY A 1286 -13.97 9.77 -2.60
CA GLY A 1286 -14.26 9.78 -4.01
C GLY A 1286 -14.12 11.18 -4.53
N TYR A 1287 -14.85 12.09 -3.95
CA TYR A 1287 -14.82 13.43 -4.50
C TYR A 1287 -13.40 13.96 -4.51
N PHE A 1288 -12.84 14.08 -3.33
CA PHE A 1288 -11.56 14.75 -3.23
C PHE A 1288 -10.46 13.84 -3.70
N ASP A 1289 -10.80 12.83 -4.49
CA ASP A 1289 -9.82 12.32 -5.41
C ASP A 1289 -9.99 13.01 -6.73
N LYS A 1290 -11.22 13.12 -7.17
CA LYS A 1290 -11.40 13.92 -8.37
C LYS A 1290 -10.89 15.32 -8.10
N GLY A 1291 -11.55 16.02 -7.18
CA GLY A 1291 -11.34 17.44 -6.94
C GLY A 1291 -9.92 17.86 -6.73
N LYS A 1292 -9.01 16.91 -6.60
CA LYS A 1292 -7.58 17.10 -6.54
C LYS A 1292 -7.13 17.75 -5.28
N MET A 1293 -8.05 18.27 -4.52
CA MET A 1293 -7.64 19.04 -3.38
C MET A 1293 -7.17 18.00 -2.38
N TRP A 1294 -6.03 17.48 -2.67
CA TRP A 1294 -5.59 16.25 -2.06
C TRP A 1294 -5.01 16.38 -0.70
N GLU A 1295 -5.17 17.51 -0.07
CA GLU A 1295 -4.76 17.60 1.30
C GLU A 1295 -5.52 16.61 2.14
N GLU A 1296 -6.77 16.92 2.42
CA GLU A 1296 -7.64 16.03 3.15
C GLU A 1296 -7.47 14.66 2.66
N ALA A 1297 -7.27 14.56 1.39
CA ALA A 1297 -7.15 13.29 0.81
C ALA A 1297 -6.39 12.41 1.69
N ILE A 1298 -5.23 12.81 2.18
CA ILE A 1298 -4.66 12.02 3.25
C ILE A 1298 -5.39 12.31 4.54
N SER A 1299 -5.78 13.57 4.77
CA SER A 1299 -6.36 13.93 6.05
C SER A 1299 -7.38 12.95 6.51
N LEU A 1300 -8.58 12.97 5.95
CA LEU A 1300 -9.58 12.11 6.52
C LEU A 1300 -9.07 10.70 6.57
N CYS A 1301 -8.50 10.24 5.47
CA CYS A 1301 -7.88 8.94 5.51
C CYS A 1301 -7.22 8.65 6.82
N LYS A 1302 -6.53 9.63 7.36
CA LYS A 1302 -5.99 9.43 8.69
C LYS A 1302 -7.10 9.06 9.65
N GLU A 1303 -8.22 9.71 9.55
CA GLU A 1303 -9.14 9.53 10.63
C GLU A 1303 -9.83 8.22 10.52
N LEU A 1304 -10.15 7.89 9.30
CA LEU A 1304 -10.49 6.53 9.06
C LEU A 1304 -9.56 5.64 9.85
N ALA A 1305 -8.28 5.88 9.76
CA ALA A 1305 -7.39 5.09 10.58
C ALA A 1305 -7.62 5.32 12.05
N GLU A 1306 -7.91 6.55 12.40
CA GLU A 1306 -8.20 6.90 13.77
C GLU A 1306 -9.29 6.00 14.28
N GLN A 1307 -10.46 6.07 13.66
CA GLN A 1307 -11.49 5.12 13.97
C GLN A 1307 -10.92 3.76 14.13
N TYR A 1308 -10.33 3.27 13.06
CA TYR A 1308 -10.11 1.87 12.97
C TYR A 1308 -9.35 1.37 14.11
N GLU A 1309 -8.12 1.78 14.26
CA GLU A 1309 -7.37 1.20 15.37
C GLU A 1309 -8.06 1.68 16.63
N MET A 1310 -8.33 2.96 16.70
CA MET A 1310 -8.77 3.46 17.98
C MET A 1310 -10.13 2.94 18.34
N GLU A 1311 -11.16 3.28 17.58
CA GLU A 1311 -12.48 2.76 17.87
C GLU A 1311 -12.49 1.30 17.45
N ILE A 1312 -12.52 1.01 16.17
CA ILE A 1312 -13.15 -0.23 15.76
C ILE A 1312 -12.21 -1.41 15.86
N PHE A 1313 -10.92 -1.19 15.87
CA PHE A 1313 -9.97 -2.29 15.89
C PHE A 1313 -10.09 -3.16 14.65
N ASP A 1314 -11.08 -2.91 13.78
CA ASP A 1314 -10.94 -3.34 12.41
C ASP A 1314 -9.64 -2.77 11.91
N TYR A 1315 -8.95 -3.54 11.10
CA TYR A 1315 -7.58 -3.19 10.76
C TYR A 1315 -7.37 -3.20 9.29
N GLU A 1316 -8.37 -3.53 8.54
CA GLU A 1316 -8.06 -4.06 7.24
C GLU A 1316 -8.75 -3.29 6.19
N LEU A 1317 -9.77 -2.60 6.57
CA LEU A 1317 -10.26 -1.65 5.62
C LEU A 1317 -9.51 -0.36 5.81
N LEU A 1318 -9.08 -0.16 7.03
CA LEU A 1318 -7.91 0.61 7.31
C LEU A 1318 -6.85 0.37 6.25
N SER A 1319 -6.63 -0.89 5.89
CA SER A 1319 -5.63 -1.13 4.88
C SER A 1319 -5.93 -0.33 3.65
N GLN A 1320 -7.19 -0.31 3.26
CA GLN A 1320 -7.47 0.48 2.10
C GLN A 1320 -7.15 1.90 2.39
N ASN A 1321 -7.60 2.37 3.53
CA ASN A 1321 -7.35 3.74 3.91
C ASN A 1321 -5.93 4.11 3.59
N LEU A 1322 -5.02 3.42 4.23
CA LEU A 1322 -3.62 3.65 3.95
C LEU A 1322 -3.35 3.67 2.48
N ILE A 1323 -3.85 2.69 1.76
CA ILE A 1323 -3.60 2.72 0.34
C ILE A 1323 -3.92 4.08 -0.23
N GLN A 1324 -5.12 4.56 0.03
CA GLN A 1324 -5.52 5.79 -0.62
C GLN A 1324 -4.60 6.93 -0.25
N GLN A 1325 -4.33 7.07 1.04
CA GLN A 1325 -3.54 8.21 1.44
C GLN A 1325 -2.22 8.18 0.71
N ALA A 1326 -1.58 7.00 0.73
CA ALA A 1326 -0.45 6.79 -0.16
C ALA A 1326 -0.75 7.43 -1.47
N LYS A 1327 -1.95 7.37 -1.84
CA LYS A 1327 -2.03 7.91 -3.12
C LYS A 1327 -2.39 9.33 -3.12
N PHE A 1328 -2.02 10.07 -2.07
CA PHE A 1328 -1.86 11.51 -2.13
C PHE A 1328 -0.46 11.93 -1.74
N TYR A 1329 0.24 11.05 -1.05
CA TYR A 1329 1.66 11.10 -1.23
C TYR A 1329 1.94 11.31 -2.69
N GLU A 1330 1.43 10.39 -3.48
CA GLU A 1330 1.35 10.58 -4.90
C GLU A 1330 0.88 11.97 -5.25
N SER A 1331 -0.29 12.33 -4.77
CA SER A 1331 -1.20 13.18 -5.51
C SER A 1331 -0.72 14.61 -5.62
N ILE A 1332 0.09 15.11 -4.71
CA ILE A 1332 0.38 16.52 -4.91
C ILE A 1332 1.86 16.81 -5.03
N MET A 1333 2.63 16.67 -3.94
CA MET A 1333 4.04 17.02 -4.04
C MET A 1333 4.66 16.27 -5.19
N LYS A 1334 4.09 15.11 -5.50
CA LYS A 1334 4.47 14.50 -6.75
C LYS A 1334 3.67 15.04 -7.93
N ILE A 1335 2.38 14.75 -7.98
CA ILE A 1335 1.63 14.88 -9.23
C ILE A 1335 1.21 16.32 -9.42
N LEU A 1336 1.57 16.86 -10.55
CA LEU A 1336 1.47 18.29 -10.76
C LEU A 1336 0.07 18.82 -10.52
N ARG A 1337 0.03 20.08 -10.12
CA ARG A 1337 -1.11 20.79 -9.64
C ARG A 1337 -1.25 22.09 -10.40
N PRO A 1338 -2.38 22.36 -10.98
CA PRO A 1338 -2.65 23.68 -11.51
C PRO A 1338 -2.87 24.74 -10.44
N LYS A 1339 -3.35 25.89 -10.87
CA LYS A 1339 -3.37 27.06 -10.03
C LYS A 1339 -4.76 27.65 -9.96
N PRO A 1340 -5.22 28.12 -8.81
CA PRO A 1340 -6.45 28.87 -8.74
C PRO A 1340 -6.16 30.32 -9.01
N ASP A 1341 -7.18 31.03 -9.39
CA ASP A 1341 -7.04 32.21 -10.19
C ASP A 1341 -8.31 32.97 -9.91
N TYR A 1342 -8.23 34.05 -9.18
CA TYR A 1342 -9.39 34.50 -8.42
C TYR A 1342 -9.76 35.85 -9.03
N PHE A 1343 -11.04 36.27 -8.93
CA PHE A 1343 -11.52 37.46 -9.66
C PHE A 1343 -12.84 37.96 -9.12
N ALA A 1344 -13.14 39.21 -9.33
CA ALA A 1344 -14.31 39.77 -8.67
C ALA A 1344 -15.19 40.55 -9.61
N VAL A 1345 -16.38 40.86 -9.10
CA VAL A 1345 -17.57 41.14 -9.85
C VAL A 1345 -18.42 42.06 -9.02
N GLY A 1346 -18.67 43.21 -9.56
CA GLY A 1346 -18.86 44.35 -8.74
C GLY A 1346 -20.25 44.76 -8.96
N TYR A 1347 -21.11 44.31 -8.10
CA TYR A 1347 -22.47 44.76 -8.21
C TYR A 1347 -22.49 46.17 -7.75
N TYR A 1348 -22.76 47.08 -8.67
CA TYR A 1348 -22.70 48.50 -8.47
C TYR A 1348 -23.58 49.13 -9.51
N GLY A 1349 -24.41 50.04 -9.09
CA GLY A 1349 -25.64 50.28 -9.79
C GLY A 1349 -26.72 49.46 -9.16
N GLN A 1350 -27.95 49.71 -9.60
CA GLN A 1350 -29.09 49.07 -8.96
C GLN A 1350 -29.60 47.87 -9.72
N GLY A 1351 -28.87 47.38 -10.70
CA GLY A 1351 -29.49 46.32 -11.46
C GLY A 1351 -29.45 44.95 -10.86
N PHE A 1352 -28.77 44.76 -9.75
CA PHE A 1352 -28.25 43.46 -9.36
C PHE A 1352 -29.21 42.72 -8.47
N PRO A 1353 -29.28 41.41 -8.62
CA PRO A 1353 -29.98 40.60 -7.63
C PRO A 1353 -29.36 40.78 -6.26
N SER A 1354 -30.11 41.48 -5.41
CA SER A 1354 -29.56 42.33 -4.35
C SER A 1354 -28.35 41.75 -3.67
N PHE A 1355 -28.44 40.50 -3.20
CA PHE A 1355 -27.27 39.81 -2.72
C PHE A 1355 -26.09 40.03 -3.62
N LEU A 1356 -26.33 40.25 -4.90
CA LEU A 1356 -25.34 40.89 -5.71
C LEU A 1356 -25.19 42.33 -5.37
N ARG A 1357 -26.24 43.10 -5.56
CA ARG A 1357 -26.10 44.54 -5.70
C ARG A 1357 -25.14 45.08 -4.67
N ASN A 1358 -24.23 45.91 -5.15
CA ASN A 1358 -23.34 46.67 -4.30
C ASN A 1358 -22.24 45.78 -3.74
N LYS A 1359 -22.36 44.49 -3.98
CA LYS A 1359 -21.32 43.61 -3.48
C LYS A 1359 -20.18 43.63 -4.46
N VAL A 1360 -19.18 42.83 -4.13
CA VAL A 1360 -18.12 42.44 -5.04
C VAL A 1360 -17.77 41.02 -4.72
N PHE A 1361 -18.24 40.13 -5.50
CA PHE A 1361 -17.86 38.83 -5.06
C PHE A 1361 -16.46 38.59 -5.53
N ILE A 1362 -15.55 38.72 -4.60
CA ILE A 1362 -14.32 38.01 -4.73
C ILE A 1362 -14.74 36.68 -5.25
N TYR A 1363 -13.94 36.17 -6.08
CA TYR A 1363 -14.24 34.96 -6.77
C TYR A 1363 -12.96 34.16 -6.73
N ARG A 1364 -13.09 32.85 -6.69
CA ARG A 1364 -11.90 32.02 -6.57
C ARG A 1364 -11.48 31.62 -7.95
N GLY A 1365 -10.44 30.81 -7.96
CA GLY A 1365 -10.18 30.03 -9.11
C GLY A 1365 -10.75 28.67 -9.01
N LYS A 1366 -11.66 28.44 -9.91
CA LYS A 1366 -11.74 27.12 -10.48
C LYS A 1366 -10.59 27.01 -11.42
N GLU A 1367 -10.56 25.94 -12.15
CA GLU A 1367 -9.37 25.63 -12.90
C GLU A 1367 -9.15 26.68 -13.95
N TYR A 1368 -8.12 27.50 -13.74
CA TYR A 1368 -7.74 28.58 -14.62
C TYR A 1368 -8.94 29.46 -14.93
N GLU A 1369 -9.68 29.67 -13.85
CA GLU A 1369 -10.80 30.58 -13.74
C GLU A 1369 -10.27 31.95 -14.14
N ARG A 1370 -10.99 32.62 -15.04
CA ARG A 1370 -10.45 33.68 -15.88
C ARG A 1370 -10.84 35.02 -15.26
N ARG A 1371 -10.28 36.11 -15.78
CA ARG A 1371 -10.88 37.38 -15.38
C ARG A 1371 -11.73 37.86 -16.57
N GLU A 1372 -11.24 37.55 -17.76
CA GLU A 1372 -11.86 38.02 -18.97
C GLU A 1372 -13.07 37.19 -19.34
N ASP A 1373 -12.85 35.92 -19.64
CA ASP A 1373 -13.97 35.01 -19.73
C ASP A 1373 -14.87 35.20 -18.54
N PHE A 1374 -14.29 35.32 -17.35
CA PHE A 1374 -15.03 35.60 -16.11
C PHE A 1374 -16.15 36.62 -16.37
N GLN A 1375 -15.79 37.79 -16.90
CA GLN A 1375 -16.83 38.80 -17.09
C GLN A 1375 -17.74 38.36 -18.24
N MET A 1376 -17.17 37.65 -19.22
CA MET A 1376 -18.00 37.08 -20.27
C MET A 1376 -19.06 36.19 -19.66
N GLN A 1377 -18.63 35.26 -18.84
CA GLN A 1377 -19.53 34.36 -18.13
C GLN A 1377 -20.49 35.16 -17.32
N LEU A 1378 -20.12 36.38 -17.02
CA LEU A 1378 -21.10 37.20 -16.34
C LEU A 1378 -22.15 37.69 -17.31
N MET A 1379 -21.75 38.20 -18.45
CA MET A 1379 -22.78 38.73 -19.34
C MET A 1379 -23.60 37.58 -19.87
N THR A 1380 -22.97 36.42 -19.96
CA THR A 1380 -23.71 35.18 -19.80
C THR A 1380 -24.70 35.34 -18.68
N GLN A 1381 -24.19 35.44 -17.47
CA GLN A 1381 -25.06 35.53 -16.33
C GLN A 1381 -25.92 36.77 -16.38
N PHE A 1382 -25.47 37.83 -17.05
CA PHE A 1382 -26.17 39.10 -16.97
C PHE A 1382 -26.40 39.83 -18.27
N PRO A 1383 -27.55 40.44 -18.44
CA PRO A 1383 -27.63 41.56 -19.38
C PRO A 1383 -26.94 42.77 -18.86
N ASN A 1384 -27.46 43.25 -17.77
CA ASN A 1384 -27.22 44.59 -17.29
C ASN A 1384 -25.88 44.72 -16.64
N ALA A 1385 -25.28 43.60 -16.19
CA ALA A 1385 -23.95 43.69 -15.62
C ALA A 1385 -23.02 44.36 -16.60
N GLU A 1386 -22.34 45.35 -16.08
CA GLU A 1386 -21.61 46.26 -16.94
C GLU A 1386 -20.21 46.30 -16.38
N LYS A 1387 -19.22 46.41 -17.25
CA LYS A 1387 -17.90 46.80 -16.77
C LYS A 1387 -17.81 48.29 -16.55
N MET A 1388 -17.32 48.63 -15.36
CA MET A 1388 -16.99 49.97 -14.92
C MET A 1388 -15.53 50.29 -15.22
N ASN A 1389 -15.05 51.28 -14.45
CA ASN A 1389 -13.96 52.20 -14.75
C ASN A 1389 -12.78 52.05 -13.81
N THR A 1390 -13.06 51.83 -12.53
CA THR A 1390 -12.05 51.71 -11.51
C THR A 1390 -12.02 50.31 -10.94
N THR A 1391 -10.83 49.76 -10.71
CA THR A 1391 -10.83 48.58 -9.88
C THR A 1391 -11.59 48.83 -8.59
N SER A 1392 -11.05 49.68 -7.74
CA SER A 1392 -11.76 49.95 -6.54
C SER A 1392 -12.92 50.85 -6.85
N ALA A 1393 -13.50 51.38 -5.78
CA ALA A 1393 -14.37 52.54 -5.82
C ALA A 1393 -15.22 52.65 -7.10
N PRO A 1394 -15.95 51.59 -7.42
CA PRO A 1394 -16.88 51.71 -8.53
C PRO A 1394 -17.65 52.99 -8.41
N GLY A 1395 -17.86 53.64 -9.55
CA GLY A 1395 -18.55 54.91 -9.55
C GLY A 1395 -19.62 54.86 -8.48
N ASP A 1396 -19.47 55.72 -7.48
CA ASP A 1396 -20.18 55.43 -6.25
C ASP A 1396 -21.67 55.62 -6.44
N ASP A 1397 -22.05 56.57 -7.29
CA ASP A 1397 -23.35 56.43 -7.89
C ASP A 1397 -23.36 55.28 -8.85
N VAL A 1398 -22.33 55.15 -9.68
CA VAL A 1398 -22.42 54.03 -10.57
C VAL A 1398 -22.46 52.77 -9.73
N LYS A 1399 -21.96 52.83 -8.50
CA LYS A 1399 -22.38 51.87 -7.51
C LYS A 1399 -23.87 51.97 -7.25
N ASN A 1400 -24.37 53.17 -7.15
CA ASN A 1400 -25.72 53.40 -6.70
C ASN A 1400 -26.67 53.66 -7.86
N ALA A 1401 -26.13 53.75 -9.08
CA ALA A 1401 -26.91 53.97 -10.27
C ALA A 1401 -27.83 52.77 -10.47
N PRO A 1402 -28.71 52.78 -11.45
CA PRO A 1402 -29.63 51.65 -11.53
C PRO A 1402 -29.14 50.46 -12.34
N GLY A 1403 -28.22 50.66 -13.22
CA GLY A 1403 -27.80 49.57 -14.05
C GLY A 1403 -26.90 48.65 -13.32
N GLN A 1404 -26.62 47.53 -13.94
CA GLN A 1404 -25.75 46.57 -13.33
C GLN A 1404 -24.33 46.86 -13.78
N TYR A 1405 -23.69 47.69 -13.03
CA TYR A 1405 -22.31 47.99 -13.20
C TYR A 1405 -21.52 47.08 -12.31
N ILE A 1406 -21.08 45.97 -12.88
CA ILE A 1406 -20.30 45.00 -12.14
C ILE A 1406 -18.82 45.24 -12.36
N GLN A 1407 -18.12 45.42 -11.26
CA GLN A 1407 -16.70 45.69 -11.24
C GLN A 1407 -15.91 44.38 -11.22
N CYS A 1408 -14.94 44.29 -12.08
CA CYS A 1408 -14.60 42.97 -12.52
C CYS A 1408 -13.13 42.92 -12.85
N PHE A 1409 -12.38 42.17 -12.08
CA PHE A 1409 -10.97 42.05 -12.32
C PHE A 1409 -10.40 40.98 -11.42
N THR A 1410 -9.11 41.09 -11.17
CA THR A 1410 -8.53 40.13 -10.25
C THR A 1410 -7.82 40.81 -9.10
N VAL A 1411 -7.62 40.05 -8.03
CA VAL A 1411 -6.60 40.29 -7.02
C VAL A 1411 -5.53 39.21 -7.17
N GLN A 1412 -4.53 39.30 -6.34
CA GLN A 1412 -3.91 38.03 -6.10
C GLN A 1412 -4.26 37.62 -4.68
N PRO A 1413 -4.28 36.35 -4.34
CA PRO A 1413 -5.00 35.97 -3.14
C PRO A 1413 -4.05 35.97 -1.96
N VAL A 1414 -4.57 36.24 -0.77
CA VAL A 1414 -3.66 36.39 0.36
C VAL A 1414 -3.48 35.08 1.07
N LEU A 1415 -2.33 34.51 0.84
CA LEU A 1415 -1.83 33.41 1.63
C LEU A 1415 -2.07 33.66 3.12
N ASP A 1416 -2.72 32.69 3.76
CA ASP A 1416 -3.01 32.69 5.20
C ASP A 1416 -1.99 31.84 5.95
N GLU A 1417 -2.40 31.48 7.17
CA GLU A 1417 -1.59 30.71 8.10
C GLU A 1417 -1.55 29.24 7.71
N HIS A 1418 -0.40 28.62 7.96
CA HIS A 1418 -0.03 27.29 7.52
C HIS A 1418 1.08 26.75 8.41
N PRO A 1419 0.74 26.19 9.55
CA PRO A 1419 1.69 26.25 10.66
C PRO A 1419 2.85 25.34 10.47
N ARG A 1420 2.53 24.05 10.37
CA ARG A 1420 3.46 23.00 10.05
C ARG A 1420 4.33 23.39 8.90
N PHE A 1421 3.75 24.13 7.99
CA PHE A 1421 4.58 24.84 7.05
C PHE A 1421 5.34 25.92 7.79
N LYS A 1422 4.62 26.89 8.35
CA LYS A 1422 5.23 28.12 8.84
C LYS A 1422 6.56 27.85 9.51
N ASN A 1423 6.54 27.26 10.67
CA ASN A 1423 7.71 26.74 11.32
C ASN A 1423 8.67 26.08 10.36
N LYS A 1424 8.19 25.28 9.44
CA LYS A 1424 9.11 24.37 8.82
C LYS A 1424 9.61 24.90 7.50
N PRO A 1425 10.86 24.85 7.30
CA PRO A 1425 11.41 24.89 5.96
C PRO A 1425 10.96 23.69 5.14
N VAL A 1426 9.74 23.83 4.67
CA VAL A 1426 9.01 22.82 3.92
C VAL A 1426 9.51 22.76 2.48
N PRO A 1427 9.58 21.59 1.85
CA PRO A 1427 9.49 21.56 0.38
C PRO A 1427 8.10 21.97 -0.09
N ASP A 1428 7.91 23.26 -0.02
CA ASP A 1428 6.66 23.96 -0.26
C ASP A 1428 5.97 23.71 -1.58
N GLN A 1429 6.43 22.70 -2.30
CA GLN A 1429 5.78 22.31 -3.54
C GLN A 1429 4.27 22.40 -3.40
N ILE A 1430 3.80 22.67 -2.18
CA ILE A 1430 2.42 22.71 -1.74
C ILE A 1430 1.87 24.09 -1.48
N ILE A 1431 2.57 24.91 -0.71
CA ILE A 1431 2.07 26.22 -0.34
C ILE A 1431 1.80 26.95 -1.62
N ASN A 1432 2.67 26.77 -2.60
CA ASN A 1432 2.33 27.24 -3.91
C ASN A 1432 0.87 26.98 -4.12
N PHE A 1433 0.44 25.81 -3.77
CA PHE A 1433 -0.99 25.70 -3.84
C PHE A 1433 -1.68 26.14 -2.54
N TYR A 1434 -0.98 26.61 -1.52
CA TYR A 1434 -1.75 27.10 -0.37
C TYR A 1434 -1.98 28.60 -0.34
N LYS A 1435 -1.01 29.42 -0.73
CA LYS A 1435 -1.28 30.72 -1.34
C LYS A 1435 -1.86 30.56 -2.71
N SER A 1436 -2.11 29.32 -3.10
CA SER A 1436 -3.22 28.97 -3.95
C SER A 1436 -4.38 28.39 -3.14
N ASN A 1437 -4.52 28.78 -1.89
CA ASN A 1437 -5.51 28.20 -1.03
C ASN A 1437 -5.95 29.20 0.01
N TYR A 1438 -7.05 28.85 0.64
CA TYR A 1438 -7.37 29.30 1.98
C TYR A 1438 -7.53 30.81 2.09
N VAL A 1439 -7.40 31.54 1.01
CA VAL A 1439 -7.21 32.96 1.23
C VAL A 1439 -8.52 33.67 1.52
N GLN A 1440 -8.49 34.60 2.46
CA GLN A 1440 -9.64 35.46 2.66
C GLN A 1440 -9.32 36.88 2.28
N ARG A 1441 -8.06 37.24 2.36
CA ARG A 1441 -7.56 38.51 1.90
C ARG A 1441 -6.97 38.31 0.50
N PHE A 1442 -6.73 39.42 -0.19
CA PHE A 1442 -6.65 39.38 -1.64
C PHE A 1442 -5.79 40.48 -2.21
N HIS A 1443 -4.57 40.12 -2.55
CA HIS A 1443 -3.63 41.07 -3.09
C HIS A 1443 -4.28 41.83 -4.20
N TYR A 1444 -4.53 43.10 -3.95
CA TYR A 1444 -4.76 43.92 -5.12
C TYR A 1444 -3.55 44.80 -5.29
N SER A 1445 -2.55 44.22 -5.89
CA SER A 1445 -1.47 44.94 -6.53
C SER A 1445 -2.06 46.14 -7.23
N ARG A 1446 -1.51 47.30 -6.95
CA ARG A 1446 -1.91 48.40 -7.80
C ARG A 1446 -0.82 49.43 -7.94
N PRO A 1447 -0.62 49.98 -9.12
CA PRO A 1447 0.27 51.13 -9.24
C PRO A 1447 -0.53 52.42 -8.96
N VAL A 1448 0.15 53.38 -8.39
CA VAL A 1448 -0.22 54.76 -8.48
C VAL A 1448 1.02 55.62 -8.39
N ARG A 1449 1.28 56.38 -9.44
CA ARG A 1449 2.47 57.22 -9.46
C ARG A 1449 2.19 58.41 -8.56
N ARG A 1450 2.09 58.12 -7.26
CA ARG A 1450 2.18 59.21 -6.31
C ARG A 1450 3.41 60.03 -6.62
N GLY A 1451 4.55 59.37 -6.73
CA GLY A 1451 5.71 60.01 -7.28
C GLY A 1451 5.51 60.42 -8.72
N THR A 1452 6.34 61.34 -9.18
CA THR A 1452 6.30 61.79 -10.56
C THR A 1452 7.20 60.90 -11.41
N VAL A 1453 6.88 60.80 -12.69
CA VAL A 1453 7.55 59.81 -13.54
C VAL A 1453 8.79 60.47 -14.11
N ASP A 1454 9.92 60.12 -13.54
CA ASP A 1454 11.11 59.91 -14.31
C ASP A 1454 10.90 58.72 -15.25
N PRO A 1455 10.91 58.95 -16.56
CA PRO A 1455 10.57 57.88 -17.51
C PRO A 1455 11.51 56.70 -17.54
N GLU A 1456 12.53 56.66 -16.67
CA GLU A 1456 13.23 55.41 -16.47
C GLU A 1456 12.68 54.67 -15.24
N ASN A 1457 12.48 55.34 -14.12
CA ASN A 1457 11.92 54.62 -12.99
C ASN A 1457 10.55 55.19 -12.64
N GLU A 1458 9.59 54.83 -13.46
CA GLU A 1458 8.20 54.80 -13.04
C GLU A 1458 8.07 54.08 -11.71
N PHE A 1459 8.64 52.88 -11.61
CA PHE A 1459 8.71 52.13 -10.36
C PHE A 1459 9.18 53.01 -9.22
N ALA A 1460 9.66 54.21 -9.52
CA ALA A 1460 9.96 55.16 -8.47
C ALA A 1460 8.81 56.14 -8.29
N SER A 1461 8.17 56.53 -9.37
CA SER A 1461 6.89 57.17 -9.15
C SER A 1461 5.91 56.21 -8.53
N MET A 1462 6.12 54.93 -8.79
CA MET A 1462 5.08 53.94 -8.75
C MET A 1462 4.89 53.39 -7.36
N TRP A 1463 4.14 54.11 -6.57
CA TRP A 1463 3.57 53.57 -5.35
C TRP A 1463 2.67 52.40 -5.71
N ILE A 1464 2.28 51.58 -4.73
CA ILE A 1464 1.37 50.47 -4.98
C ILE A 1464 0.15 50.60 -4.10
N GLU A 1465 -0.94 51.11 -4.68
CA GLU A 1465 -2.19 50.91 -3.99
C GLU A 1465 -2.43 49.42 -3.98
N ARG A 1466 -2.12 48.80 -2.88
CA ARG A 1466 -2.58 47.46 -2.69
C ARG A 1466 -3.86 47.53 -1.91
N THR A 1467 -4.89 47.04 -2.56
CA THR A 1467 -6.14 46.79 -1.91
C THR A 1467 -6.30 45.29 -1.91
N SER A 1468 -5.89 44.69 -0.83
CA SER A 1468 -6.21 43.30 -0.69
C SER A 1468 -7.61 43.24 -0.15
N PHE A 1469 -8.18 42.07 -0.14
CA PHE A 1469 -9.58 42.01 0.21
C PHE A 1469 -9.79 40.87 1.14
N VAL A 1470 -10.76 40.99 2.00
CA VAL A 1470 -10.96 39.88 2.87
C VAL A 1470 -12.35 39.40 2.62
N THR A 1471 -12.43 38.15 2.22
CA THR A 1471 -13.65 37.40 2.04
C THR A 1471 -14.06 36.72 3.32
N ALA A 1472 -15.07 35.86 3.19
CA ALA A 1472 -15.62 35.04 4.24
C ALA A 1472 -14.91 33.70 4.42
N TYR A 1473 -15.04 32.79 3.47
CA TYR A 1473 -14.67 31.44 3.77
C TYR A 1473 -13.38 31.10 3.11
N LYS A 1474 -12.73 30.15 3.73
CA LYS A 1474 -11.42 29.72 3.33
C LYS A 1474 -11.46 29.44 1.84
N LEU A 1475 -10.36 29.43 1.23
CA LEU A 1475 -10.45 29.20 -0.20
C LEU A 1475 -9.42 28.17 -0.62
N PRO A 1476 -9.80 26.94 -0.79
CA PRO A 1476 -11.19 26.68 -1.05
C PRO A 1476 -12.01 26.82 0.19
N GLY A 1477 -13.15 27.48 0.08
CA GLY A 1477 -14.17 27.35 1.10
C GLY A 1477 -15.43 27.17 0.33
N ILE A 1478 -16.55 27.07 1.03
CA ILE A 1478 -17.65 26.23 0.58
C ILE A 1478 -18.09 26.54 -0.84
N LEU A 1479 -17.51 27.53 -1.46
CA LEU A 1479 -17.75 27.66 -2.87
C LEU A 1479 -16.74 28.64 -3.41
N ARG A 1480 -16.57 28.59 -4.71
CA ARG A 1480 -15.43 29.19 -5.35
C ARG A 1480 -15.46 30.69 -5.27
N TRP A 1481 -16.23 31.27 -4.36
CA TRP A 1481 -16.16 32.70 -4.28
C TRP A 1481 -16.88 33.18 -3.05
N PHE A 1482 -16.56 34.41 -2.68
CA PHE A 1482 -17.00 35.03 -1.46
C PHE A 1482 -16.80 36.52 -1.61
N GLU A 1483 -17.57 37.28 -0.87
CA GLU A 1483 -17.50 38.71 -1.00
C GLU A 1483 -16.23 39.23 -0.38
N VAL A 1484 -15.80 40.40 -0.80
CA VAL A 1484 -14.91 41.17 0.06
C VAL A 1484 -15.69 41.59 1.28
N VAL A 1485 -15.46 40.95 2.41
CA VAL A 1485 -15.97 41.57 3.63
C VAL A 1485 -15.24 42.88 3.87
N HIS A 1486 -13.91 42.86 3.91
CA HIS A 1486 -13.21 44.14 4.03
C HIS A 1486 -12.46 44.43 2.76
N MET A 1487 -12.73 45.57 2.17
CA MET A 1487 -11.76 46.18 1.30
C MET A 1487 -10.48 46.33 2.09
N SER A 1488 -9.36 46.48 1.40
CA SER A 1488 -8.14 46.87 2.10
C SER A 1488 -7.31 47.68 1.14
N GLN A 1489 -7.56 48.97 1.09
CA GLN A 1489 -6.93 49.82 0.11
C GLN A 1489 -5.87 50.67 0.77
N THR A 1490 -4.72 50.74 0.14
CA THR A 1490 -3.62 51.47 0.71
C THR A 1490 -2.58 51.62 -0.36
N THR A 1491 -1.54 52.36 -0.07
CA THR A 1491 -0.48 52.44 -1.04
C THR A 1491 0.87 52.26 -0.37
N ILE A 1492 1.73 51.52 -1.06
CA ILE A 1492 3.04 51.13 -0.60
C ILE A 1492 4.03 51.93 -1.44
N SER A 1493 5.19 52.16 -0.89
CA SER A 1493 6.11 53.03 -1.59
C SER A 1493 6.53 52.39 -2.90
N PRO A 1494 6.82 53.22 -3.91
CA PRO A 1494 7.46 52.69 -5.10
C PRO A 1494 8.73 51.99 -4.78
N LEU A 1495 9.29 52.29 -3.62
CA LEU A 1495 10.37 51.48 -3.10
C LEU A 1495 9.81 50.18 -2.55
N GLU A 1496 8.87 50.25 -1.61
CA GLU A 1496 8.21 49.01 -1.21
C GLU A 1496 7.94 48.19 -2.44
N ASN A 1497 7.22 48.78 -3.38
CA ASN A 1497 7.19 48.29 -4.74
C ASN A 1497 8.54 47.75 -5.16
N ALA A 1498 9.55 48.58 -5.06
CA ALA A 1498 10.82 48.29 -5.70
C ALA A 1498 11.41 47.02 -5.14
N ILE A 1499 11.65 47.02 -3.85
CA ILE A 1499 12.01 45.81 -3.15
C ILE A 1499 11.20 44.67 -3.67
N GLU A 1500 9.89 44.83 -3.67
CA GLU A 1500 9.12 43.66 -4.00
C GLU A 1500 9.48 43.19 -5.38
N THR A 1501 9.57 44.12 -6.29
CA THR A 1501 9.98 43.85 -7.65
C THR A 1501 11.14 42.88 -7.57
N MET A 1502 12.04 43.20 -6.66
CA MET A 1502 13.09 42.26 -6.38
C MET A 1502 12.50 41.00 -5.77
N SER A 1503 11.90 41.13 -4.59
CA SER A 1503 11.42 40.00 -3.81
C SER A 1503 10.98 38.91 -4.72
N THR A 1504 10.04 39.26 -5.56
CA THR A 1504 9.68 38.47 -6.71
C THR A 1504 10.89 37.95 -7.43
N ALA A 1505 11.58 38.84 -8.16
CA ALA A 1505 12.56 38.34 -9.12
C ALA A 1505 13.43 37.32 -8.46
N ASN A 1506 13.75 37.61 -7.23
CA ASN A 1506 14.45 36.71 -6.37
C ASN A 1506 13.71 35.41 -6.28
N GLU A 1507 12.48 35.47 -5.92
CA GLU A 1507 11.87 34.21 -5.62
C GLU A 1507 11.68 33.43 -6.88
N LYS A 1508 11.45 34.15 -7.95
CA LYS A 1508 11.57 33.54 -9.25
C LYS A 1508 12.82 32.72 -9.29
N ILE A 1509 13.92 33.37 -9.01
CA ILE A 1509 15.16 32.64 -8.88
C ILE A 1509 14.94 31.42 -8.03
N LEU A 1510 14.57 31.66 -6.79
CA LEU A 1510 14.46 30.60 -5.80
C LEU A 1510 13.74 29.43 -6.37
N MET A 1511 12.63 29.67 -7.00
CA MET A 1511 12.04 28.64 -7.81
C MET A 1511 13.10 28.02 -8.66
N MET A 1512 13.54 28.76 -9.66
CA MET A 1512 14.38 28.18 -10.68
C MET A 1512 15.46 27.35 -10.06
N ILE A 1513 16.17 27.98 -9.14
CA ILE A 1513 17.07 27.23 -8.30
C ILE A 1513 16.32 26.02 -7.79
N ASN A 1514 15.25 26.22 -7.05
CA ASN A 1514 14.93 25.10 -6.20
C ASN A 1514 14.36 23.94 -6.98
N GLN A 1515 13.45 24.20 -7.93
CA GLN A 1515 13.02 23.11 -8.77
C GLN A 1515 14.21 22.36 -9.29
N TYR A 1516 15.27 23.05 -9.64
CA TYR A 1516 16.36 22.28 -10.18
C TYR A 1516 17.31 21.76 -9.14
N GLN A 1517 17.43 22.46 -8.01
CA GLN A 1517 18.06 21.90 -6.84
C GLN A 1517 17.66 20.46 -6.71
N SER A 1518 16.39 20.19 -6.93
CA SER A 1518 15.97 18.82 -7.04
C SER A 1518 15.79 18.45 -8.50
N ASP A 1519 14.90 19.10 -9.21
CA ASP A 1519 14.56 18.56 -10.51
C ASP A 1519 14.92 19.47 -11.63
N GLU A 1520 15.47 18.81 -12.62
CA GLU A 1520 16.39 19.32 -13.58
C GLU A 1520 16.00 18.78 -14.93
N THR A 1521 15.19 17.74 -14.90
CA THR A 1521 14.99 16.86 -16.04
C THR A 1521 14.18 17.51 -17.14
N LEU A 1522 14.09 18.80 -17.11
CA LEU A 1522 13.51 20.07 -17.53
C LEU A 1522 14.42 20.80 -18.50
N PRO A 1523 13.93 21.12 -19.69
CA PRO A 1523 14.77 21.87 -20.61
C PRO A 1523 15.25 23.14 -19.93
N ILE A 1524 16.57 23.23 -19.77
CA ILE A 1524 17.26 24.29 -19.06
C ILE A 1524 16.68 25.63 -19.32
N ASN A 1525 16.02 25.77 -20.39
CA ASN A 1525 15.93 26.98 -21.13
C ASN A 1525 15.61 28.16 -20.24
N PRO A 1526 14.48 28.11 -19.53
CA PRO A 1526 13.95 29.28 -18.85
C PRO A 1526 14.95 29.93 -17.95
N LEU A 1527 16.02 29.21 -17.76
CA LEU A 1527 16.89 29.56 -16.66
C LEU A 1527 17.96 30.40 -17.29
N SER A 1528 18.46 29.97 -18.43
CA SER A 1528 19.16 30.86 -19.30
C SER A 1528 18.38 32.15 -19.45
N MET A 1529 17.07 32.00 -19.64
CA MET A 1529 16.21 33.15 -19.81
C MET A 1529 16.31 34.08 -18.62
N LEU A 1530 15.81 33.62 -17.50
CA LEU A 1530 15.66 34.49 -16.36
C LEU A 1530 17.02 34.92 -15.89
N LEU A 1531 17.96 34.01 -16.03
CA LEU A 1531 19.35 34.29 -15.86
C LEU A 1531 19.69 35.64 -16.45
N ASN A 1532 19.53 35.78 -17.76
CA ASN A 1532 19.63 37.12 -18.34
C ASN A 1532 18.65 38.07 -17.65
N GLY A 1533 17.34 37.87 -17.90
CA GLY A 1533 16.34 38.90 -17.62
C GLY A 1533 16.50 39.61 -16.31
N ILE A 1534 17.04 38.93 -15.31
CA ILE A 1534 17.41 39.65 -14.09
C ILE A 1534 18.82 40.17 -14.19
N VAL A 1535 19.80 39.30 -14.37
CA VAL A 1535 21.14 39.85 -14.35
C VAL A 1535 21.19 40.92 -15.39
N ASP A 1536 20.47 40.70 -16.44
CA ASP A 1536 20.13 41.69 -17.39
C ASP A 1536 19.25 42.72 -16.74
N PRO A 1537 19.70 43.92 -16.52
CA PRO A 1537 18.71 44.98 -16.44
C PRO A 1537 18.16 45.21 -17.84
N ALA A 1538 17.30 44.28 -18.28
CA ALA A 1538 16.91 44.23 -19.68
C ALA A 1538 16.37 45.56 -20.17
N VAL A 1539 15.18 45.92 -19.71
CA VAL A 1539 14.59 47.19 -20.11
C VAL A 1539 14.99 48.27 -19.14
N MET A 1540 15.03 47.89 -17.88
CA MET A 1540 15.17 48.80 -16.77
C MET A 1540 16.44 48.44 -16.02
N GLY A 1541 17.15 49.45 -15.54
CA GLY A 1541 18.37 49.17 -14.79
C GLY A 1541 18.13 48.36 -13.54
N GLY A 1542 16.90 48.36 -13.06
CA GLY A 1542 16.51 47.49 -11.99
C GLY A 1542 17.25 47.87 -10.74
N PHE A 1543 18.17 46.97 -10.39
CA PHE A 1543 19.20 47.28 -9.43
C PHE A 1543 19.58 48.70 -9.75
N ALA A 1544 20.05 48.90 -10.97
CA ALA A 1544 20.61 50.18 -11.34
C ALA A 1544 19.64 51.25 -10.92
N LYS A 1545 18.41 51.14 -11.37
CA LYS A 1545 17.38 52.07 -10.95
C LYS A 1545 17.24 52.09 -9.45
N TYR A 1546 16.85 50.98 -8.88
CA TYR A 1546 16.76 50.93 -7.44
C TYR A 1546 18.04 51.46 -6.84
N GLU A 1547 19.16 51.14 -7.47
CA GLU A 1547 20.34 51.97 -7.25
C GLU A 1547 20.07 53.39 -7.67
N LYS A 1548 19.97 53.62 -8.97
CA LYS A 1548 19.96 54.96 -9.53
C LYS A 1548 18.78 55.78 -9.06
N ALA A 1549 17.89 55.21 -8.29
CA ALA A 1549 16.86 55.99 -7.63
C ALA A 1549 17.12 56.06 -6.14
N PHE A 1550 17.29 54.91 -5.54
CA PHE A 1550 17.21 54.88 -4.10
C PHE A 1550 18.55 54.53 -3.51
N PHE A 1551 19.21 53.51 -4.06
CA PHE A 1551 20.59 53.25 -3.73
C PHE A 1551 21.54 54.27 -4.31
N THR A 1552 21.06 55.09 -5.24
CA THR A 1552 21.51 56.47 -5.21
C THR A 1552 20.73 57.16 -4.13
N GLU A 1553 21.46 57.62 -3.13
CA GLU A 1553 20.83 57.95 -1.87
C GLU A 1553 19.92 59.14 -2.00
N GLU A 1554 19.91 59.78 -3.16
CA GLU A 1554 18.90 60.80 -3.41
C GLU A 1554 17.58 60.38 -2.78
N TYR A 1555 17.13 59.17 -3.06
CA TYR A 1555 15.91 58.71 -2.46
C TYR A 1555 16.11 58.25 -1.04
N VAL A 1556 17.19 57.53 -0.77
CA VAL A 1556 17.57 57.16 0.59
C VAL A 1556 17.36 58.31 1.57
N ARG A 1557 17.75 59.51 1.17
CA ARG A 1557 17.70 60.70 2.00
C ARG A 1557 16.43 61.50 1.81
N ASP A 1558 15.73 61.33 0.70
CA ASP A 1558 14.34 61.77 0.71
C ASP A 1558 13.63 61.17 1.90
N HIS A 1559 14.03 59.97 2.28
CA HIS A 1559 13.35 59.22 3.33
C HIS A 1559 14.39 58.47 4.14
N PRO A 1560 15.04 59.16 5.07
CA PRO A 1560 15.92 58.46 6.01
C PRO A 1560 15.27 57.26 6.66
N GLU A 1561 13.94 57.21 6.71
CA GLU A 1561 13.24 56.11 7.33
C GLU A 1561 13.21 54.84 6.48
N ASP A 1562 13.89 54.79 5.34
CA ASP A 1562 13.80 53.64 4.45
C ASP A 1562 15.12 53.22 3.84
N GLN A 1563 16.20 53.94 4.12
CA GLN A 1563 17.48 53.59 3.56
C GLN A 1563 17.80 52.12 3.79
N ASP A 1564 17.54 51.66 5.01
CA ASP A 1564 17.65 50.24 5.32
C ASP A 1564 16.74 49.40 4.48
N LYS A 1565 15.45 49.74 4.48
CA LYS A 1565 14.64 49.27 3.39
C LYS A 1565 15.42 49.18 2.12
N LEU A 1566 16.02 50.28 1.72
CA LEU A 1566 16.98 50.25 0.65
C LEU A 1566 17.92 49.09 0.81
N THR A 1567 18.78 49.17 1.81
CA THR A 1567 19.68 48.06 2.07
C THR A 1567 18.94 46.74 2.09
N HIS A 1568 17.75 46.73 2.69
CA HIS A 1568 16.93 45.53 2.61
C HIS A 1568 16.98 44.97 1.22
N LEU A 1569 16.46 45.72 0.27
CA LEU A 1569 16.65 45.47 -1.14
C LEU A 1569 18.03 44.93 -1.39
N LYS A 1570 19.03 45.75 -1.13
CA LYS A 1570 20.41 45.36 -1.21
C LYS A 1570 20.60 43.95 -0.73
N ASP A 1571 20.34 43.73 0.55
CA ASP A 1571 20.45 42.42 1.13
C ASP A 1571 19.80 41.44 0.21
N LEU A 1572 18.50 41.59 0.07
CA LEU A 1572 17.74 40.82 -0.87
C LEU A 1572 18.52 40.67 -2.14
N ILE A 1573 18.77 41.80 -2.79
CA ILE A 1573 19.55 41.76 -4.01
C ILE A 1573 20.78 40.94 -3.80
N ALA A 1574 21.64 41.45 -2.95
CA ALA A 1574 22.84 40.74 -2.59
C ALA A 1574 22.53 39.30 -2.32
N TRP A 1575 21.63 39.07 -1.40
CA TRP A 1575 21.25 37.72 -1.06
C TRP A 1575 20.68 37.00 -2.25
N GLN A 1576 19.84 37.66 -3.02
CA GLN A 1576 19.55 37.23 -4.37
C GLN A 1576 20.75 36.70 -5.09
N ILE A 1577 21.74 37.54 -5.19
CA ILE A 1577 22.77 37.35 -6.18
C ILE A 1577 23.35 35.95 -6.08
N PRO A 1578 24.07 35.60 -5.03
CA PRO A 1578 25.03 34.50 -5.12
C PRO A 1578 24.44 33.31 -5.78
N PHE A 1579 23.15 33.20 -5.66
CA PHE A 1579 22.53 31.96 -6.00
C PHE A 1579 21.77 32.12 -7.27
N LEU A 1580 21.54 33.36 -7.68
CA LEU A 1580 21.62 33.54 -9.10
C LEU A 1580 22.74 32.68 -9.57
N GLY A 1581 23.91 32.98 -9.04
CA GLY A 1581 25.04 32.12 -9.25
C GLY A 1581 24.68 30.68 -9.07
N ALA A 1582 24.07 30.35 -7.94
CA ALA A 1582 23.69 28.97 -7.73
C ALA A 1582 23.02 28.43 -8.97
N GLY A 1583 21.90 29.03 -9.33
CA GLY A 1583 21.23 28.59 -10.52
C GLY A 1583 22.13 28.72 -11.71
N ILE A 1584 22.82 29.83 -11.78
CA ILE A 1584 23.90 29.92 -12.74
C ILE A 1584 24.77 28.70 -12.64
N LYS A 1585 25.38 28.52 -11.48
CA LYS A 1585 25.99 27.24 -11.18
C LYS A 1585 25.07 26.14 -11.62
N ILE A 1586 23.87 26.13 -11.09
CA ILE A 1586 22.96 25.08 -11.47
C ILE A 1586 22.81 25.02 -12.97
N HIS A 1587 22.59 26.15 -13.61
CA HIS A 1587 22.30 26.05 -15.02
C HIS A 1587 23.44 25.31 -15.67
N GLU A 1588 24.64 25.67 -15.24
CA GLU A 1588 25.84 24.96 -15.57
C GLU A 1588 25.59 23.55 -16.00
N LYS A 1589 24.82 22.84 -15.21
CA LYS A 1589 24.95 21.41 -15.20
C LYS A 1589 24.53 20.79 -16.50
N ARG A 1590 23.49 21.31 -17.11
CA ARG A 1590 22.98 20.54 -18.22
C ARG A 1590 22.57 21.39 -19.40
N VAL A 1591 22.87 22.67 -19.37
CA VAL A 1591 22.67 23.58 -20.49
C VAL A 1591 23.54 23.22 -21.69
N SER A 1592 23.28 23.88 -22.83
CA SER A 1592 23.65 23.39 -24.16
C SER A 1592 24.95 23.96 -24.70
N ASP A 1593 25.45 23.24 -25.70
CA ASP A 1593 26.49 23.65 -26.59
C ASP A 1593 26.42 25.11 -26.95
N ASN A 1594 25.35 25.51 -27.62
CA ASN A 1594 25.25 26.86 -28.13
C ASN A 1594 25.30 27.89 -27.03
N LEU A 1595 24.86 27.52 -25.84
CA LEU A 1595 24.79 28.50 -24.78
C LEU A 1595 25.75 28.20 -23.66
N ARG A 1596 26.30 26.99 -23.63
CA ARG A 1596 27.50 26.78 -22.83
C ARG A 1596 28.38 28.00 -22.87
N PRO A 1597 28.67 28.59 -24.03
CA PRO A 1597 29.20 29.94 -24.01
C PRO A 1597 28.27 30.90 -23.34
N PHE A 1598 27.07 31.09 -23.86
CA PHE A 1598 26.19 32.06 -23.25
C PHE A 1598 26.13 31.81 -21.76
N HIS A 1599 26.24 30.56 -21.35
CA HIS A 1599 26.53 30.32 -19.94
C HIS A 1599 27.76 31.07 -19.54
N ASP A 1600 28.84 30.77 -20.22
CA ASP A 1600 30.12 31.32 -19.85
C ASP A 1600 29.99 32.77 -19.66
N ARG A 1601 29.60 33.40 -20.74
CA ARG A 1601 29.06 34.73 -20.73
C ARG A 1601 28.45 35.05 -19.38
N MET A 1602 27.53 34.23 -18.94
CA MET A 1602 26.84 34.70 -17.77
C MET A 1602 27.73 34.53 -16.56
N GLU A 1603 28.31 33.35 -16.36
CA GLU A 1603 29.18 33.14 -15.22
C GLU A 1603 30.10 34.30 -15.03
N GLU A 1604 30.77 34.64 -16.11
CA GLU A 1604 31.48 35.88 -16.16
C GLU A 1604 30.59 36.95 -15.57
N CYS A 1605 29.48 37.24 -16.24
CA CYS A 1605 28.62 38.31 -15.78
C CYS A 1605 28.30 38.19 -14.31
N PHE A 1606 28.36 37.00 -13.76
CA PHE A 1606 28.09 36.87 -12.34
C PHE A 1606 29.32 37.40 -11.66
N LYS A 1607 30.44 36.74 -11.91
CA LYS A 1607 31.69 37.25 -11.39
C LYS A 1607 31.65 38.74 -11.40
N ASN A 1608 31.26 39.29 -12.52
CA ASN A 1608 31.10 40.71 -12.68
C ASN A 1608 30.00 41.26 -11.78
N LEU A 1609 28.75 41.06 -12.13
CA LEU A 1609 27.66 41.81 -11.50
C LEU A 1609 27.38 41.33 -10.10
N LYS A 1610 27.43 40.03 -9.89
CA LYS A 1610 27.69 39.53 -8.57
C LYS A 1610 28.71 40.40 -7.89
N MET A 1611 29.90 40.51 -8.46
CA MET A 1611 30.92 41.25 -7.78
C MET A 1611 30.55 42.70 -7.70
N LYS A 1612 29.64 43.12 -8.55
CA LYS A 1612 29.21 44.50 -8.56
C LYS A 1612 28.15 44.72 -7.52
N VAL A 1613 27.61 43.63 -6.98
CA VAL A 1613 26.58 43.78 -5.98
C VAL A 1613 27.15 43.50 -4.62
N GLU A 1614 28.03 42.51 -4.57
CA GLU A 1614 29.06 42.53 -3.56
C GLU A 1614 29.58 43.94 -3.40
N LYS A 1615 30.01 44.55 -4.50
CA LYS A 1615 30.35 45.96 -4.51
C LYS A 1615 29.18 46.79 -4.04
N GLU A 1616 27.99 46.49 -4.55
CA GLU A 1616 26.81 47.14 -4.04
C GLU A 1616 26.71 46.90 -2.55
N TYR A 1617 26.81 45.65 -2.11
CA TYR A 1617 26.60 45.38 -0.70
C TYR A 1617 27.37 44.22 -0.08
N GLY A 1618 28.30 43.60 -0.78
CA GLY A 1618 28.96 42.47 -0.14
C GLY A 1618 28.25 41.16 -0.42
N VAL A 1619 29.05 40.12 -0.69
CA VAL A 1619 28.50 38.83 -1.10
C VAL A 1619 27.67 38.21 0.02
N ARG A 1620 26.77 37.32 -0.37
CA ARG A 1620 25.93 36.60 0.57
C ARG A 1620 25.95 35.12 0.24
N ALA B 5 -59.89 107.23 -41.66
CA ALA B 5 -59.79 105.85 -41.22
C ALA B 5 -60.41 104.90 -42.25
N ASP B 6 -61.65 105.19 -42.64
CA ASP B 6 -62.36 104.39 -43.63
C ASP B 6 -62.25 105.13 -44.97
N ILE B 7 -61.21 104.80 -45.72
CA ILE B 7 -60.87 105.51 -46.95
C ILE B 7 -60.94 104.53 -48.12
N VAL B 8 -61.38 105.03 -49.27
CA VAL B 8 -61.37 104.26 -50.51
C VAL B 8 -60.85 105.16 -51.64
N LYS B 9 -59.89 104.66 -52.40
CA LYS B 9 -59.27 105.43 -53.48
C LYS B 9 -60.09 105.24 -54.75
N VAL B 10 -60.50 106.35 -55.37
CA VAL B 10 -61.40 106.33 -56.52
C VAL B 10 -60.97 107.40 -57.51
N ALA B 11 -61.23 107.14 -58.80
CA ALA B 11 -61.12 108.13 -59.84
C ALA B 11 -62.53 108.46 -60.37
N ILE B 12 -62.82 109.75 -60.48
CA ILE B 12 -64.12 110.24 -60.93
C ILE B 12 -63.94 110.91 -62.28
N GLU B 13 -64.75 110.50 -63.26
CA GLU B 13 -64.61 110.98 -64.62
C GLU B 13 -65.85 111.75 -65.06
N TRP B 14 -65.69 112.49 -66.17
CA TRP B 14 -66.71 113.33 -66.77
C TRP B 14 -66.33 113.48 -68.24
N PRO B 15 -67.29 113.35 -69.16
CA PRO B 15 -66.96 113.55 -70.58
C PRO B 15 -66.42 114.95 -70.83
N GLY B 16 -65.21 115.01 -71.40
CA GLY B 16 -64.56 116.27 -71.70
C GLY B 16 -63.66 116.82 -70.62
N ALA B 17 -63.53 116.12 -69.49
CA ALA B 17 -62.69 116.57 -68.39
C ALA B 17 -61.73 115.47 -67.96
N TYR B 18 -60.75 115.85 -67.15
CA TYR B 18 -59.76 114.94 -66.61
C TYR B 18 -60.28 114.30 -65.32
N PRO B 19 -59.91 113.05 -65.06
CA PRO B 19 -60.43 112.38 -63.84
C PRO B 19 -59.83 112.98 -62.58
N LYS B 20 -60.68 113.12 -61.56
CA LYS B 20 -60.27 113.57 -60.25
C LYS B 20 -60.02 112.38 -59.35
N LEU B 21 -58.83 112.32 -58.76
CA LEU B 21 -58.44 111.23 -57.88
C LEU B 21 -58.77 111.61 -56.45
N MET B 22 -59.73 110.91 -55.86
CA MET B 22 -60.24 111.23 -54.53
C MET B 22 -60.05 110.05 -53.58
N GLU B 23 -59.60 110.35 -52.37
CA GLU B 23 -59.55 109.39 -51.28
C GLU B 23 -60.83 109.58 -50.46
N ILE B 24 -61.91 108.96 -50.93
CA ILE B 24 -63.23 109.16 -50.34
C ILE B 24 -63.23 108.62 -48.92
N ASP B 25 -63.57 109.49 -47.96
CA ASP B 25 -63.82 109.07 -46.59
C ASP B 25 -65.26 108.58 -46.48
N GLN B 26 -65.44 107.33 -46.07
CA GLN B 26 -66.77 106.74 -46.04
C GLN B 26 -67.68 107.36 -44.98
N LYS B 27 -67.15 108.21 -44.10
CA LYS B 27 -67.99 108.90 -43.13
C LYS B 27 -68.57 110.19 -43.68
N LYS B 28 -67.95 110.77 -44.70
CA LYS B 28 -68.47 112.00 -45.29
C LYS B 28 -69.70 111.69 -46.14
N PRO B 29 -70.74 112.52 -46.10
CA PRO B 29 -71.92 112.27 -46.94
C PRO B 29 -71.57 112.35 -48.41
N LEU B 30 -72.36 111.65 -49.22
CA LEU B 30 -72.12 111.64 -50.66
C LEU B 30 -72.27 113.03 -51.27
N SER B 31 -73.19 113.82 -50.73
CA SER B 31 -73.46 115.14 -51.29
C SER B 31 -72.23 116.04 -51.24
N ALA B 32 -71.50 116.00 -50.12
CA ALA B 32 -70.29 116.79 -50.00
C ALA B 32 -69.24 116.35 -51.04
N ILE B 33 -69.15 115.04 -51.28
CA ILE B 33 -68.20 114.54 -52.27
C ILE B 33 -68.58 115.04 -53.66
N ILE B 34 -69.85 114.93 -54.03
CA ILE B 34 -70.29 115.39 -55.34
C ILE B 34 -70.08 116.89 -55.48
N LYS B 35 -70.29 117.64 -54.39
CA LYS B 35 -70.06 119.08 -54.44
C LYS B 35 -68.60 119.40 -54.66
N GLU B 36 -67.71 118.68 -53.97
CA GLU B 36 -66.28 118.88 -54.19
C GLU B 36 -65.89 118.57 -55.63
N VAL B 37 -66.46 117.50 -56.19
CA VAL B 37 -66.13 117.12 -57.57
C VAL B 37 -66.64 118.17 -58.56
N CYS B 38 -67.87 118.64 -58.38
CA CYS B 38 -68.40 119.65 -59.29
C CYS B 38 -67.65 120.98 -59.14
N ASP B 39 -67.17 121.29 -57.94
CA ASP B 39 -66.36 122.50 -57.77
C ASP B 39 -65.00 122.35 -58.44
N GLY B 40 -64.42 121.15 -58.38
CA GLY B 40 -63.19 120.91 -59.12
C GLY B 40 -63.39 120.94 -60.62
N TRP B 41 -64.61 120.63 -61.08
CA TRP B 41 -64.94 120.70 -62.49
C TRP B 41 -65.70 121.97 -62.86
N SER B 42 -65.83 122.90 -61.92
CA SER B 42 -66.56 124.17 -62.13
C SER B 42 -67.97 123.91 -62.66
N LEU B 43 -68.64 122.92 -62.08
CA LEU B 43 -70.04 122.62 -62.41
C LEU B 43 -70.93 123.15 -61.30
N ALA B 44 -71.88 124.01 -61.67
CA ALA B 44 -72.84 124.50 -60.70
C ALA B 44 -73.95 123.46 -60.47
N ASN B 45 -74.71 123.68 -59.40
CA ASN B 45 -75.85 122.82 -59.03
C ASN B 45 -75.39 121.38 -58.82
N HIS B 46 -74.59 121.19 -57.77
CA HIS B 46 -74.08 119.86 -57.45
C HIS B 46 -75.21 118.90 -57.07
N GLU B 47 -76.34 119.43 -56.58
CA GLU B 47 -77.44 118.57 -56.18
C GLU B 47 -78.16 117.93 -57.36
N TYR B 48 -77.95 118.44 -58.58
CA TYR B 48 -78.48 117.78 -59.77
C TYR B 48 -77.71 116.53 -60.14
N PHE B 49 -76.57 116.28 -59.50
CA PHE B 49 -75.66 115.21 -59.89
C PHE B 49 -75.58 114.13 -58.83
N ALA B 50 -75.21 112.94 -59.27
CA ALA B 50 -74.90 111.82 -58.40
C ALA B 50 -73.72 111.07 -59.00
N LEU B 51 -73.43 109.91 -58.43
CA LEU B 51 -72.27 109.14 -58.83
C LEU B 51 -72.71 107.72 -59.23
N GLN B 52 -72.10 107.21 -60.31
CA GLN B 52 -72.41 105.89 -60.81
C GLN B 52 -71.12 105.19 -61.20
N HIS B 53 -71.24 103.92 -61.57
CA HIS B 53 -70.09 103.15 -62.01
C HIS B 53 -69.79 103.43 -63.48
N ALA B 54 -68.50 103.63 -63.79
CA ALA B 54 -68.11 103.79 -65.18
C ALA B 54 -67.97 102.44 -65.87
N ASP B 55 -67.85 101.39 -65.08
CA ASP B 55 -67.76 100.00 -65.51
C ASP B 55 -69.15 99.46 -65.88
N SER B 56 -69.28 98.15 -65.74
CA SER B 56 -70.49 97.35 -66.06
C SER B 56 -71.70 98.00 -65.35
N SER B 57 -72.90 97.47 -65.52
CA SER B 57 -74.16 98.16 -65.84
C SER B 57 -74.38 99.50 -65.11
N ASN B 58 -73.45 99.94 -64.26
CA ASN B 58 -73.40 101.35 -63.84
C ASN B 58 -74.55 101.72 -62.91
N PHE B 59 -74.76 100.88 -61.89
CA PHE B 59 -75.69 101.21 -60.83
C PHE B 59 -75.31 102.53 -60.16
N TYR B 60 -76.31 103.36 -59.93
CA TYR B 60 -76.09 104.60 -59.19
C TYR B 60 -75.70 104.29 -57.75
N ILE B 61 -74.90 105.17 -57.16
CA ILE B 61 -74.38 104.92 -55.81
C ILE B 61 -75.20 105.68 -54.79
N THR B 62 -75.64 104.97 -53.75
CA THR B 62 -76.37 105.51 -52.62
C THR B 62 -75.51 105.29 -51.38
N GLU B 63 -75.89 105.92 -50.26
CA GLU B 63 -75.15 105.75 -49.01
C GLU B 63 -75.04 104.29 -48.59
N LYS B 64 -75.83 103.40 -49.17
CA LYS B 64 -75.73 101.96 -48.88
C LYS B 64 -74.71 101.29 -49.79
N ASN B 65 -74.85 101.48 -51.10
CA ASN B 65 -73.98 100.82 -52.07
C ASN B 65 -72.55 101.34 -52.06
N ARG B 66 -72.31 102.54 -51.52
CA ARG B 66 -70.96 103.09 -51.52
C ARG B 66 -70.01 102.25 -50.67
N ASN B 67 -70.54 101.41 -49.79
CA ASN B 67 -69.69 100.51 -49.01
C ASN B 67 -69.09 99.41 -49.87
N GLU B 68 -69.73 99.06 -50.98
CA GLU B 68 -69.20 98.06 -51.90
C GLU B 68 -68.14 98.62 -52.84
N ILE B 69 -67.83 99.91 -52.73
CA ILE B 69 -66.83 100.52 -53.60
C ILE B 69 -65.45 100.02 -53.23
N LYS B 70 -64.75 99.41 -54.19
CA LYS B 70 -63.41 98.90 -53.96
C LYS B 70 -62.37 99.95 -54.32
N ASN B 71 -61.14 99.73 -53.87
CA ASN B 71 -60.06 100.66 -54.16
C ASN B 71 -59.67 100.60 -55.63
N GLY B 72 -59.47 101.77 -56.23
CA GLY B 72 -59.04 101.86 -57.60
C GLY B 72 -60.15 101.79 -58.64
N THR B 73 -61.40 101.72 -58.22
CA THR B 73 -62.49 101.67 -59.18
C THR B 73 -62.59 102.99 -59.92
N ILE B 74 -63.07 102.92 -61.17
CA ILE B 74 -63.34 104.10 -61.97
C ILE B 74 -64.82 104.40 -61.88
N LEU B 75 -65.14 105.62 -61.47
CA LEU B 75 -66.53 106.02 -61.30
C LEU B 75 -66.81 107.27 -62.12
N ARG B 76 -68.06 107.41 -62.54
CA ARG B 76 -68.49 108.53 -63.37
C ARG B 76 -69.54 109.34 -62.60
N LEU B 77 -69.24 110.60 -62.33
CA LEU B 77 -70.28 111.52 -61.92
C LEU B 77 -71.25 111.71 -63.09
N THR B 78 -72.53 111.84 -62.79
CA THR B 78 -73.53 111.97 -63.83
C THR B 78 -74.78 112.60 -63.24
N THR B 79 -75.87 112.56 -64.01
CA THR B 79 -77.14 113.04 -63.52
C THR B 79 -77.63 112.17 -62.36
N SER B 80 -78.38 112.78 -61.45
CA SER B 80 -78.92 112.07 -60.29
C SER B 80 -79.92 111.01 -60.76
N PRO B 81 -80.20 110.01 -59.92
CA PRO B 81 -81.25 109.04 -60.29
C PRO B 81 -82.58 109.71 -60.64
N ALA B 82 -82.95 110.77 -59.93
CA ALA B 82 -84.18 111.50 -60.26
C ALA B 82 -84.09 112.12 -61.65
N GLN B 83 -82.94 112.72 -61.97
CA GLN B 83 -82.74 113.31 -63.30
C GLN B 83 -82.77 112.25 -64.39
N ASN B 84 -82.16 111.09 -64.14
CA ASN B 84 -82.21 110.00 -65.11
C ASN B 84 -83.64 109.52 -65.33
N ALA B 85 -84.39 109.36 -64.24
CA ALA B 85 -85.79 108.96 -64.37
C ALA B 85 -86.60 109.99 -65.14
N GLN B 86 -86.33 111.28 -64.91
CA GLN B 86 -87.06 112.32 -65.62
C GLN B 86 -86.75 112.31 -67.11
N GLN B 87 -85.46 112.28 -67.46
CA GLN B 87 -85.10 112.29 -68.88
C GLN B 87 -85.61 111.03 -69.57
N LEU B 88 -85.68 109.91 -68.84
CA LEU B 88 -86.17 108.69 -69.44
C LEU B 88 -87.69 108.71 -69.63
N HIS B 89 -88.42 109.23 -68.63
CA HIS B 89 -89.86 109.40 -68.79
C HIS B 89 -90.18 110.34 -69.96
N GLU B 90 -89.30 111.31 -70.21
CA GLU B 90 -89.51 112.20 -71.34
C GLU B 90 -89.21 111.50 -72.66
N ARG B 91 -88.06 110.82 -72.75
CA ARG B 91 -87.58 110.32 -74.03
C ARG B 91 -88.27 109.03 -74.46
N ILE B 92 -88.67 108.18 -73.52
CA ILE B 92 -89.33 106.93 -73.88
C ILE B 92 -90.72 107.15 -74.47
N GLN B 93 -91.28 108.34 -74.32
CA GLN B 93 -92.56 108.71 -74.91
C GLN B 93 -92.39 109.64 -76.10
N SER B 94 -91.17 109.81 -76.61
CA SER B 94 -90.92 110.77 -77.67
C SER B 94 -91.52 110.29 -78.99
N SER B 95 -91.93 111.26 -79.82
CA SER B 95 -92.47 110.94 -81.13
C SER B 95 -91.42 110.44 -82.10
N SER B 96 -90.14 110.71 -81.84
CA SER B 96 -89.06 110.19 -82.66
C SER B 96 -88.82 108.72 -82.30
N MET B 97 -88.95 107.83 -83.29
CA MET B 97 -88.83 106.41 -83.01
C MET B 97 -87.42 106.03 -82.58
N ASP B 98 -86.39 106.65 -83.16
CA ASP B 98 -85.02 106.35 -82.75
C ASP B 98 -84.75 106.82 -81.33
N ALA B 99 -85.26 108.01 -80.98
CA ALA B 99 -85.11 108.51 -79.62
C ALA B 99 -85.83 107.60 -78.62
N LYS B 100 -87.05 107.18 -78.96
CA LYS B 100 -87.78 106.27 -78.09
C LYS B 100 -87.07 104.93 -77.96
N LEU B 101 -86.47 104.45 -79.03
CA LEU B 101 -85.74 103.18 -79.00
C LEU B 101 -84.52 103.28 -78.09
N GLU B 102 -83.72 104.33 -78.27
CA GLU B 102 -82.53 104.51 -77.42
C GLU B 102 -82.94 104.71 -75.96
N ALA B 103 -84.04 105.43 -75.73
CA ALA B 103 -84.52 105.63 -74.37
C ALA B 103 -84.96 104.33 -73.74
N LEU B 104 -85.72 103.51 -74.48
CA LEU B 104 -86.15 102.22 -73.96
C LEU B 104 -84.97 101.31 -73.69
N LYS B 105 -83.94 101.38 -74.53
CA LYS B 105 -82.75 100.56 -74.31
C LYS B 105 -82.02 100.99 -73.04
N ASP B 106 -81.73 102.29 -72.90
CA ASP B 106 -81.05 102.77 -71.70
C ASP B 106 -81.90 102.53 -70.46
N LEU B 107 -83.22 102.55 -70.61
CA LEU B 107 -84.10 102.34 -69.46
C LEU B 107 -84.13 100.88 -69.04
N ALA B 108 -84.15 99.97 -70.01
CA ALA B 108 -84.03 98.55 -69.68
C ALA B 108 -82.66 98.22 -69.12
N SER B 109 -81.65 99.03 -69.46
CA SER B 109 -80.32 98.83 -68.89
C SER B 109 -80.26 99.30 -67.45
N LEU B 110 -80.82 100.47 -67.16
CA LEU B 110 -80.66 101.09 -65.86
C LEU B 110 -81.78 100.71 -64.88
N SER B 111 -82.83 100.04 -65.36
CA SER B 111 -83.95 99.65 -64.52
C SER B 111 -83.60 98.56 -63.53
N ARG B 112 -82.44 97.90 -63.69
CA ARG B 112 -82.04 96.90 -62.71
C ARG B 112 -81.59 97.52 -61.40
N ASP B 113 -81.36 98.83 -61.38
CA ASP B 113 -80.94 99.53 -60.18
C ASP B 113 -82.17 99.94 -59.37
N VAL B 114 -82.13 99.66 -58.07
CA VAL B 114 -83.28 99.98 -57.21
C VAL B 114 -83.39 101.48 -56.98
N THR B 115 -82.26 102.19 -56.97
CA THR B 115 -82.30 103.61 -56.63
C THR B 115 -82.82 104.46 -57.79
N PHE B 116 -82.56 104.04 -59.02
CA PHE B 116 -83.16 104.72 -60.17
C PHE B 116 -84.61 104.28 -60.36
N ALA B 117 -84.87 102.98 -60.17
CA ALA B 117 -86.23 102.47 -60.36
C ALA B 117 -87.17 103.06 -59.32
N GLN B 118 -86.66 103.42 -58.15
CA GLN B 118 -87.47 104.17 -57.20
C GLN B 118 -88.01 105.45 -57.84
N GLU B 119 -87.12 106.28 -58.37
CA GLU B 119 -87.54 107.53 -58.98
C GLU B 119 -88.45 107.30 -60.18
N PHE B 120 -88.21 106.20 -60.91
CA PHE B 120 -88.98 105.97 -62.13
C PHE B 120 -90.39 105.47 -61.81
N ILE B 121 -90.54 104.64 -60.78
CA ILE B 121 -91.88 104.23 -60.37
C ILE B 121 -92.61 105.37 -59.70
N ASN B 122 -91.88 106.24 -58.98
CA ASN B 122 -92.54 107.35 -58.30
C ASN B 122 -93.11 108.39 -59.27
N LEU B 123 -92.82 108.29 -60.57
CA LEU B 123 -93.40 109.17 -61.57
C LEU B 123 -94.40 108.45 -62.46
N ASP B 124 -94.83 107.25 -62.06
CA ASP B 124 -95.80 106.45 -62.82
C ASP B 124 -95.31 106.15 -64.23
N GLY B 125 -93.99 106.03 -64.40
CA GLY B 125 -93.47 105.53 -65.66
C GLY B 125 -93.95 104.11 -65.95
N ILE B 126 -94.25 103.36 -64.90
CA ILE B 126 -94.97 102.10 -65.05
C ILE B 126 -96.22 102.28 -65.89
N SER B 127 -96.96 103.37 -65.66
CA SER B 127 -98.15 103.65 -66.46
C SER B 127 -97.80 104.02 -67.90
N LEU B 128 -96.69 104.72 -68.11
CA LEU B 128 -96.26 105.03 -69.47
C LEU B 128 -95.97 103.75 -70.24
N LEU B 129 -95.20 102.85 -69.65
CA LEU B 129 -94.89 101.58 -70.33
C LEU B 129 -96.16 100.76 -70.53
N THR B 130 -97.03 100.73 -69.52
CA THR B 130 -98.32 100.06 -69.64
C THR B 130 -99.10 100.57 -70.84
N GLN B 131 -99.23 101.88 -70.99
CA GLN B 131 -99.96 102.44 -72.11
C GLN B 131 -99.27 102.15 -73.43
N MET B 132 -97.93 102.16 -73.43
CA MET B 132 -97.18 101.86 -74.65
C MET B 132 -97.46 100.44 -75.13
N VAL B 133 -97.61 99.49 -74.19
CA VAL B 133 -97.92 98.12 -74.60
C VAL B 133 -99.39 97.99 -74.97
N GLU B 134 -100.27 98.68 -74.24
CA GLU B 134 -101.71 98.54 -74.48
C GLU B 134 -102.10 99.11 -75.84
N SER B 135 -101.60 100.30 -76.18
CA SER B 135 -102.05 100.99 -77.38
C SER B 135 -100.95 101.21 -78.43
N GLY B 136 -99.77 100.62 -78.25
CA GLY B 136 -98.73 100.78 -79.25
C GLY B 136 -99.08 100.08 -80.54
N THR B 137 -98.77 100.73 -81.65
CA THR B 137 -99.07 100.22 -82.98
C THR B 137 -97.82 99.69 -83.65
N GLU B 138 -98.01 98.68 -84.50
CA GLU B 138 -96.90 98.03 -85.22
C GLU B 138 -95.80 97.57 -84.27
N LEU B 139 -96.19 97.03 -83.12
CA LEU B 139 -95.24 96.70 -82.07
C LEU B 139 -94.69 95.28 -82.24
N ASP B 153 -88.68 95.85 -81.33
CA ASP B 153 -87.54 96.25 -80.51
C ASP B 153 -87.98 97.15 -79.35
N MET B 154 -88.84 98.14 -79.68
CA MET B 154 -89.31 99.06 -78.66
C MET B 154 -90.05 98.30 -77.55
N LEU B 155 -90.89 97.35 -77.93
CA LEU B 155 -91.68 96.62 -76.94
C LEU B 155 -90.81 95.73 -76.08
N SER B 156 -89.74 95.18 -76.64
CA SER B 156 -88.86 94.32 -75.86
C SER B 156 -88.20 95.09 -74.72
N PHE B 157 -87.60 96.24 -75.03
CA PHE B 157 -87.00 97.05 -73.98
C PHE B 157 -88.06 97.61 -73.04
N THR B 158 -89.24 97.93 -73.57
CA THR B 158 -90.36 98.36 -72.73
C THR B 158 -90.65 97.32 -71.65
N LEU B 159 -90.89 96.07 -72.05
CA LEU B 159 -91.26 95.03 -71.11
C LEU B 159 -90.09 94.66 -70.19
N THR B 160 -88.86 94.70 -70.70
CA THR B 160 -87.70 94.44 -69.86
C THR B 160 -87.58 95.48 -68.75
N ALA B 161 -87.70 96.76 -69.12
CA ALA B 161 -87.74 97.82 -68.13
C ALA B 161 -88.88 97.60 -67.15
N PHE B 162 -90.04 97.17 -67.65
CA PHE B 162 -91.20 96.93 -66.80
C PHE B 162 -90.88 95.90 -65.71
N VAL B 163 -90.33 94.75 -66.11
CA VAL B 163 -90.07 93.70 -65.14
C VAL B 163 -88.95 94.10 -64.19
N GLU B 164 -87.91 94.77 -64.70
CA GLU B 164 -86.83 95.23 -63.83
C GLU B 164 -87.34 96.25 -62.82
N LEU B 165 -88.31 97.07 -63.24
CA LEU B 165 -88.90 98.06 -62.34
C LEU B 165 -89.73 97.38 -61.27
N MET B 166 -90.56 96.42 -61.66
CA MET B 166 -91.49 95.79 -60.72
C MET B 166 -90.80 94.77 -59.83
N ASP B 167 -89.57 94.35 -60.17
CA ASP B 167 -88.85 93.40 -59.34
C ASP B 167 -88.34 94.00 -58.03
N HIS B 168 -88.56 95.29 -57.79
CA HIS B 168 -88.00 95.94 -56.61
C HIS B 168 -89.02 96.18 -55.51
N GLY B 169 -90.28 95.80 -55.72
CA GLY B 169 -91.27 95.84 -54.65
C GLY B 169 -91.55 97.20 -54.05
N ILE B 170 -91.60 98.26 -54.88
CA ILE B 170 -91.91 99.58 -54.35
C ILE B 170 -93.40 99.87 -54.45
N VAL B 171 -94.07 99.36 -55.49
CA VAL B 171 -95.52 99.42 -55.60
C VAL B 171 -96.05 98.02 -55.84
N SER B 172 -97.34 97.85 -55.59
CA SER B 172 -97.98 96.54 -55.70
C SER B 172 -98.27 96.21 -57.16
N TRP B 173 -98.31 94.91 -57.46
CA TRP B 173 -98.68 94.47 -58.80
C TRP B 173 -100.14 94.70 -59.11
N ASP B 174 -100.97 94.93 -58.08
CA ASP B 174 -102.40 95.17 -58.27
C ASP B 174 -102.69 96.51 -58.93
N THR B 175 -101.67 97.35 -59.16
CA THR B 175 -101.90 98.62 -59.82
C THR B 175 -102.06 98.47 -61.34
N PHE B 176 -101.72 97.31 -61.88
CA PHE B 176 -101.86 97.08 -63.31
C PHE B 176 -103.33 96.99 -63.70
N SER B 177 -103.69 97.66 -64.80
CA SER B 177 -105.05 97.66 -65.27
C SER B 177 -105.35 96.34 -66.01
N VAL B 178 -106.65 96.05 -66.14
CA VAL B 178 -107.07 94.84 -66.83
C VAL B 178 -106.72 94.90 -68.30
N ALA B 179 -106.61 96.10 -68.86
CA ALA B 179 -106.23 96.23 -70.27
C ALA B 179 -104.82 95.72 -70.52
N PHE B 180 -103.88 96.06 -69.65
CA PHE B 180 -102.51 95.55 -69.79
C PHE B 180 -102.46 94.05 -69.62
N ILE B 181 -103.27 93.51 -68.70
CA ILE B 181 -103.30 92.08 -68.47
C ILE B 181 -103.81 91.36 -69.72
N LYS B 182 -104.87 91.90 -70.32
CA LYS B 182 -105.39 91.32 -71.55
C LYS B 182 -104.39 91.48 -72.70
N LYS B 183 -103.62 92.57 -72.70
CA LYS B 183 -102.63 92.76 -73.76
C LYS B 183 -101.50 91.74 -73.67
N ILE B 184 -100.95 91.54 -72.48
CA ILE B 184 -99.88 90.56 -72.33
C ILE B 184 -100.43 89.15 -72.52
N ALA B 185 -101.70 88.94 -72.16
CA ALA B 185 -102.32 87.64 -72.39
C ALA B 185 -102.57 87.39 -73.87
N SER B 186 -102.78 88.47 -74.63
CA SER B 186 -102.89 88.34 -76.08
C SER B 186 -101.53 88.06 -76.70
N PHE B 187 -100.48 88.68 -76.18
CA PHE B 187 -99.15 88.42 -76.69
C PHE B 187 -98.69 87.00 -76.41
N VAL B 188 -99.01 86.46 -75.23
CA VAL B 188 -98.68 85.08 -74.96
C VAL B 188 -99.69 84.14 -75.62
N ASN B 189 -100.88 84.65 -75.97
CA ASN B 189 -101.97 83.83 -76.47
C ASN B 189 -102.05 83.78 -78.00
N LYS B 190 -101.46 84.74 -78.69
CA LYS B 190 -101.48 84.75 -80.15
C LYS B 190 -100.50 83.72 -80.68
N SER B 191 -100.59 83.47 -81.99
CA SER B 191 -99.61 82.64 -82.69
C SER B 191 -98.21 83.17 -82.41
N ALA B 192 -97.22 82.28 -82.37
CA ALA B 192 -95.86 82.60 -81.94
C ALA B 192 -95.36 83.93 -82.49
N ILE B 193 -94.98 84.83 -81.59
CA ILE B 193 -94.55 86.18 -81.94
C ILE B 193 -93.06 86.29 -81.63
N ASP B 194 -92.49 87.49 -81.86
CA ASP B 194 -91.09 87.76 -81.57
C ASP B 194 -90.68 87.15 -80.24
N ILE B 195 -89.52 86.49 -80.23
CA ILE B 195 -89.13 85.67 -79.09
C ILE B 195 -89.05 86.50 -77.82
N SER B 196 -88.34 87.63 -77.87
CA SER B 196 -88.13 88.45 -76.67
C SER B 196 -89.45 88.96 -76.11
N ILE B 197 -90.38 89.36 -76.99
CA ILE B 197 -91.69 89.79 -76.52
C ILE B 197 -92.39 88.67 -75.76
N LEU B 198 -92.30 87.44 -76.28
CA LEU B 198 -92.91 86.31 -75.60
C LEU B 198 -92.26 86.04 -74.25
N GLN B 199 -90.92 86.14 -74.19
CA GLN B 199 -90.22 85.93 -72.93
C GLN B 199 -90.69 86.93 -71.88
N ARG B 200 -90.71 88.21 -72.25
CA ARG B 200 -91.10 89.25 -71.30
C ARG B 200 -92.56 89.14 -70.91
N SER B 201 -93.44 88.78 -71.85
CA SER B 201 -94.84 88.62 -71.53
C SER B 201 -95.06 87.45 -70.58
N LEU B 202 -94.37 86.34 -70.81
CA LEU B 202 -94.47 85.19 -69.91
C LEU B 202 -93.92 85.53 -68.53
N ALA B 203 -92.86 86.33 -68.48
CA ALA B 203 -92.31 86.75 -67.19
C ALA B 203 -93.31 87.63 -66.44
N ILE B 204 -93.91 88.60 -67.13
CA ILE B 204 -94.92 89.44 -66.50
C ILE B 204 -96.08 88.61 -66.00
N LEU B 205 -96.54 87.65 -66.81
CA LEU B 205 -97.66 86.80 -66.41
C LEU B 205 -97.32 85.98 -65.18
N GLU B 206 -96.14 85.36 -65.16
CA GLU B 206 -95.72 84.58 -64.00
C GLU B 206 -95.67 85.44 -62.75
N SER B 207 -95.05 86.63 -62.87
CA SER B 207 -94.91 87.50 -61.70
C SER B 207 -96.27 87.97 -61.19
N MET B 208 -97.19 88.32 -62.08
CA MET B 208 -98.48 88.84 -61.64
C MET B 208 -99.33 87.73 -61.04
N VAL B 209 -99.17 86.49 -61.51
CA VAL B 209 -99.81 85.36 -60.84
C VAL B 209 -99.21 85.16 -59.46
N LEU B 210 -97.89 85.30 -59.34
CA LEU B 210 -97.25 85.07 -58.04
C LEU B 210 -97.62 86.12 -57.01
N ASN B 211 -97.81 87.37 -57.42
CA ASN B 211 -97.96 88.44 -56.44
C ASN B 211 -99.42 88.74 -56.10
N SER B 212 -100.38 88.32 -56.92
CA SER B 212 -101.77 88.68 -56.68
C SER B 212 -102.68 87.51 -57.01
N HIS B 213 -103.68 87.27 -56.16
CA HIS B 213 -104.64 86.21 -56.44
C HIS B 213 -105.68 86.67 -57.46
N ASP B 214 -106.13 87.93 -57.36
CA ASP B 214 -107.06 88.45 -58.36
C ASP B 214 -106.40 88.51 -59.73
N LEU B 215 -105.10 88.79 -59.78
CA LEU B 215 -104.39 88.77 -61.06
C LEU B 215 -104.33 87.36 -61.62
N TYR B 216 -104.19 86.36 -60.75
CA TYR B 216 -104.25 84.97 -61.21
C TYR B 216 -105.65 84.64 -61.75
N GLN B 217 -106.69 85.11 -61.05
CA GLN B 217 -108.05 84.93 -61.55
C GLN B 217 -108.20 85.52 -62.94
N LYS B 218 -107.67 86.73 -63.14
CA LYS B 218 -107.82 87.41 -64.43
C LYS B 218 -106.96 86.73 -65.50
N VAL B 219 -105.84 86.13 -65.11
CA VAL B 219 -104.93 85.54 -66.09
C VAL B 219 -105.43 84.17 -66.52
N ALA B 220 -106.02 83.40 -65.60
CA ALA B 220 -106.44 82.04 -65.91
C ALA B 220 -107.55 82.02 -66.95
N GLN B 221 -108.37 83.07 -67.00
CA GLN B 221 -109.44 83.13 -67.98
C GLN B 221 -108.99 83.69 -69.33
N GLU B 222 -107.80 84.30 -69.38
CA GLU B 222 -107.30 84.91 -70.61
C GLU B 222 -106.36 84.01 -71.39
N ILE B 223 -105.80 82.97 -70.76
CA ILE B 223 -104.90 82.04 -71.43
C ILE B 223 -105.45 80.63 -71.25
N THR B 224 -105.23 79.79 -72.26
CA THR B 224 -105.68 78.41 -72.22
C THR B 224 -104.50 77.44 -72.17
N ILE B 225 -104.79 76.19 -71.82
CA ILE B 225 -103.76 75.17 -71.72
C ILE B 225 -103.14 74.91 -73.10
N GLY B 226 -103.99 74.86 -74.13
CA GLY B 226 -103.49 74.67 -75.48
C GLY B 226 -102.71 75.87 -75.99
N GLN B 227 -102.52 76.88 -75.15
CA GLN B 227 -101.66 77.99 -75.50
C GLN B 227 -100.36 77.94 -74.71
N LEU B 228 -100.44 77.54 -73.44
CA LEU B 228 -99.23 77.45 -72.62
C LEU B 228 -98.40 76.23 -73.00
N ILE B 229 -99.03 75.23 -73.61
CA ILE B 229 -98.33 74.02 -74.02
C ILE B 229 -97.45 74.25 -75.25
N PRO B 230 -97.95 74.81 -76.35
CA PRO B 230 -97.10 74.89 -77.56
C PRO B 230 -95.88 75.78 -77.41
N HIS B 231 -95.85 76.68 -76.43
CA HIS B 231 -94.63 77.43 -76.19
C HIS B 231 -93.50 76.54 -75.71
N LEU B 232 -93.82 75.34 -75.24
CA LEU B 232 -92.79 74.35 -74.94
C LEU B 232 -92.21 73.74 -76.21
N GLN B 233 -92.92 73.82 -77.33
CA GLN B 233 -92.45 73.31 -78.60
C GLN B 233 -91.35 74.17 -79.22
N GLY B 234 -91.02 75.31 -78.61
CA GLY B 234 -89.98 76.15 -79.14
C GLY B 234 -88.59 75.61 -78.84
N SER B 235 -87.66 75.86 -79.76
CA SER B 235 -86.29 75.38 -79.61
C SER B 235 -85.50 76.20 -78.60
N ASP B 236 -85.96 77.37 -78.21
CA ASP B 236 -85.29 78.18 -77.21
C ASP B 236 -85.71 77.68 -75.82
N GLN B 237 -84.72 77.27 -75.03
CA GLN B 237 -85.02 76.67 -73.73
C GLN B 237 -85.59 77.71 -72.75
N GLU B 238 -85.27 78.99 -72.95
CA GLU B 238 -85.82 80.02 -72.06
C GLU B 238 -87.33 80.12 -72.22
N ILE B 239 -87.84 80.02 -73.46
CA ILE B 239 -89.28 79.98 -73.68
C ILE B 239 -89.89 78.86 -72.86
N GLN B 240 -89.24 77.69 -72.87
CA GLN B 240 -89.75 76.54 -72.14
C GLN B 240 -89.76 76.79 -70.64
N THR B 241 -88.66 77.35 -70.12
CA THR B 241 -88.59 77.63 -68.69
C THR B 241 -89.69 78.59 -68.26
N TYR B 242 -89.88 79.69 -69.00
CA TYR B 242 -90.91 80.65 -68.61
C TYR B 242 -92.32 80.11 -68.83
N THR B 243 -92.50 79.23 -69.82
CA THR B 243 -93.81 78.63 -70.04
C THR B 243 -94.20 77.71 -68.89
N ILE B 244 -93.31 76.79 -68.52
CA ILE B 244 -93.60 75.91 -67.39
C ILE B 244 -93.64 76.72 -66.10
N ALA B 245 -92.96 77.88 -66.08
CA ALA B 245 -93.06 78.77 -64.92
C ALA B 245 -94.47 79.33 -64.79
N VAL B 246 -95.06 79.77 -65.90
CA VAL B 246 -96.45 80.21 -65.87
C VAL B 246 -97.37 79.06 -65.48
N ILE B 247 -97.07 77.86 -65.98
CA ILE B 247 -97.82 76.66 -65.60
C ILE B 247 -97.82 76.50 -64.08
N ASN B 248 -96.63 76.44 -63.48
CA ASN B 248 -96.52 76.19 -62.05
C ASN B 248 -97.04 77.37 -61.24
N ALA B 249 -97.02 78.57 -61.80
CA ALA B 249 -97.62 79.71 -61.12
C ALA B 249 -99.13 79.55 -61.04
N LEU B 250 -99.77 79.23 -62.17
CA LEU B 250 -101.21 78.98 -62.15
C LEU B 250 -101.54 77.80 -61.24
N PHE B 251 -100.62 76.85 -61.12
CA PHE B 251 -100.87 75.67 -60.28
C PHE B 251 -100.77 76.03 -58.79
N LEU B 252 -99.74 76.78 -58.40
CA LEU B 252 -99.59 77.19 -57.01
C LEU B 252 -100.72 78.12 -56.58
N LYS B 253 -101.15 79.01 -57.47
CA LYS B 253 -102.20 79.95 -57.12
C LYS B 253 -103.61 79.39 -57.33
N ALA B 254 -103.73 78.17 -57.84
CA ALA B 254 -105.04 77.58 -58.08
C ALA B 254 -105.68 77.13 -56.77
N PRO B 255 -107.01 77.13 -56.71
CA PRO B 255 -107.70 76.56 -55.55
C PRO B 255 -107.45 75.06 -55.46
N ASP B 256 -107.56 74.54 -54.24
CA ASP B 256 -107.30 73.11 -54.01
C ASP B 256 -108.34 72.25 -54.72
N GLU B 257 -109.60 72.70 -54.76
CA GLU B 257 -110.65 71.91 -55.40
C GLU B 257 -110.47 71.89 -56.91
N ARG B 258 -110.13 73.04 -57.50
CA ARG B 258 -109.94 73.13 -58.95
C ARG B 258 -108.58 72.61 -59.39
N ARG B 259 -107.68 72.33 -58.46
CA ARG B 259 -106.34 71.84 -58.83
C ARG B 259 -106.41 70.48 -59.50
N GLN B 260 -107.24 69.57 -58.98
CA GLN B 260 -107.38 68.26 -59.61
C GLN B 260 -107.98 68.36 -60.99
N GLU B 261 -108.98 69.24 -61.16
CA GLU B 261 -109.57 69.44 -62.49
C GLU B 261 -108.55 70.01 -63.46
N MET B 262 -107.72 70.95 -62.99
CA MET B 262 -106.66 71.49 -63.84
C MET B 262 -105.66 70.41 -64.22
N ALA B 263 -105.32 69.53 -63.27
CA ALA B 263 -104.41 68.44 -63.57
C ALA B 263 -104.99 67.48 -64.60
N ASN B 264 -106.29 67.19 -64.48
CA ASN B 264 -106.93 66.32 -65.47
C ASN B 264 -106.97 66.99 -66.84
N ILE B 265 -107.25 68.29 -66.89
CA ILE B 265 -107.27 69.01 -68.16
C ILE B 265 -105.88 69.03 -68.78
N LEU B 266 -104.84 69.11 -67.95
CA LEU B 266 -103.48 69.11 -68.47
C LEU B 266 -103.09 67.72 -68.98
N ALA B 267 -103.47 66.66 -68.25
CA ALA B 267 -103.14 65.31 -68.68
C ALA B 267 -103.91 64.93 -69.93
N GLN B 268 -105.11 65.48 -70.10
CA GLN B 268 -105.89 65.22 -71.30
C GLN B 268 -105.24 65.76 -72.56
N LYS B 269 -104.44 66.83 -72.43
CA LYS B 269 -103.67 67.37 -73.55
C LYS B 269 -102.26 66.81 -73.60
N GLN B 270 -102.03 65.67 -72.93
CA GLN B 270 -100.77 64.93 -73.00
C GLN B 270 -99.58 65.79 -72.56
N LEU B 271 -99.78 66.58 -71.51
CA LEU B 271 -98.72 67.47 -71.02
C LEU B 271 -97.49 66.68 -70.60
N ARG B 272 -97.69 65.53 -69.97
CA ARG B 272 -96.58 64.72 -69.50
C ARG B 272 -95.73 64.21 -70.67
N SER B 273 -96.37 63.55 -71.64
CA SER B 273 -95.64 63.03 -72.78
C SER B 273 -95.02 64.14 -73.63
N ILE B 274 -95.67 65.30 -73.69
CA ILE B 274 -95.10 66.43 -74.42
C ILE B 274 -93.80 66.89 -73.77
N ILE B 275 -93.80 67.07 -72.44
CA ILE B 275 -92.56 67.44 -71.77
C ILE B 275 -91.52 66.34 -71.92
N LEU B 276 -91.95 65.08 -71.92
CA LEU B 276 -91.00 63.98 -72.11
C LEU B 276 -90.32 64.07 -73.48
N THR B 277 -91.11 64.25 -74.53
CA THR B 277 -90.55 64.22 -75.88
C THR B 277 -89.77 65.48 -76.22
N HIS B 278 -90.09 66.60 -75.60
CA HIS B 278 -89.46 67.86 -76.01
C HIS B 278 -88.65 68.55 -74.93
N VAL B 279 -88.50 67.96 -73.74
CA VAL B 279 -87.67 68.57 -72.71
C VAL B 279 -86.61 67.60 -72.21
N ILE B 280 -87.05 66.51 -71.56
CA ILE B 280 -86.10 65.62 -70.90
C ILE B 280 -85.35 64.80 -71.92
N ARG B 281 -85.94 64.58 -73.09
CA ARG B 281 -85.28 63.92 -74.20
C ARG B 281 -85.00 64.87 -75.35
N ALA B 282 -85.04 66.17 -75.10
CA ALA B 282 -84.74 67.15 -76.14
C ALA B 282 -83.25 67.19 -76.43
N GLN B 283 -82.89 67.92 -77.50
CA GLN B 283 -81.48 68.04 -77.86
C GLN B 283 -80.72 68.90 -76.85
N ARG B 284 -81.33 70.01 -76.42
CA ARG B 284 -80.68 70.90 -75.47
C ARG B 284 -80.69 70.29 -74.08
N ALA B 285 -79.55 70.37 -73.39
CA ALA B 285 -79.46 69.83 -72.04
C ALA B 285 -80.27 70.67 -71.06
N ILE B 286 -80.77 70.02 -70.01
CA ILE B 286 -81.61 70.70 -69.03
C ILE B 286 -80.72 71.60 -68.17
N ASN B 287 -81.11 72.87 -68.06
CA ASN B 287 -80.42 73.82 -67.21
C ASN B 287 -80.91 73.70 -65.77
N ASN B 288 -80.40 74.60 -64.92
CA ASN B 288 -80.78 74.57 -63.51
C ASN B 288 -82.23 75.01 -63.32
N GLU B 289 -82.65 76.07 -64.00
CA GLU B 289 -84.00 76.60 -63.82
C GLU B 289 -85.07 75.65 -64.36
N MET B 290 -84.80 74.98 -65.48
CA MET B 290 -85.78 74.04 -65.99
C MET B 290 -85.86 72.80 -65.09
N ALA B 291 -84.74 72.44 -64.47
CA ALA B 291 -84.76 71.38 -63.46
C ALA B 291 -85.62 71.79 -62.27
N HIS B 292 -85.47 73.04 -61.82
CA HIS B 292 -86.32 73.56 -60.75
C HIS B 292 -87.79 73.51 -61.14
N GLN B 293 -88.09 73.84 -62.39
CA GLN B 293 -89.48 73.91 -62.83
C GLN B 293 -90.09 72.51 -62.94
N LEU B 294 -89.31 71.55 -63.45
CA LEU B 294 -89.77 70.16 -63.44
C LEU B 294 -89.91 69.65 -62.01
N TYR B 295 -89.05 70.11 -61.10
CA TYR B 295 -89.15 69.71 -59.70
C TYR B 295 -90.46 70.17 -59.09
N VAL B 296 -90.81 71.44 -59.30
CA VAL B 296 -92.05 71.96 -58.70
C VAL B 296 -93.27 71.31 -59.34
N LEU B 297 -93.22 71.08 -60.66
CA LEU B 297 -94.32 70.36 -61.30
C LEU B 297 -94.45 68.95 -60.73
N GLN B 298 -93.32 68.29 -60.46
CA GLN B 298 -93.34 66.96 -59.86
C GLN B 298 -93.95 66.99 -58.46
N VAL B 299 -93.50 67.92 -57.61
CA VAL B 299 -93.95 67.91 -56.23
C VAL B 299 -95.43 68.26 -56.15
N LEU B 300 -95.91 69.12 -57.04
CA LEU B 300 -97.34 69.40 -57.04
C LEU B 300 -98.15 68.22 -57.57
N THR B 301 -97.64 67.51 -58.59
CA THR B 301 -98.36 66.36 -59.11
C THR B 301 -98.43 65.26 -58.05
N PHE B 302 -97.39 65.16 -57.22
CA PHE B 302 -97.44 64.23 -56.10
C PHE B 302 -98.38 64.73 -55.00
N ASN B 303 -98.41 66.04 -54.77
CA ASN B 303 -99.31 66.65 -53.81
C ASN B 303 -100.78 66.42 -54.17
N LEU B 304 -101.08 66.24 -55.46
CA LEU B 304 -102.46 65.95 -55.86
C LEU B 304 -103.04 64.71 -55.16
N LEU B 305 -102.21 63.90 -54.50
CA LEU B 305 -102.67 62.69 -53.83
C LEU B 305 -102.82 62.88 -52.32
N GLU B 306 -102.39 64.02 -51.78
CA GLU B 306 -102.42 64.23 -50.34
C GLU B 306 -103.86 64.26 -49.81
N ASP B 307 -104.80 64.77 -50.61
CA ASP B 307 -106.19 64.82 -50.18
C ASP B 307 -106.74 63.43 -49.92
N ARG B 308 -106.44 62.48 -50.82
CA ARG B 308 -106.85 61.10 -50.59
C ARG B 308 -105.96 60.43 -49.55
N MET B 309 -104.79 61.02 -49.26
CA MET B 309 -103.89 60.44 -48.27
C MET B 309 -104.45 60.58 -46.86
N MET B 310 -105.16 61.67 -46.57
CA MET B 310 -105.56 62.00 -45.22
C MET B 310 -107.04 61.78 -44.94
N THR B 311 -107.80 61.28 -45.92
CA THR B 311 -109.22 61.05 -45.73
C THR B 311 -109.45 59.61 -45.26
N LYS B 312 -110.18 59.47 -44.17
CA LYS B 312 -110.47 58.15 -43.61
C LYS B 312 -111.71 57.57 -44.26
N MET B 313 -111.71 56.25 -44.39
CA MET B 313 -112.90 55.55 -44.88
C MET B 313 -114.03 55.65 -43.87
N ASP B 314 -115.26 55.72 -44.38
CA ASP B 314 -116.42 55.57 -43.53
C ASP B 314 -116.82 54.11 -43.51
N PRO B 315 -116.57 53.39 -42.41
CA PRO B 315 -116.91 51.95 -42.37
C PRO B 315 -118.40 51.70 -42.45
N GLN B 316 -119.25 52.71 -42.26
CA GLN B 316 -120.68 52.58 -42.43
C GLN B 316 -121.13 52.87 -43.85
N ASP B 317 -120.23 53.31 -44.72
CA ASP B 317 -120.55 53.56 -46.12
C ASP B 317 -120.55 52.24 -46.86
N GLN B 318 -121.72 51.82 -47.35
CA GLN B 318 -121.84 50.51 -47.97
C GLN B 318 -121.10 50.43 -49.29
N ALA B 319 -120.97 51.55 -50.00
CA ALA B 319 -120.25 51.53 -51.28
C ALA B 319 -118.75 51.34 -51.07
N GLN B 320 -118.21 51.98 -50.03
CA GLN B 320 -116.79 51.80 -49.73
C GLN B 320 -116.50 50.37 -49.28
N ARG B 321 -117.43 49.76 -48.53
CA ARG B 321 -117.26 48.34 -48.20
C ARG B 321 -117.44 47.47 -49.43
N ASP B 322 -118.29 47.90 -50.36
CA ASP B 322 -118.46 47.15 -51.61
C ASP B 322 -117.19 47.18 -52.45
N ILE B 323 -116.42 48.26 -52.38
CA ILE B 323 -115.13 48.29 -53.06
C ILE B 323 -114.21 47.21 -52.48
N ILE B 324 -114.18 47.10 -51.15
CA ILE B 324 -113.40 46.03 -50.51
C ILE B 324 -113.90 44.66 -50.96
N PHE B 325 -115.23 44.50 -51.04
CA PHE B 325 -115.79 43.20 -51.43
C PHE B 325 -115.41 42.85 -52.87
N GLU B 326 -115.43 43.84 -53.75
CA GLU B 326 -115.04 43.60 -55.14
C GLU B 326 -113.55 43.29 -55.26
N LEU B 327 -112.73 43.98 -54.46
CA LEU B 327 -111.30 43.73 -54.46
C LEU B 327 -110.99 42.35 -53.88
N ARG B 328 -111.88 41.84 -53.03
CA ARG B 328 -111.78 40.46 -52.56
C ARG B 328 -112.27 39.48 -53.62
N ARG B 329 -113.33 39.84 -54.34
CA ARG B 329 -113.92 38.91 -55.31
C ARG B 329 -113.01 38.70 -56.50
N ILE B 330 -112.36 39.76 -56.97
CA ILE B 330 -111.43 39.62 -58.10
C ILE B 330 -110.29 38.69 -57.72
N ALA B 331 -109.96 38.63 -56.43
CA ALA B 331 -108.84 37.82 -55.97
C ALA B 331 -109.24 36.36 -55.76
N PHE B 332 -110.24 36.14 -54.91
CA PHE B 332 -110.54 34.78 -54.45
C PHE B 332 -111.23 33.96 -55.53
N ASP B 333 -111.98 34.61 -56.42
CA ASP B 333 -112.67 33.90 -57.50
C ASP B 333 -111.69 33.54 -58.62
N ARG B 354 -112.92 33.39 -41.50
CA ARG B 354 -111.98 34.43 -41.87
C ARG B 354 -112.69 35.59 -42.57
N ASP B 355 -113.01 35.35 -43.85
CA ASP B 355 -113.78 36.22 -44.73
C ASP B 355 -113.00 37.46 -45.16
N TYR B 356 -111.88 37.75 -44.49
CA TYR B 356 -110.90 38.69 -45.02
C TYR B 356 -109.48 38.36 -44.57
N LYS B 357 -109.28 37.27 -43.84
CA LYS B 357 -107.96 36.98 -43.29
C LYS B 357 -107.02 36.47 -44.37
N LYS B 358 -107.56 35.84 -45.41
CA LYS B 358 -106.76 35.38 -46.54
C LYS B 358 -106.41 36.49 -47.51
N LEU B 359 -107.02 37.67 -47.37
CA LEU B 359 -106.65 38.83 -48.16
C LEU B 359 -105.65 39.72 -47.44
N GLY B 360 -105.49 39.56 -46.13
CA GLY B 360 -104.40 40.18 -45.41
C GLY B 360 -104.73 41.39 -44.57
N PHE B 361 -105.99 41.58 -44.19
CA PHE B 361 -106.34 42.71 -43.35
C PHE B 361 -106.32 42.32 -41.88
N ILE B 362 -105.88 43.27 -41.04
CA ILE B 362 -105.81 43.03 -39.61
C ILE B 362 -107.20 42.78 -39.04
N ASN B 363 -108.18 43.57 -39.45
CA ASN B 363 -109.57 43.37 -39.05
C ASN B 363 -110.18 42.37 -40.03
N HIS B 364 -110.42 41.15 -39.54
CA HIS B 364 -110.87 40.08 -40.41
C HIS B 364 -112.34 40.25 -40.80
N VAL B 365 -113.13 40.88 -39.95
CA VAL B 365 -114.57 40.98 -40.20
C VAL B 365 -114.96 42.34 -40.77
N ASN B 366 -114.22 43.40 -40.45
CA ASN B 366 -114.54 44.76 -40.90
C ASN B 366 -113.27 45.44 -41.35
N PRO B 367 -112.78 45.11 -42.55
CA PRO B 367 -111.49 45.65 -43.00
C PRO B 367 -111.49 47.15 -43.20
N ALA B 368 -112.67 47.78 -43.28
CA ALA B 368 -112.73 49.23 -43.46
C ALA B 368 -112.04 49.96 -42.31
N MET B 369 -112.09 49.39 -41.11
CA MET B 369 -111.37 49.95 -39.98
C MET B 369 -109.87 50.06 -40.26
N ASP B 370 -109.30 49.06 -40.93
CA ASP B 370 -107.88 49.10 -41.29
C ASP B 370 -107.56 50.25 -42.24
N PHE B 371 -108.57 50.98 -42.69
CA PHE B 371 -108.40 52.13 -43.57
C PHE B 371 -108.67 53.45 -42.87
N THR B 372 -109.10 53.42 -41.60
CA THR B 372 -109.42 54.64 -40.87
C THR B 372 -108.17 55.38 -40.42
N GLN B 373 -107.00 54.77 -40.54
CA GLN B 373 -105.73 55.39 -40.19
C GLN B 373 -105.19 56.09 -41.43
N THR B 374 -104.80 57.35 -41.27
CA THR B 374 -104.28 58.17 -42.36
C THR B 374 -102.99 58.84 -41.91
N PRO B 375 -101.88 58.69 -42.64
CA PRO B 375 -101.72 57.92 -43.89
C PRO B 375 -101.82 56.41 -43.70
N PRO B 376 -102.17 55.68 -44.78
CA PRO B 376 -102.50 56.23 -46.10
C PRO B 376 -104.00 56.39 -46.34
N GLY B 377 -104.81 55.64 -45.61
CA GLY B 377 -106.26 55.74 -45.78
C GLY B 377 -106.68 55.40 -47.19
N MET B 378 -107.34 56.36 -47.85
CA MET B 378 -107.97 56.11 -49.14
C MET B 378 -106.95 55.90 -50.26
N LEU B 379 -105.73 56.41 -50.11
CA LEU B 379 -104.71 56.19 -51.13
C LEU B 379 -104.35 54.71 -51.23
N ALA B 380 -104.32 54.01 -50.10
CA ALA B 380 -104.07 52.58 -50.15
C ALA B 380 -105.12 51.86 -50.99
N LEU B 381 -106.40 52.22 -50.81
CA LEU B 381 -107.45 51.57 -51.59
C LEU B 381 -107.36 51.94 -53.06
N ASP B 382 -107.15 53.22 -53.37
CA ASP B 382 -106.97 53.61 -54.76
C ASP B 382 -105.85 52.81 -55.40
N ASN B 383 -104.74 52.64 -54.68
CA ASN B 383 -103.60 51.93 -55.23
C ASN B 383 -103.90 50.45 -55.44
N MET B 384 -104.55 49.80 -54.47
CA MET B 384 -104.78 48.36 -54.61
C MET B 384 -105.90 48.08 -55.62
N LEU B 385 -106.88 48.97 -55.75
CA LEU B 385 -107.87 48.79 -56.80
C LEU B 385 -107.25 49.00 -58.17
N TYR B 386 -106.29 49.92 -58.29
CA TYR B 386 -105.54 50.03 -59.52
C TYR B 386 -104.74 48.77 -59.79
N PHE B 387 -104.11 48.22 -58.76
CA PHE B 387 -103.31 47.01 -58.92
C PHE B 387 -104.18 45.83 -59.33
N ALA B 388 -105.46 45.85 -58.96
CA ALA B 388 -106.35 44.77 -59.37
C ALA B 388 -106.94 45.00 -60.76
N LYS B 389 -107.21 46.25 -61.13
CA LYS B 389 -107.88 46.50 -62.40
C LYS B 389 -106.91 46.57 -63.57
N HIS B 390 -105.74 47.18 -63.38
CA HIS B 390 -104.77 47.33 -64.45
C HIS B 390 -103.67 46.27 -64.43
N HIS B 391 -103.39 45.69 -63.25
CA HIS B 391 -102.35 44.68 -63.09
C HIS B 391 -102.96 43.44 -62.43
N GLN B 392 -104.10 43.01 -62.96
CA GLN B 392 -104.87 41.93 -62.35
C GLN B 392 -104.04 40.67 -62.16
N ASP B 393 -103.11 40.39 -63.09
CA ASP B 393 -102.33 39.16 -63.00
C ASP B 393 -101.42 39.18 -61.78
N ALA B 394 -100.67 40.27 -61.60
CA ALA B 394 -99.82 40.39 -60.41
C ALA B 394 -100.65 40.33 -59.13
N TYR B 395 -101.82 40.99 -59.15
CA TYR B 395 -102.68 40.99 -57.98
C TYR B 395 -103.13 39.58 -57.61
N ILE B 396 -103.64 38.82 -58.57
CA ILE B 396 -104.14 37.49 -58.25
C ILE B 396 -102.97 36.58 -57.86
N ARG B 397 -101.81 36.76 -58.50
CA ARG B 397 -100.65 35.98 -58.09
C ARG B 397 -100.30 36.23 -56.63
N ILE B 398 -100.19 37.50 -56.24
CA ILE B 398 -99.70 37.82 -54.90
C ILE B 398 -100.75 37.48 -53.85
N VAL B 399 -102.03 37.45 -54.23
CA VAL B 399 -103.05 37.13 -53.22
C VAL B 399 -103.22 35.62 -53.09
N LEU B 400 -103.18 34.88 -54.20
CA LEU B 400 -103.34 33.43 -54.09
C LEU B 400 -102.06 32.74 -53.64
N GLU B 401 -100.93 33.45 -53.66
CA GLU B 401 -99.74 32.87 -53.05
C GLU B 401 -99.76 33.00 -51.53
N ASN B 402 -100.75 33.68 -50.95
CA ASN B 402 -100.85 33.84 -49.50
C ASN B 402 -102.27 33.71 -48.97
N SER B 403 -103.21 33.23 -49.79
CA SER B 403 -104.59 33.08 -49.34
C SER B 403 -104.89 31.70 -48.77
N SER B 404 -104.09 30.68 -49.11
CA SER B 404 -104.27 29.34 -48.58
C SER B 404 -103.17 28.94 -47.61
N ARG B 405 -102.19 29.80 -47.38
CA ARG B 405 -101.10 29.51 -46.45
C ARG B 405 -101.61 29.68 -45.02
N GLU B 406 -101.85 28.57 -44.34
CA GLU B 406 -102.25 28.60 -42.94
C GLU B 406 -101.05 28.50 -41.99
N ASP B 407 -99.84 28.38 -42.54
CA ASP B 407 -98.64 28.53 -41.75
C ASP B 407 -98.39 30.02 -41.49
N LYS B 408 -97.44 30.30 -40.60
CA LYS B 408 -97.18 31.68 -40.19
C LYS B 408 -96.34 32.43 -41.21
N HIS B 409 -96.13 31.85 -42.39
CA HIS B 409 -95.26 32.43 -43.42
C HIS B 409 -96.01 33.26 -44.44
N GLU B 410 -97.35 33.29 -44.39
CA GLU B 410 -98.12 34.00 -45.40
C GLU B 410 -97.85 35.52 -45.29
N CYS B 411 -97.95 36.18 -46.44
CA CYS B 411 -97.79 37.63 -46.49
C CYS B 411 -99.16 38.30 -46.56
N PRO B 412 -99.64 38.91 -45.49
CA PRO B 412 -100.95 39.58 -45.52
C PRO B 412 -100.93 40.73 -46.52
N PHE B 413 -101.69 40.58 -47.61
CA PHE B 413 -101.66 41.57 -48.68
C PHE B 413 -102.27 42.90 -48.23
N GLY B 414 -103.35 42.84 -47.45
CA GLY B 414 -104.04 44.06 -47.08
C GLY B 414 -103.20 44.97 -46.21
N ARG B 415 -102.74 44.46 -45.07
CA ARG B 415 -101.92 45.26 -44.16
C ARG B 415 -100.63 45.70 -44.84
N SER B 416 -100.05 44.83 -45.67
CA SER B 416 -98.84 45.19 -46.40
C SER B 416 -99.09 46.36 -47.34
N SER B 417 -100.22 46.33 -48.08
CA SER B 417 -100.52 47.42 -48.98
C SER B 417 -100.80 48.72 -48.22
N ILE B 418 -101.48 48.62 -47.08
CA ILE B 418 -101.70 49.81 -46.24
C ILE B 418 -100.36 50.43 -45.86
N GLU B 419 -99.52 49.66 -45.18
CA GLU B 419 -98.25 50.19 -44.70
C GLU B 419 -97.36 50.61 -45.86
N LEU B 420 -97.56 50.00 -47.04
CA LEU B 420 -96.69 50.32 -48.18
C LEU B 420 -97.09 51.64 -48.81
N THR B 421 -98.39 51.90 -48.95
CA THR B 421 -98.81 53.23 -49.40
C THR B 421 -98.39 54.28 -48.39
N LYS B 422 -98.43 53.95 -47.10
CA LYS B 422 -97.96 54.88 -46.07
C LYS B 422 -96.47 55.18 -46.25
N MET B 423 -95.65 54.14 -46.39
CA MET B 423 -94.21 54.36 -46.45
C MET B 423 -93.79 55.02 -47.75
N LEU B 424 -94.54 54.78 -48.84
CA LEU B 424 -94.22 55.47 -50.09
C LEU B 424 -94.67 56.94 -50.03
N CYS B 425 -95.73 57.23 -49.27
CA CYS B 425 -96.06 58.62 -49.01
C CYS B 425 -94.97 59.27 -48.15
N GLU B 426 -94.32 58.47 -47.30
CA GLU B 426 -93.27 59.01 -46.43
C GLU B 426 -91.98 59.29 -47.22
N ILE B 427 -91.52 58.31 -48.01
CA ILE B 427 -90.24 58.46 -48.70
C ILE B 427 -90.31 59.53 -49.77
N LEU B 428 -91.46 59.65 -50.43
CA LEU B 428 -91.66 60.69 -51.43
C LEU B 428 -92.05 62.03 -50.80
N LYS B 429 -92.47 62.01 -49.53
CA LYS B 429 -92.93 63.20 -48.83
C LYS B 429 -94.16 63.79 -49.52
N VAL B 430 -95.23 62.99 -49.56
CA VAL B 430 -96.49 63.45 -50.13
C VAL B 430 -97.06 64.57 -49.27
N GLY B 431 -97.46 65.66 -49.92
CA GLY B 431 -98.02 66.79 -49.22
C GLY B 431 -97.05 67.90 -48.89
N GLU B 432 -95.83 67.86 -49.42
CA GLU B 432 -94.84 68.88 -49.15
C GLU B 432 -94.98 70.02 -50.16
N LEU B 433 -94.72 71.24 -49.71
CA LEU B 433 -94.81 72.39 -50.58
C LEU B 433 -93.51 72.60 -51.35
N PRO B 434 -93.60 73.07 -52.59
CA PRO B 434 -92.37 73.34 -53.35
C PRO B 434 -91.58 74.49 -52.75
N SER B 435 -90.26 74.42 -52.92
CA SER B 435 -89.35 75.43 -52.41
C SER B 435 -88.45 75.91 -53.53
N GLU B 436 -87.58 76.87 -53.18
CA GLU B 436 -86.71 77.49 -54.18
C GLU B 436 -85.35 76.80 -54.29
N THR B 437 -85.03 75.90 -53.37
CA THR B 437 -83.67 75.36 -53.27
C THR B 437 -83.48 74.02 -53.96
N CYS B 438 -84.56 73.34 -54.36
CA CYS B 438 -84.48 72.00 -54.91
C CYS B 438 -84.70 72.03 -56.43
N ASN B 439 -83.94 71.19 -57.13
CA ASN B 439 -84.06 71.10 -58.59
C ASN B 439 -84.28 69.66 -59.05
N ASP B 440 -84.51 68.73 -58.14
CA ASP B 440 -84.50 67.31 -58.46
C ASP B 440 -85.89 66.82 -58.86
N PHE B 441 -85.91 65.81 -59.74
CA PHE B 441 -87.15 65.19 -60.18
C PHE B 441 -86.87 63.74 -60.53
N HIS B 442 -87.93 62.94 -60.54
CA HIS B 442 -87.84 61.56 -61.01
C HIS B 442 -88.35 61.52 -62.44
N PRO B 443 -87.49 61.35 -63.44
CA PRO B 443 -87.98 61.34 -64.83
C PRO B 443 -88.89 60.16 -65.11
N MET B 444 -88.78 59.08 -64.33
CA MET B 444 -89.62 57.91 -64.52
C MET B 444 -91.10 58.26 -64.59
N PHE B 445 -91.57 59.11 -63.68
CA PHE B 445 -92.98 59.49 -63.61
C PHE B 445 -93.51 60.04 -64.93
N PHE B 446 -92.62 60.50 -65.82
CA PHE B 446 -93.07 61.11 -67.06
C PHE B 446 -93.31 60.10 -68.18
N THR B 447 -93.07 58.82 -67.93
CA THR B 447 -93.26 57.80 -68.96
C THR B 447 -94.65 57.19 -68.93
N HIS B 448 -95.42 57.45 -67.87
CA HIS B 448 -96.72 56.82 -67.71
C HIS B 448 -97.68 57.81 -67.07
N ASP B 449 -98.93 57.78 -67.51
CA ASP B 449 -99.93 58.69 -66.95
C ASP B 449 -100.27 58.32 -65.51
N ARG B 450 -100.20 57.03 -65.17
CA ARG B 450 -100.49 56.57 -63.82
C ARG B 450 -99.25 55.92 -63.20
N SER B 451 -98.09 56.54 -63.40
CA SER B 451 -96.83 55.95 -62.92
C SER B 451 -96.81 55.84 -61.41
N PHE B 452 -97.64 56.62 -60.71
CA PHE B 452 -97.73 56.49 -59.26
C PHE B 452 -98.28 55.13 -58.86
N GLU B 453 -99.46 54.79 -59.39
CA GLU B 453 -100.08 53.50 -59.03
C GLU B 453 -99.34 52.35 -59.70
N GLU B 454 -98.75 52.58 -60.87
CA GLU B 454 -97.89 51.57 -61.47
C GLU B 454 -96.70 51.26 -60.56
N PHE B 455 -96.04 52.30 -60.04
CA PHE B 455 -94.95 52.09 -59.11
C PHE B 455 -95.45 51.42 -57.83
N PHE B 456 -96.67 51.72 -57.42
CA PHE B 456 -97.28 51.00 -56.30
C PHE B 456 -97.32 49.50 -56.57
N CYS B 457 -97.79 49.12 -57.76
CA CYS B 457 -97.85 47.71 -58.10
C CYS B 457 -96.45 47.09 -58.13
N ILE B 458 -95.49 47.82 -58.70
CA ILE B 458 -94.12 47.32 -58.74
C ILE B 458 -93.57 47.09 -57.33
N CYS B 459 -93.82 48.03 -56.41
CA CYS B 459 -93.24 47.89 -55.09
C CYS B 459 -93.99 46.86 -54.24
N ILE B 460 -95.26 46.60 -54.52
CA ILE B 460 -95.89 45.49 -53.80
C ILE B 460 -95.37 44.15 -54.34
N GLN B 461 -95.09 44.07 -55.65
CA GLN B 461 -94.43 42.88 -56.17
C GLN B 461 -93.08 42.66 -55.50
N LEU B 462 -92.26 43.71 -55.43
CA LEU B 462 -90.95 43.58 -54.81
C LEU B 462 -91.07 43.34 -53.30
N LEU B 463 -92.14 43.85 -52.69
CA LEU B 463 -92.37 43.59 -51.27
C LEU B 463 -92.59 42.11 -51.02
N ASN B 464 -93.48 41.48 -51.79
CA ASN B 464 -93.72 40.06 -51.57
C ASN B 464 -92.50 39.23 -52.00
N LYS B 465 -91.73 39.72 -52.98
CA LYS B 465 -90.48 39.06 -53.33
C LYS B 465 -89.50 39.06 -52.15
N THR B 466 -89.29 40.23 -51.54
CA THR B 466 -88.41 40.32 -50.39
C THR B 466 -88.94 39.53 -49.21
N TRP B 467 -90.27 39.45 -49.08
CA TRP B 467 -90.88 38.68 -48.00
C TRP B 467 -90.60 37.20 -48.16
N LYS B 468 -90.75 36.68 -49.39
CA LYS B 468 -90.41 35.28 -49.63
C LYS B 468 -88.92 35.03 -49.47
N GLU B 469 -88.09 35.99 -49.88
CA GLU B 469 -86.65 35.86 -49.68
C GLU B 469 -86.28 35.95 -48.21
N MET B 470 -87.09 36.62 -47.41
CA MET B 470 -86.82 36.80 -45.99
C MET B 470 -87.24 35.61 -45.14
N ARG B 471 -88.11 34.74 -45.66
CA ARG B 471 -88.76 33.71 -44.84
C ARG B 471 -89.44 34.37 -43.64
N ALA B 472 -89.89 35.60 -43.81
CA ALA B 472 -90.38 36.41 -42.70
C ALA B 472 -91.80 35.98 -42.32
N THR B 473 -92.26 36.52 -41.19
CA THR B 473 -93.55 36.18 -40.63
C THR B 473 -94.34 37.46 -40.39
N SER B 474 -95.55 37.29 -39.86
CA SER B 474 -96.39 38.46 -39.58
C SER B 474 -95.81 39.30 -38.45
N GLU B 475 -95.09 38.67 -37.52
CA GLU B 475 -94.48 39.41 -36.42
C GLU B 475 -93.32 40.27 -36.91
N ASP B 476 -92.66 39.84 -37.99
CA ASP B 476 -91.52 40.59 -38.50
C ASP B 476 -91.94 41.61 -39.55
N PHE B 477 -93.22 41.99 -39.55
CA PHE B 477 -93.79 42.88 -40.55
C PHE B 477 -92.98 44.17 -40.69
N ASN B 478 -92.93 44.97 -39.63
CA ASN B 478 -92.29 46.27 -39.70
C ASN B 478 -90.85 46.19 -40.20
N LYS B 479 -90.08 45.23 -39.68
CA LYS B 479 -88.71 45.03 -40.17
C LYS B 479 -88.70 44.89 -41.68
N VAL B 480 -89.52 43.98 -42.22
CA VAL B 480 -89.62 43.82 -43.66
C VAL B 480 -89.85 45.18 -44.33
N MET B 481 -90.79 45.96 -43.78
CA MET B 481 -91.06 47.26 -44.37
C MET B 481 -89.81 48.10 -44.45
N GLN B 482 -89.06 48.17 -43.33
CA GLN B 482 -87.79 48.89 -43.34
C GLN B 482 -86.91 48.42 -44.48
N VAL B 483 -86.75 47.10 -44.63
CA VAL B 483 -85.97 46.56 -45.74
C VAL B 483 -86.47 47.13 -47.07
N VAL B 484 -87.79 47.01 -47.30
CA VAL B 484 -88.36 47.53 -48.54
C VAL B 484 -88.07 49.01 -48.66
N LYS B 485 -88.17 49.75 -47.55
CA LYS B 485 -87.77 51.14 -47.56
C LYS B 485 -86.31 51.28 -47.96
N GLU B 486 -85.41 50.59 -47.25
CA GLU B 486 -84.00 50.59 -47.60
C GLU B 486 -83.81 50.14 -49.04
N GLN B 487 -84.79 49.40 -49.57
CA GLN B 487 -84.77 49.06 -50.99
C GLN B 487 -85.10 50.28 -51.84
N VAL B 488 -86.30 50.85 -51.66
CA VAL B 488 -86.77 51.90 -52.54
C VAL B 488 -85.88 53.13 -52.44
N MET B 489 -85.53 53.51 -51.22
CA MET B 489 -84.66 54.67 -51.00
C MET B 489 -83.29 54.50 -51.65
N ARG B 490 -82.89 53.27 -51.96
CA ARG B 490 -81.61 53.06 -52.62
C ARG B 490 -81.73 52.93 -54.13
N ALA B 491 -82.96 52.97 -54.67
CA ALA B 491 -83.14 52.90 -56.11
C ALA B 491 -83.31 54.28 -56.73
N LEU B 492 -84.10 55.14 -56.10
CA LEU B 492 -84.38 56.46 -56.67
C LEU B 492 -83.11 57.29 -56.83
N THR B 493 -82.10 57.01 -56.00
CA THR B 493 -80.82 57.72 -56.11
C THR B 493 -80.12 57.44 -57.44
N THR B 494 -80.43 56.33 -58.11
CA THR B 494 -79.83 56.05 -59.41
C THR B 494 -80.51 56.81 -60.54
N LYS B 495 -81.60 57.52 -60.26
CA LYS B 495 -82.33 58.29 -61.26
C LYS B 495 -82.76 57.42 -62.45
N PRO B 496 -83.70 56.49 -62.27
CA PRO B 496 -84.16 55.68 -63.39
C PRO B 496 -84.96 56.51 -64.38
N SER B 497 -84.64 56.35 -65.66
CA SER B 497 -85.30 57.11 -66.72
C SER B 497 -86.75 56.69 -66.94
N SER B 498 -87.10 55.44 -66.65
CA SER B 498 -88.46 54.97 -66.84
C SER B 498 -88.74 53.88 -65.81
N LEU B 499 -89.99 53.40 -65.79
CA LEU B 499 -90.41 52.48 -64.73
C LEU B 499 -89.71 51.13 -64.86
N ASP B 500 -89.39 50.72 -66.08
CA ASP B 500 -88.73 49.43 -66.26
C ASP B 500 -87.30 49.46 -65.74
N GLN B 501 -86.61 50.58 -65.92
CA GLN B 501 -85.29 50.75 -65.31
C GLN B 501 -85.39 50.74 -63.79
N PHE B 502 -86.48 51.30 -63.25
CA PHE B 502 -86.73 51.24 -61.82
C PHE B 502 -86.89 49.78 -61.36
N LYS B 503 -87.65 49.00 -62.11
CA LYS B 503 -87.81 47.57 -61.80
C LYS B 503 -86.49 46.83 -61.88
N SER B 504 -85.67 47.12 -62.89
CA SER B 504 -84.37 46.46 -63.03
C SER B 504 -83.47 46.81 -61.85
N LYS B 505 -83.46 48.08 -61.44
CA LYS B 505 -82.69 48.47 -60.27
C LYS B 505 -83.16 47.70 -59.04
N LEU B 506 -84.48 47.60 -58.84
CA LEU B 506 -84.98 46.82 -57.71
C LEU B 506 -84.52 45.37 -57.79
N GLN B 507 -84.50 44.80 -59.00
CA GLN B 507 -83.98 43.45 -59.17
C GLN B 507 -82.51 43.38 -58.79
N ASN B 508 -81.78 44.49 -58.94
CA ASN B 508 -80.37 44.50 -58.58
C ASN B 508 -80.18 44.58 -57.05
N LEU B 509 -81.09 45.23 -56.35
CA LEU B 509 -80.92 45.44 -54.92
C LEU B 509 -81.09 44.14 -54.13
N SER B 510 -80.37 44.04 -53.02
CA SER B 510 -80.41 42.88 -52.15
C SER B 510 -80.52 43.34 -50.69
N TYR B 511 -80.68 42.36 -49.80
CA TYR B 511 -80.97 42.61 -48.40
C TYR B 511 -80.02 41.84 -47.50
N THR B 512 -79.37 42.55 -46.58
CA THR B 512 -79.13 43.98 -46.73
C THR B 512 -77.72 44.09 -47.30
N GLU B 513 -77.50 43.36 -48.40
CA GLU B 513 -76.13 43.16 -48.89
C GLU B 513 -75.49 44.46 -49.33
N ILE B 514 -76.21 45.25 -50.13
CA ILE B 514 -75.69 46.55 -50.54
C ILE B 514 -75.58 47.48 -49.33
N LEU B 515 -76.50 47.34 -48.37
CA LEU B 515 -76.41 48.14 -47.16
C LEU B 515 -75.26 47.66 -46.28
N LYS B 516 -74.97 46.35 -46.29
CA LYS B 516 -73.82 45.86 -45.56
C LYS B 516 -72.53 46.36 -46.19
N ILE B 517 -72.46 46.40 -47.52
CA ILE B 517 -71.29 46.96 -48.19
C ILE B 517 -71.15 48.44 -47.86
N ARG B 518 -72.26 49.17 -47.85
CA ARG B 518 -72.21 50.59 -47.50
C ARG B 518 -71.74 50.79 -46.06
N GLN B 519 -72.18 49.92 -45.15
CA GLN B 519 -71.75 50.03 -43.75
C GLN B 519 -70.27 49.71 -43.60
N SER B 520 -69.79 48.70 -44.33
CA SER B 520 -68.37 48.37 -44.27
C SER B 520 -67.51 49.42 -44.95
N GLU B 521 -68.07 50.17 -45.89
CA GLU B 521 -67.31 51.22 -46.57
C GLU B 521 -67.34 52.54 -45.83
N ARG B 522 -68.40 52.80 -45.05
CA ARG B 522 -68.49 54.03 -44.27
C ARG B 522 -67.54 54.05 -43.08
N MET B 523 -66.87 52.92 -42.79
CA MET B 523 -65.91 52.84 -41.71
C MET B 523 -64.47 52.95 -42.21
N ASN B 524 -64.15 52.37 -43.36
CA ASN B 524 -62.80 52.46 -43.89
C ASN B 524 -62.43 53.88 -44.24
N GLN B 525 -63.39 54.69 -44.70
CA GLN B 525 -63.11 56.09 -45.01
C GLN B 525 -63.00 56.92 -43.73
N GLU B 526 -63.89 56.67 -42.78
CA GLU B 526 -63.93 57.46 -41.55
C GLU B 526 -62.87 57.03 -40.53
N ASP B 527 -62.16 55.94 -40.78
CA ASP B 527 -61.09 55.52 -39.87
C ASP B 527 -59.95 56.54 -39.84
N PHE B 528 -59.38 56.83 -41.02
CA PHE B 528 -58.24 57.75 -41.06
C PHE B 528 -58.68 59.18 -41.36
N GLN B 529 -59.71 59.36 -42.18
CA GLN B 529 -60.14 60.70 -42.56
C GLN B 529 -60.97 61.39 -41.48
N SER B 530 -61.06 60.82 -40.28
CA SER B 530 -61.72 61.47 -39.16
C SER B 530 -60.73 61.64 -38.03
N ARG B 531 -60.42 62.88 -37.69
CA ARG B 531 -59.56 63.21 -36.57
C ARG B 531 -60.00 62.55 -35.26
N PRO B 532 -61.31 62.51 -34.95
CA PRO B 532 -61.73 61.79 -33.73
C PRO B 532 -61.38 60.30 -33.72
N ILE B 533 -61.17 59.69 -34.89
CA ILE B 533 -60.75 58.30 -34.91
C ILE B 533 -59.24 58.20 -35.05
N LEU B 534 -58.62 59.19 -35.70
CA LEU B 534 -57.17 59.19 -35.88
C LEU B 534 -56.41 59.64 -34.65
N GLU B 535 -57.10 60.21 -33.65
CA GLU B 535 -56.38 60.73 -32.48
C GLU B 535 -55.80 59.61 -31.63
N LEU B 536 -56.59 58.56 -31.37
CA LEU B 536 -56.01 57.43 -30.63
C LEU B 536 -55.08 56.60 -31.51
N LYS B 537 -55.07 56.84 -32.82
CA LYS B 537 -54.15 56.14 -33.71
C LYS B 537 -52.70 56.49 -33.46
N GLU B 538 -52.41 57.46 -32.59
CA GLU B 538 -51.06 57.93 -32.36
C GLU B 538 -50.62 57.84 -30.91
N LYS B 539 -51.57 57.76 -29.97
CA LYS B 539 -51.21 57.60 -28.57
C LYS B 539 -50.65 56.21 -28.31
N ILE B 540 -51.35 55.17 -28.78
CA ILE B 540 -50.89 53.80 -28.56
C ILE B 540 -50.00 53.30 -29.68
N GLN B 541 -50.00 53.97 -30.84
CA GLN B 541 -49.21 53.59 -32.02
C GLN B 541 -47.77 53.25 -31.66
N PRO B 542 -47.05 54.08 -30.89
CA PRO B 542 -45.71 53.66 -30.47
C PRO B 542 -45.73 52.41 -29.61
N GLU B 543 -46.69 52.30 -28.69
CA GLU B 543 -46.81 51.09 -27.89
C GLU B 543 -47.23 49.90 -28.74
N ILE B 544 -47.97 50.13 -29.83
CA ILE B 544 -48.27 49.05 -30.76
C ILE B 544 -46.99 48.58 -31.44
N LEU B 545 -46.15 49.53 -31.85
CA LEU B 545 -44.86 49.17 -32.42
C LEU B 545 -44.01 48.39 -31.42
N GLU B 546 -44.05 48.77 -30.14
CA GLU B 546 -43.28 48.02 -29.15
C GLU B 546 -43.88 46.64 -28.89
N LEU B 547 -45.20 46.51 -29.00
CA LEU B 547 -45.82 45.20 -28.97
C LEU B 547 -45.28 44.32 -30.09
N ILE B 548 -45.14 44.89 -31.29
CA ILE B 548 -44.44 44.17 -32.36
C ILE B 548 -43.00 43.89 -31.94
N LYS B 549 -42.39 44.84 -31.24
CA LYS B 549 -40.94 44.80 -31.02
C LYS B 549 -40.57 43.73 -30.00
N GLN B 550 -41.49 43.36 -29.12
CA GLN B 550 -41.24 42.22 -28.24
C GLN B 550 -41.16 40.93 -29.05
N GLN B 551 -42.06 40.79 -30.03
CA GLN B 551 -41.97 39.69 -30.98
C GLN B 551 -40.67 39.73 -31.77
N ARG B 552 -40.22 40.93 -32.15
CA ARG B 552 -38.94 41.05 -32.85
C ARG B 552 -37.77 40.71 -31.93
N LEU B 553 -37.88 40.98 -30.62
CA LEU B 553 -36.85 40.58 -29.68
C LEU B 553 -36.80 39.06 -29.53
N ASN B 554 -37.96 38.41 -29.55
CA ASN B 554 -38.00 36.95 -29.61
C ASN B 554 -37.32 36.45 -30.88
N ARG B 555 -37.63 37.09 -32.02
CA ARG B 555 -37.02 36.72 -33.29
C ARG B 555 -35.53 37.01 -33.30
N LEU B 556 -35.07 37.90 -32.43
CA LEU B 556 -33.65 38.14 -32.26
C LEU B 556 -33.00 37.05 -31.42
N VAL B 557 -33.65 36.67 -30.31
CA VAL B 557 -33.13 35.60 -29.46
C VAL B 557 -33.04 34.28 -30.23
N GLU B 558 -34.03 34.00 -31.08
CA GLU B 558 -34.01 32.73 -31.81
C GLU B 558 -32.83 32.68 -32.79
N GLY B 559 -32.72 33.70 -33.65
CA GLY B 559 -31.67 33.73 -34.66
C GLY B 559 -31.97 32.82 -35.83
N THR B 560 -31.71 33.29 -37.05
CA THR B 560 -32.05 32.55 -38.26
C THR B 560 -30.80 32.33 -39.11
N CYS B 561 -31.02 31.69 -40.26
CA CYS B 561 -29.93 31.33 -41.15
C CYS B 561 -29.41 32.58 -41.89
N PHE B 562 -28.27 32.42 -42.55
CA PHE B 562 -27.67 33.50 -43.33
C PHE B 562 -26.89 32.91 -44.50
N ARG B 563 -26.07 33.76 -45.13
CA ARG B 563 -25.30 33.36 -46.31
C ARG B 563 -23.94 34.02 -46.27
N LYS B 564 -22.90 33.21 -46.36
CA LYS B 564 -21.52 33.69 -46.41
C LYS B 564 -21.14 33.99 -47.84
N LEU B 565 -20.44 35.09 -48.06
CA LEU B 565 -19.95 35.43 -49.39
C LEU B 565 -18.80 34.51 -49.76
N ASN B 566 -18.72 34.17 -51.05
CA ASN B 566 -17.66 33.31 -51.58
C ASN B 566 -17.58 31.99 -50.82
N ALA B 567 -18.71 31.56 -50.25
CA ALA B 567 -18.77 30.31 -49.47
C ALA B 567 -18.89 29.10 -50.39
N ARG B 568 -17.96 28.97 -51.32
CA ARG B 568 -17.98 27.88 -52.28
C ARG B 568 -17.17 26.71 -51.78
N ARG B 569 -17.31 25.57 -52.47
CA ARG B 569 -16.52 24.37 -52.22
C ARG B 569 -16.67 23.92 -50.76
N ARG B 570 -17.88 23.50 -50.42
CA ARG B 570 -18.26 22.91 -49.14
C ARG B 570 -18.13 23.88 -47.96
N GLN B 571 -17.75 25.13 -48.20
CA GLN B 571 -17.83 26.14 -47.15
C GLN B 571 -19.29 26.41 -46.85
N ASP B 572 -19.60 26.64 -45.57
CA ASP B 572 -20.99 26.67 -45.11
C ASP B 572 -21.70 27.89 -45.69
N LYS B 573 -22.48 27.67 -46.75
CA LYS B 573 -23.29 28.73 -47.34
C LYS B 573 -24.31 29.20 -46.32
N PHE B 574 -25.23 28.32 -45.95
CA PHE B 574 -26.17 28.61 -44.89
C PHE B 574 -25.44 28.67 -43.55
N TRP B 575 -25.89 29.56 -42.67
CA TRP B 575 -25.43 29.54 -41.28
C TRP B 575 -26.43 30.27 -40.40
N TYR B 576 -26.90 29.59 -39.36
CA TYR B 576 -27.99 30.04 -38.51
C TYR B 576 -27.46 31.01 -37.44
N CYS B 577 -28.33 31.39 -36.50
CA CYS B 577 -27.98 32.39 -35.51
C CYS B 577 -28.82 32.18 -34.25
N ARG B 578 -28.56 33.00 -33.25
CA ARG B 578 -29.26 32.96 -31.97
C ARG B 578 -28.68 34.08 -31.10
N LEU B 579 -29.41 34.44 -30.04
CA LEU B 579 -28.91 35.47 -29.14
C LEU B 579 -29.40 35.17 -27.74
N SER B 580 -28.64 35.61 -26.75
CA SER B 580 -28.95 35.28 -25.37
C SER B 580 -30.19 36.03 -24.90
N PRO B 581 -30.81 35.65 -23.78
CA PRO B 581 -31.97 36.41 -23.29
C PRO B 581 -31.61 37.80 -22.80
N ASN B 582 -30.37 38.02 -22.38
CA ASN B 582 -29.96 39.23 -21.71
C ASN B 582 -29.80 40.43 -22.64
N HIS B 583 -30.01 40.23 -23.94
CA HIS B 583 -29.69 41.22 -24.98
C HIS B 583 -28.32 41.85 -24.75
N LYS B 584 -27.33 41.01 -24.43
CA LYS B 584 -25.98 41.55 -24.32
C LYS B 584 -24.87 40.61 -24.81
N VAL B 585 -25.21 39.44 -25.37
CA VAL B 585 -24.27 38.52 -25.99
C VAL B 585 -24.96 37.69 -27.09
N LEU B 586 -24.33 37.61 -28.27
CA LEU B 586 -24.79 36.83 -29.44
C LEU B 586 -24.37 35.37 -29.33
N HIS B 587 -24.90 34.53 -30.25
CA HIS B 587 -24.57 33.10 -30.28
C HIS B 587 -25.02 32.52 -31.64
N TYR B 588 -24.07 32.24 -32.52
CA TYR B 588 -24.47 31.75 -33.85
C TYR B 588 -23.54 30.66 -34.35
N GLY B 589 -24.02 29.92 -35.35
CA GLY B 589 -23.31 28.76 -35.86
C GLY B 589 -23.38 28.68 -37.36
N ASP B 590 -23.25 27.47 -37.90
CA ASP B 590 -23.22 27.26 -39.35
C ASP B 590 -24.24 26.21 -39.79
N LEU B 591 -24.40 26.09 -41.11
CA LEU B 591 -25.34 25.18 -41.73
C LEU B 591 -24.77 24.71 -43.08
N GLU B 592 -25.48 23.81 -43.75
CA GLU B 592 -25.12 23.40 -45.10
C GLU B 592 -26.38 23.33 -45.96
N GLU B 593 -26.17 23.24 -47.27
CA GLU B 593 -27.28 22.99 -48.18
C GLU B 593 -27.86 21.61 -47.91
N SER B 594 -29.10 21.58 -47.44
CA SER B 594 -29.67 20.37 -46.86
C SER B 594 -31.04 20.08 -47.47
N PRO B 595 -31.32 18.80 -47.75
CA PRO B 595 -32.67 18.46 -48.23
C PRO B 595 -33.70 18.35 -47.11
N GLN B 596 -33.29 17.97 -45.90
CA GLN B 596 -34.26 17.75 -44.81
C GLN B 596 -34.51 19.02 -44.02
N GLY B 597 -33.45 19.66 -43.52
CA GLY B 597 -33.63 20.87 -42.75
C GLY B 597 -32.43 21.38 -41.97
N GLU B 598 -32.65 21.75 -40.71
CA GLU B 598 -31.66 22.42 -39.89
C GLU B 598 -30.72 21.42 -39.22
N VAL B 599 -29.48 21.84 -39.04
CA VAL B 599 -28.51 21.13 -38.20
C VAL B 599 -27.85 22.14 -37.27
N PRO B 600 -28.34 22.28 -36.03
CA PRO B 600 -27.80 23.32 -35.13
C PRO B 600 -26.42 22.97 -34.59
N HIS B 601 -25.41 23.05 -35.45
CA HIS B 601 -24.03 22.79 -35.07
C HIS B 601 -23.37 24.12 -34.72
N ASP B 602 -22.77 24.17 -33.52
CA ASP B 602 -22.16 25.41 -33.04
C ASP B 602 -20.86 25.69 -33.78
N SER B 603 -20.65 26.97 -34.11
CA SER B 603 -19.39 27.37 -34.72
C SER B 603 -18.53 28.10 -33.70
N LEU B 604 -17.28 28.34 -34.08
CA LEU B 604 -16.39 29.15 -33.25
C LEU B 604 -16.79 30.62 -33.26
N GLN B 605 -17.52 31.07 -34.27
CA GLN B 605 -18.07 32.42 -34.34
C GLN B 605 -19.32 32.51 -33.50
N ASP B 606 -19.22 32.49 -32.16
CA ASP B 606 -20.43 32.35 -31.35
C ASP B 606 -20.74 33.58 -30.49
N LYS B 607 -19.89 33.92 -29.52
CA LYS B 607 -20.18 34.98 -28.54
C LYS B 607 -19.63 36.28 -29.09
N LEU B 608 -20.52 37.19 -29.45
CA LEU B 608 -20.12 38.53 -29.74
C LEU B 608 -21.05 39.29 -28.81
N PRO B 609 -20.56 39.78 -27.67
CA PRO B 609 -21.44 40.55 -26.77
C PRO B 609 -22.15 41.66 -27.54
N VAL B 610 -23.34 42.04 -27.08
CA VAL B 610 -24.23 42.80 -27.95
C VAL B 610 -24.14 44.31 -27.70
N ALA B 611 -23.84 44.73 -26.47
CA ALA B 611 -23.78 46.17 -26.22
C ALA B 611 -22.71 46.88 -27.06
N ASP B 612 -21.89 46.14 -27.81
CA ASP B 612 -20.81 46.75 -28.57
C ASP B 612 -21.24 47.19 -29.96
N ILE B 613 -22.39 46.74 -30.43
CA ILE B 613 -22.81 46.98 -31.81
C ILE B 613 -22.92 48.48 -32.06
N LYS B 614 -22.07 49.01 -32.93
CA LYS B 614 -22.10 50.43 -33.25
C LYS B 614 -23.35 50.78 -34.04
N ALA B 615 -23.53 50.15 -35.20
CA ALA B 615 -24.70 50.37 -36.03
C ALA B 615 -24.73 49.29 -37.11
N VAL B 616 -25.89 49.08 -37.69
CA VAL B 616 -26.07 48.05 -38.71
C VAL B 616 -26.38 48.74 -40.04
N VAL B 617 -25.49 48.58 -41.01
CA VAL B 617 -25.63 49.23 -42.29
C VAL B 617 -26.17 48.21 -43.29
N THR B 618 -26.63 48.69 -44.44
CA THR B 618 -27.30 47.84 -45.42
C THR B 618 -26.78 48.13 -46.81
N GLY B 619 -26.98 47.18 -47.70
CA GLY B 619 -26.73 47.41 -49.11
C GLY B 619 -25.26 47.53 -49.44
N LYS B 620 -24.90 48.62 -50.13
CA LYS B 620 -23.55 48.80 -50.65
C LYS B 620 -22.51 49.00 -49.55
N ASP B 621 -22.94 49.35 -48.34
CA ASP B 621 -21.97 49.67 -47.30
C ASP B 621 -21.35 48.42 -46.68
N CYS B 622 -21.74 47.23 -47.14
CA CYS B 622 -20.95 46.04 -46.85
C CYS B 622 -19.58 46.19 -47.51
N PRO B 623 -18.49 45.97 -46.78
CA PRO B 623 -17.16 46.33 -47.32
C PRO B 623 -16.77 45.54 -48.55
N HIS B 624 -17.33 44.36 -48.76
CA HIS B 624 -16.96 43.54 -49.91
C HIS B 624 -17.70 44.01 -51.16
N ASN B 634 -25.02 39.02 -59.51
CA ASN B 634 -26.38 39.02 -58.98
C ASN B 634 -26.59 40.20 -58.04
N LYS B 635 -27.38 41.18 -58.49
CA LYS B 635 -27.67 42.38 -57.71
C LYS B 635 -28.66 42.11 -56.58
N GLU B 636 -29.43 41.02 -56.66
CA GLU B 636 -30.48 40.79 -55.67
C GLU B 636 -29.89 40.57 -54.28
N VAL B 637 -28.78 39.84 -54.18
CA VAL B 637 -28.16 39.58 -52.88
C VAL B 637 -27.67 40.87 -52.23
N LEU B 638 -27.32 41.89 -53.01
CA LEU B 638 -26.87 43.15 -52.43
C LEU B 638 -28.00 43.86 -51.68
N GLU B 639 -29.23 43.77 -52.19
CA GLU B 639 -30.40 44.19 -51.44
C GLU B 639 -30.56 43.39 -50.16
N LEU B 640 -30.14 42.13 -50.17
CA LEU B 640 -30.15 41.27 -49.00
C LEU B 640 -28.85 41.36 -48.22
N ALA B 641 -27.89 42.16 -48.68
CA ALA B 641 -26.60 42.29 -48.01
C ALA B 641 -26.65 43.43 -47.00
N PHE B 642 -26.19 43.16 -45.79
CA PHE B 642 -26.19 44.16 -44.73
C PHE B 642 -25.17 43.75 -43.67
N SER B 643 -24.40 44.73 -43.18
CA SER B 643 -23.25 44.46 -42.34
C SER B 643 -23.45 45.05 -40.96
N ILE B 644 -23.22 44.21 -39.94
CA ILE B 644 -23.07 44.71 -38.58
C ILE B 644 -21.73 45.43 -38.46
N LEU B 645 -21.78 46.60 -37.85
CA LEU B 645 -20.65 47.50 -37.67
C LEU B 645 -20.47 47.72 -36.18
N TYR B 646 -19.30 47.35 -35.67
CA TYR B 646 -18.93 47.60 -34.28
C TYR B 646 -17.43 47.83 -34.27
N ASP B 647 -16.75 47.58 -33.12
CA ASP B 647 -15.42 48.12 -32.84
C ASP B 647 -14.58 48.21 -34.10
N SER B 648 -13.91 49.36 -34.26
CA SER B 648 -13.76 50.06 -35.54
C SER B 648 -13.64 49.16 -36.76
N ASN B 649 -12.67 48.24 -36.77
CA ASN B 649 -12.48 47.38 -37.92
C ASN B 649 -13.08 45.99 -37.75
N CYS B 650 -13.62 45.66 -36.59
CA CYS B 650 -14.34 44.40 -36.41
C CYS B 650 -15.78 44.55 -36.87
N GLN B 651 -16.14 43.82 -37.92
CA GLN B 651 -17.45 43.92 -38.55
C GLN B 651 -17.86 42.53 -39.00
N LEU B 652 -19.12 42.40 -39.43
CA LEU B 652 -19.55 41.15 -40.05
C LEU B 652 -20.58 41.44 -41.12
N ASN B 653 -20.48 40.79 -42.27
CA ASN B 653 -21.45 40.93 -43.34
C ASN B 653 -22.51 39.84 -43.26
N PHE B 654 -23.69 40.13 -43.80
CA PHE B 654 -24.84 39.24 -43.73
C PHE B 654 -25.61 39.26 -45.04
N ILE B 655 -26.22 38.13 -45.36
CA ILE B 655 -27.21 38.01 -46.43
C ILE B 655 -28.40 37.24 -45.88
N ALA B 656 -29.49 37.95 -45.60
CA ALA B 656 -30.64 37.33 -44.97
C ALA B 656 -31.27 36.29 -45.90
N PRO B 657 -31.98 35.31 -45.35
CA PRO B 657 -32.61 34.29 -46.21
C PRO B 657 -33.74 34.82 -47.06
N ASP B 658 -34.40 35.92 -46.67
CA ASP B 658 -35.49 36.47 -47.45
C ASP B 658 -35.70 37.92 -47.03
N LYS B 659 -36.59 38.61 -47.78
CA LYS B 659 -36.98 39.96 -47.39
C LYS B 659 -37.74 39.94 -46.06
N HIS B 660 -38.40 38.83 -45.74
CA HIS B 660 -38.96 38.65 -44.41
C HIS B 660 -37.88 38.81 -43.34
N GLU B 661 -36.88 37.93 -43.36
CA GLU B 661 -35.78 38.07 -42.39
C GLU B 661 -34.96 39.32 -42.61
N TYR B 662 -34.96 39.89 -43.82
CA TYR B 662 -34.29 41.17 -44.02
C TYR B 662 -34.99 42.28 -43.24
N CYS B 663 -36.31 42.21 -43.13
CA CYS B 663 -37.01 43.07 -42.18
C CYS B 663 -36.67 42.69 -40.75
N ILE B 664 -36.75 41.39 -40.44
CA ILE B 664 -36.65 40.93 -39.06
C ILE B 664 -35.31 41.35 -38.45
N TRP B 665 -34.22 41.07 -39.15
CA TRP B 665 -32.90 41.28 -38.58
C TRP B 665 -32.59 42.76 -38.45
N THR B 666 -32.76 43.52 -39.54
CA THR B 666 -32.47 44.95 -39.46
C THR B 666 -33.34 45.65 -38.42
N ASP B 667 -34.59 45.21 -38.28
CA ASP B 667 -35.46 45.83 -37.28
C ASP B 667 -35.07 45.44 -35.86
N GLY B 668 -34.71 44.17 -35.63
CA GLY B 668 -34.25 43.78 -34.31
C GLY B 668 -32.91 44.40 -33.95
N LEU B 669 -32.12 44.78 -34.96
CA LEU B 669 -30.88 45.48 -34.71
C LEU B 669 -31.12 46.96 -34.44
N ASN B 670 -32.14 47.55 -35.08
CA ASN B 670 -32.62 48.85 -34.64
C ASN B 670 -33.11 48.77 -33.20
N ALA B 671 -33.67 47.63 -32.81
CA ALA B 671 -34.09 47.43 -31.43
C ALA B 671 -32.90 47.34 -30.48
N LEU B 672 -31.88 46.57 -30.86
CA LEU B 672 -30.71 46.39 -30.00
C LEU B 672 -30.03 47.74 -29.76
N LEU B 673 -30.28 48.71 -30.64
CA LEU B 673 -29.86 50.10 -30.46
C LEU B 673 -31.04 51.05 -30.27
N GLY B 674 -32.27 50.53 -30.16
CA GLY B 674 -33.43 51.34 -29.81
C GLY B 674 -34.05 52.14 -30.93
N LYS B 675 -33.59 51.97 -32.17
CA LYS B 675 -34.10 52.75 -33.28
C LYS B 675 -35.49 52.24 -33.69
N ASP B 676 -36.29 53.17 -34.21
CA ASP B 676 -37.59 52.86 -34.82
C ASP B 676 -37.42 51.82 -35.92
N MET B 677 -38.47 51.05 -36.16
CA MET B 677 -38.44 50.06 -37.24
C MET B 677 -38.55 50.75 -38.60
N MET B 678 -37.75 50.27 -39.55
CA MET B 678 -37.60 50.93 -40.84
C MET B 678 -38.39 50.29 -41.97
N SER B 679 -38.67 48.98 -41.90
CA SER B 679 -39.36 48.33 -43.00
C SER B 679 -40.85 48.65 -42.98
N ASP B 680 -41.45 48.62 -44.17
CA ASP B 680 -42.89 48.82 -44.31
C ASP B 680 -43.70 47.56 -44.03
N LEU B 681 -43.06 46.40 -43.90
CA LEU B 681 -43.78 45.22 -43.42
C LEU B 681 -44.02 45.32 -41.92
N THR B 682 -43.07 45.90 -41.18
CA THR B 682 -43.32 46.18 -39.78
C THR B 682 -44.42 47.21 -39.63
N ARG B 683 -44.48 48.19 -40.54
CA ARG B 683 -45.60 49.14 -40.56
C ARG B 683 -46.90 48.48 -40.97
N ASN B 684 -46.84 47.43 -41.78
CA ASN B 684 -48.05 46.67 -42.12
C ASN B 684 -48.55 45.89 -40.91
N ASP B 685 -47.63 45.34 -40.12
CA ASP B 685 -48.02 44.74 -38.85
C ASP B 685 -48.60 45.77 -37.90
N LEU B 686 -47.98 46.96 -37.85
CA LEU B 686 -48.50 48.10 -37.11
C LEU B 686 -49.95 48.37 -37.47
N ASP B 687 -50.25 48.44 -38.77
CA ASP B 687 -51.60 48.74 -39.23
C ASP B 687 -52.57 47.59 -39.01
N THR B 688 -52.14 46.35 -39.23
CA THR B 688 -52.98 45.19 -38.93
C THR B 688 -53.34 45.17 -37.46
N LEU B 689 -52.45 45.68 -36.62
CA LEU B 689 -52.76 45.78 -35.19
C LEU B 689 -53.75 46.92 -34.92
N LEU B 690 -53.39 48.14 -35.30
CA LEU B 690 -54.23 49.29 -34.98
C LEU B 690 -55.60 49.21 -35.65
N SER B 691 -55.77 48.35 -36.65
CA SER B 691 -57.08 48.04 -37.16
C SER B 691 -57.89 47.35 -36.07
N MET B 692 -57.37 46.25 -35.51
CA MET B 692 -58.14 45.63 -34.44
C MET B 692 -58.22 46.50 -33.19
N GLU B 693 -57.24 47.39 -32.98
CA GLU B 693 -57.23 48.17 -31.73
C GLU B 693 -58.24 49.31 -31.79
N ILE B 694 -58.54 49.82 -32.97
CA ILE B 694 -59.66 50.75 -33.08
C ILE B 694 -60.95 49.98 -33.31
N LYS B 695 -60.85 48.73 -33.74
CA LYS B 695 -62.00 47.86 -33.79
C LYS B 695 -62.59 47.63 -32.41
N LEU B 696 -61.74 47.37 -31.42
CA LEU B 696 -62.22 47.18 -30.05
C LEU B 696 -62.90 48.43 -29.54
N ARG B 697 -62.45 49.59 -30.03
CA ARG B 697 -63.00 50.87 -29.63
C ARG B 697 -64.32 51.19 -30.33
N LEU B 698 -64.45 50.83 -31.62
CA LEU B 698 -65.71 51.07 -32.32
C LEU B 698 -66.79 50.12 -31.84
N LEU B 699 -66.40 49.02 -31.18
CA LEU B 699 -67.38 48.21 -30.46
C LEU B 699 -68.01 48.96 -29.30
N ASP B 700 -67.61 50.21 -29.09
CA ASP B 700 -68.21 51.00 -28.02
C ASP B 700 -69.03 52.16 -28.55
N LEU B 701 -68.78 52.59 -29.79
CA LEU B 701 -69.41 53.78 -30.38
C LEU B 701 -70.09 53.40 -31.71
N GLU B 702 -70.86 52.31 -31.68
CA GLU B 702 -71.63 51.91 -32.86
C GLU B 702 -72.85 52.78 -33.01
N ASN B 703 -73.28 52.99 -34.26
CA ASN B 703 -74.54 53.67 -34.61
C ASN B 703 -74.69 55.01 -33.87
N ILE B 704 -73.56 55.62 -33.54
CA ILE B 704 -73.51 56.92 -32.90
C ILE B 704 -72.65 57.82 -33.77
N GLN B 705 -73.15 58.99 -34.10
CA GLN B 705 -72.42 59.87 -35.00
C GLN B 705 -71.10 60.30 -34.37
N ILE B 706 -70.02 60.04 -35.09
CA ILE B 706 -68.69 60.40 -34.60
C ILE B 706 -68.50 61.90 -34.73
N PRO B 707 -68.32 62.64 -33.63
CA PRO B 707 -68.15 64.09 -33.75
C PRO B 707 -66.77 64.48 -34.26
N ASP B 708 -66.69 64.89 -35.52
CA ASP B 708 -65.41 65.32 -36.06
C ASP B 708 -65.00 66.69 -35.52
N ALA B 709 -65.97 67.56 -35.26
CA ALA B 709 -65.73 68.77 -34.49
C ALA B 709 -65.84 68.43 -33.01
N PRO B 710 -64.76 68.50 -32.24
CA PRO B 710 -64.80 68.03 -30.85
C PRO B 710 -65.74 68.87 -30.01
N PRO B 711 -66.56 68.23 -29.16
CA PRO B 711 -67.44 68.99 -28.27
C PRO B 711 -66.63 69.76 -27.25
N PRO B 712 -67.16 70.89 -26.76
CA PRO B 712 -66.41 71.71 -25.81
C PRO B 712 -66.53 71.21 -24.38
N ILE B 713 -65.50 71.51 -23.59
CA ILE B 713 -65.51 71.15 -22.17
C ILE B 713 -66.35 72.18 -21.40
N PRO B 714 -67.37 71.77 -20.67
CA PRO B 714 -68.15 72.72 -19.87
C PRO B 714 -67.38 73.17 -18.64
N LYS B 715 -67.95 74.16 -17.96
CA LYS B 715 -67.31 74.71 -16.77
C LYS B 715 -67.31 73.69 -15.63
N GLU B 716 -66.37 73.85 -14.72
CA GLU B 716 -66.18 72.88 -13.66
C GLU B 716 -67.30 72.96 -12.62
N PRO B 717 -67.55 71.87 -11.92
CA PRO B 717 -68.42 71.93 -10.74
C PRO B 717 -67.70 72.59 -9.59
N SER B 718 -68.15 73.78 -9.21
CA SER B 718 -67.53 74.52 -8.12
C SER B 718 -67.66 73.76 -6.80
N ASN B 719 -68.67 72.90 -6.68
CA ASN B 719 -68.88 72.10 -5.49
C ASN B 719 -68.22 70.73 -5.68
N TYR B 720 -67.32 70.38 -4.77
CA TYR B 720 -66.66 69.08 -4.79
C TYR B 720 -67.16 68.19 -3.65
N ASP B 721 -68.43 68.38 -3.25
CA ASP B 721 -69.04 67.56 -2.21
C ASP B 721 -69.81 66.41 -2.86
N PHE B 722 -69.07 65.34 -3.16
CA PHE B 722 -69.67 64.18 -3.79
C PHE B 722 -70.66 63.52 -2.83
N VAL B 723 -71.92 63.40 -3.24
CA VAL B 723 -72.93 62.78 -2.40
C VAL B 723 -72.77 61.26 -2.42
N TYR B 724 -72.58 60.67 -3.61
CA TYR B 724 -72.12 59.29 -3.71
C TYR B 724 -70.61 59.28 -3.53
N ASP B 725 -70.11 58.27 -2.82
CA ASP B 725 -68.71 58.21 -2.43
C ASP B 725 -67.83 57.77 -3.60
N CYS B 726 -66.55 57.56 -3.33
CA CYS B 726 -65.62 57.10 -4.36
C CYS B 726 -65.78 55.60 -4.59
N MET C 1 -0.06 22.41 -18.20
CA MET C 1 0.50 23.69 -17.77
C MET C 1 1.75 23.96 -18.61
N GLN C 2 1.95 23.08 -19.59
CA GLN C 2 3.22 22.94 -20.28
C GLN C 2 3.79 24.31 -20.62
N ALA C 3 4.95 24.62 -20.07
CA ALA C 3 5.50 25.94 -20.31
C ALA C 3 6.13 25.96 -21.68
N ILE C 4 6.57 27.14 -22.11
CA ILE C 4 7.24 27.21 -23.41
C ILE C 4 8.33 28.26 -23.37
N LYS C 5 9.41 27.98 -24.12
CA LYS C 5 10.48 28.91 -24.42
C LYS C 5 9.94 30.00 -25.29
N CYS C 6 9.59 31.10 -24.66
CA CYS C 6 8.96 32.21 -25.36
C CYS C 6 9.93 33.38 -25.34
N VAL C 7 10.64 33.61 -26.44
CA VAL C 7 11.48 34.79 -26.56
C VAL C 7 10.74 35.86 -27.38
N VAL C 8 10.47 37.00 -26.74
CA VAL C 8 9.59 38.05 -27.25
C VAL C 8 10.37 39.16 -27.91
N VAL C 9 10.67 39.05 -29.20
CA VAL C 9 11.40 40.11 -29.84
C VAL C 9 10.40 41.24 -30.06
N GLY C 10 10.90 42.40 -30.44
CA GLY C 10 10.00 43.52 -30.45
C GLY C 10 10.75 44.77 -30.12
N ASP C 11 10.45 45.84 -30.82
CA ASP C 11 11.33 46.98 -30.81
C ASP C 11 11.02 47.90 -29.64
N GLY C 12 11.98 48.77 -29.34
CA GLY C 12 11.95 49.52 -28.10
C GLY C 12 10.79 50.48 -27.95
N ALA C 13 10.19 50.91 -29.06
CA ALA C 13 9.06 51.80 -28.95
C ALA C 13 7.77 51.07 -28.63
N VAL C 14 7.82 49.76 -28.42
CA VAL C 14 6.59 48.97 -28.32
C VAL C 14 6.06 48.94 -26.88
N GLY C 15 6.83 48.36 -25.95
CA GLY C 15 6.44 48.38 -24.54
C GLY C 15 5.71 47.15 -24.02
N LYS C 16 6.03 45.96 -24.54
CA LYS C 16 5.32 44.77 -24.11
C LYS C 16 5.43 44.52 -22.64
N THR C 17 6.33 45.23 -21.97
CA THR C 17 6.53 45.01 -20.55
C THR C 17 5.22 45.25 -19.81
N CYS C 18 4.81 46.51 -19.74
CA CYS C 18 3.53 46.88 -19.16
C CYS C 18 2.45 45.95 -19.65
N LEU C 19 2.58 45.53 -20.90
CA LEU C 19 1.58 44.70 -21.52
C LEU C 19 1.41 43.44 -20.70
N LEU C 20 2.45 42.63 -20.65
CA LEU C 20 2.40 41.45 -19.82
C LEU C 20 2.07 41.82 -18.39
N ILE C 21 2.60 42.93 -17.89
CA ILE C 21 2.54 43.19 -16.46
C ILE C 21 1.13 43.59 -16.06
N SER C 22 0.33 43.97 -17.04
CA SER C 22 -1.04 44.30 -16.74
C SER C 22 -1.97 43.15 -17.00
N TYR C 23 -1.70 42.34 -18.02
CA TYR C 23 -2.50 41.12 -18.09
C TYR C 23 -2.34 40.32 -16.84
N THR C 24 -1.15 39.77 -16.64
CA THR C 24 -1.08 38.60 -15.80
C THR C 24 -1.11 38.92 -14.31
N THR C 25 -0.86 40.17 -13.89
CA THR C 25 -1.20 40.52 -12.52
C THR C 25 -2.70 40.45 -12.32
N ASN C 26 -3.43 40.41 -13.42
CA ASN C 26 -4.77 39.89 -13.46
C ASN C 26 -5.81 40.87 -12.91
N ALA C 27 -5.30 41.87 -12.25
CA ALA C 27 -6.01 43.11 -12.07
C ALA C 27 -6.48 43.70 -13.41
N PHE C 28 -7.21 44.84 -13.34
CA PHE C 28 -8.21 45.68 -14.00
C PHE C 28 -7.89 45.85 -15.50
N PRO C 29 -8.77 46.51 -16.26
CA PRO C 29 -8.28 47.15 -17.46
C PRO C 29 -6.95 47.84 -17.27
N GLY C 30 -6.84 48.80 -16.37
CA GLY C 30 -5.63 49.59 -16.28
C GLY C 30 -4.41 49.32 -15.40
N GLU C 31 -4.58 49.30 -14.08
CA GLU C 31 -3.49 49.56 -13.16
C GLU C 31 -2.91 48.28 -12.58
N TYR C 32 -1.59 48.14 -12.76
CA TYR C 32 -0.74 46.98 -12.51
C TYR C 32 0.59 47.56 -12.12
N ILE C 33 1.38 46.83 -11.36
CA ILE C 33 2.69 47.40 -11.04
C ILE C 33 3.67 46.90 -12.11
N PRO C 34 4.18 47.75 -12.98
CA PRO C 34 5.25 47.39 -13.93
C PRO C 34 6.49 46.83 -13.29
N THR C 35 7.39 46.21 -14.08
CA THR C 35 8.58 45.56 -13.50
C THR C 35 9.83 45.87 -14.36
N VAL C 36 11.00 45.66 -13.74
CA VAL C 36 12.32 45.94 -14.24
C VAL C 36 12.97 44.77 -14.98
N PHE C 37 13.18 43.66 -14.29
CA PHE C 37 13.81 42.49 -14.89
C PHE C 37 12.70 41.63 -15.46
N ASP C 38 12.71 41.45 -16.76
CA ASP C 38 11.43 41.26 -17.37
C ASP C 38 11.24 40.04 -18.24
N ASN C 39 12.07 39.01 -18.12
CA ASN C 39 11.58 37.74 -18.55
C ASN C 39 10.22 37.64 -17.88
N TYR C 40 9.17 37.72 -18.67
CA TYR C 40 7.83 37.73 -18.11
C TYR C 40 7.27 36.32 -18.24
N SER C 41 5.96 36.17 -17.98
CA SER C 41 5.29 34.87 -18.17
C SER C 41 3.77 35.01 -17.97
N ALA C 42 3.08 33.95 -18.34
CA ALA C 42 1.62 33.95 -18.25
C ALA C 42 1.14 32.56 -18.64
N ASN C 43 -0.19 32.38 -18.72
CA ASN C 43 -0.77 31.08 -19.03
C ASN C 43 -2.28 31.12 -19.17
N VAL C 44 -2.86 29.93 -19.40
CA VAL C 44 -4.19 29.55 -18.88
C VAL C 44 -4.14 28.03 -18.81
N MET C 45 -5.20 27.43 -18.25
CA MET C 45 -5.55 26.07 -18.64
C MET C 45 -6.01 26.26 -20.06
N VAL C 46 -5.04 26.40 -20.95
CA VAL C 46 -5.39 26.97 -22.23
C VAL C 46 -5.50 25.86 -23.26
N ASP C 47 -6.73 25.38 -23.43
CA ASP C 47 -7.19 24.71 -24.63
C ASP C 47 -6.86 23.23 -24.65
N GLY C 48 -6.62 22.62 -23.49
CA GLY C 48 -6.01 21.31 -23.46
C GLY C 48 -4.59 21.42 -23.87
N LYS C 49 -4.14 22.63 -24.08
CA LYS C 49 -2.76 23.01 -24.24
C LYS C 49 -2.66 23.71 -22.90
N PRO C 50 -2.86 23.02 -21.88
CA PRO C 50 -3.12 23.67 -20.61
C PRO C 50 -1.79 24.20 -20.19
N VAL C 51 -1.44 25.39 -20.64
CA VAL C 51 -0.01 25.63 -20.69
C VAL C 51 0.38 26.95 -20.08
N ASN C 52 1.63 26.96 -19.63
CA ASN C 52 2.32 28.14 -19.16
C ASN C 52 3.37 28.54 -20.18
N LEU C 53 3.49 29.83 -20.34
CA LEU C 53 4.50 30.42 -21.16
C LEU C 53 5.53 31.15 -20.29
N GLY C 54 6.82 30.85 -20.52
CA GLY C 54 7.90 31.62 -19.94
C GLY C 54 8.45 32.60 -20.96
N LEU C 55 8.02 33.85 -20.85
CA LEU C 55 8.38 34.93 -21.74
C LEU C 55 9.85 35.25 -21.47
N TRP C 56 10.69 34.97 -22.46
CA TRP C 56 12.13 35.22 -22.41
C TRP C 56 12.43 36.63 -22.88
N ASP C 57 12.36 37.58 -21.98
CA ASP C 57 12.73 38.93 -22.36
C ASP C 57 14.22 39.13 -22.11
N THR C 58 14.98 39.30 -23.18
CA THR C 58 16.25 39.98 -23.03
C THR C 58 15.96 41.44 -22.81
N ALA C 59 16.97 42.27 -22.88
CA ALA C 59 16.68 43.68 -23.07
C ALA C 59 15.96 43.84 -24.39
N GLY C 60 14.91 44.65 -24.41
CA GLY C 60 14.36 45.02 -25.69
C GLY C 60 15.25 45.93 -26.50
N GLN C 61 16.29 46.48 -25.85
CA GLN C 61 17.24 47.37 -26.49
C GLN C 61 18.16 46.61 -27.45
N GLU C 62 18.84 47.37 -28.28
CA GLU C 62 19.74 46.90 -29.32
C GLU C 62 21.13 46.43 -28.88
N ASP C 63 21.54 46.63 -27.63
CA ASP C 63 22.84 46.11 -27.23
C ASP C 63 22.87 44.59 -27.11
N TYR C 64 21.85 43.91 -27.64
CA TYR C 64 21.76 42.46 -27.54
C TYR C 64 21.89 41.75 -28.88
N ASP C 65 22.48 42.38 -29.90
CA ASP C 65 22.50 41.70 -31.19
C ASP C 65 23.50 40.57 -31.21
N ARG C 66 23.94 40.21 -30.01
CA ARG C 66 24.33 38.86 -29.64
C ARG C 66 23.45 38.27 -28.55
N LEU C 67 23.13 39.04 -27.51
CA LEU C 67 22.44 38.47 -26.37
C LEU C 67 21.04 38.07 -26.76
N ARG C 68 20.42 38.88 -27.60
CA ARG C 68 19.23 38.47 -28.31
C ARG C 68 19.53 37.35 -29.30
N PRO C 69 20.50 37.48 -30.23
CA PRO C 69 21.05 36.28 -30.89
C PRO C 69 21.46 35.13 -29.98
N LEU C 70 21.71 35.39 -28.70
CA LEU C 70 21.84 34.28 -27.77
C LEU C 70 20.51 33.91 -27.12
N SER C 71 19.40 34.38 -27.69
CA SER C 71 18.08 33.99 -27.23
C SER C 71 17.27 33.31 -28.33
N TYR C 72 17.79 33.29 -29.54
CA TYR C 72 17.10 32.71 -30.69
C TYR C 72 17.27 31.20 -30.91
N PRO C 73 18.51 30.67 -31.01
CA PRO C 73 18.72 29.45 -31.82
C PRO C 73 17.62 28.40 -31.72
N GLN C 74 17.00 28.23 -30.54
CA GLN C 74 15.94 27.23 -30.38
C GLN C 74 14.74 27.80 -29.59
N THR C 75 14.21 29.01 -29.91
CA THR C 75 12.97 29.43 -29.26
C THR C 75 11.76 29.00 -30.07
N ASP C 76 10.86 28.33 -29.40
CA ASP C 76 9.70 27.67 -29.97
C ASP C 76 9.00 28.49 -31.03
N VAL C 77 8.83 29.79 -30.74
CA VAL C 77 8.12 30.77 -31.55
C VAL C 77 8.81 32.08 -31.19
N PHE C 78 8.43 33.18 -31.82
CA PHE C 78 8.93 34.46 -31.33
C PHE C 78 7.82 35.50 -31.35
N LEU C 79 7.59 36.12 -30.18
CA LEU C 79 6.74 37.31 -30.11
C LEU C 79 7.55 38.45 -30.67
N ILE C 80 7.05 39.07 -31.74
CA ILE C 80 7.77 39.98 -32.62
C ILE C 80 6.99 41.28 -32.75
N CYS C 81 7.44 42.34 -32.07
CA CYS C 81 6.55 43.44 -31.76
C CYS C 81 6.83 44.67 -32.61
N PHE C 82 5.76 45.26 -33.15
CA PHE C 82 5.82 46.64 -33.60
C PHE C 82 4.53 47.36 -33.22
N SER C 83 4.41 48.61 -33.68
CA SER C 83 3.40 49.57 -33.22
C SER C 83 2.80 50.36 -34.39
N LEU C 84 1.84 51.25 -34.07
CA LEU C 84 1.01 51.86 -35.13
C LEU C 84 1.13 53.38 -35.19
N VAL C 85 1.48 54.02 -34.07
CA VAL C 85 1.69 55.47 -34.08
C VAL C 85 2.97 55.89 -34.77
N SER C 86 3.79 54.95 -35.21
CA SER C 86 5.08 55.25 -35.82
C SER C 86 5.43 54.26 -36.93
N PRO C 87 5.16 54.58 -38.20
CA PRO C 87 5.36 53.60 -39.30
C PRO C 87 6.70 52.90 -39.30
N ALA C 88 7.73 53.51 -38.70
CA ALA C 88 9.00 52.83 -38.55
C ALA C 88 8.80 51.43 -38.00
N SER C 89 7.82 51.27 -37.12
CA SER C 89 7.43 49.94 -36.71
C SER C 89 6.93 49.13 -37.90
N PHE C 90 5.96 49.67 -38.64
CA PHE C 90 5.45 48.95 -39.80
C PHE C 90 6.52 48.72 -40.85
N GLU C 91 7.74 49.19 -40.60
CA GLU C 91 8.77 48.91 -41.58
C GLU C 91 9.85 48.00 -41.02
N ASN C 92 10.37 48.34 -39.86
CA ASN C 92 11.33 47.47 -39.20
C ASN C 92 10.92 46.01 -39.29
N VAL C 93 9.64 45.76 -39.56
CA VAL C 93 9.03 44.46 -39.49
C VAL C 93 9.62 43.52 -40.53
N ARG C 94 9.43 43.78 -41.81
CA ARG C 94 10.24 43.03 -42.75
C ARG C 94 11.69 43.41 -42.60
N ALA C 95 11.98 44.48 -41.85
CA ALA C 95 13.33 45.02 -41.88
C ALA C 95 14.25 44.52 -40.76
N LYS C 96 13.79 44.37 -39.52
CA LYS C 96 14.75 44.11 -38.44
C LYS C 96 14.58 42.75 -37.75
N TRP C 97 13.45 42.49 -37.10
CA TRP C 97 13.28 41.19 -36.45
C TRP C 97 13.08 40.09 -37.50
N TYR C 98 12.62 40.47 -38.69
CA TYR C 98 12.34 39.48 -39.73
C TYR C 98 13.63 38.93 -40.30
N PRO C 99 14.56 39.79 -40.68
CA PRO C 99 15.88 39.27 -40.98
C PRO C 99 16.33 38.50 -39.77
N GLU C 100 16.32 39.10 -38.58
CA GLU C 100 16.82 38.37 -37.42
C GLU C 100 16.17 36.99 -37.30
N VAL C 101 15.00 36.80 -37.91
CA VAL C 101 14.38 35.48 -37.99
C VAL C 101 15.06 34.66 -39.07
N ARG C 102 15.07 35.20 -40.28
CA ARG C 102 15.88 34.66 -41.36
C ARG C 102 17.24 34.22 -40.85
N HIS C 103 17.73 34.98 -39.87
CA HIS C 103 19.04 35.02 -39.26
C HIS C 103 19.24 33.87 -38.31
N HIS C 104 18.34 33.63 -37.35
CA HIS C 104 18.56 32.47 -36.48
C HIS C 104 17.83 31.22 -36.93
N CYS C 105 16.65 31.31 -37.51
CA CYS C 105 15.86 30.12 -37.85
C CYS C 105 14.95 30.35 -39.05
N PRO C 106 15.05 29.49 -40.08
CA PRO C 106 13.95 29.36 -41.03
C PRO C 106 13.01 28.17 -40.77
N ASN C 107 12.47 27.98 -39.55
CA ASN C 107 11.52 26.86 -39.38
C ASN C 107 10.27 27.17 -38.50
N THR C 108 10.41 27.94 -37.33
CA THR C 108 9.45 28.19 -36.23
C THR C 108 8.32 29.17 -36.57
N PRO C 109 7.22 29.13 -35.81
CA PRO C 109 6.19 30.16 -35.98
C PRO C 109 6.76 31.54 -35.68
N ILE C 110 6.50 32.45 -36.60
CA ILE C 110 7.02 33.79 -36.51
C ILE C 110 5.92 34.73 -36.96
N ILE C 111 5.68 35.75 -36.19
CA ILE C 111 4.43 36.47 -36.34
C ILE C 111 4.72 37.94 -36.12
N LEU C 112 3.68 38.75 -36.19
CA LEU C 112 3.82 40.17 -36.03
C LEU C 112 2.62 40.76 -35.30
N VAL C 113 2.81 42.00 -34.86
CA VAL C 113 1.84 42.74 -34.09
C VAL C 113 2.17 44.21 -34.19
N GLY C 114 1.16 45.02 -34.47
CA GLY C 114 1.31 46.44 -34.30
C GLY C 114 0.72 46.87 -32.98
N THR C 115 1.58 47.17 -32.03
CA THR C 115 1.13 47.83 -30.84
C THR C 115 0.66 49.23 -31.21
N LYS C 116 0.23 49.99 -30.21
CA LYS C 116 -0.38 51.29 -30.42
C LYS C 116 -1.57 51.18 -31.35
N LEU C 117 -2.09 49.96 -31.49
CA LEU C 117 -3.35 49.77 -32.17
C LEU C 117 -4.43 50.65 -31.57
N ASP C 118 -4.54 50.60 -30.25
CA ASP C 118 -5.44 51.52 -29.56
C ASP C 118 -4.92 52.94 -29.61
N LEU C 119 -3.66 53.12 -30.02
CA LEU C 119 -3.09 54.45 -30.04
C LEU C 119 -2.86 54.95 -31.45
N ARG C 120 -3.09 54.09 -32.44
CA ARG C 120 -2.82 54.46 -33.82
C ARG C 120 -3.52 55.75 -34.22
N ASP C 121 -4.70 55.99 -33.67
CA ASP C 121 -5.65 56.86 -34.33
C ASP C 121 -6.22 58.00 -33.48
N ASP C 122 -5.59 58.36 -32.36
CA ASP C 122 -5.99 59.59 -31.69
C ASP C 122 -5.82 60.79 -32.61
N LYS C 123 -6.76 61.74 -32.52
CA LYS C 123 -6.56 63.05 -33.14
C LYS C 123 -5.18 63.59 -32.81
N ASP C 124 -4.65 63.25 -31.66
CA ASP C 124 -3.29 63.66 -31.39
C ASP C 124 -2.29 62.66 -31.95
N THR C 125 -2.67 61.38 -32.07
CA THR C 125 -1.77 60.43 -32.73
C THR C 125 -1.94 60.51 -34.23
N ILE C 126 -3.18 60.58 -34.71
CA ILE C 126 -3.41 61.11 -36.05
C ILE C 126 -2.57 62.36 -36.27
N GLU C 127 -2.53 63.24 -35.27
CA GLU C 127 -1.98 64.58 -35.43
C GLU C 127 -0.47 64.57 -35.59
N LYS C 128 0.24 63.89 -34.70
CA LYS C 128 1.69 63.78 -34.86
C LYS C 128 2.09 62.53 -35.62
N LEU C 129 1.14 61.84 -36.22
CA LEU C 129 1.43 60.94 -37.32
C LEU C 129 1.34 61.70 -38.64
N LYS C 130 0.59 62.82 -38.65
CA LYS C 130 0.68 63.73 -39.80
C LYS C 130 1.83 64.72 -39.69
N GLU C 131 2.16 65.19 -38.48
CA GLU C 131 3.29 66.10 -38.36
C GLU C 131 4.56 65.43 -38.87
N LYS C 132 4.70 64.14 -38.64
CA LYS C 132 5.76 63.32 -39.22
C LYS C 132 5.38 62.78 -40.58
N LYS C 133 4.11 62.91 -40.96
CA LYS C 133 3.71 62.86 -42.36
C LYS C 133 3.88 61.45 -42.89
N LEU C 134 3.82 60.51 -41.98
CA LEU C 134 3.74 59.08 -42.23
C LEU C 134 2.43 58.62 -41.63
N THR C 135 2.25 57.33 -41.59
CA THR C 135 0.87 56.94 -41.50
C THR C 135 0.53 56.26 -40.19
N PRO C 136 -0.60 56.62 -39.59
CA PRO C 136 -1.16 55.77 -38.54
C PRO C 136 -1.55 54.45 -39.18
N ILE C 137 -0.53 53.63 -39.45
CA ILE C 137 -0.52 52.61 -40.48
C ILE C 137 -1.87 51.93 -40.58
N THR C 138 -2.33 51.73 -41.79
CA THR C 138 -3.48 50.88 -41.95
C THR C 138 -3.08 49.49 -41.50
N TYR C 139 -3.88 48.89 -40.62
CA TYR C 139 -3.75 47.45 -40.51
C TYR C 139 -3.74 46.84 -41.91
N PRO C 140 -4.57 47.27 -42.86
CA PRO C 140 -4.40 46.81 -44.24
C PRO C 140 -2.97 46.81 -44.71
N GLN C 141 -2.25 47.92 -44.50
CA GLN C 141 -0.83 47.87 -44.70
C GLN C 141 -0.28 46.66 -44.00
N GLY C 142 -0.85 46.36 -42.84
CA GLY C 142 -0.62 45.06 -42.24
C GLY C 142 -0.91 43.91 -43.19
N LEU C 143 -2.18 43.66 -43.53
CA LEU C 143 -2.52 42.41 -44.18
C LEU C 143 -1.67 42.17 -45.41
N ALA C 144 -1.10 43.22 -45.95
CA ALA C 144 -0.09 42.95 -46.96
C ALA C 144 1.16 42.52 -46.25
N MET C 145 1.67 43.41 -45.41
CA MET C 145 2.92 43.22 -44.66
C MET C 145 3.08 41.79 -44.13
N ALA C 146 1.97 41.25 -43.62
CA ALA C 146 1.95 39.94 -42.98
C ALA C 146 1.73 38.84 -44.01
N LYS C 147 1.16 39.19 -45.14
CA LYS C 147 1.28 38.27 -46.24
C LYS C 147 2.72 38.19 -46.69
N GLU C 148 3.46 39.26 -46.41
CA GLU C 148 4.81 39.50 -46.92
C GLU C 148 5.91 38.74 -46.20
N ILE C 149 6.29 39.09 -44.96
CA ILE C 149 7.50 38.45 -44.43
C ILE C 149 7.28 37.32 -43.45
N GLY C 150 6.04 36.99 -43.10
CA GLY C 150 5.84 36.00 -42.04
C GLY C 150 5.32 36.33 -40.63
N ALA C 151 4.14 36.95 -40.53
CA ALA C 151 3.38 36.98 -39.31
C ALA C 151 2.33 35.88 -39.34
N VAL C 152 2.55 34.78 -38.62
CA VAL C 152 1.69 33.61 -38.84
C VAL C 152 0.25 33.92 -38.43
N LYS C 153 0.07 34.83 -37.49
CA LYS C 153 -1.19 35.55 -37.33
C LYS C 153 -0.75 36.97 -37.62
N TYR C 154 -1.61 37.91 -37.30
CA TYR C 154 -1.03 39.22 -37.03
C TYR C 154 -1.95 39.95 -36.09
N LEU C 155 -1.36 40.56 -35.07
CA LEU C 155 -2.16 41.00 -33.94
C LEU C 155 -1.66 42.30 -33.35
N GLU C 156 -2.21 42.58 -32.16
CA GLU C 156 -2.17 43.81 -31.39
C GLU C 156 -2.69 43.50 -29.98
N CYS C 157 -2.23 44.23 -28.96
CA CYS C 157 -2.79 44.08 -27.63
C CYS C 157 -2.35 45.24 -26.76
N SER C 158 -3.19 45.62 -25.82
CA SER C 158 -2.86 46.77 -24.98
C SER C 158 -3.34 46.60 -23.56
N ALA C 159 -2.38 46.70 -22.65
CA ALA C 159 -2.56 46.40 -21.24
C ALA C 159 -3.27 47.51 -20.49
N LEU C 160 -3.18 48.74 -20.99
CA LEU C 160 -4.08 49.80 -20.56
C LEU C 160 -5.51 49.32 -20.58
N THR C 161 -5.94 48.91 -21.75
CA THR C 161 -7.14 48.12 -21.91
C THR C 161 -7.01 46.74 -21.26
N GLN C 162 -5.78 46.24 -21.13
CA GLN C 162 -5.49 44.84 -20.83
C GLN C 162 -6.17 43.91 -21.82
N ARG C 163 -6.09 44.24 -23.12
CA ARG C 163 -6.92 43.73 -24.22
C ARG C 163 -6.10 43.37 -25.45
N GLY C 164 -6.77 42.75 -26.42
CA GLY C 164 -6.11 42.11 -27.54
C GLY C 164 -5.20 41.06 -26.99
N LEU C 165 -5.32 40.87 -25.69
CA LEU C 165 -4.27 40.39 -24.85
C LEU C 165 -4.19 38.88 -24.96
N LYS C 166 -5.20 38.21 -24.39
CA LYS C 166 -5.44 36.81 -24.73
C LYS C 166 -5.47 36.67 -26.24
N THR C 167 -6.17 37.59 -26.91
CA THR C 167 -6.23 37.63 -28.35
C THR C 167 -4.86 37.40 -28.90
N VAL C 168 -3.95 38.28 -28.49
CA VAL C 168 -2.56 38.03 -28.77
C VAL C 168 -2.17 36.67 -28.22
N PHE C 169 -2.29 36.51 -26.90
CA PHE C 169 -1.85 35.28 -26.29
C PHE C 169 -2.45 34.07 -26.98
N ASP C 170 -3.49 34.28 -27.80
CA ASP C 170 -4.19 33.18 -28.42
C ASP C 170 -3.23 32.20 -29.06
N GLU C 171 -2.68 32.58 -30.16
CA GLU C 171 -1.99 31.55 -30.89
C GLU C 171 -0.54 31.66 -30.63
N ALA C 172 -0.13 32.80 -30.08
CA ALA C 172 1.07 32.87 -29.28
C ALA C 172 1.13 31.66 -28.39
N ILE C 173 -0.03 31.14 -28.03
CA ILE C 173 -0.08 29.80 -27.51
C ILE C 173 -0.25 28.80 -28.64
N ARG C 174 -1.38 28.81 -29.33
CA ARG C 174 -1.68 27.66 -30.18
C ARG C 174 -0.82 27.57 -31.42
N ALA C 175 0.27 28.32 -31.49
CA ALA C 175 1.31 27.96 -32.43
C ALA C 175 1.53 26.46 -32.47
N VAL C 176 1.36 25.79 -31.34
CA VAL C 176 1.36 24.34 -31.33
C VAL C 176 0.42 23.82 -32.39
N LEU C 177 -0.76 24.42 -32.48
CA LEU C 177 -1.69 24.09 -33.53
C LEU C 177 -1.12 24.61 -34.81
N MET D 1 65.19 -27.01 79.61
CA MET D 1 65.28 -27.21 78.17
C MET D 1 66.38 -26.40 77.52
N ALA D 2 66.24 -26.24 76.20
CA ALA D 2 67.22 -25.61 75.36
C ALA D 2 66.48 -24.72 74.39
N PRO D 3 67.02 -23.55 74.07
CA PRO D 3 66.35 -22.62 73.16
C PRO D 3 66.06 -23.23 71.80
N TRP D 4 65.27 -22.54 70.98
CA TRP D 4 64.90 -23.03 69.66
C TRP D 4 65.97 -22.59 68.66
N ARG D 5 67.09 -23.31 68.66
CA ARG D 5 68.23 -23.03 67.80
C ARG D 5 67.82 -22.99 66.34
N LYS D 6 68.50 -22.14 65.58
CA LYS D 6 68.19 -22.02 64.17
C LYS D 6 68.75 -23.23 63.43
N ALA D 7 68.00 -23.70 62.45
CA ALA D 7 68.47 -24.77 61.57
C ALA D 7 69.24 -24.21 60.39
N ASP D 8 70.23 -23.38 60.71
CA ASP D 8 71.06 -22.70 59.73
C ASP D 8 71.98 -23.65 58.98
N LYS D 9 72.51 -24.67 59.65
CA LYS D 9 73.20 -25.79 59.02
C LYS D 9 72.32 -27.02 58.93
N GLU D 10 71.28 -27.10 59.76
CA GLU D 10 70.24 -28.11 59.74
C GLU D 10 69.34 -27.75 58.58
N ARG D 11 69.92 -27.72 57.37
CA ARG D 11 69.41 -26.86 56.32
C ARG D 11 68.22 -27.44 55.57
N HIS D 12 68.40 -28.54 54.86
CA HIS D 12 67.34 -29.06 54.02
C HIS D 12 67.02 -30.48 54.45
N GLY D 13 66.06 -30.58 55.36
CA GLY D 13 65.66 -31.88 55.85
C GLY D 13 64.89 -32.61 54.78
N VAL D 14 65.34 -33.82 54.46
CA VAL D 14 64.49 -34.81 53.83
C VAL D 14 63.95 -35.71 54.93
N ALA D 15 62.63 -35.77 55.03
CA ALA D 15 62.00 -36.47 56.14
C ALA D 15 62.42 -37.94 56.11
N ILE D 16 63.25 -38.33 57.08
CA ILE D 16 63.55 -39.73 57.32
C ILE D 16 62.29 -40.56 57.41
N TYR D 17 61.20 -39.96 57.89
CA TYR D 17 59.99 -40.70 58.20
C TYR D 17 58.80 -39.77 58.22
N ASN D 18 57.62 -40.40 58.20
CA ASN D 18 56.31 -39.83 57.93
C ASN D 18 55.79 -39.01 59.11
N PHE D 19 56.20 -37.75 59.21
CA PHE D 19 55.88 -37.01 60.42
C PHE D 19 54.72 -36.04 60.19
N GLN D 20 53.51 -36.54 60.07
CA GLN D 20 52.39 -35.62 60.23
C GLN D 20 52.26 -35.24 61.69
N GLY D 21 52.93 -34.15 62.04
CA GLY D 21 52.66 -33.47 63.28
C GLY D 21 51.34 -32.75 63.20
N SER D 22 51.21 -31.68 64.00
CA SER D 22 50.02 -30.85 63.99
C SER D 22 50.24 -29.53 63.29
N GLY D 23 51.29 -29.39 62.48
CA GLY D 23 51.58 -28.11 61.89
C GLY D 23 52.40 -27.29 62.85
N ALA D 24 51.73 -26.42 63.61
CA ALA D 24 52.37 -25.80 64.77
C ALA D 24 51.80 -26.44 66.03
N PRO D 25 52.65 -26.90 66.96
CA PRO D 25 54.09 -26.85 66.76
C PRO D 25 54.61 -27.99 65.88
N GLN D 26 54.04 -29.18 66.03
CA GLN D 26 54.54 -30.39 65.37
C GLN D 26 54.25 -30.30 63.87
N LEU D 27 55.29 -30.07 63.08
CA LEU D 27 55.12 -29.88 61.64
C LEU D 27 54.67 -31.13 60.91
N SER D 28 53.48 -31.09 60.32
CA SER D 28 53.02 -32.20 59.50
C SER D 28 54.02 -32.48 58.38
N LEU D 29 54.41 -33.74 58.27
CA LEU D 29 55.39 -34.17 57.30
C LEU D 29 55.01 -35.56 56.81
N GLN D 30 55.67 -35.97 55.75
CA GLN D 30 55.58 -37.34 55.24
C GLN D 30 56.96 -37.94 55.47
N ILE D 31 57.21 -39.07 54.88
CA ILE D 31 58.59 -39.51 54.77
C ILE D 31 59.16 -38.87 53.51
N GLY D 32 60.42 -38.44 53.60
CA GLY D 32 61.10 -38.00 52.41
C GLY D 32 60.69 -36.64 51.89
N ASP D 33 60.17 -35.78 52.75
CA ASP D 33 59.86 -34.41 52.34
C ASP D 33 61.16 -33.62 52.41
N VAL D 34 61.64 -33.16 51.26
CA VAL D 34 62.71 -32.17 51.32
C VAL D 34 62.13 -30.93 51.96
N VAL D 35 62.56 -30.66 53.19
CA VAL D 35 62.11 -29.53 53.95
C VAL D 35 63.34 -28.71 54.32
N ARG D 36 63.28 -27.41 54.12
CA ARG D 36 64.26 -26.54 54.73
C ARG D 36 63.75 -26.14 56.09
N ILE D 37 64.63 -26.20 57.07
CA ILE D 37 64.22 -26.05 58.46
C ILE D 37 64.70 -24.70 58.93
N GLN D 38 63.79 -23.92 59.51
CA GLN D 38 64.11 -22.56 59.90
C GLN D 38 64.94 -22.56 61.17
N GLU D 39 64.34 -22.97 62.27
CA GLU D 39 65.02 -23.22 63.51
C GLU D 39 64.77 -24.67 63.91
N THR D 40 65.19 -25.02 65.13
CA THR D 40 65.04 -26.37 65.64
C THR D 40 65.37 -26.37 67.12
N CYS D 41 64.83 -27.35 67.83
CA CYS D 41 65.21 -27.62 69.22
C CYS D 41 65.68 -29.07 69.29
N GLY D 42 66.97 -29.29 69.01
CA GLY D 42 67.61 -30.58 69.25
C GLY D 42 66.91 -31.76 68.61
N ASP D 43 66.32 -32.61 69.46
CA ASP D 43 65.51 -33.75 69.06
C ASP D 43 64.39 -33.37 68.12
N TRP D 44 64.14 -32.09 67.95
CA TRP D 44 63.08 -31.60 67.10
C TRP D 44 63.66 -30.68 66.03
N TYR D 45 62.77 -30.17 65.19
CA TYR D 45 63.14 -29.11 64.27
C TYR D 45 62.23 -27.95 64.56
N ARG D 46 62.39 -26.88 63.80
CA ARG D 46 61.29 -25.95 63.64
C ARG D 46 61.50 -25.24 62.30
N GLY D 47 60.90 -25.79 61.26
CA GLY D 47 61.11 -25.33 59.92
C GLY D 47 59.95 -25.78 59.06
N TYR D 48 60.20 -26.11 57.80
CA TYR D 48 59.10 -26.14 56.84
C TYR D 48 59.46 -26.99 55.63
N LEU D 49 58.44 -27.62 55.06
CA LEU D 49 58.58 -28.23 53.74
C LEU D 49 59.21 -27.24 52.77
N ILE D 50 60.20 -27.71 52.03
CA ILE D 50 60.76 -26.89 50.97
C ILE D 50 59.64 -26.46 50.01
N LYS D 51 58.63 -27.29 49.82
CA LYS D 51 57.52 -26.86 48.98
C LYS D 51 56.77 -25.71 49.63
N HIS D 52 56.44 -25.86 50.91
CA HIS D 52 55.45 -25.07 51.61
C HIS D 52 56.13 -24.52 52.86
N LYS D 53 57.17 -23.74 52.59
CA LYS D 53 57.93 -23.03 53.62
C LYS D 53 57.06 -22.28 54.61
N MET D 54 55.78 -22.06 54.30
CA MET D 54 54.87 -21.51 55.29
C MET D 54 54.16 -22.58 56.10
N LEU D 55 54.20 -23.84 55.66
CA LEU D 55 53.83 -24.97 56.52
C LEU D 55 54.96 -25.15 57.53
N GLN D 56 55.05 -24.20 58.46
CA GLN D 56 56.15 -24.20 59.41
C GLN D 56 55.71 -24.77 60.75
N GLY D 57 56.50 -25.67 61.27
CA GLY D 57 56.32 -26.10 62.62
C GLY D 57 57.59 -26.72 63.15
N ILE D 58 57.53 -27.23 64.35
CA ILE D 58 58.56 -28.09 64.90
C ILE D 58 58.36 -29.48 64.31
N PHE D 59 59.43 -30.23 64.12
CA PHE D 59 59.27 -31.60 63.64
C PHE D 59 60.52 -32.37 64.00
N PRO D 60 60.45 -33.69 64.11
CA PRO D 60 61.44 -34.40 64.90
C PRO D 60 62.76 -34.45 64.20
N LYS D 61 63.82 -34.18 64.96
CA LYS D 61 65.14 -34.65 64.54
C LYS D 61 65.04 -36.08 64.05
N SER D 62 64.06 -36.83 64.56
CA SER D 62 63.91 -38.23 64.20
C SER D 62 63.42 -38.44 62.77
N PHE D 63 62.35 -37.77 62.35
CA PHE D 63 61.76 -38.10 61.05
C PHE D 63 62.18 -37.12 59.97
N ILE D 64 63.42 -36.65 60.01
CA ILE D 64 63.92 -35.70 59.02
C ILE D 64 65.43 -35.88 58.89
N HIS D 65 65.90 -35.95 57.64
CA HIS D 65 67.34 -36.07 57.35
C HIS D 65 67.85 -34.81 56.65
N ILE D 66 68.88 -34.22 57.22
CA ILE D 66 69.60 -33.11 56.59
C ILE D 66 70.72 -33.72 55.75
N LYS D 67 70.65 -33.53 54.44
CA LYS D 67 71.86 -33.45 53.66
C LYS D 67 72.04 -32.01 53.22
N GLU D 68 73.27 -31.64 52.89
CA GLU D 68 73.57 -30.26 52.52
C GLU D 68 73.01 -29.94 51.16
N VAL D 69 72.02 -29.03 51.16
CA VAL D 69 71.33 -28.59 49.99
C VAL D 69 71.28 -27.07 50.01
N ILE D 81 82.46 -27.94 46.62
CA ILE D 81 81.18 -28.62 46.59
C ILE D 81 81.16 -29.58 45.41
N PRO D 82 80.67 -30.80 45.62
CA PRO D 82 80.57 -31.75 44.50
C PRO D 82 79.58 -31.27 43.45
N ALA D 83 80.05 -31.21 42.21
CA ALA D 83 79.25 -30.70 41.09
C ALA D 83 77.97 -31.49 40.89
N GLU D 84 77.94 -32.71 41.41
CA GLU D 84 76.78 -33.54 41.30
C GLU D 84 75.67 -32.85 42.07
N ILE D 85 76.01 -32.12 43.12
CA ILE D 85 74.98 -31.37 43.84
C ILE D 85 74.27 -30.49 42.81
N PRO D 86 74.94 -29.52 42.14
CA PRO D 86 74.23 -28.70 41.14
C PRO D 86 73.51 -29.52 40.09
N LEU D 87 74.26 -30.46 39.53
CA LEU D 87 73.83 -31.10 38.31
C LEU D 87 72.70 -32.07 38.61
N ALA D 88 72.82 -32.80 39.70
CA ALA D 88 71.68 -33.48 40.29
C ALA D 88 70.50 -32.56 40.39
N GLN D 89 70.52 -31.55 41.29
CA GLN D 89 69.26 -30.88 41.58
C GLN D 89 68.63 -30.39 40.30
N GLU D 90 69.45 -30.09 39.31
CA GLU D 90 68.91 -29.68 38.03
C GLU D 90 68.25 -30.83 37.29
N VAL D 91 68.86 -32.01 37.28
CA VAL D 91 68.14 -33.13 36.70
C VAL D 91 66.85 -33.31 37.45
N THR D 92 66.96 -33.23 38.76
CA THR D 92 65.83 -33.36 39.65
C THR D 92 64.69 -32.48 39.17
N THR D 93 64.89 -31.18 39.25
CA THR D 93 63.81 -30.26 38.92
C THR D 93 63.39 -30.41 37.47
N THR D 94 64.35 -30.64 36.58
CA THR D 94 64.02 -30.99 35.23
C THR D 94 62.85 -31.90 35.25
N LEU D 95 63.02 -33.00 35.89
CA LEU D 95 62.00 -34.00 35.74
C LEU D 95 60.81 -33.76 36.64
N TRP D 96 60.99 -33.10 37.77
CA TRP D 96 59.80 -32.69 38.49
C TRP D 96 58.83 -32.04 37.52
N GLU D 97 59.26 -30.98 36.86
CA GLU D 97 58.32 -30.42 35.91
C GLU D 97 58.09 -31.33 34.73
N TRP D 98 59.14 -31.94 34.22
CA TRP D 98 59.06 -32.78 33.05
C TRP D 98 57.93 -33.77 33.19
N GLY D 99 57.83 -34.37 34.36
CA GLY D 99 56.88 -35.44 34.56
C GLY D 99 55.55 -34.93 35.01
N SER D 100 55.54 -33.83 35.74
CA SER D 100 54.26 -33.16 35.92
C SER D 100 53.58 -33.02 34.56
N ILE D 101 54.30 -32.50 33.60
CA ILE D 101 53.68 -32.32 32.29
C ILE D 101 53.57 -33.66 31.61
N TRP D 102 54.42 -34.61 31.96
CA TRP D 102 54.21 -35.94 31.43
C TRP D 102 52.81 -36.43 31.75
N LYS D 103 52.46 -36.44 33.04
CA LYS D 103 51.07 -36.67 33.46
C LYS D 103 50.13 -35.99 32.49
N GLN D 104 50.37 -34.72 32.26
CA GLN D 104 49.62 -34.01 31.24
C GLN D 104 49.61 -34.76 29.93
N LEU D 105 50.75 -35.21 29.46
CA LEU D 105 50.77 -35.74 28.12
C LEU D 105 49.80 -36.88 27.99
N TYR D 106 49.69 -37.66 29.06
CA TYR D 106 48.70 -38.71 29.12
C TYR D 106 47.31 -38.14 29.20
N VAL D 107 47.13 -37.09 29.98
CA VAL D 107 45.90 -36.34 29.86
C VAL D 107 45.81 -35.79 28.46
N ALA D 108 46.88 -35.17 27.99
CA ALA D 108 46.95 -34.78 26.59
C ALA D 108 46.78 -35.97 25.69
N SER D 109 46.98 -37.17 26.23
CA SER D 109 46.60 -38.36 25.53
C SER D 109 47.46 -38.57 24.31
N LYS D 110 48.36 -37.64 24.01
CA LYS D 110 49.31 -37.90 22.94
C LYS D 110 50.53 -38.47 23.61
N LYS D 111 50.45 -39.75 23.87
CA LYS D 111 51.44 -40.38 24.70
C LYS D 111 52.64 -40.78 23.88
N GLU D 112 52.60 -40.49 22.59
CA GLU D 112 53.80 -40.33 21.78
C GLU D 112 54.84 -39.59 22.57
N ARG D 113 54.51 -38.37 22.92
CA ARG D 113 55.42 -37.48 23.60
C ARG D 113 55.86 -38.22 24.84
N PHE D 114 54.93 -39.03 25.33
CA PHE D 114 54.89 -39.34 26.74
C PHE D 114 55.82 -40.48 27.05
N LEU D 115 55.64 -41.60 26.38
CA LEU D 115 56.74 -42.51 26.27
C LEU D 115 57.99 -41.81 25.78
N GLN D 116 57.87 -41.07 24.67
CA GLN D 116 59.02 -40.47 24.03
C GLN D 116 60.00 -39.97 25.04
N VAL D 117 59.50 -39.28 26.04
CA VAL D 117 60.34 -38.80 27.12
C VAL D 117 60.61 -39.89 28.13
N GLN D 118 59.57 -40.52 28.68
CA GLN D 118 59.80 -41.39 29.84
C GLN D 118 60.88 -42.41 29.56
N SER D 119 60.93 -42.87 28.31
CA SER D 119 62.13 -43.47 27.77
C SER D 119 63.33 -42.81 28.38
N MET D 120 63.47 -41.54 28.09
CA MET D 120 64.62 -40.79 28.54
C MET D 120 64.66 -40.68 30.04
N MET D 121 63.55 -40.33 30.63
CA MET D 121 63.56 -39.91 32.01
C MET D 121 64.14 -41.01 32.89
N TYR D 122 63.95 -42.24 32.49
CA TYR D 122 64.69 -43.27 33.17
C TYR D 122 66.20 -43.20 32.94
N ASP D 123 66.67 -42.94 31.71
CA ASP D 123 68.12 -42.88 31.61
C ASP D 123 68.62 -41.68 32.37
N LEU D 124 67.86 -40.60 32.30
CA LEU D 124 68.08 -39.44 33.13
C LEU D 124 68.29 -39.85 34.58
N MET D 125 67.26 -40.45 35.19
CA MET D 125 67.36 -41.08 36.51
C MET D 125 68.72 -41.70 36.72
N GLU D 126 69.12 -42.59 35.83
CA GLU D 126 70.36 -43.28 36.11
C GLU D 126 71.51 -42.29 36.00
N TRP D 127 71.32 -41.23 35.27
CA TRP D 127 72.44 -40.36 35.06
C TRP D 127 72.61 -39.43 36.23
N ARG D 128 71.51 -39.05 36.84
CA ARG D 128 71.52 -38.71 38.26
C ARG D 128 72.40 -39.67 39.04
N SER D 129 72.01 -40.94 39.09
CA SER D 129 72.77 -41.90 39.87
C SER D 129 74.25 -41.86 39.50
N GLN D 130 74.53 -41.68 38.22
CA GLN D 130 75.89 -41.47 37.78
C GLN D 130 76.51 -40.31 38.52
N LEU D 131 75.78 -39.21 38.67
CA LEU D 131 76.28 -38.08 39.43
C LEU D 131 76.50 -38.45 40.88
N LEU D 132 75.43 -38.78 41.60
CA LEU D 132 75.55 -39.35 42.93
C LEU D 132 75.77 -40.84 42.92
N SER D 133 76.51 -41.36 41.95
CA SER D 133 77.53 -42.32 42.32
C SER D 133 78.72 -41.54 42.88
N GLY D 134 78.98 -40.37 42.30
CA GLY D 134 80.20 -39.65 42.61
C GLY D 134 81.44 -40.44 42.32
N THR D 135 81.30 -41.53 41.59
CA THR D 135 82.30 -42.54 41.30
C THR D 135 82.91 -42.34 39.92
N LEU D 136 82.11 -42.22 38.93
CA LEU D 136 82.62 -42.22 37.59
C LEU D 136 83.32 -40.90 37.26
N PRO D 137 84.43 -40.98 36.56
CA PRO D 137 85.48 -39.96 36.69
C PRO D 137 85.39 -38.85 35.66
N LYS D 138 86.41 -37.98 35.75
CA LYS D 138 86.66 -36.92 34.78
C LYS D 138 86.14 -37.25 33.40
N ASP D 139 86.61 -38.34 32.79
CA ASP D 139 86.15 -38.67 31.44
C ASP D 139 84.66 -38.96 31.42
N GLU D 140 84.24 -39.88 32.27
CA GLU D 140 82.85 -40.32 32.32
C GLU D 140 81.99 -39.09 32.56
N LEU D 141 82.26 -38.44 33.69
CA LEU D 141 81.49 -37.29 34.16
C LEU D 141 81.45 -36.20 33.12
N LYS D 142 82.55 -35.96 32.44
CA LYS D 142 82.61 -34.89 31.46
C LYS D 142 81.73 -35.18 30.24
N GLU D 143 81.84 -36.37 29.67
CA GLU D 143 80.97 -36.63 28.54
C GLU D 143 79.53 -36.62 28.99
N LEU D 144 79.29 -37.20 30.14
CA LEU D 144 77.94 -37.21 30.67
C LEU D 144 77.40 -35.80 30.77
N LYS D 145 78.05 -34.97 31.59
CA LYS D 145 77.63 -33.59 31.78
C LYS D 145 77.31 -32.94 30.47
N GLN D 146 78.15 -33.17 29.45
CA GLN D 146 77.73 -32.83 28.11
C GLN D 146 76.32 -33.34 27.86
N LYS D 147 76.14 -34.65 28.03
CA LYS D 147 74.90 -35.26 27.57
C LYS D 147 73.70 -34.69 28.29
N VAL D 148 73.88 -34.35 29.54
CA VAL D 148 72.81 -33.94 30.42
C VAL D 148 72.13 -32.81 29.72
N THR D 149 72.83 -31.69 29.65
CA THR D 149 72.40 -30.59 28.82
C THR D 149 71.89 -31.09 27.49
N SER D 150 72.71 -31.86 26.78
CA SER D 150 72.40 -32.19 25.40
C SER D 150 70.92 -32.42 25.23
N LYS D 151 70.41 -33.38 25.95
CA LYS D 151 69.03 -33.63 25.65
C LYS D 151 68.09 -33.20 26.74
N ILE D 152 68.55 -32.79 27.91
CA ILE D 152 67.63 -32.04 28.75
C ILE D 152 67.13 -30.87 27.94
N ASP D 153 68.08 -30.07 27.51
CA ASP D 153 67.79 -28.94 26.67
C ASP D 153 67.07 -29.38 25.41
N TYR D 154 67.42 -30.54 24.83
CA TYR D 154 66.52 -31.02 23.78
C TYR D 154 65.12 -31.23 24.27
N GLY D 155 64.95 -31.61 25.53
CA GLY D 155 63.61 -31.74 26.03
C GLY D 155 62.87 -30.43 25.93
N ASN D 156 63.27 -29.45 26.73
CA ASN D 156 62.51 -28.21 26.76
C ASN D 156 62.48 -27.58 25.39
N LYS D 157 63.40 -27.98 24.55
CA LYS D 157 63.24 -27.85 23.11
C LYS D 157 61.91 -28.44 22.67
N ILE D 158 61.73 -29.74 22.83
CA ILE D 158 60.50 -30.38 22.41
C ILE D 158 59.51 -30.53 23.54
N LEU D 159 59.97 -30.57 24.79
CA LEU D 159 59.10 -30.17 25.87
C LEU D 159 58.75 -28.70 25.73
N GLU D 160 59.47 -27.98 24.86
CA GLU D 160 58.93 -26.75 24.33
C GLU D 160 58.83 -25.70 25.41
N LEU D 161 59.95 -25.50 26.09
CA LEU D 161 60.03 -24.60 27.21
C LEU D 161 61.38 -23.88 27.19
N ASP D 162 61.74 -23.33 28.33
CA ASP D 162 62.74 -22.30 28.43
C ASP D 162 64.07 -22.83 28.93
N LEU D 163 65.09 -22.72 28.10
CA LEU D 163 66.35 -23.39 28.38
C LEU D 163 67.29 -22.50 29.14
N ILE D 164 68.51 -22.99 29.35
CA ILE D 164 69.38 -22.43 30.38
C ILE D 164 70.83 -22.39 29.90
N VAL D 165 71.66 -21.69 30.68
CA VAL D 165 73.09 -21.83 30.59
C VAL D 165 73.48 -23.22 31.04
N ARG D 166 74.57 -23.75 30.48
CA ARG D 166 74.94 -25.06 30.96
C ARG D 166 75.54 -24.75 32.31
N ASP D 167 74.78 -24.96 33.37
CA ASP D 167 75.16 -24.33 34.62
C ASP D 167 75.70 -25.31 35.69
N PRO D 175 73.01 -19.45 34.64
CA PRO D 175 74.03 -18.59 35.21
C PRO D 175 73.40 -17.32 35.74
N ASP D 176 73.38 -16.29 34.91
CA ASP D 176 72.66 -15.05 35.18
C ASP D 176 73.12 -14.36 36.44
N ASN D 177 74.17 -14.85 37.08
CA ASN D 177 74.88 -14.00 38.02
C ASN D 177 75.36 -12.75 37.31
N THR D 178 76.20 -12.92 36.31
CA THR D 178 76.62 -11.79 35.49
C THR D 178 77.22 -12.33 34.20
N SER D 179 76.55 -12.11 33.08
CA SER D 179 77.25 -12.11 31.81
C SER D 179 76.83 -10.92 30.96
N VAL D 180 75.53 -10.67 30.98
CA VAL D 180 74.90 -9.44 30.55
C VAL D 180 75.02 -9.21 29.07
N ILE D 181 76.00 -9.82 28.43
CA ILE D 181 75.87 -10.02 27.01
C ILE D 181 76.33 -11.40 26.64
N SER D 182 77.41 -11.85 27.27
CA SER D 182 77.82 -13.23 27.08
C SER D 182 76.64 -14.13 27.25
N LEU D 183 75.76 -13.78 28.17
CA LEU D 183 74.53 -14.52 28.34
C LEU D 183 73.79 -14.61 27.03
N PHE D 184 73.57 -13.47 26.40
CA PHE D 184 73.11 -13.53 25.03
C PHE D 184 73.95 -14.51 24.28
N HIS D 185 75.23 -14.22 24.17
CA HIS D 185 76.09 -15.01 23.31
C HIS D 185 75.82 -16.47 23.50
N ALA D 186 75.46 -16.85 24.73
CA ALA D 186 75.07 -18.22 24.98
C ALA D 186 73.74 -18.50 24.34
N HIS D 187 72.66 -17.87 24.84
CA HIS D 187 71.34 -18.06 24.23
C HIS D 187 71.44 -18.14 22.73
N GLU D 188 72.21 -17.25 22.14
CA GLU D 188 72.60 -17.42 20.76
C GLU D 188 73.11 -18.83 20.53
N GLU D 189 74.27 -19.14 21.09
CA GLU D 189 74.90 -20.43 20.85
C GLU D 189 73.95 -21.56 21.15
N ALA D 190 73.06 -21.34 22.09
CA ALA D 190 72.07 -22.31 22.49
C ALA D 190 71.20 -22.58 21.31
N THR D 191 70.34 -21.63 20.97
CA THR D 191 69.45 -21.82 19.84
C THR D 191 70.22 -22.27 18.63
N ASP D 192 71.47 -21.87 18.53
CA ASP D 192 72.31 -22.35 17.48
C ASP D 192 72.34 -23.86 17.58
N LYS D 193 72.89 -24.39 18.67
CA LYS D 193 72.96 -25.82 18.81
C LYS D 193 71.59 -26.44 18.84
N ILE D 194 70.61 -25.69 19.32
CA ILE D 194 69.27 -26.19 19.49
C ILE D 194 68.65 -26.53 18.16
N THR D 195 68.46 -25.53 17.32
CA THR D 195 68.10 -25.78 15.95
C THR D 195 69.11 -26.66 15.26
N GLU D 196 70.36 -26.66 15.70
CA GLU D 196 71.32 -27.54 15.07
C GLU D 196 70.89 -28.97 15.24
N ARG D 197 70.89 -29.44 16.47
CA ARG D 197 70.41 -30.77 16.78
C ARG D 197 68.96 -30.93 16.39
N ILE D 198 68.23 -29.84 16.19
CA ILE D 198 66.82 -29.96 15.87
C ILE D 198 66.62 -30.25 14.40
N LYS D 199 67.28 -29.51 13.52
CA LYS D 199 67.38 -29.96 12.16
C LYS D 199 68.03 -31.32 12.12
N GLU D 200 68.91 -31.61 13.06
CA GLU D 200 69.48 -32.94 13.14
C GLU D 200 68.43 -33.93 13.61
N GLU D 201 67.36 -33.46 14.22
CA GLU D 201 66.31 -34.36 14.65
C GLU D 201 65.27 -34.54 13.56
N MET D 202 65.02 -33.48 12.80
CA MET D 202 64.36 -33.62 11.51
C MET D 202 65.14 -34.55 10.62
N SER D 203 66.45 -34.60 10.81
CA SER D 203 67.27 -35.64 10.20
C SER D 203 67.05 -36.98 10.87
N LYS D 204 67.01 -37.02 12.20
CA LYS D 204 66.51 -38.20 12.88
C LYS D 204 65.10 -38.52 12.43
N ASP D 205 64.35 -37.49 12.04
CA ASP D 205 63.13 -37.73 11.28
C ASP D 205 63.47 -38.11 9.84
N GLN D 206 64.37 -37.37 9.19
CA GLN D 206 64.83 -37.77 7.87
C GLN D 206 65.70 -39.02 7.91
N PRO D 207 65.85 -39.63 9.07
CA PRO D 207 66.57 -40.88 9.22
C PRO D 207 65.72 -42.05 8.75
N UNK D 279 68.98 -38.72 9.86
CA UNK D 279 69.64 -39.15 8.65
C UNK D 279 71.00 -39.66 9.03
N UNK D 280 71.59 -40.47 8.16
CA UNK D 280 72.88 -41.09 8.43
C UNK D 280 73.56 -41.39 7.12
N UNK D 281 74.85 -41.76 7.22
CA UNK D 281 75.64 -42.17 6.06
C UNK D 281 76.65 -43.22 6.52
N UNK D 282 76.27 -44.48 6.41
CA UNK D 282 77.17 -45.60 6.68
C UNK D 282 77.53 -46.28 5.35
N UNK D 283 78.27 -47.38 5.45
CA UNK D 283 78.82 -48.02 4.26
C UNK D 283 78.32 -49.44 4.16
N UNK D 284 78.25 -49.92 2.93
CA UNK D 284 77.92 -51.30 2.60
C UNK D 284 79.14 -51.96 1.98
N UNK D 285 79.06 -53.28 1.82
CA UNK D 285 80.15 -54.02 1.25
C UNK D 285 79.63 -55.35 0.73
N UNK D 286 80.36 -55.92 -0.23
CA UNK D 286 80.05 -57.24 -0.79
C UNK D 286 81.31 -58.08 -0.76
N UNK D 287 81.26 -59.20 -0.03
CA UNK D 287 82.46 -59.98 0.28
C UNK D 287 83.29 -60.28 -0.96
N UNK D 288 84.59 -59.98 -0.87
CA UNK D 288 85.50 -60.20 -1.98
C UNK D 288 86.25 -61.54 -1.90
N UNK D 289 87.23 -61.64 -0.99
CA UNK D 289 87.80 -62.88 -0.48
C UNK D 289 88.99 -62.53 0.41
N UNK D 290 89.60 -63.55 1.00
CA UNK D 290 90.78 -63.40 1.86
C UNK D 290 91.62 -64.67 1.74
N UNK D 291 92.51 -64.88 2.70
CA UNK D 291 93.43 -66.02 2.71
C UNK D 291 93.03 -66.98 3.82
N UNK D 292 92.37 -68.09 3.44
CA UNK D 292 91.84 -69.06 4.38
C UNK D 292 92.99 -69.92 4.90
N UNK D 293 93.62 -69.44 5.98
CA UNK D 293 94.75 -70.15 6.56
C UNK D 293 94.36 -71.55 7.02
N UNK D 294 93.08 -71.78 7.29
CA UNK D 294 92.57 -73.12 7.56
C UNK D 294 91.25 -73.32 6.82
N UNK D 295 90.94 -74.59 6.54
CA UNK D 295 89.72 -74.96 5.82
C UNK D 295 88.65 -75.27 6.85
N UNK D 296 88.74 -74.60 7.98
CA UNK D 296 87.79 -74.71 9.06
C UNK D 296 87.04 -73.39 9.19
N UNK D 297 85.85 -73.48 9.76
CA UNK D 297 84.97 -72.33 9.82
C UNK D 297 85.64 -71.21 10.62
N UNK D 298 86.08 -70.17 9.92
CA UNK D 298 86.60 -68.98 10.56
C UNK D 298 85.54 -67.90 10.47
N UNK D 299 84.77 -67.72 11.54
CA UNK D 299 83.80 -66.63 11.53
C UNK D 299 84.52 -65.31 11.45
N UNK D 300 84.26 -64.58 10.37
CA UNK D 300 84.87 -63.28 10.18
C UNK D 300 83.72 -62.29 10.05
N UNK D 301 83.20 -61.88 11.20
CA UNK D 301 82.28 -60.77 11.29
C UNK D 301 83.08 -59.50 11.44
N UNK D 302 82.82 -58.53 10.58
CA UNK D 302 83.46 -57.24 10.74
C UNK D 302 83.01 -56.62 12.06
N UNK D 303 83.83 -55.70 12.56
CA UNK D 303 83.56 -55.07 13.85
C UNK D 303 83.81 -53.59 13.74
N UNK D 304 83.79 -52.93 14.90
CA UNK D 304 84.08 -51.51 14.98
C UNK D 304 84.59 -51.21 16.38
N UNK D 305 84.93 -49.95 16.60
CA UNK D 305 85.41 -49.47 17.88
C UNK D 305 85.34 -47.96 17.89
N UNK D 306 85.96 -47.36 18.89
CA UNK D 306 86.33 -45.96 18.88
C UNK D 306 87.81 -45.89 19.25
N UNK D 307 88.34 -44.67 19.23
CA UNK D 307 89.72 -44.50 19.68
C UNK D 307 89.85 -44.93 21.13
N UNK D 308 88.84 -44.62 21.94
CA UNK D 308 88.79 -45.15 23.30
C UNK D 308 88.68 -46.67 23.29
N UNK D 309 88.01 -47.23 22.29
CA UNK D 309 87.84 -48.68 22.24
C UNK D 309 89.07 -49.32 21.62
N UNK D 310 89.51 -48.81 20.46
CA UNK D 310 90.84 -49.07 19.93
C UNK D 310 91.12 -50.55 19.69
N UNK D 311 90.08 -51.36 19.52
CA UNK D 311 90.27 -52.79 19.38
C UNK D 311 89.04 -53.38 18.70
N UNK D 312 88.91 -54.70 18.77
CA UNK D 312 87.69 -55.35 18.35
C UNK D 312 86.60 -55.03 19.35
N UNK D 313 85.85 -53.96 19.11
CA UNK D 313 84.99 -53.46 20.18
C UNK D 313 83.59 -53.10 19.69
N UNK D 314 83.09 -53.84 18.71
CA UNK D 314 81.69 -53.76 18.33
C UNK D 314 81.09 -55.16 18.29
N UNK D 315 79.85 -55.23 17.85
CA UNK D 315 79.11 -56.47 17.88
C UNK D 315 79.59 -57.41 16.79
N UNK D 316 79.34 -58.71 17.00
CA UNK D 316 79.60 -59.71 15.97
C UNK D 316 78.51 -59.60 14.94
N UNK D 317 78.73 -58.77 13.93
CA UNK D 317 77.74 -58.56 12.88
C UNK D 317 77.36 -59.88 12.24
N UNK D 318 76.14 -59.95 11.70
CA UNK D 318 75.70 -61.18 11.07
C UNK D 318 76.24 -61.32 9.66
N UNK D 319 77.53 -61.06 9.51
CA UNK D 319 78.33 -61.48 8.38
C UNK D 319 79.34 -62.53 8.82
N UNK D 320 78.94 -63.33 9.80
CA UNK D 320 79.85 -64.31 10.39
C UNK D 320 80.32 -65.29 9.33
N UNK D 321 81.62 -65.35 9.15
CA UNK D 321 82.22 -66.12 8.07
C UNK D 321 82.56 -67.52 8.56
N UNK D 322 83.36 -68.22 7.79
CA UNK D 322 83.74 -69.61 8.04
C UNK D 322 84.85 -69.93 7.07
N UNK D 323 85.28 -71.18 7.02
CA UNK D 323 85.91 -71.58 5.78
C UNK D 323 84.84 -71.36 4.73
N UNK D 324 83.79 -72.18 4.73
CA UNK D 324 82.65 -71.91 3.87
C UNK D 324 81.86 -70.80 4.55
N UNK D 325 82.27 -69.57 4.25
CA UNK D 325 82.00 -68.42 5.11
C UNK D 325 80.57 -67.91 5.08
N UNK D 326 80.34 -66.69 5.59
CA UNK D 326 79.23 -65.88 5.11
C UNK D 326 79.44 -65.57 3.64
N UNK D 327 80.69 -65.71 3.20
CA UNK D 327 81.09 -66.01 1.85
C UNK D 327 80.84 -67.50 1.64
N UNK D 328 81.49 -68.13 0.67
CA UNK D 328 81.51 -69.58 0.69
C UNK D 328 82.86 -70.03 0.17
N UNK D 329 83.82 -70.20 1.07
CA UNK D 329 85.20 -70.23 0.66
C UNK D 329 85.66 -71.66 0.36
N UNK D 330 86.97 -71.83 0.22
CA UNK D 330 87.57 -72.97 -0.46
C UNK D 330 88.76 -73.47 0.37
N UNK D 331 89.60 -74.31 -0.25
CA UNK D 331 90.63 -75.07 0.44
C UNK D 331 91.56 -74.21 1.29
N UNK D 332 92.34 -73.33 0.65
CA UNK D 332 92.95 -72.20 1.33
C UNK D 332 92.71 -70.91 0.58
N UNK D 333 92.46 -70.97 -0.71
CA UNK D 333 91.76 -69.89 -1.41
C UNK D 333 90.34 -69.79 -0.84
N UNK D 334 89.58 -68.79 -1.30
CA UNK D 334 88.35 -68.49 -0.60
C UNK D 334 87.27 -67.91 -1.52
N UNK D 335 86.31 -68.74 -1.91
CA UNK D 335 85.18 -68.25 -2.72
C UNK D 335 84.15 -67.56 -1.82
N UNK D 336 83.12 -66.99 -2.45
CA UNK D 336 82.36 -65.97 -1.72
C UNK D 336 80.87 -65.96 -2.04
N UNK D 337 80.08 -66.05 -0.99
CA UNK D 337 78.77 -65.44 -0.89
C UNK D 337 78.93 -64.04 -0.31
N UNK D 338 77.80 -63.34 -0.14
CA UNK D 338 77.86 -61.93 0.20
C UNK D 338 77.88 -61.70 1.71
N UNK D 339 78.46 -60.56 2.09
CA UNK D 339 78.55 -60.06 3.46
C UNK D 339 79.15 -58.67 3.44
N UNK D 340 78.77 -57.82 4.40
CA UNK D 340 79.27 -56.45 4.44
C UNK D 340 80.11 -56.18 5.69
N UNK D 341 80.85 -55.07 5.65
CA UNK D 341 81.70 -54.64 6.75
C UNK D 341 80.98 -53.59 7.58
N UNK D 342 81.29 -53.57 8.88
CA UNK D 342 80.52 -52.83 9.87
C UNK D 342 81.27 -51.58 10.32
N UNK D 343 81.95 -50.92 9.42
CA UNK D 343 82.72 -49.75 9.78
C UNK D 343 81.95 -48.46 9.52
N UNK D 344 82.30 -47.42 10.28
CA UNK D 344 81.67 -46.11 10.19
C UNK D 344 82.50 -45.19 9.31
N UNK D 345 81.87 -44.10 8.88
CA UNK D 345 82.47 -43.15 7.95
C UNK D 345 83.12 -41.96 8.63
N UNK D 346 82.95 -41.81 9.94
CA UNK D 346 83.73 -40.82 10.68
C UNK D 346 84.23 -41.34 12.02
N UNK D 347 83.75 -42.49 12.49
CA UNK D 347 84.12 -43.01 13.81
C UNK D 347 85.00 -44.25 13.71
N UNK D 348 84.56 -45.28 13.00
CA UNK D 348 85.48 -46.32 12.57
C UNK D 348 86.28 -45.90 11.36
N UNK D 349 86.13 -44.65 10.93
CA UNK D 349 86.88 -44.11 9.81
C UNK D 349 88.06 -43.26 10.24
N UNK D 350 88.05 -42.77 11.47
CA UNK D 350 89.14 -41.92 11.94
C UNK D 350 89.74 -42.40 13.25
N UNK D 351 88.93 -42.87 14.19
CA UNK D 351 89.41 -43.26 15.50
C UNK D 351 90.32 -44.48 15.39
N UNK D 352 90.79 -44.96 16.53
CA UNK D 352 91.50 -46.22 16.55
C UNK D 352 90.42 -47.27 16.33
N UNK D 353 89.97 -47.37 15.08
CA UNK D 353 88.79 -48.13 14.72
C UNK D 353 88.61 -48.23 13.21
N UNK D 354 88.04 -49.33 12.75
CA UNK D 354 87.81 -49.65 11.33
C UNK D 354 86.77 -50.75 11.28
N UNK D 355 86.64 -51.42 10.13
CA UNK D 355 85.84 -52.64 10.09
C UNK D 355 86.64 -53.67 10.88
N UNK D 356 86.44 -53.64 12.20
CA UNK D 356 87.40 -54.11 13.19
C UNK D 356 87.41 -55.63 13.26
N UNK D 357 87.94 -56.16 14.35
CA UNK D 357 88.48 -57.51 14.39
C UNK D 357 87.79 -58.31 15.49
N UNK D 358 86.46 -58.18 15.57
CA UNK D 358 85.66 -59.00 16.46
C UNK D 358 85.01 -60.03 15.54
N UNK D 359 85.78 -61.06 15.22
CA UNK D 359 85.40 -62.08 14.26
C UNK D 359 85.79 -63.44 14.82
N UNK D 360 84.80 -64.29 15.05
CA UNK D 360 85.05 -65.57 15.72
C UNK D 360 85.76 -66.53 14.77
N UNK D 361 86.99 -66.16 14.42
CA UNK D 361 87.73 -66.84 13.36
C UNK D 361 88.14 -68.20 13.89
N UNK D 362 87.24 -69.17 13.79
CA UNK D 362 87.41 -70.48 14.40
C UNK D 362 88.15 -71.45 13.48
N UNK D 363 88.81 -70.95 12.45
CA UNK D 363 89.71 -71.78 11.67
C UNK D 363 90.94 -72.11 12.52
N UNK D 364 91.57 -73.24 12.22
CA UNK D 364 92.73 -73.67 12.96
C UNK D 364 93.92 -72.76 12.70
N UNK D 365 90.73 -76.44 14.67
CA UNK D 365 89.79 -75.33 14.57
C UNK D 365 89.97 -74.37 15.74
N UNK D 366 90.89 -73.42 15.60
CA UNK D 366 91.17 -72.46 16.65
C UNK D 366 90.02 -71.46 16.77
N UNK D 367 89.08 -71.72 17.67
CA UNK D 367 87.85 -70.93 17.78
C UNK D 367 88.12 -69.70 18.62
N UNK D 368 88.44 -68.59 17.96
CA UNK D 368 88.70 -67.33 18.65
C UNK D 368 88.76 -66.20 17.63
N UNK D 369 88.72 -64.98 18.13
CA UNK D 369 88.97 -63.79 17.33
C UNK D 369 90.47 -63.54 17.21
N UNK D 370 91.14 -64.52 16.60
CA UNK D 370 92.60 -64.56 16.55
C UNK D 370 93.15 -63.71 15.42
N UNK D 371 92.36 -62.77 14.89
CA UNK D 371 92.77 -61.96 13.76
C UNK D 371 92.44 -60.49 14.02
N UNK D 372 93.37 -59.62 13.65
CA UNK D 372 93.15 -58.18 13.63
C UNK D 372 92.80 -57.82 12.18
N UNK D 373 91.55 -58.09 11.82
CA UNK D 373 91.09 -57.95 10.44
C UNK D 373 90.92 -56.47 10.13
N UNK D 374 92.02 -55.86 9.69
CA UNK D 374 92.06 -54.43 9.43
C UNK D 374 91.45 -54.09 8.06
N UNK D 375 90.14 -54.29 7.96
CA UNK D 375 89.44 -53.70 6.82
C UNK D 375 89.40 -52.22 7.11
N UNK D 376 90.50 -51.53 6.81
CA UNK D 376 90.84 -50.25 7.43
C UNK D 376 89.99 -49.14 6.83
N UNK D 377 88.73 -49.09 7.27
CA UNK D 377 87.91 -47.92 6.98
C UNK D 377 88.46 -46.70 7.70
N UNK D 378 89.21 -46.91 8.78
CA UNK D 378 90.07 -45.88 9.32
C UNK D 378 90.86 -45.29 8.16
N UNK D 379 91.55 -46.16 7.42
CA UNK D 379 92.29 -45.74 6.24
C UNK D 379 91.38 -45.50 5.04
N UNK D 380 90.16 -46.02 5.05
CA UNK D 380 89.29 -45.88 3.90
C UNK D 380 88.14 -44.91 4.11
N UNK D 381 87.33 -45.13 5.14
CA UNK D 381 86.06 -44.43 5.27
C UNK D 381 86.21 -43.01 5.79
N UNK D 382 87.39 -42.62 6.27
CA UNK D 382 87.60 -41.23 6.61
C UNK D 382 87.24 -40.35 5.42
N UNK D 383 87.81 -40.66 4.25
CA UNK D 383 87.35 -40.09 3.00
C UNK D 383 86.02 -40.71 2.65
N UNK D 384 85.03 -39.88 2.34
CA UNK D 384 83.71 -40.37 1.94
C UNK D 384 83.83 -40.94 0.53
N UNK D 385 84.40 -42.14 0.45
CA UNK D 385 84.60 -42.82 -0.81
C UNK D 385 83.76 -44.11 -0.81
N UNK D 386 82.50 -43.97 -1.22
CA UNK D 386 81.58 -45.09 -1.38
C UNK D 386 81.51 -45.57 -2.83
N UNK D 387 82.52 -45.25 -3.62
CA UNK D 387 82.56 -45.54 -5.06
C UNK D 387 82.93 -47.00 -5.28
N UNK D 388 83.39 -47.31 -6.49
CA UNK D 388 83.65 -48.70 -6.81
C UNK D 388 84.88 -49.21 -6.06
N UNK D 389 84.79 -49.19 -4.74
CA UNK D 389 85.40 -50.26 -3.97
C UNK D 389 84.55 -51.51 -4.12
N UNK D 390 83.33 -51.33 -4.62
CA UNK D 390 82.53 -52.39 -5.21
C UNK D 390 83.27 -53.05 -6.35
N UNK D 391 84.36 -52.42 -6.81
CA UNK D 391 85.13 -52.93 -7.93
C UNK D 391 85.98 -54.12 -7.49
N UNK D 392 86.99 -54.43 -8.30
CA UNK D 392 87.65 -55.74 -8.31
C UNK D 392 88.46 -55.95 -7.04
N UNK D 393 87.78 -56.45 -6.02
CA UNK D 393 88.46 -57.07 -4.88
C UNK D 393 88.07 -58.54 -4.82
N UNK D 394 89.07 -59.43 -4.66
CA UNK D 394 88.84 -60.84 -4.36
C UNK D 394 90.18 -61.54 -4.16
N UNK D 395 90.16 -62.64 -3.40
CA UNK D 395 91.26 -63.58 -3.26
C UNK D 395 90.77 -65.01 -3.45
N UNK D 396 89.67 -65.17 -4.18
CA UNK D 396 88.92 -66.41 -4.21
C UNK D 396 89.61 -67.46 -5.07
N UNK D 397 89.24 -68.71 -4.84
CA UNK D 397 89.57 -69.76 -5.80
C UNK D 397 88.65 -69.59 -7.01
N UNK D 398 89.00 -68.64 -7.86
CA UNK D 398 88.17 -68.28 -9.01
C UNK D 398 88.24 -69.39 -10.06
N UNK D 399 93.38 -64.26 8.72
CA UNK D 399 92.19 -63.86 7.98
C UNK D 399 92.24 -62.40 7.61
N UNK D 400 92.33 -62.12 6.31
CA UNK D 400 92.39 -60.75 5.83
C UNK D 400 90.99 -60.24 5.54
N UNK D 401 90.87 -59.02 5.02
CA UNK D 401 89.56 -58.43 4.80
C UNK D 401 89.56 -57.63 3.50
N UNK D 402 88.60 -57.97 2.63
CA UNK D 402 88.38 -57.30 1.36
C UNK D 402 86.94 -57.53 0.94
N UNK D 403 86.35 -56.54 0.28
CA UNK D 403 84.94 -56.63 -0.07
C UNK D 403 84.67 -55.77 -1.31
N UNK D 404 83.40 -55.71 -1.70
CA UNK D 404 82.94 -54.85 -2.78
C UNK D 404 81.99 -53.84 -2.14
N UNK D 405 82.50 -52.66 -1.85
CA UNK D 405 81.86 -51.76 -0.91
C UNK D 405 80.78 -50.90 -1.56
N UNK D 406 79.90 -50.39 -0.71
CA UNK D 406 78.90 -49.39 -1.09
C UNK D 406 78.63 -48.52 0.13
N UNK D 407 77.56 -47.73 0.06
CA UNK D 407 77.19 -46.81 1.14
C UNK D 407 75.85 -47.25 1.70
N UNK D 408 75.86 -48.12 2.70
CA UNK D 408 74.65 -48.47 3.44
C UNK D 408 74.34 -47.29 4.36
N UNK D 409 73.88 -46.19 3.75
CA UNK D 409 73.80 -44.91 4.44
C UNK D 409 72.90 -44.95 5.67
N UNK D 410 71.79 -45.69 5.62
CA UNK D 410 70.86 -45.79 6.74
C UNK D 410 70.32 -44.43 7.16
N UNK D 411 70.20 -43.51 6.20
CA UNK D 411 69.61 -42.21 6.47
C UNK D 411 68.11 -42.36 6.71
N GLY D 412 96.95 -51.06 1.57
CA GLY D 412 95.64 -50.48 1.35
C GLY D 412 95.71 -49.22 0.48
N PHE D 413 95.31 -48.10 1.08
CA PHE D 413 95.10 -46.86 0.34
C PHE D 413 96.25 -45.87 0.50
N PRO D 414 96.62 -45.53 1.73
CA PRO D 414 97.59 -44.47 2.03
C PRO D 414 97.04 -43.11 1.62
N GLU D 415 95.85 -42.79 2.14
CA GLU D 415 95.20 -41.53 1.80
C GLU D 415 95.90 -40.36 2.46
N ILE D 416 96.06 -40.42 3.79
CA ILE D 416 96.84 -39.45 4.55
C ILE D 416 96.29 -38.04 4.41
N ILE D 417 95.00 -37.86 4.62
CA ILE D 417 94.38 -36.55 4.59
C ILE D 417 94.46 -35.92 5.97
N MET D 418 94.47 -34.58 6.02
CA MET D 418 94.67 -33.82 7.26
C MET D 418 95.80 -34.45 8.07
N PRO D 419 96.96 -34.46 7.41
CA PRO D 419 97.80 -35.65 7.36
C PRO D 419 97.80 -36.49 8.63
N GLY D 420 98.22 -35.91 9.74
CA GLY D 420 98.69 -36.76 10.82
C GLY D 420 99.92 -37.50 10.32
N ASP D 421 100.79 -37.94 11.21
CA ASP D 421 102.09 -38.45 10.78
C ASP D 421 102.31 -39.87 11.25
N VAL D 422 102.14 -40.83 10.34
CA VAL D 422 102.41 -42.25 10.57
C VAL D 422 103.71 -42.62 9.90
N ARG D 423 104.63 -43.18 10.66
CA ARG D 423 105.89 -43.61 10.07
C ARG D 423 105.62 -44.74 9.10
N ASN D 424 105.98 -44.52 7.84
CA ASN D 424 106.04 -45.55 6.82
C ASN D 424 104.77 -46.41 6.81
N ASP D 425 103.71 -45.76 6.37
CA ASP D 425 102.53 -46.50 5.95
C ASP D 425 102.93 -47.10 4.62
N ILE D 426 103.95 -47.97 4.66
CA ILE D 426 104.75 -48.36 3.50
C ILE D 426 104.10 -49.56 2.82
N TYR D 427 103.28 -49.27 1.83
CA TYR D 427 102.27 -50.20 1.38
C TYR D 427 102.86 -51.00 0.22
N ILE D 428 103.80 -51.89 0.52
CA ILE D 428 104.40 -52.76 -0.49
C ILE D 428 103.43 -53.90 -0.74
N THR D 429 103.36 -54.38 -1.98
CA THR D 429 102.48 -55.50 -2.30
C THR D 429 102.77 -56.06 -3.68
N LEU D 430 102.59 -57.38 -3.80
CA LEU D 430 102.83 -58.15 -5.01
C LEU D 430 101.55 -58.23 -5.83
N LEU D 431 101.67 -58.28 -7.15
CA LEU D 431 100.46 -58.28 -7.98
C LEU D 431 100.41 -59.42 -8.97
N GLN D 432 101.52 -60.14 -9.14
CA GLN D 432 101.66 -61.05 -10.26
C GLN D 432 101.90 -62.48 -9.78
N GLY D 433 101.14 -63.40 -10.35
CA GLY D 433 101.45 -64.80 -10.22
C GLY D 433 101.92 -65.29 -11.56
N ASP D 434 103.23 -65.46 -11.69
CA ASP D 434 103.86 -65.77 -12.95
C ASP D 434 104.76 -66.95 -12.66
N PHE D 435 104.35 -68.13 -13.12
CA PHE D 435 104.99 -69.34 -12.66
C PHE D 435 106.10 -69.74 -13.60
N ASP D 436 107.01 -68.79 -13.85
CA ASP D 436 108.28 -68.99 -14.54
C ASP D 436 108.09 -69.24 -16.03
N LYS D 437 106.88 -69.63 -16.46
CA LYS D 437 106.60 -69.84 -17.88
C LYS D 437 105.12 -70.14 -18.09
N TYR D 438 104.69 -70.15 -19.34
CA TYR D 438 103.34 -70.61 -19.66
C TYR D 438 103.31 -72.12 -19.49
N ASN D 439 103.22 -72.55 -18.23
CA ASN D 439 103.72 -73.83 -17.76
C ASN D 439 103.01 -75.02 -18.40
N LYS D 440 103.65 -76.18 -18.28
CA LYS D 440 102.91 -77.42 -18.40
C LYS D 440 102.68 -77.82 -16.96
N THR D 441 103.66 -77.49 -16.14
CA THR D 441 103.83 -78.07 -14.83
C THR D 441 102.66 -77.68 -13.95
N THR D 442 102.55 -78.36 -12.81
CA THR D 442 101.55 -77.97 -11.85
C THR D 442 101.66 -76.47 -11.67
N GLN D 443 100.65 -75.74 -12.12
CA GLN D 443 100.82 -74.30 -12.17
C GLN D 443 100.77 -73.77 -10.76
N ARG D 444 101.77 -74.14 -9.96
CA ARG D 444 102.19 -73.45 -8.76
C ARG D 444 100.99 -72.98 -7.95
N ASN D 445 100.22 -73.91 -7.39
CA ASN D 445 99.33 -73.54 -6.29
C ASN D 445 100.17 -72.65 -5.38
N VAL D 446 99.72 -71.41 -5.24
CA VAL D 446 100.59 -70.27 -5.48
C VAL D 446 101.61 -70.04 -4.37
N GLU D 447 102.82 -69.64 -4.79
CA GLU D 447 103.97 -69.32 -3.93
C GLU D 447 104.89 -68.32 -4.62
N VAL D 448 104.73 -67.04 -4.26
CA VAL D 448 105.75 -66.04 -4.55
C VAL D 448 106.34 -65.75 -3.18
N ILE D 449 107.50 -66.32 -2.88
CA ILE D 449 108.06 -66.08 -1.56
C ILE D 449 108.34 -64.60 -1.42
N MET D 450 108.03 -64.07 -0.24
CA MET D 450 108.68 -62.87 0.22
C MET D 450 109.82 -63.25 1.17
N CYS D 451 110.81 -62.35 1.27
CA CYS D 451 111.74 -62.36 2.38
C CYS D 451 112.60 -61.11 2.29
N VAL D 452 112.74 -60.40 3.41
CA VAL D 452 113.70 -59.31 3.51
C VAL D 452 115.11 -59.91 3.48
N CYS D 453 115.97 -59.39 2.61
CA CYS D 453 117.25 -60.00 2.28
C CYS D 453 118.27 -58.94 1.94
N ALA D 454 119.40 -58.91 2.66
CA ALA D 454 120.36 -57.84 2.49
C ALA D 454 121.08 -57.94 1.14
N GLU D 455 121.89 -56.93 0.81
CA GLU D 455 122.49 -56.80 -0.52
C GLU D 455 123.03 -58.10 -1.07
N ASP D 456 123.38 -59.03 -0.21
CA ASP D 456 123.72 -60.38 -0.63
C ASP D 456 122.64 -61.39 -0.24
N GLY D 457 121.36 -61.06 -0.44
CA GLY D 457 120.28 -61.98 -0.14
C GLY D 457 120.16 -62.34 1.31
N LYS D 458 120.77 -61.55 2.19
CA LYS D 458 120.91 -61.91 3.59
C LYS D 458 119.55 -61.83 4.25
N THR D 459 118.82 -62.94 4.24
CA THR D 459 117.38 -62.92 4.43
C THR D 459 117.09 -62.47 5.86
N LEU D 460 116.74 -61.21 5.99
CA LEU D 460 116.31 -60.69 7.26
C LEU D 460 114.90 -61.15 7.55
N PRO D 461 114.68 -61.91 8.62
CA PRO D 461 113.40 -62.59 8.79
C PRO D 461 112.31 -61.68 9.32
N ASN D 462 111.10 -62.22 9.37
CA ASN D 462 110.01 -61.68 10.17
C ASN D 462 109.80 -60.17 9.99
N ALA D 463 109.70 -59.70 8.74
CA ALA D 463 109.65 -58.26 8.50
C ALA D 463 108.62 -57.82 7.46
N ILE D 464 107.55 -58.60 7.24
CA ILE D 464 106.44 -58.19 6.38
C ILE D 464 105.15 -58.67 7.04
N CYS D 465 104.03 -58.06 6.63
CA CYS D 465 102.70 -58.37 7.15
C CYS D 465 101.81 -58.81 5.99
N VAL D 466 100.78 -59.60 6.29
CA VAL D 466 99.87 -60.13 5.27
C VAL D 466 98.54 -59.39 5.36
N GLY D 467 97.85 -59.27 4.23
CA GLY D 467 96.47 -58.83 4.20
C GLY D 467 96.25 -57.62 5.07
N ALA D 468 97.14 -56.64 4.94
CA ALA D 468 97.18 -55.48 5.83
C ALA D 468 97.38 -55.93 7.28
N GLY D 469 98.48 -56.65 7.52
CA GLY D 469 98.83 -57.00 8.89
C GLY D 469 98.19 -58.27 9.42
N ASP D 470 98.47 -59.40 8.77
CA ASP D 470 97.94 -60.69 9.19
C ASP D 470 99.01 -61.51 9.90
N LYS D 471 100.17 -61.66 9.27
CA LYS D 471 101.28 -62.41 9.83
C LYS D 471 102.28 -61.33 10.21
N PRO D 472 103.16 -61.54 11.19
CA PRO D 472 104.49 -60.93 11.08
C PRO D 472 105.46 -61.90 10.44
N MET D 473 105.92 -61.65 9.22
CA MET D 473 107.06 -62.34 8.66
C MET D 473 107.49 -61.74 7.33
N ASN D 474 108.79 -61.67 7.13
CA ASN D 474 109.31 -61.31 5.83
C ASN D 474 109.08 -62.43 4.82
N GLU D 475 109.21 -63.68 5.25
CA GLU D 475 108.88 -64.81 4.38
C GLU D 475 107.38 -64.87 4.20
N TYR D 476 106.94 -64.37 3.05
CA TYR D 476 105.54 -64.49 2.65
C TYR D 476 105.47 -65.17 1.30
N ARG D 477 104.95 -66.38 1.31
CA ARG D 477 104.54 -67.14 0.15
C ARG D 477 103.02 -67.23 0.18
N SER D 478 102.41 -67.79 -0.86
CA SER D 478 100.99 -67.57 -1.07
C SER D 478 100.18 -68.76 -0.58
N VAL D 479 98.90 -68.48 -0.37
CA VAL D 479 97.89 -69.39 0.18
C VAL D 479 97.67 -70.57 -0.74
N VAL D 480 97.17 -71.68 -0.20
CA VAL D 480 96.98 -72.85 -1.04
C VAL D 480 95.81 -72.56 -1.96
N TYR D 481 96.14 -72.10 -3.16
CA TYR D 481 95.18 -71.60 -4.13
C TYR D 481 95.26 -72.48 -5.36
N TYR D 482 94.11 -73.03 -5.78
CA TYR D 482 94.15 -74.15 -6.73
C TYR D 482 94.62 -73.71 -8.10
N GLN D 483 95.95 -73.73 -8.29
CA GLN D 483 96.63 -73.77 -9.58
C GLN D 483 95.87 -73.06 -10.71
N VAL D 484 95.20 -71.96 -10.35
CA VAL D 484 94.86 -70.87 -11.26
C VAL D 484 96.10 -70.00 -11.37
N LYS D 485 96.83 -70.12 -12.49
CA LYS D 485 98.18 -69.56 -12.52
C LYS D 485 98.13 -68.05 -12.36
N GLN D 486 96.96 -67.47 -12.60
CA GLN D 486 96.73 -66.05 -12.36
C GLN D 486 95.84 -65.87 -11.14
N PRO D 487 96.40 -65.69 -9.94
CA PRO D 487 95.56 -65.27 -8.82
C PRO D 487 95.07 -63.85 -9.02
N ARG D 488 94.34 -63.31 -8.06
CA ARG D 488 93.81 -61.96 -8.22
C ARG D 488 94.47 -60.97 -7.27
N TRP D 489 95.32 -61.47 -6.36
CA TRP D 489 96.33 -60.68 -5.65
C TRP D 489 95.69 -59.61 -4.75
N MET D 490 94.92 -60.13 -3.79
CA MET D 490 94.45 -59.42 -2.61
C MET D 490 95.55 -58.97 -1.68
N GLU D 491 96.70 -59.64 -1.71
CA GLU D 491 97.55 -59.71 -0.52
C GLU D 491 98.17 -58.34 -0.30
N THR D 492 97.55 -57.58 0.59
CA THR D 492 98.11 -56.31 1.06
C THR D 492 99.18 -56.64 2.07
N VAL D 493 100.44 -56.58 1.62
CA VAL D 493 101.56 -57.10 2.39
C VAL D 493 102.69 -56.07 2.47
N LYS D 494 102.61 -55.19 3.46
CA LYS D 494 103.50 -54.03 3.57
C LYS D 494 104.90 -54.45 4.00
N VAL D 495 105.86 -54.31 3.09
CA VAL D 495 107.25 -54.55 3.46
C VAL D 495 107.82 -53.30 4.12
N ALA D 496 108.17 -53.42 5.40
CA ALA D 496 108.58 -52.31 6.26
C ALA D 496 109.88 -52.70 6.96
N VAL D 497 110.98 -52.06 6.57
CA VAL D 497 112.28 -52.38 7.15
C VAL D 497 112.97 -51.06 7.46
N PRO D 498 113.85 -50.99 8.46
CA PRO D 498 114.61 -49.76 8.68
C PRO D 498 115.26 -49.26 7.41
N ILE D 499 115.09 -47.97 7.16
CA ILE D 499 115.59 -47.35 5.94
C ILE D 499 117.07 -47.62 5.75
N GLU D 500 117.82 -47.80 6.83
CA GLU D 500 119.24 -48.12 6.66
C GLU D 500 119.42 -49.60 6.38
N ASP D 501 118.59 -50.44 6.99
CA ASP D 501 118.45 -51.77 6.39
C ASP D 501 117.92 -51.66 4.98
N MET D 502 116.80 -50.95 4.79
CA MET D 502 116.25 -50.78 3.46
C MET D 502 117.27 -50.34 2.43
N GLN D 503 118.36 -49.71 2.86
CA GLN D 503 119.45 -49.40 1.96
C GLN D 503 120.20 -50.66 1.59
N ARG D 504 120.69 -51.35 2.60
CA ARG D 504 121.50 -52.56 2.49
C ARG D 504 120.68 -53.82 2.76
N ILE D 505 119.40 -53.78 2.32
CA ILE D 505 118.62 -54.99 2.08
C ILE D 505 118.03 -54.95 0.68
N HIS D 506 117.42 -56.05 0.28
CA HIS D 506 116.45 -56.12 -0.80
C HIS D 506 115.47 -57.25 -0.50
N LEU D 507 114.58 -57.55 -1.42
CA LEU D 507 113.48 -58.52 -1.19
C LEU D 507 113.56 -59.58 -2.28
N ARG D 508 114.40 -60.59 -2.12
CA ARG D 508 114.45 -61.52 -3.24
C ARG D 508 113.28 -62.49 -3.20
N PHE D 509 112.43 -62.40 -4.21
CA PHE D 509 111.17 -63.11 -4.29
C PHE D 509 111.28 -64.10 -5.44
N MET D 510 111.12 -65.38 -5.14
CA MET D 510 111.14 -66.40 -6.17
C MET D 510 110.16 -67.52 -5.84
N PHE D 511 109.98 -68.42 -6.79
CA PHE D 511 108.70 -69.06 -7.03
C PHE D 511 108.89 -70.55 -7.34
N ARG D 512 108.53 -71.41 -6.37
CA ARG D 512 108.39 -72.84 -6.60
C ARG D 512 106.95 -73.28 -6.31
N HIS D 513 106.65 -74.49 -6.75
CA HIS D 513 105.28 -74.93 -7.03
C HIS D 513 104.71 -75.75 -5.87
N ARG D 514 103.95 -75.08 -5.00
CA ARG D 514 103.18 -75.73 -3.94
C ARG D 514 101.91 -76.35 -4.52
N SER D 515 101.07 -76.91 -3.65
CA SER D 515 99.78 -77.43 -4.09
C SER D 515 98.87 -77.67 -2.90
N SER D 516 97.61 -77.96 -3.22
CA SER D 516 96.72 -78.59 -2.25
C SER D 516 97.17 -80.02 -1.98
N LEU D 517 97.44 -80.79 -3.04
CA LEU D 517 98.08 -82.08 -2.91
C LEU D 517 98.71 -82.49 -4.24
N GLU D 518 99.78 -83.31 -4.15
CA GLU D 518 100.38 -84.07 -5.25
C GLU D 518 100.66 -83.14 -6.44
N SER D 519 101.76 -82.40 -6.32
CA SER D 519 102.20 -81.50 -7.39
C SER D 519 103.38 -82.13 -8.13
N LYS D 520 103.27 -83.45 -8.31
CA LYS D 520 104.23 -84.42 -8.87
C LYS D 520 105.49 -84.46 -8.03
N ASP D 521 105.60 -83.49 -7.12
CA ASP D 521 106.81 -83.24 -6.33
C ASP D 521 106.48 -82.08 -5.40
N LYS D 522 107.39 -81.76 -4.50
CA LYS D 522 107.22 -80.62 -3.61
C LYS D 522 108.36 -79.63 -3.88
N GLY D 523 108.04 -78.51 -4.52
CA GLY D 523 108.96 -77.41 -4.66
C GLY D 523 110.06 -77.47 -5.70
N GLU D 524 109.72 -77.39 -6.99
CA GLU D 524 110.73 -77.33 -8.04
C GLU D 524 111.72 -76.19 -7.76
N LYS D 525 113.02 -76.45 -7.89
CA LYS D 525 114.08 -75.65 -7.29
C LYS D 525 114.45 -74.44 -8.15
N ASN D 526 114.76 -73.33 -7.47
CA ASN D 526 115.46 -72.13 -7.97
C ASN D 526 115.06 -71.78 -9.41
N PHE D 527 113.79 -71.48 -9.61
CA PHE D 527 113.31 -71.53 -10.98
C PHE D 527 112.96 -70.15 -11.56
N ALA D 528 113.09 -69.08 -10.79
CA ALA D 528 113.02 -67.71 -11.29
C ALA D 528 113.50 -66.81 -10.17
N MET D 529 113.86 -65.57 -10.53
CA MET D 529 114.52 -64.67 -9.59
C MET D 529 113.86 -63.31 -9.66
N SER D 530 114.05 -62.56 -8.58
CA SER D 530 113.51 -61.21 -8.48
C SER D 530 113.97 -60.62 -7.17
N TYR D 531 114.19 -59.31 -7.15
CA TYR D 531 114.15 -58.54 -5.91
C TYR D 531 114.10 -57.06 -6.30
N VAL D 532 114.26 -56.20 -5.31
CA VAL D 532 114.63 -54.82 -5.56
C VAL D 532 115.66 -54.44 -4.53
N LYS D 533 116.92 -54.45 -4.92
CA LYS D 533 117.85 -53.49 -4.38
C LYS D 533 117.17 -52.14 -4.41
N LEU D 534 117.09 -51.51 -3.24
CA LEU D 534 115.83 -50.87 -2.90
C LEU D 534 115.77 -49.40 -3.29
N MET D 535 116.73 -48.57 -2.86
CA MET D 535 116.54 -47.15 -3.05
C MET D 535 116.53 -46.86 -4.53
N LYS D 536 116.21 -45.63 -4.89
CA LYS D 536 116.96 -45.11 -5.99
C LYS D 536 118.44 -45.30 -5.64
N GLU D 537 119.14 -46.07 -6.46
CA GLU D 537 120.58 -46.20 -6.28
C GLU D 537 121.21 -44.82 -6.10
N ASP D 538 120.50 -43.76 -6.51
CA ASP D 538 120.70 -42.41 -5.99
C ASP D 538 120.70 -42.36 -4.46
N GLY D 539 120.19 -43.38 -3.80
CA GLY D 539 120.10 -43.40 -2.36
C GLY D 539 118.80 -42.88 -1.82
N THR D 540 118.01 -42.17 -2.63
CA THR D 540 116.72 -41.71 -2.15
C THR D 540 115.67 -42.81 -2.29
N THR D 541 114.57 -42.61 -1.58
CA THR D 541 113.40 -43.46 -1.75
C THR D 541 112.97 -43.49 -3.22
N LEU D 542 113.00 -44.68 -3.80
CA LEU D 542 112.80 -44.78 -5.24
C LEU D 542 111.32 -44.66 -5.55
N HIS D 543 111.01 -44.39 -6.83
CA HIS D 543 109.62 -44.12 -7.19
C HIS D 543 108.71 -45.28 -6.81
N ASP D 544 107.64 -44.96 -6.09
CA ASP D 544 106.78 -45.99 -5.54
C ASP D 544 105.88 -46.56 -6.62
N GLY D 545 104.91 -47.38 -6.23
CA GLY D 545 104.01 -47.95 -7.20
C GLY D 545 104.60 -49.17 -7.87
N PHE D 546 104.32 -49.26 -9.17
CA PHE D 546 104.34 -50.52 -9.91
C PHE D 546 105.79 -50.85 -10.23
N HIS D 547 106.16 -52.13 -10.20
CA HIS D 547 107.48 -52.54 -10.60
C HIS D 547 107.42 -53.94 -11.18
N ASP D 548 107.87 -54.09 -12.42
CA ASP D 548 107.33 -55.06 -13.36
C ASP D 548 108.43 -55.92 -13.94
N LEU D 549 109.35 -56.35 -13.08
CA LEU D 549 110.74 -56.60 -13.44
C LEU D 549 110.92 -57.48 -14.68
N VAL D 550 112.04 -57.26 -15.36
CA VAL D 550 112.71 -58.37 -16.05
C VAL D 550 113.30 -59.27 -14.98
N VAL D 551 112.74 -60.47 -14.85
CA VAL D 551 113.12 -61.36 -13.76
C VAL D 551 114.52 -61.89 -14.00
N LEU D 552 115.02 -62.67 -13.07
CA LEU D 552 116.16 -63.50 -13.36
C LEU D 552 115.78 -64.95 -13.06
N LYS D 553 116.66 -65.87 -13.43
CA LYS D 553 116.77 -67.16 -12.74
C LYS D 553 118.20 -67.61 -12.98
N GLY D 554 118.83 -68.23 -11.98
CA GLY D 554 120.19 -68.71 -12.16
C GLY D 554 120.49 -69.94 -11.33
N ASP D 555 121.72 -69.97 -10.83
CA ASP D 555 122.38 -71.06 -10.14
C ASP D 555 121.94 -71.05 -8.68
N SER D 556 122.71 -71.71 -7.81
CA SER D 556 122.29 -71.89 -6.43
C SER D 556 122.53 -70.62 -5.59
N LYS D 557 123.79 -70.21 -5.39
CA LYS D 557 123.95 -69.04 -4.53
C LYS D 557 123.71 -67.75 -5.30
N LYS D 558 124.06 -67.73 -6.60
CA LYS D 558 123.94 -66.51 -7.40
C LYS D 558 122.60 -65.85 -7.14
N MET D 559 121.56 -66.65 -7.06
CA MET D 559 120.20 -66.21 -6.88
C MET D 559 120.07 -65.44 -5.56
N GLU D 560 121.04 -65.64 -4.66
CA GLU D 560 121.21 -64.85 -3.44
C GLU D 560 122.42 -63.91 -3.52
N ASP D 561 123.26 -64.04 -4.54
CA ASP D 561 124.51 -63.29 -4.61
C ASP D 561 124.29 -61.79 -4.54
N ALA D 562 125.27 -61.09 -3.97
CA ALA D 562 125.22 -59.63 -3.95
C ALA D 562 125.17 -59.08 -5.37
N SER D 563 126.30 -59.12 -6.09
CA SER D 563 126.40 -58.51 -7.41
C SER D 563 125.30 -58.99 -8.36
N ALA D 564 124.66 -60.11 -8.05
CA ALA D 564 123.50 -60.54 -8.81
C ALA D 564 122.36 -59.56 -8.61
N TYR D 565 121.99 -58.85 -9.69
CA TYR D 565 120.87 -57.92 -9.72
C TYR D 565 121.22 -56.68 -8.90
N LEU D 566 122.48 -56.61 -8.45
CA LEU D 566 123.02 -55.39 -7.89
C LEU D 566 123.83 -54.59 -8.92
N THR D 567 124.81 -55.21 -9.58
CA THR D 567 125.57 -54.53 -10.61
C THR D 567 124.68 -53.95 -11.70
N LEU D 568 123.55 -54.53 -11.90
CA LEU D 568 122.46 -54.26 -12.82
C LEU D 568 121.40 -53.39 -12.16
N PRO D 569 120.84 -52.40 -12.87
CA PRO D 569 119.72 -51.63 -12.32
C PRO D 569 118.47 -52.49 -12.15
N SER D 570 117.43 -51.93 -11.53
CA SER D 570 116.51 -52.74 -10.72
C SER D 570 115.02 -52.42 -10.99
N TYR D 571 114.61 -52.36 -12.27
CA TYR D 571 113.22 -52.49 -12.66
C TYR D 571 113.21 -53.46 -13.85
N ARG D 572 112.04 -53.69 -14.45
CA ARG D 572 111.99 -54.04 -15.87
C ARG D 572 112.32 -52.85 -16.74
N HIS D 573 111.70 -51.71 -16.41
CA HIS D 573 112.19 -50.43 -16.87
C HIS D 573 113.70 -50.40 -17.03
N HIS D 574 114.42 -50.81 -16.00
CA HIS D 574 115.87 -50.72 -16.01
C HIS D 574 116.56 -51.94 -16.61
N VAL D 575 115.80 -53.01 -16.91
CA VAL D 575 116.36 -54.15 -17.64
C VAL D 575 115.60 -54.26 -18.98
N GLU D 576 115.14 -53.11 -19.47
CA GLU D 576 114.67 -52.97 -20.84
C GLU D 576 115.53 -52.00 -21.66
N ASN D 577 116.76 -51.75 -21.24
CA ASN D 577 117.69 -50.97 -22.06
C ASN D 577 118.50 -51.91 -22.95
N GLY D 590 127.54 -59.78 -13.18
CA GLY D 590 127.84 -60.37 -11.89
C GLY D 590 126.70 -61.17 -11.33
N GLY D 591 126.81 -62.48 -11.42
CA GLY D 591 125.77 -63.37 -10.94
C GLY D 591 125.35 -64.33 -12.04
N LEU D 592 125.42 -63.85 -13.28
CA LEU D 592 125.16 -64.67 -14.45
C LEU D 592 123.77 -65.29 -14.43
N SER D 593 122.90 -64.74 -13.59
CA SER D 593 121.57 -65.29 -13.36
C SER D 593 120.67 -64.56 -14.35
N VAL D 594 120.26 -65.29 -15.39
CA VAL D 594 119.75 -64.66 -16.58
C VAL D 594 118.60 -63.73 -16.25
N SER D 595 118.64 -62.53 -16.82
CA SER D 595 117.54 -61.60 -16.78
C SER D 595 116.45 -62.06 -17.74
N SER D 596 115.65 -63.03 -17.31
CA SER D 596 114.59 -63.61 -18.11
C SER D 596 113.35 -62.73 -18.10
N ARG D 597 112.29 -63.22 -18.77
CA ARG D 597 111.30 -62.43 -19.47
C ARG D 597 110.24 -61.74 -18.60
N ASP D 598 109.46 -62.49 -17.83
CA ASP D 598 108.07 -62.08 -17.61
C ASP D 598 107.88 -60.86 -16.71
N VAL D 599 106.84 -60.08 -17.03
CA VAL D 599 106.42 -59.00 -16.16
C VAL D 599 105.90 -59.58 -14.87
N PHE D 600 106.42 -59.07 -13.78
CA PHE D 600 105.89 -59.40 -12.47
C PHE D 600 105.72 -58.05 -11.79
N SER D 601 104.56 -57.45 -12.00
CA SER D 601 104.33 -56.09 -11.57
C SER D 601 104.18 -56.00 -10.07
N ILE D 602 104.83 -55.00 -9.48
CA ILE D 602 104.89 -54.85 -8.02
C ILE D 602 104.47 -53.43 -7.67
N SER D 603 103.29 -53.30 -7.07
CA SER D 603 102.87 -52.04 -6.47
C SER D 603 103.53 -51.81 -5.13
N THR D 604 103.94 -50.59 -4.89
CA THR D 604 104.43 -50.17 -3.57
C THR D 604 103.97 -48.75 -3.30
N LEU D 605 103.47 -48.50 -2.09
CA LEU D 605 103.31 -47.14 -1.60
C LEU D 605 104.35 -46.98 -0.49
N VAL D 606 105.49 -46.41 -0.82
CA VAL D 606 106.60 -46.25 0.11
C VAL D 606 106.54 -44.84 0.67
N CYS D 607 107.14 -44.64 1.85
CA CYS D 607 107.10 -43.35 2.51
C CYS D 607 108.47 -42.68 2.63
N SER D 608 109.43 -43.39 3.22
CA SER D 608 110.68 -42.79 3.70
C SER D 608 110.38 -41.75 4.76
N THR D 609 109.26 -41.96 5.44
CA THR D 609 108.89 -41.07 6.54
C THR D 609 109.98 -41.12 7.60
N UNK D 642 111.89 -36.36 -7.54
CA UNK D 642 111.74 -34.92 -7.59
C UNK D 642 111.86 -34.33 -6.19
N UNK D 643 110.80 -34.47 -5.42
CA UNK D 643 110.83 -34.00 -4.04
C UNK D 643 111.86 -34.75 -3.23
N UNK D 644 112.25 -35.96 -3.63
CA UNK D 644 113.38 -36.61 -2.98
C UNK D 644 114.63 -35.76 -3.08
N UNK D 645 114.83 -35.10 -4.23
CA UNK D 645 115.93 -34.15 -4.36
C UNK D 645 115.68 -32.92 -3.50
N UNK D 646 114.45 -32.44 -3.47
CA UNK D 646 114.13 -31.31 -2.62
C UNK D 646 114.41 -31.62 -1.16
N UNK D 647 114.35 -32.89 -0.78
CA UNK D 647 114.67 -33.28 0.59
C UNK D 647 116.15 -33.44 0.79
N UNK D 648 116.85 -34.06 -0.16
CA UNK D 648 118.31 -33.98 -0.15
C UNK D 648 118.77 -32.55 0.01
N UNK D 649 117.98 -31.59 -0.47
CA UNK D 649 118.26 -30.20 -0.17
C UNK D 649 118.19 -29.89 1.31
N UNK D 650 117.50 -30.70 2.13
CA UNK D 650 117.61 -30.50 3.56
C UNK D 650 119.03 -30.74 4.04
N UNK D 651 119.65 -31.81 3.56
CA UNK D 651 121.07 -32.01 3.83
C UNK D 651 121.89 -30.85 3.27
N UNK D 652 121.63 -30.47 2.01
CA UNK D 652 122.33 -29.35 1.41
C UNK D 652 122.21 -28.08 2.23
N UNK D 653 121.13 -27.94 2.99
CA UNK D 653 121.08 -26.90 4.00
C UNK D 653 122.04 -27.24 5.13
N UNK D 654 121.92 -28.44 5.69
CA UNK D 654 122.80 -28.84 6.79
C UNK D 654 124.20 -29.14 6.28
N UNK D 655 124.33 -30.17 5.45
CA UNK D 655 125.61 -30.49 4.81
C UNK D 655 125.54 -29.87 3.42
N UNK D 656 126.12 -28.68 3.28
CA UNK D 656 125.89 -27.91 2.07
C UNK D 656 126.61 -28.54 0.88
N UNK D 657 125.88 -29.38 0.14
CA UNK D 657 126.46 -30.01 -1.04
C UNK D 657 126.75 -28.99 -2.13
N UNK D 658 125.85 -28.03 -2.34
CA UNK D 658 126.04 -27.04 -3.38
C UNK D 658 125.08 -25.88 -3.12
N ILE D 659 125.15 -24.89 -4.01
CA ILE D 659 124.22 -23.77 -3.98
C ILE D 659 122.85 -24.21 -4.44
N MET D 660 122.77 -25.43 -4.98
CA MET D 660 121.51 -25.95 -5.47
C MET D 660 120.45 -26.01 -4.37
N MET D 661 120.83 -25.67 -3.14
CA MET D 661 119.85 -25.55 -2.07
C MET D 661 118.68 -24.69 -2.52
N GLU D 662 118.97 -23.55 -3.13
CA GLU D 662 117.90 -22.67 -3.63
C GLU D 662 117.17 -23.31 -4.80
N HIS D 663 117.90 -24.05 -5.64
CA HIS D 663 117.25 -24.72 -6.75
C HIS D 663 116.19 -25.68 -6.25
N SER D 664 116.56 -26.63 -5.40
CA SER D 664 115.57 -27.53 -4.84
C SER D 664 114.60 -26.79 -3.94
N GLN D 665 114.97 -25.60 -3.47
CA GLN D 665 114.00 -24.77 -2.75
C GLN D 665 112.85 -24.37 -3.66
N SER D 666 113.17 -23.91 -4.87
CA SER D 666 112.13 -23.69 -5.85
C SER D 666 111.42 -25.00 -6.19
N ASP D 667 112.18 -26.08 -6.32
CA ASP D 667 111.59 -27.37 -6.67
C ASP D 667 110.55 -27.81 -5.66
N GLU D 668 110.81 -27.56 -4.38
CA GLU D 668 109.84 -27.86 -3.36
C GLU D 668 108.74 -26.80 -3.32
N TYR D 669 109.07 -25.56 -3.67
CA TYR D 669 108.02 -24.58 -3.94
C TYR D 669 107.10 -25.09 -5.05
N ASP D 670 107.54 -26.13 -5.77
CA ASP D 670 106.68 -26.81 -6.72
C ASP D 670 106.18 -28.16 -6.18
N ILE D 671 106.89 -28.77 -5.23
CA ILE D 671 106.50 -30.11 -4.76
C ILE D 671 105.24 -30.08 -3.89
N LEU D 672 105.20 -29.18 -2.91
CA LEU D 672 103.98 -28.85 -2.16
C LEU D 672 103.40 -30.06 -1.41
N VAL D 673 104.20 -31.10 -1.25
CA VAL D 673 103.75 -32.26 -0.50
C VAL D 673 103.76 -31.93 0.98
N PHE D 674 102.58 -31.71 1.54
CA PHE D 674 102.49 -31.49 2.97
C PHE D 674 103.14 -32.62 3.75
N ASP D 675 103.36 -33.76 3.11
CA ASP D 675 104.21 -34.79 3.72
C ASP D 675 105.67 -34.38 3.64
N ALA D 676 106.15 -34.07 2.44
CA ALA D 676 107.44 -33.42 2.33
C ALA D 676 107.52 -32.27 3.30
N LEU D 677 106.39 -31.64 3.60
CA LEU D 677 106.38 -30.71 4.72
C LEU D 677 106.55 -31.40 6.06
N ILE D 678 105.95 -32.58 6.24
CA ILE D 678 106.18 -33.30 7.47
C ILE D 678 107.62 -33.77 7.58
N TYR D 679 108.18 -34.28 6.49
CA TYR D 679 109.63 -34.38 6.39
C TYR D 679 110.28 -33.05 6.72
N ILE D 680 109.64 -31.94 6.36
CA ILE D 680 110.24 -30.64 6.59
C ILE D 680 110.02 -30.17 8.01
N ILE D 681 109.10 -30.78 8.76
CA ILE D 681 109.03 -30.51 10.19
C ILE D 681 110.42 -30.52 10.80
N GLY D 682 111.30 -31.37 10.28
CA GLY D 682 112.71 -31.26 10.60
C GLY D 682 113.46 -30.56 9.47
N LEU D 683 113.20 -30.96 8.22
CA LEU D 683 114.01 -30.49 7.11
C LEU D 683 113.97 -28.97 7.00
N ILE D 684 112.78 -28.40 6.79
CA ILE D 684 112.68 -26.96 6.62
C ILE D 684 112.98 -26.22 7.90
N ALA D 685 112.67 -26.83 9.05
CA ALA D 685 113.05 -26.21 10.30
C ALA D 685 114.55 -25.95 10.34
N ASP D 686 115.33 -26.98 10.03
CA ASP D 686 116.78 -26.81 9.96
C ASP D 686 117.19 -25.91 8.82
N ARG D 687 116.46 -25.96 7.71
CA ARG D 687 116.80 -25.10 6.58
C ARG D 687 116.72 -23.64 6.97
N LYS D 688 115.61 -23.24 7.59
CA LYS D 688 115.55 -21.92 8.22
C LYS D 688 116.70 -21.74 9.19
N PHE D 689 116.97 -22.75 10.01
CA PHE D 689 118.17 -22.71 10.83
C PHE D 689 119.43 -22.66 9.99
N GLN D 690 119.40 -23.26 8.80
CA GLN D 690 120.56 -23.21 7.91
C GLN D 690 120.58 -21.89 7.16
N UNK D 708 122.00 -14.84 -0.41
CA UNK D 708 120.80 -14.82 -1.23
C UNK D 708 119.85 -15.91 -0.75
N UNK D 709 120.35 -16.76 0.12
CA UNK D 709 119.58 -17.90 0.59
C UNK D 709 118.35 -17.48 1.38
N UNK D 710 118.27 -16.22 1.80
CA UNK D 710 117.21 -15.73 2.66
C UNK D 710 115.81 -16.00 2.13
N UNK D 711 115.69 -16.29 0.82
CA UNK D 711 114.39 -16.66 0.27
C UNK D 711 113.77 -17.83 1.02
N UNK D 712 114.57 -18.57 1.78
CA UNK D 712 114.04 -19.63 2.63
C UNK D 712 113.07 -19.06 3.65
N UNK D 713 113.50 -18.04 4.39
CA UNK D 713 112.56 -17.28 5.19
C UNK D 713 111.31 -16.98 4.38
N UNK D 714 111.50 -16.59 3.13
CA UNK D 714 110.36 -16.52 2.22
C UNK D 714 109.80 -17.90 1.93
N UNK D 715 110.61 -18.80 1.36
CA UNK D 715 110.09 -20.04 0.80
C UNK D 715 109.51 -20.99 1.84
N UNK D 716 109.74 -20.73 3.13
CA UNK D 716 109.05 -21.50 4.15
C UNK D 716 107.55 -21.38 3.99
N UNK D 717 107.09 -20.24 3.49
CA UNK D 717 105.70 -20.07 3.15
C UNK D 717 105.31 -20.94 1.97
N UNK D 718 106.19 -21.06 0.98
CA UNK D 718 106.02 -22.10 -0.03
C UNK D 718 105.66 -23.41 0.62
N UNK D 719 106.13 -23.61 1.85
CA UNK D 719 105.63 -24.63 2.73
C UNK D 719 104.45 -24.12 3.57
N UNK D 720 104.69 -23.08 4.35
CA UNK D 720 103.89 -22.81 5.54
C UNK D 720 102.40 -22.63 5.29
N UNK D 721 101.96 -22.56 4.04
CA UNK D 721 100.55 -22.36 3.78
C UNK D 721 99.77 -23.65 3.85
N UNK D 722 100.44 -24.80 3.84
CA UNK D 722 99.79 -26.08 3.59
C UNK D 722 98.85 -26.51 4.71
N UNK D 723 98.64 -25.64 5.69
CA UNK D 723 97.73 -25.96 6.79
C UNK D 723 96.30 -26.19 6.32
N UNK D 724 96.00 -25.94 5.04
CA UNK D 724 94.68 -26.26 4.49
C UNK D 724 94.47 -27.77 4.55
N UNK D 725 95.35 -28.52 3.88
CA UNK D 725 95.30 -29.96 4.02
C UNK D 725 95.79 -30.38 5.39
N UNK D 726 97.07 -30.14 5.67
CA UNK D 726 97.71 -30.68 6.88
C UNK D 726 97.45 -29.75 8.06
N UNK D 727 96.17 -29.49 8.33
CA UNK D 727 95.80 -28.65 9.45
C UNK D 727 96.44 -29.16 10.74
N UNK D 728 96.51 -30.47 10.89
CA UNK D 728 97.18 -31.06 12.04
C UNK D 728 98.64 -30.67 12.12
N UNK D 729 99.41 -30.95 11.08
CA UNK D 729 100.84 -30.69 11.11
C UNK D 729 101.17 -29.23 11.39
N UNK D 730 100.18 -28.34 11.37
CA UNK D 730 100.43 -26.96 11.77
C UNK D 730 100.95 -26.91 13.21
N UNK D 731 100.35 -27.70 14.10
CA UNK D 731 100.91 -27.83 15.43
C UNK D 731 102.31 -28.39 15.37
N UNK D 732 102.56 -29.30 14.43
CA UNK D 732 103.93 -29.72 14.13
C UNK D 732 104.86 -28.53 13.99
N UNK D 733 104.41 -27.49 13.28
CA UNK D 733 105.14 -26.23 13.28
C UNK D 733 105.43 -25.78 14.69
N UNK D 734 104.37 -25.57 15.48
CA UNK D 734 104.53 -25.39 16.91
C UNK D 734 105.54 -26.37 17.47
N UNK D 735 105.38 -27.65 17.14
CA UNK D 735 106.37 -28.64 17.53
C UNK D 735 107.78 -28.20 17.15
N UNK D 736 108.00 -27.99 15.86
CA UNK D 736 109.26 -27.39 15.45
C UNK D 736 109.52 -26.11 16.21
N UNK D 737 108.53 -25.24 16.28
CA UNK D 737 108.67 -24.06 17.12
C UNK D 737 109.04 -24.43 18.54
N UNK D 738 108.35 -25.41 19.10
CA UNK D 738 108.73 -25.90 20.42
C UNK D 738 110.07 -26.59 20.39
N UNK D 739 110.39 -27.32 19.32
CA UNK D 739 111.59 -28.14 19.31
C UNK D 739 112.62 -27.66 18.29
N UNK D 740 112.20 -27.57 17.04
CA UNK D 740 113.14 -27.43 15.92
C UNK D 740 113.26 -25.98 15.47
N UNK D 741 113.16 -25.06 16.41
CA UNK D 741 113.43 -23.65 16.17
C UNK D 741 114.83 -23.36 16.71
N UNK D 742 115.77 -23.10 15.81
CA UNK D 742 117.19 -23.14 16.14
C UNK D 742 117.96 -21.96 15.54
N UNK D 743 117.43 -20.74 15.70
CA UNK D 743 118.08 -19.58 15.10
C UNK D 743 118.63 -18.59 16.11
N UNK D 744 117.89 -18.29 17.18
CA UNK D 744 118.36 -17.44 18.26
C UNK D 744 118.77 -16.06 17.76
N UNK D 745 118.04 -15.52 16.78
CA UNK D 745 118.44 -14.25 16.20
C UNK D 745 117.27 -13.68 15.42
N UNK D 746 116.96 -12.42 15.68
CA UNK D 746 115.92 -11.73 14.94
C UNK D 746 116.44 -11.19 13.63
N UNK D 747 117.53 -11.78 13.13
CA UNK D 747 118.00 -11.43 11.80
C UNK D 747 116.88 -11.57 10.78
N UNK D 748 116.12 -12.64 10.87
CA UNK D 748 114.93 -12.71 10.05
C UNK D 748 113.96 -11.58 10.35
N UNK D 749 113.95 -11.03 11.57
CA UNK D 749 113.12 -9.85 11.76
C UNK D 749 113.61 -8.69 10.91
N UNK D 750 114.88 -8.73 10.49
CA UNK D 750 115.33 -7.77 9.49
C UNK D 750 114.88 -8.22 8.11
N UNK D 751 115.00 -9.51 7.83
CA UNK D 751 114.41 -10.07 6.62
C UNK D 751 112.98 -9.62 6.46
N UNK D 752 112.32 -9.28 7.56
CA UNK D 752 110.98 -8.73 7.48
C UNK D 752 110.96 -7.48 6.63
N UNK D 753 111.60 -6.41 7.11
CA UNK D 753 111.66 -5.20 6.32
C UNK D 753 112.25 -5.47 4.96
N UNK D 754 113.09 -6.50 4.86
CA UNK D 754 113.54 -6.94 3.56
C UNK D 754 112.36 -7.23 2.66
N UNK D 755 111.47 -8.11 3.08
CA UNK D 755 110.27 -8.32 2.28
C UNK D 755 109.49 -7.04 2.08
N UNK D 756 109.72 -6.03 2.92
CA UNK D 756 109.05 -4.76 2.80
C UNK D 756 109.73 -3.85 1.79
N UNK D 757 105.32 -11.00 0.45
CA UNK D 757 104.13 -11.06 -0.38
C UNK D 757 102.91 -11.41 0.44
N UNK D 758 102.78 -12.68 0.82
CA UNK D 758 101.63 -13.14 1.59
C UNK D 758 101.77 -12.63 3.01
N UNK D 759 101.04 -11.57 3.35
CA UNK D 759 101.09 -11.01 4.69
C UNK D 759 100.66 -12.02 5.74
N UNK D 760 100.03 -13.10 5.33
CA UNK D 760 99.75 -14.18 6.26
C UNK D 760 101.05 -14.71 6.84
N UNK D 761 100.91 -15.41 7.97
CA UNK D 761 102.01 -16.01 8.72
C UNK D 761 102.97 -14.98 9.28
N UNK D 762 102.75 -13.71 8.98
CA UNK D 762 103.40 -12.66 9.76
C UNK D 762 103.24 -12.97 11.22
N UNK D 763 102.09 -13.51 11.59
CA UNK D 763 101.94 -14.12 12.90
C UNK D 763 102.96 -15.23 13.08
N UNK D 764 102.87 -16.29 12.27
CA UNK D 764 103.77 -17.42 12.44
C UNK D 764 105.22 -16.99 12.28
N UNK D 765 105.47 -16.07 11.38
CA UNK D 765 106.81 -15.53 11.26
C UNK D 765 107.26 -14.95 12.57
N UNK D 766 106.58 -13.91 13.03
CA UNK D 766 106.91 -13.28 14.29
C UNK D 766 106.97 -14.31 15.40
N UNK D 767 106.22 -15.39 15.28
CA UNK D 767 106.25 -16.44 16.28
C UNK D 767 107.62 -17.08 16.30
N UNK D 768 108.06 -17.57 15.16
CA UNK D 768 109.42 -18.05 15.07
C UNK D 768 110.40 -16.99 15.57
N UNK D 769 110.14 -15.73 15.23
CA UNK D 769 110.99 -14.64 15.67
C UNK D 769 111.01 -14.51 17.18
N UNK D 770 109.93 -14.92 17.83
CA UNK D 770 109.91 -14.89 19.29
C UNK D 770 110.92 -15.86 19.84
N UNK D 771 110.90 -17.10 19.36
CA UNK D 771 111.96 -18.02 19.69
C UNK D 771 113.32 -17.46 19.28
N UNK D 772 113.36 -16.67 18.22
CA UNK D 772 114.63 -16.10 17.78
C UNK D 772 115.19 -15.19 18.86
N UNK D 773 114.51 -14.10 19.14
CA UNK D 773 114.98 -13.15 20.13
C UNK D 773 115.08 -13.76 21.51
N UNK D 774 114.29 -14.79 21.81
CA UNK D 774 114.38 -15.40 23.14
C UNK D 774 115.58 -16.32 23.21
N UNK D 775 115.62 -17.33 22.36
CA UNK D 775 116.82 -18.11 22.14
C UNK D 775 118.03 -17.23 21.90
N UNK D 776 117.82 -16.03 21.35
CA UNK D 776 118.89 -15.04 21.38
C UNK D 776 119.12 -14.64 22.82
N UNK D 777 120.23 -15.11 23.39
CA UNK D 777 120.55 -14.82 24.78
C UNK D 777 120.86 -13.35 25.03
N UNK D 778 120.86 -12.52 23.99
CA UNK D 778 121.14 -11.10 24.15
C UNK D 778 119.91 -10.38 24.70
N UNK D 779 120.01 -9.06 24.83
CA UNK D 779 118.94 -8.25 25.41
C UNK D 779 118.69 -6.95 24.66
N UNK D 780 119.43 -6.67 23.60
CA UNK D 780 119.28 -5.44 22.84
C UNK D 780 118.01 -5.39 22.02
N UNK D 781 117.13 -6.38 22.18
CA UNK D 781 115.93 -6.47 21.36
C UNK D 781 115.05 -5.24 21.46
N UNK D 782 115.39 -4.31 22.35
CA UNK D 782 114.85 -2.97 22.30
C UNK D 782 114.80 -2.48 20.86
N UNK D 783 115.93 -2.57 20.17
CA UNK D 783 115.97 -2.16 18.78
C UNK D 783 115.08 -3.05 17.93
N UNK D 784 115.04 -4.34 18.24
CA UNK D 784 114.03 -5.21 17.64
C UNK D 784 112.66 -4.57 17.72
N UNK D 785 112.32 -4.03 18.89
CA UNK D 785 111.11 -3.23 19.01
C UNK D 785 111.09 -2.13 17.97
N UNK D 786 112.10 -1.27 17.98
CA UNK D 786 112.32 -0.37 16.86
C UNK D 786 112.18 -1.11 15.54
N UNK D 787 112.89 -2.22 15.39
CA UNK D 787 112.72 -3.04 14.21
C UNK D 787 111.27 -3.47 14.02
N UNK D 788 110.66 -3.94 15.10
CA UNK D 788 109.22 -4.15 15.06
C UNK D 788 108.51 -2.84 14.74
N UNK D 789 108.88 -1.76 15.44
CA UNK D 789 108.42 -0.45 15.02
C UNK D 789 108.65 -0.27 13.53
N UNK D 790 109.83 -0.65 13.05
CA UNK D 790 110.06 -0.73 11.63
C UNK D 790 109.03 -1.59 10.95
N UNK D 791 108.91 -2.85 11.36
CA UNK D 791 107.79 -3.65 10.92
C UNK D 791 106.48 -2.88 11.07
N UNK D 792 106.31 -2.20 12.20
CA UNK D 792 105.15 -1.34 12.36
C UNK D 792 105.20 -0.16 11.41
N UNK D 793 106.36 0.45 11.28
CA UNK D 793 106.58 1.31 10.14
C UNK D 793 106.27 0.57 8.85
N UNK D 794 106.76 -0.66 8.71
CA UNK D 794 106.30 -1.48 7.61
C UNK D 794 104.79 -1.56 7.59
N UNK D 795 104.20 -1.71 8.77
CA UNK D 795 102.78 -1.46 8.89
C UNK D 795 102.43 -0.06 8.40
N UNK D 796 102.98 0.95 9.06
CA UNK D 796 102.87 2.30 8.54
C UNK D 796 103.23 2.37 7.07
N UNK D 797 104.04 1.42 6.57
CA UNK D 797 104.31 1.37 5.14
C UNK D 797 103.02 1.26 4.34
N UNK D 798 102.21 0.26 4.63
CA UNK D 798 100.91 0.15 3.96
C UNK D 798 99.97 1.24 4.41
N UNK D 799 100.48 2.22 5.15
CA UNK D 799 99.69 3.37 5.59
C UNK D 799 98.89 3.98 4.45
N UNK D 800 99.45 3.94 3.24
CA UNK D 800 98.72 4.46 2.09
C UNK D 800 99.34 3.92 0.81
N UNK D 801 98.49 3.44 -0.09
CA UNK D 801 98.87 3.09 -1.45
C UNK D 801 97.62 2.70 -2.21
N UNK D 802 97.65 2.90 -3.52
CA UNK D 802 96.48 2.57 -4.33
C UNK D 802 96.30 1.07 -4.49
N UNK D 803 97.35 0.37 -4.91
CA UNK D 803 97.29 -1.07 -5.14
C UNK D 803 97.58 -1.89 -3.88
N UNK D 804 97.57 -1.25 -2.71
CA UNK D 804 97.77 -1.94 -1.44
C UNK D 804 96.46 -2.41 -0.83
N UNK D 805 95.35 -2.33 -1.56
CA UNK D 805 94.13 -2.94 -1.08
C UNK D 805 94.31 -4.43 -0.88
N UNK D 806 94.79 -5.13 -1.91
CA UNK D 806 95.20 -6.52 -1.74
C UNK D 806 96.32 -6.66 -0.74
N UNK D 807 96.90 -5.56 -0.28
CA UNK D 807 97.76 -5.58 0.89
C UNK D 807 97.04 -5.08 2.14
N UNK D 808 96.18 -4.07 2.00
CA UNK D 808 95.43 -3.55 3.13
C UNK D 808 94.53 -4.60 3.74
N UNK D 809 94.28 -5.68 3.00
CA UNK D 809 93.48 -6.76 3.55
C UNK D 809 94.05 -7.27 4.87
N UNK D 810 95.16 -8.01 4.82
CA UNK D 810 95.63 -8.68 6.02
C UNK D 810 96.05 -7.69 7.09
N UNK D 811 96.26 -6.42 6.70
CA UNK D 811 96.28 -5.38 7.71
C UNK D 811 95.14 -5.59 8.68
N UNK D 812 93.99 -5.97 8.16
CA UNK D 812 93.02 -6.56 9.05
C UNK D 812 93.62 -7.70 9.86
N UNK D 813 94.16 -8.73 9.21
CA UNK D 813 94.49 -9.95 9.95
C UNK D 813 95.39 -9.63 11.13
N UNK D 814 96.63 -9.29 10.87
CA UNK D 814 97.47 -8.60 11.84
C UNK D 814 97.72 -9.45 13.07
N UNK D 815 96.85 -10.42 13.35
CA UNK D 815 97.15 -11.79 13.77
C UNK D 815 98.20 -11.91 14.85
N UNK D 816 99.09 -10.95 14.90
CA UNK D 816 100.21 -11.01 15.81
C UNK D 816 100.02 -10.03 16.89
N UNK D 817 98.98 -9.24 16.71
CA UNK D 817 98.22 -8.83 17.85
C UNK D 817 98.21 -10.05 18.73
N UNK D 818 97.72 -11.16 18.19
CA UNK D 818 97.79 -12.40 18.92
C UNK D 818 99.23 -12.79 19.22
N UNK D 819 100.09 -12.75 18.21
CA UNK D 819 101.47 -13.14 18.42
C UNK D 819 102.21 -11.96 19.02
N UNK D 820 101.46 -11.04 19.63
CA UNK D 820 102.06 -10.04 20.49
C UNK D 820 103.16 -10.67 21.31
N UNK D 821 102.84 -11.77 21.98
CA UNK D 821 103.82 -12.68 22.56
C UNK D 821 104.89 -11.92 23.33
N UNK D 822 104.40 -11.02 24.20
CA UNK D 822 105.25 -10.26 25.11
C UNK D 822 106.27 -9.39 24.37
N UNK D 823 105.90 -8.91 23.18
CA UNK D 823 106.81 -8.03 22.46
C UNK D 823 107.06 -6.75 23.24
N UNK D 824 106.07 -5.88 23.31
CA UNK D 824 106.26 -4.58 23.91
C UNK D 824 104.90 -3.98 24.21
N UNK D 825 104.61 -3.78 25.50
CA UNK D 825 103.21 -3.75 25.86
C UNK D 825 102.54 -2.45 25.44
N UNK D 826 102.88 -1.35 26.09
CA UNK D 826 102.38 -0.08 25.61
C UNK D 826 102.98 0.24 24.26
N UNK D 827 104.15 -0.31 23.97
CA UNK D 827 104.78 -0.03 22.70
C UNK D 827 103.98 -0.62 21.56
N UNK D 828 103.82 -1.94 21.54
CA UNK D 828 102.94 -2.51 20.53
C UNK D 828 101.57 -1.89 20.63
N UNK D 829 101.21 -1.39 21.80
CA UNK D 829 99.91 -0.74 21.92
C UNK D 829 99.84 0.47 21.00
N UNK D 830 100.62 1.50 21.28
CA UNK D 830 100.62 2.64 20.40
C UNK D 830 100.98 2.23 18.98
N UNK D 831 101.76 1.17 18.84
CA UNK D 831 102.10 0.69 17.53
C UNK D 831 100.85 0.35 16.75
N UNK D 832 99.95 -0.37 17.37
CA UNK D 832 98.68 -0.60 16.73
C UNK D 832 97.89 0.69 16.65
N UNK D 833 98.00 1.54 17.66
CA UNK D 833 97.28 2.80 17.61
C UNK D 833 97.52 3.48 16.29
N UNK D 834 98.76 3.45 15.86
CA UNK D 834 99.09 3.74 14.48
C UNK D 834 98.44 2.72 13.57
N UNK D 835 98.86 1.45 13.68
CA UNK D 835 98.59 0.45 12.65
C UNK D 835 97.16 0.54 12.15
N UNK D 836 96.23 0.76 13.05
CA UNK D 836 94.85 1.07 12.72
C UNK D 836 94.73 2.52 12.31
N UNK D 837 95.07 3.44 13.22
CA UNK D 837 95.12 4.85 12.84
C UNK D 837 95.84 5.02 11.51
N UNK D 838 96.81 4.15 11.23
CA UNK D 838 97.44 4.08 9.92
C UNK D 838 96.43 3.89 8.80
N UNK D 839 95.21 3.49 9.14
CA UNK D 839 94.24 3.35 8.07
C UNK D 839 93.34 4.57 8.00
N UNK D 840 92.66 4.68 6.87
CA UNK D 840 91.62 5.67 6.68
C UNK D 840 90.78 5.22 5.48
N UNK D 841 89.50 5.57 5.52
CA UNK D 841 88.54 5.21 4.49
C UNK D 841 88.48 3.70 4.27
N UNK D 842 88.04 3.00 5.32
CA UNK D 842 87.88 1.56 5.25
C UNK D 842 86.95 1.08 6.36
N UNK D 843 86.19 0.04 6.05
CA UNK D 843 85.21 -0.49 6.99
C UNK D 843 85.49 -1.94 7.34
N UNK D 844 85.68 -2.79 6.33
CA UNK D 844 85.88 -4.21 6.59
C UNK D 844 86.92 -4.46 7.66
N UNK D 845 87.99 -3.68 7.68
CA UNK D 845 88.97 -3.79 8.74
C UNK D 845 88.42 -3.43 10.10
N UNK D 846 87.17 -2.98 10.20
CA UNK D 846 86.56 -3.00 11.51
C UNK D 846 86.38 -4.42 11.99
N UNK D 847 86.25 -5.37 11.06
CA UNK D 847 86.33 -6.75 11.48
C UNK D 847 87.65 -7.02 12.18
N UNK D 848 88.73 -6.56 11.57
CA UNK D 848 89.99 -6.55 12.30
C UNK D 848 89.83 -5.85 13.62
N UNK D 849 89.07 -4.77 13.65
CA UNK D 849 89.02 -3.97 14.86
C UNK D 849 88.44 -4.79 15.99
N UNK D 850 87.40 -5.56 15.71
CA UNK D 850 86.83 -6.41 16.75
C UNK D 850 87.77 -7.57 17.05
N UNK D 851 88.40 -8.12 16.02
CA UNK D 851 89.43 -9.12 16.27
C UNK D 851 90.44 -8.59 17.26
N UNK D 852 90.93 -7.40 16.99
CA UNK D 852 91.86 -6.75 17.86
C UNK D 852 91.22 -6.39 19.17
N UNK D 853 89.90 -6.29 19.21
CA UNK D 853 89.28 -6.03 20.49
C UNK D 853 89.37 -7.24 21.38
N UNK D 854 88.95 -8.37 20.85
CA UNK D 854 89.26 -9.64 21.49
C UNK D 854 90.75 -9.72 21.78
N UNK D 855 91.57 -9.12 20.94
CA UNK D 855 92.99 -9.11 21.22
C UNK D 855 93.32 -8.08 22.29
N UNK D 856 92.47 -7.09 22.49
CA UNK D 856 92.68 -6.14 23.54
C UNK D 856 92.39 -6.80 24.85
N UNK D 857 91.53 -7.80 24.78
CA UNK D 857 91.36 -8.73 25.88
C UNK D 857 92.55 -9.65 25.99
N UNK D 858 93.01 -10.19 24.86
CA UNK D 858 94.30 -10.85 24.85
C UNK D 858 95.35 -9.96 25.48
N UNK D 859 95.08 -8.66 25.50
CA UNK D 859 95.85 -7.72 26.30
C UNK D 859 95.15 -7.49 27.65
N UNK D 860 93.91 -7.01 27.61
CA UNK D 860 93.09 -6.76 28.80
C UNK D 860 93.91 -6.06 29.89
N UNK D 861 94.42 -4.89 29.55
CA UNK D 861 95.22 -4.10 30.47
C UNK D 861 94.65 -2.69 30.55
N UNK D 862 94.95 -2.02 31.66
CA UNK D 862 94.76 -0.59 31.66
C UNK D 862 95.64 0.06 30.61
N UNK D 863 96.82 -0.51 30.38
CA UNK D 863 97.57 -0.18 29.18
C UNK D 863 96.75 -0.51 27.95
N UNK D 864 96.25 -1.73 27.88
CA UNK D 864 95.28 -2.02 26.85
C UNK D 864 94.04 -1.16 26.99
N UNK D 865 93.78 -0.60 28.17
CA UNK D 865 92.67 0.35 28.22
C UNK D 865 93.04 1.62 27.47
N UNK D 866 94.31 1.98 27.45
CA UNK D 866 94.71 3.06 26.57
C UNK D 866 94.62 2.62 25.12
N UNK D 867 95.17 1.45 24.82
CA UNK D 867 94.97 0.84 23.51
C UNK D 867 93.51 0.76 23.16
N UNK D 868 92.66 0.73 24.17
CA UNK D 868 91.23 0.63 24.00
C UNK D 868 90.62 1.98 23.77
N UNK D 869 91.19 3.01 24.38
CA UNK D 869 90.89 4.36 23.92
C UNK D 869 91.25 4.47 22.46
N UNK D 870 92.27 3.76 22.02
CA UNK D 870 92.70 3.86 20.63
C UNK D 870 91.73 3.14 19.71
N UNK D 871 91.58 1.85 19.92
CA UNK D 871 90.54 1.14 19.23
C UNK D 871 89.17 1.73 19.57
N UNK D 872 89.11 2.65 20.52
CA UNK D 872 87.85 3.25 20.87
C UNK D 872 87.61 4.50 20.07
N UNK D 873 88.68 5.19 19.72
CA UNK D 873 88.61 6.07 18.58
C UNK D 873 88.11 5.28 17.39
N UNK D 874 88.69 4.11 17.16
CA UNK D 874 88.15 3.21 16.14
C UNK D 874 86.70 2.88 16.43
N UNK D 875 86.32 2.87 17.70
CA UNK D 875 84.96 2.54 18.07
C UNK D 875 84.01 3.65 17.69
N UNK D 876 84.34 4.88 18.03
CA UNK D 876 83.58 6.01 17.54
C UNK D 876 83.59 6.03 16.02
N UNK D 877 84.69 5.56 15.43
CA UNK D 877 84.73 5.42 13.99
C UNK D 877 83.61 4.51 13.53
N UNK D 878 83.49 3.36 14.18
CA UNK D 878 82.34 2.52 13.93
C UNK D 878 81.05 3.23 14.28
N UNK D 879 81.06 4.04 15.32
CA UNK D 879 79.87 4.75 15.73
C UNK D 879 79.37 5.58 14.57
N UNK D 880 80.29 6.11 13.79
CA UNK D 880 79.92 6.70 12.52
C UNK D 880 79.56 5.62 11.51
N UNK D 881 80.44 4.63 11.35
CA UNK D 881 80.32 3.63 10.29
C UNK D 881 78.94 3.02 10.24
N UNK D 882 78.30 2.92 11.39
CA UNK D 882 76.90 2.52 11.45
C UNK D 882 76.01 3.72 11.66
N UNK D 883 76.52 4.77 12.29
CA UNK D 883 75.77 5.99 12.47
C UNK D 883 75.44 6.54 11.11
N UNK D 884 76.48 6.73 10.30
CA UNK D 884 76.29 7.09 8.90
C UNK D 884 76.33 5.79 8.11
N UNK D 885 75.18 5.41 7.58
CA UNK D 885 75.04 4.32 6.63
C UNK D 885 73.58 4.22 6.23
N UNK D 886 73.33 3.62 5.07
CA UNK D 886 71.98 3.22 4.71
C UNK D 886 71.85 1.71 4.60
N UNK D 887 72.97 1.00 4.53
CA UNK D 887 72.99 -0.45 4.37
C UNK D 887 74.02 -1.09 5.30
N UNK D 888 74.00 -0.69 6.57
CA UNK D 888 75.01 -1.18 7.52
C UNK D 888 74.66 -2.54 8.09
N UNK D 889 73.76 -3.26 7.44
CA UNK D 889 73.29 -4.54 7.97
C UNK D 889 74.47 -5.47 8.20
N UNK D 890 75.14 -5.88 7.12
CA UNK D 890 76.36 -6.66 7.29
C UNK D 890 77.38 -5.88 8.08
N UNK D 891 77.50 -4.59 7.80
CA UNK D 891 78.56 -3.80 8.42
C UNK D 891 78.32 -3.63 9.91
N UNK D 892 77.22 -2.96 10.27
CA UNK D 892 76.94 -2.82 11.69
C UNK D 892 76.82 -4.18 12.34
N UNK D 893 76.44 -5.21 11.59
CA UNK D 893 76.51 -6.55 12.11
C UNK D 893 77.90 -6.83 12.63
N UNK D 894 78.88 -6.83 11.73
CA UNK D 894 80.25 -7.01 12.15
C UNK D 894 80.63 -6.04 13.26
N UNK D 895 79.99 -4.89 13.30
CA UNK D 895 80.41 -3.87 14.21
C UNK D 895 79.99 -4.24 15.62
N UNK D 896 78.68 -4.30 15.82
CA UNK D 896 78.13 -4.57 17.12
C UNK D 896 78.79 -5.76 17.77
N UNK D 897 79.34 -6.66 16.97
CA UNK D 897 80.21 -7.71 17.46
C UNK D 897 81.26 -7.11 18.38
N UNK D 898 81.99 -6.13 17.87
CA UNK D 898 82.95 -5.44 18.70
C UNK D 898 82.27 -4.90 19.94
N UNK D 899 81.31 -3.99 19.75
CA UNK D 899 80.59 -3.40 20.87
C UNK D 899 80.32 -4.42 21.94
N UNK D 900 79.86 -5.58 21.53
CA UNK D 900 79.71 -6.69 22.46
C UNK D 900 81.03 -6.99 23.13
N UNK D 901 82.01 -7.43 22.35
CA UNK D 901 83.27 -7.87 22.92
C UNK D 901 83.81 -6.83 23.89
N UNK D 902 83.72 -5.58 23.49
CA UNK D 902 83.98 -4.46 24.35
C UNK D 902 83.31 -4.69 25.68
N UNK D 903 81.99 -4.79 25.68
CA UNK D 903 81.31 -5.01 26.95
C UNK D 903 81.88 -6.23 27.64
N UNK D 904 82.13 -7.28 26.86
CA UNK D 904 82.67 -8.53 27.33
C UNK D 904 83.98 -8.36 28.03
N UNK D 905 84.59 -7.19 27.91
CA UNK D 905 85.66 -6.87 28.83
C UNK D 905 85.22 -7.27 30.23
N UNK D 906 84.12 -6.69 30.69
CA UNK D 906 83.59 -7.00 32.00
C UNK D 906 84.65 -6.85 33.08
N UNK D 907 90.68 -1.95 38.06
CA UNK D 907 90.52 -1.69 36.63
C UNK D 907 89.05 -1.73 36.28
N UNK D 908 88.27 -2.26 37.20
CA UNK D 908 86.83 -2.12 37.11
C UNK D 908 86.48 -0.68 36.74
N UNK D 909 86.95 0.27 37.52
CA UNK D 909 86.72 1.65 37.15
C UNK D 909 87.52 2.06 35.92
N UNK D 910 88.64 1.39 35.66
CA UNK D 910 89.33 1.66 34.41
C UNK D 910 88.40 1.35 33.25
N UNK D 911 87.71 0.22 33.33
CA UNK D 911 86.54 0.11 32.51
C UNK D 911 85.70 1.36 32.66
N UNK D 912 85.23 1.67 33.88
CA UNK D 912 84.24 2.74 34.03
C UNK D 912 84.54 3.91 33.14
N UNK D 913 85.78 4.32 33.09
CA UNK D 913 86.17 5.28 32.08
C UNK D 913 85.97 4.72 30.69
N UNK D 914 86.72 3.68 30.34
CA UNK D 914 86.65 3.11 29.00
C UNK D 914 85.22 2.93 28.53
N UNK D 915 84.37 2.50 29.44
CA UNK D 915 82.94 2.50 29.27
C UNK D 915 82.45 3.89 28.93
N UNK D 916 82.56 4.83 29.87
CA UNK D 916 82.09 6.18 29.64
C UNK D 916 82.44 6.62 28.24
N UNK D 917 83.62 6.22 27.78
CA UNK D 917 83.97 6.39 26.40
C UNK D 917 82.93 5.67 25.55
N UNK D 918 82.91 4.34 25.61
CA UNK D 918 82.08 3.58 24.69
C UNK D 918 80.66 4.11 24.65
N UNK D 919 80.20 4.61 25.77
CA UNK D 919 78.85 5.13 25.88
C UNK D 919 78.75 6.48 25.20
N UNK D 920 79.48 7.46 25.73
CA UNK D 920 79.50 8.78 25.12
C UNK D 920 79.68 8.67 23.62
N UNK D 921 80.50 7.74 23.19
CA UNK D 921 80.56 7.38 21.80
C UNK D 921 79.20 6.95 21.34
N UNK D 922 78.68 5.83 21.84
CA UNK D 922 77.42 5.35 21.31
C UNK D 922 76.45 5.14 22.45
N UNK D 923 75.83 6.21 22.91
CA UNK D 923 74.59 6.02 23.60
C UNK D 923 73.46 6.50 22.71
N UNK D 924 73.43 7.80 22.43
CA UNK D 924 72.45 8.32 21.50
C UNK D 924 72.68 7.71 20.14
N UNK D 925 73.92 7.35 19.85
CA UNK D 925 74.20 6.53 18.68
C UNK D 925 73.62 5.14 18.86
N UNK D 926 73.94 4.52 19.98
CA UNK D 926 73.29 3.26 20.27
C UNK D 926 71.80 3.39 20.08
N UNK D 927 71.19 4.37 20.74
CA UNK D 927 69.76 4.51 20.65
C UNK D 927 69.31 4.74 19.23
N UNK D 928 70.07 5.49 18.46
CA UNK D 928 69.64 5.73 17.09
C UNK D 928 69.65 4.44 16.32
N UNK D 929 70.74 3.70 16.42
CA UNK D 929 70.73 2.34 15.93
C UNK D 929 69.47 1.62 16.37
N UNK D 930 69.06 1.85 17.60
CA UNK D 930 67.85 1.21 18.07
C UNK D 930 66.65 1.69 17.30
N UNK D 931 66.65 2.95 16.89
CA UNK D 931 65.55 3.43 16.08
C UNK D 931 65.45 2.62 14.80
N UNK D 932 66.57 2.12 14.31
CA UNK D 932 66.51 1.17 13.21
C UNK D 932 65.72 -0.05 13.65
N UNK D 933 65.23 -0.79 12.67
CA UNK D 933 64.33 -1.89 12.98
C UNK D 933 64.48 -3.00 11.95
N UNK D 934 63.68 -4.05 12.13
CA UNK D 934 63.66 -5.20 11.24
C UNK D 934 62.44 -6.04 11.53
N UNK D 935 66.60 -8.05 13.10
CA UNK D 935 67.89 -8.61 12.71
C UNK D 935 68.86 -8.47 13.86
N UNK D 936 70.05 -7.96 13.56
CA UNK D 936 71.01 -7.73 14.63
C UNK D 936 70.45 -6.80 15.69
N UNK D 937 69.28 -6.21 15.43
CA UNK D 937 68.52 -5.61 16.52
C UNK D 937 68.47 -6.56 17.69
N UNK D 938 68.46 -7.85 17.40
CA UNK D 938 68.80 -8.79 18.45
C UNK D 938 70.08 -8.33 19.10
N UNK D 939 71.17 -8.39 18.33
CA UNK D 939 72.47 -8.06 18.89
C UNK D 939 72.51 -6.60 19.31
N UNK D 940 71.85 -5.73 18.56
CA UNK D 940 71.86 -4.34 18.93
C UNK D 940 71.25 -4.16 20.31
N UNK D 941 69.95 -4.44 20.41
CA UNK D 941 69.28 -4.48 21.69
C UNK D 941 70.19 -5.05 22.75
N UNK D 942 70.89 -6.12 22.43
CA UNK D 942 71.79 -6.71 23.39
C UNK D 942 72.82 -5.72 23.86
N UNK D 943 73.50 -5.10 22.92
CA UNK D 943 74.43 -4.07 23.29
C UNK D 943 73.74 -3.08 24.19
N UNK D 944 72.71 -2.42 23.64
CA UNK D 944 71.97 -1.41 24.38
C UNK D 944 71.79 -1.82 25.81
N UNK D 945 71.37 -3.05 26.01
CA UNK D 945 71.21 -3.54 27.34
C UNK D 945 72.54 -3.49 28.05
N UNK D 946 73.44 -4.38 27.67
CA UNK D 946 74.64 -4.60 28.47
C UNK D 946 75.31 -3.28 28.77
N UNK D 947 75.37 -2.44 27.75
CA UNK D 947 75.78 -1.07 27.91
C UNK D 947 75.07 -0.48 29.11
N UNK D 948 73.76 -0.40 29.04
CA UNK D 948 73.11 0.22 30.17
C UNK D 948 73.37 -0.55 31.45
N UNK D 949 73.45 -1.87 31.36
CA UNK D 949 73.83 -2.70 32.48
C UNK D 949 75.19 -2.29 33.01
N UNK D 950 75.92 -1.54 32.21
CA UNK D 950 77.25 -1.14 32.64
C UNK D 950 77.22 0.32 33.08
N UNK D 951 77.67 0.55 34.30
CA UNK D 951 78.25 1.82 34.73
C UNK D 951 77.28 2.98 34.60
N UNK D 952 76.00 2.67 34.70
CA UNK D 952 75.01 3.73 34.75
C UNK D 952 75.32 4.72 35.87
N UNK D 953 76.02 4.28 36.92
CA UNK D 953 76.59 5.26 37.82
C UNK D 953 77.42 6.25 37.03
N UNK D 954 78.51 5.75 36.45
CA UNK D 954 79.26 6.54 35.49
C UNK D 954 78.34 6.96 34.35
N UNK D 955 77.92 6.00 33.53
CA UNK D 955 77.28 6.32 32.26
C UNK D 955 76.15 7.32 32.45
N UNK D 956 75.63 7.41 33.67
CA UNK D 956 74.48 8.25 33.94
C UNK D 956 74.93 9.62 34.39
N UNK D 957 75.75 9.69 35.44
CA UNK D 957 76.34 10.98 35.77
C UNK D 957 76.89 11.62 34.52
N UNK D 958 77.44 10.81 33.63
CA UNK D 958 78.06 11.33 32.42
C UNK D 958 77.02 11.75 31.39
N UNK D 959 76.22 10.80 30.89
CA UNK D 959 75.36 11.12 29.76
C UNK D 959 74.48 12.32 30.08
N UNK D 960 74.33 12.61 31.37
CA UNK D 960 73.85 13.91 31.80
C UNK D 960 74.58 15.01 31.05
N UNK D 961 73.80 15.86 30.37
CA UNK D 961 74.36 16.96 29.60
C UNK D 961 75.42 16.43 28.64
N SER D 962 73.82 21.03 29.92
CA SER D 962 73.77 22.01 28.85
C SER D 962 72.48 21.87 28.07
N SER D 963 72.25 20.67 27.57
CA SER D 963 71.06 20.34 26.84
C SER D 963 69.96 20.01 27.82
N GLU D 964 68.74 20.48 27.53
CA GLU D 964 67.58 19.83 28.14
C GLU D 964 67.71 18.33 28.04
N LEU D 965 68.13 17.82 26.89
CA LEU D 965 68.44 16.42 26.64
C LEU D 965 67.26 15.53 27.01
N VAL D 966 66.08 16.11 27.21
CA VAL D 966 64.95 15.30 27.59
C VAL D 966 64.37 14.64 26.36
N ASP D 967 64.52 15.28 25.22
CA ASP D 967 64.02 14.70 23.99
C ASP D 967 64.61 13.32 23.78
N PHE D 968 65.94 13.23 23.77
CA PHE D 968 66.64 11.95 23.86
C PHE D 968 65.95 11.01 24.82
N LEU D 969 65.56 11.52 25.97
CA LEU D 969 64.98 10.64 26.95
C LEU D 969 63.69 10.05 26.43
N MET D 970 62.80 10.91 25.94
CA MET D 970 61.57 10.45 25.32
C MET D 970 61.87 9.44 24.24
N GLU D 971 62.91 9.71 23.45
CA GLU D 971 63.37 8.72 22.49
C GLU D 971 63.54 7.37 23.15
N THR D 972 64.42 7.32 24.15
CA THR D 972 64.70 6.07 24.84
C THR D 972 63.42 5.39 25.21
N PHE D 973 62.50 6.14 25.76
CA PHE D 973 61.34 5.51 26.34
C PHE D 973 60.42 5.01 25.28
N ILE D 974 60.35 5.72 24.17
CA ILE D 974 59.60 5.21 23.06
C ILE D 974 60.20 3.91 22.59
N MET D 975 61.52 3.85 22.51
CA MET D 975 62.15 2.59 22.16
C MET D 975 61.82 1.50 23.15
N PHE D 976 61.83 1.84 24.42
CA PHE D 976 61.49 0.84 25.40
C PHE D 976 60.09 0.31 25.20
N LYS D 977 59.13 1.20 25.02
CA LYS D 977 57.77 0.73 24.83
C LYS D 977 57.74 -0.19 23.63
N ASP D 978 58.47 0.16 22.59
CA ASP D 978 58.60 -0.76 21.46
C ASP D 978 59.08 -2.11 21.94
N LEU D 979 60.12 -2.11 22.74
CA LEU D 979 60.84 -3.34 22.97
C LEU D 979 60.10 -4.23 23.92
N ILE D 980 59.87 -3.76 25.14
CA ILE D 980 58.95 -4.45 26.01
C ILE D 980 57.66 -4.76 25.27
N GLY D 981 57.34 -4.01 24.23
CA GLY D 981 56.19 -4.30 23.41
C GLY D 981 56.28 -5.67 22.80
N LYS D 982 57.49 -6.12 22.53
CA LYS D 982 57.69 -7.44 21.96
C LYS D 982 59.08 -7.90 22.38
N ASN D 983 59.16 -9.02 23.08
CA ASN D 983 60.49 -9.54 23.30
C ASN D 983 61.13 -9.69 21.95
N VAL D 984 62.08 -8.83 21.69
CA VAL D 984 62.87 -9.00 20.49
C VAL D 984 63.45 -10.39 20.46
N TYR D 985 63.75 -10.94 21.62
CA TYR D 985 64.33 -12.26 21.68
C TYR D 985 63.27 -13.30 21.37
N PRO D 986 63.65 -14.49 20.92
CA PRO D 986 62.70 -15.59 20.89
C PRO D 986 62.36 -15.97 22.33
N GLY D 987 61.16 -16.45 22.52
CA GLY D 987 60.78 -16.91 23.83
C GLY D 987 61.75 -17.93 24.39
N ASP D 988 61.53 -18.29 25.65
CA ASP D 988 62.34 -19.18 26.47
C ASP D 988 63.52 -18.45 27.06
N TRP D 989 63.78 -17.23 26.65
CA TRP D 989 65.03 -16.68 27.12
C TRP D 989 64.69 -15.92 28.35
N MET D 990 63.89 -16.56 29.20
CA MET D 990 63.59 -15.99 30.49
C MET D 990 64.85 -15.50 31.14
N ALA D 991 65.93 -16.24 31.01
CA ALA D 991 67.21 -15.68 31.41
C ALA D 991 67.38 -14.31 30.78
N MET D 992 67.45 -14.27 29.47
CA MET D 992 67.56 -12.98 28.86
C MET D 992 66.33 -12.16 29.15
N SER D 993 65.21 -12.54 28.54
CA SER D 993 64.01 -11.73 28.61
C SER D 993 63.87 -11.08 29.95
N MET D 994 64.06 -11.86 31.00
CA MET D 994 64.11 -11.28 32.31
C MET D 994 65.21 -10.24 32.41
N VAL D 995 66.46 -10.62 32.21
CA VAL D 995 67.50 -9.64 32.53
C VAL D 995 67.35 -8.41 31.69
N GLN D 996 66.82 -8.57 30.49
CA GLN D 996 66.29 -7.44 29.81
C GLN D 996 65.49 -6.63 30.78
N ASN D 997 64.47 -7.24 31.36
CA ASN D 997 63.59 -6.46 32.21
C ASN D 997 64.34 -5.84 33.37
N ARG D 998 65.29 -6.59 33.93
CA ARG D 998 66.21 -6.00 34.88
C ARG D 998 66.73 -4.69 34.39
N VAL D 999 67.50 -4.75 33.35
CA VAL D 999 68.31 -3.61 33.02
C VAL D 999 67.42 -2.50 32.55
N PHE D 1000 66.32 -2.84 31.96
CA PHE D 1000 65.41 -1.81 31.64
C PHE D 1000 65.00 -1.10 32.90
N LEU D 1001 64.72 -1.87 33.94
CA LEU D 1001 64.42 -1.29 35.24
C LEU D 1001 65.53 -0.38 35.70
N ARG D 1002 66.73 -0.93 35.78
CA ARG D 1002 67.94 -0.14 35.95
C ARG D 1002 67.76 1.22 35.31
N ALA D 1003 67.52 1.20 34.01
CA ALA D 1003 67.41 2.41 33.23
C ALA D 1003 66.37 3.31 33.82
N ILE D 1004 65.17 2.79 33.92
CA ILE D 1004 64.05 3.60 34.36
C ILE D 1004 64.43 4.31 35.63
N ASN D 1005 64.79 3.54 36.64
CA ASN D 1005 65.16 4.07 37.93
C ASN D 1005 66.11 5.24 37.79
N LYS D 1006 67.19 5.05 37.04
CA LYS D 1006 68.10 6.17 36.81
C LYS D 1006 67.31 7.36 36.31
N PHE D 1007 66.46 7.11 35.34
CA PHE D 1007 65.87 8.20 34.60
C PHE D 1007 64.83 8.92 35.42
N ALA D 1008 64.04 8.15 36.13
CA ALA D 1008 63.23 8.73 37.17
C ALA D 1008 64.06 9.68 38.01
N GLU D 1009 65.08 9.15 38.69
CA GLU D 1009 65.90 9.97 39.58
C GLU D 1009 66.21 11.31 38.94
N THR D 1010 66.77 11.24 37.75
CA THR D 1010 67.09 12.45 37.03
C THR D 1010 65.90 13.37 36.95
N MET D 1011 64.89 12.94 36.20
CA MET D 1011 63.78 13.83 35.90
C MET D 1011 63.23 14.41 37.17
N ASN D 1012 63.37 13.66 38.26
CA ASN D 1012 63.03 14.21 39.56
C ASN D 1012 63.85 15.45 39.82
N GLN D 1013 65.17 15.31 39.88
CA GLN D 1013 65.87 16.48 40.34
C GLN D 1013 65.74 17.53 39.25
N LYS D 1014 65.54 17.11 38.00
CA LYS D 1014 65.48 18.11 36.95
C LYS D 1014 64.05 18.38 36.51
N PHE D 1015 63.37 17.37 35.98
CA PHE D 1015 62.22 17.65 35.14
C PHE D 1015 61.04 18.15 35.95
N LEU D 1016 61.03 17.84 37.24
CA LEU D 1016 59.93 18.22 38.09
C LEU D 1016 60.03 19.69 38.46
N GLU D 1017 59.22 20.09 39.42
CA GLU D 1017 59.26 21.42 40.03
C GLU D 1017 59.02 22.52 39.02
N HIS D 1018 58.03 22.37 38.14
CA HIS D 1018 57.68 23.19 37.00
C HIS D 1018 58.90 23.38 36.15
N THR D 1019 60.04 22.81 36.52
CA THR D 1019 61.28 23.22 35.90
C THR D 1019 61.26 22.80 34.44
N ASN D 1020 61.26 21.49 34.20
CA ASN D 1020 60.73 20.95 32.97
C ASN D 1020 59.24 20.70 33.10
N PHE D 1021 58.69 21.03 34.26
CA PHE D 1021 57.33 20.77 34.65
C PHE D 1021 57.09 19.26 34.59
N GLU D 1022 58.12 18.47 34.30
CA GLU D 1022 58.03 17.02 34.28
C GLU D 1022 56.84 16.54 33.49
N PHE D 1023 56.77 16.93 32.23
CA PHE D 1023 55.42 16.93 31.69
C PHE D 1023 55.09 15.81 30.75
N GLN D 1024 55.75 15.81 29.61
CA GLN D 1024 55.15 15.03 28.55
C GLN D 1024 55.91 13.74 28.47
N LEU D 1025 57.23 13.86 28.57
CA LEU D 1025 57.97 12.70 28.94
C LEU D 1025 57.27 11.96 30.06
N TRP D 1026 57.14 12.60 31.21
CA TRP D 1026 56.55 11.95 32.36
C TRP D 1026 55.32 11.17 32.01
N ASN D 1027 54.41 11.82 31.29
CA ASN D 1027 53.28 11.12 30.72
C ASN D 1027 53.71 9.82 30.09
N ASN D 1028 54.60 9.91 29.10
CA ASN D 1028 55.07 8.70 28.43
C ASN D 1028 55.71 7.74 29.40
N TYR D 1029 56.53 8.25 30.29
CA TYR D 1029 57.17 7.42 31.30
C TYR D 1029 56.17 6.54 31.97
N PHE D 1030 55.07 7.13 32.36
CA PHE D 1030 54.04 6.38 33.03
C PHE D 1030 53.55 5.31 32.10
N HIS D 1031 53.35 5.72 30.85
CA HIS D 1031 52.80 4.81 29.87
C HIS D 1031 53.69 3.59 29.77
N LEU D 1032 54.98 3.81 29.82
CA LEU D 1032 55.89 2.68 29.74
C LEU D 1032 55.93 1.92 31.05
N ALA D 1033 56.12 2.61 32.17
CA ALA D 1033 56.06 1.94 33.45
C ALA D 1033 55.00 0.87 33.43
N VAL D 1034 53.81 1.21 32.97
CA VAL D 1034 52.82 0.17 32.82
C VAL D 1034 53.27 -0.83 31.79
N ALA D 1035 53.60 -0.36 30.58
CA ALA D 1035 53.86 -1.28 29.47
C ALA D 1035 54.83 -2.37 29.88
N PHE D 1036 55.89 -1.98 30.58
CA PHE D 1036 56.66 -2.91 31.37
C PHE D 1036 55.75 -3.82 32.15
N ILE D 1037 55.06 -3.25 33.14
CA ILE D 1037 54.55 -4.08 34.20
C ILE D 1037 53.46 -4.99 33.68
N THR D 1038 53.09 -4.80 32.43
CA THR D 1038 52.34 -5.84 31.74
C THR D 1038 53.20 -7.06 31.56
N GLN D 1039 54.46 -6.88 31.38
CA GLN D 1039 55.20 -7.93 30.77
C GLN D 1039 56.57 -8.16 31.41
N ASP D 1040 56.60 -8.45 32.70
CA ASP D 1040 57.79 -9.08 33.29
C ASP D 1040 57.89 -10.52 32.78
N SER D 1041 57.85 -10.61 31.45
CA SER D 1041 57.50 -11.81 30.69
C SER D 1041 56.07 -12.20 30.99
N LEU D 1042 55.61 -11.70 32.12
CA LEU D 1042 54.40 -12.01 32.82
C LEU D 1042 54.53 -11.21 34.08
N GLN D 1043 53.46 -10.94 34.80
CA GLN D 1043 53.72 -10.67 36.19
C GLN D 1043 53.79 -12.04 36.82
N LEU D 1044 53.52 -12.11 38.10
CA LEU D 1044 53.44 -13.36 38.81
C LEU D 1044 52.32 -14.20 38.18
N GLU D 1045 52.06 -15.36 38.76
CA GLU D 1045 50.88 -16.16 38.46
C GLU D 1045 51.07 -16.98 37.20
N GLN D 1046 52.28 -17.33 36.87
CA GLN D 1046 52.54 -18.46 36.00
C GLN D 1046 53.61 -19.23 36.73
N PHE D 1047 53.90 -20.45 36.27
CA PHE D 1047 55.11 -21.12 36.74
C PHE D 1047 55.09 -21.38 38.23
N SER D 1048 53.92 -21.71 38.76
CA SER D 1048 53.46 -21.31 40.08
C SER D 1048 54.49 -21.49 41.17
N HIS D 1049 54.71 -22.75 41.52
CA HIS D 1049 55.86 -23.17 42.26
C HIS D 1049 56.79 -23.87 41.29
N ALA D 1050 56.26 -24.24 40.12
CA ALA D 1050 57.07 -24.83 39.08
C ALA D 1050 58.28 -23.95 38.79
N LYS D 1051 58.04 -22.75 38.32
CA LYS D 1051 59.17 -21.99 37.83
C LYS D 1051 59.35 -20.68 38.56
N TYR D 1052 58.24 -20.03 38.88
CA TYR D 1052 58.25 -18.84 39.70
C TYR D 1052 59.30 -18.90 40.79
N ASN D 1053 59.34 -20.01 41.49
CA ASN D 1053 60.22 -20.16 42.62
C ASN D 1053 61.61 -19.61 42.33
N LYS D 1054 62.33 -20.21 41.38
CA LYS D 1054 63.68 -19.72 41.17
C LYS D 1054 63.61 -18.30 40.72
N ILE D 1055 62.54 -17.97 40.01
CA ILE D 1055 62.47 -16.69 39.37
C ILE D 1055 62.55 -15.61 40.43
N LEU D 1056 61.51 -15.54 41.24
CA LEU D 1056 61.52 -14.71 42.42
C LEU D 1056 62.86 -14.76 43.09
N ASN D 1057 63.42 -15.97 43.23
CA ASN D 1057 64.70 -16.07 43.91
C ASN D 1057 65.73 -15.18 43.26
N LYS D 1058 66.07 -15.47 42.02
CA LYS D 1058 67.02 -14.64 41.31
C LYS D 1058 66.38 -13.36 40.80
N TYR D 1059 65.04 -13.30 40.78
CA TYR D 1059 64.36 -12.02 40.64
C TYR D 1059 62.87 -12.14 40.94
N GLY D 1060 62.38 -11.32 41.85
CA GLY D 1060 60.96 -11.07 41.99
C GLY D 1060 60.71 -9.62 42.38
N ASP D 1061 59.44 -9.26 42.52
CA ASP D 1061 59.04 -8.01 43.17
C ASP D 1061 59.31 -6.79 42.30
N MET D 1062 59.50 -7.01 41.02
CA MET D 1062 59.55 -5.91 40.08
C MET D 1062 58.36 -4.98 40.29
N ARG D 1063 57.17 -5.55 40.39
CA ARG D 1063 55.99 -4.73 40.55
C ARG D 1063 56.24 -3.70 41.64
N ARG D 1064 56.73 -4.14 42.79
CA ARG D 1064 56.76 -3.27 43.96
C ARG D 1064 57.39 -1.94 43.60
N LEU D 1065 58.68 -1.97 43.38
CA LEU D 1065 59.41 -0.77 43.07
C LEU D 1065 58.81 -0.07 41.87
N ILE D 1066 58.14 -0.81 41.00
CA ILE D 1066 57.48 -0.10 39.92
C ILE D 1066 56.46 0.87 40.47
N GLY D 1067 55.49 0.35 41.20
CA GLY D 1067 54.53 1.23 41.83
C GLY D 1067 55.21 2.27 42.67
N PHE D 1068 56.34 1.91 43.27
CA PHE D 1068 56.98 2.84 44.17
C PHE D 1068 57.55 4.01 43.41
N SER D 1069 58.05 3.74 42.23
CA SER D 1069 58.26 4.81 41.28
C SER D 1069 57.00 5.62 41.17
N ILE D 1070 55.89 4.93 40.98
CA ILE D 1070 54.64 5.67 40.91
C ILE D 1070 54.37 6.39 42.22
N ARG D 1071 55.06 6.04 43.30
CA ARG D 1071 54.91 6.82 44.52
C ARG D 1071 55.72 8.09 44.41
N ASP D 1072 56.86 7.97 43.74
CA ASP D 1072 57.63 9.15 43.40
C ASP D 1072 56.79 10.08 42.54
N MET D 1073 56.27 9.54 41.44
CA MET D 1073 55.12 10.11 40.78
C MET D 1073 54.19 10.75 41.75
N TRP D 1074 53.77 9.99 42.74
CA TRP D 1074 52.70 10.40 43.60
C TRP D 1074 53.03 11.69 44.32
N TYR D 1075 54.24 11.81 44.84
CA TYR D 1075 54.51 13.11 45.43
C TYR D 1075 54.61 14.14 44.33
N LYS D 1076 54.97 13.71 43.15
CA LYS D 1076 55.23 14.69 42.10
C LYS D 1076 53.98 15.41 41.63
N LEU D 1077 52.82 15.13 42.23
CA LEU D 1077 51.60 15.59 41.61
C LEU D 1077 51.25 17.00 42.04
N GLY D 1078 52.07 17.94 41.61
CA GLY D 1078 51.75 19.34 41.82
C GLY D 1078 50.69 19.66 40.80
N GLN D 1079 50.90 19.19 39.59
CA GLN D 1079 49.88 19.17 38.58
C GLN D 1079 49.96 17.81 37.87
N ASN D 1080 49.11 16.90 38.31
CA ASN D 1080 48.89 15.67 37.57
C ASN D 1080 47.57 15.74 36.84
N LYS D 1081 46.74 16.68 37.26
CA LYS D 1081 45.54 17.16 36.60
C LYS D 1081 45.68 16.90 35.13
N ILE D 1082 46.81 17.38 34.65
CA ILE D 1082 47.26 17.10 33.30
C ILE D 1082 47.30 15.61 33.03
N CYS D 1083 48.15 14.89 33.76
CA CYS D 1083 48.40 13.51 33.43
C CYS D 1083 47.19 12.65 33.70
N PHE D 1084 46.08 13.26 34.08
CA PHE D 1084 45.12 12.54 34.87
C PHE D 1084 44.40 11.49 34.06
N ILE D 1085 43.62 11.94 33.11
CA ILE D 1085 42.59 11.09 32.51
C ILE D 1085 43.20 9.79 32.05
N PRO D 1086 44.13 9.78 31.12
CA PRO D 1086 44.73 8.51 30.74
C PRO D 1086 45.66 8.01 31.84
N GLY D 1087 46.35 8.95 32.48
CA GLY D 1087 47.35 8.58 33.44
C GLY D 1087 46.81 7.84 34.63
N MET D 1088 45.53 7.49 34.61
CA MET D 1088 45.04 6.46 35.52
C MET D 1088 44.84 5.13 34.82
N VAL D 1089 44.62 5.16 33.50
CA VAL D 1089 44.43 3.92 32.77
C VAL D 1089 45.51 2.92 33.11
N GLY D 1090 46.75 3.31 32.95
CA GLY D 1090 47.80 2.53 33.51
C GLY D 1090 47.53 2.17 34.96
N PRO D 1091 47.59 3.17 35.84
CA PRO D 1091 47.41 2.88 37.27
C PRO D 1091 46.24 1.99 37.52
N ILE D 1092 45.18 2.15 36.75
CA ILE D 1092 44.18 1.10 36.74
C ILE D 1092 44.84 -0.22 36.47
N LEU D 1093 45.58 -0.28 35.37
CA LEU D 1093 45.94 -1.59 34.86
C LEU D 1093 46.89 -2.30 35.80
N GLU D 1094 48.03 -1.66 36.08
CA GLU D 1094 48.88 -2.10 37.18
C GLU D 1094 48.05 -2.39 38.42
N MET D 1095 47.01 -1.60 38.63
CA MET D 1095 46.23 -1.77 39.83
C MET D 1095 45.36 -2.99 39.75
N THR D 1096 45.69 -3.90 38.86
CA THR D 1096 45.12 -5.23 38.83
C THR D 1096 46.22 -6.27 39.03
N LEU D 1097 45.79 -7.52 39.20
CA LEU D 1097 46.55 -8.74 38.97
C LEU D 1097 47.48 -9.28 40.03
N ILE D 1098 47.70 -8.53 41.09
CA ILE D 1098 48.41 -9.13 42.21
C ILE D 1098 48.16 -8.30 43.44
N PRO D 1099 47.44 -8.82 44.41
CA PRO D 1099 47.02 -8.00 45.53
C PRO D 1099 48.15 -7.15 46.09
N GLU D 1100 49.35 -7.74 46.09
CA GLU D 1100 50.53 -6.99 46.41
C GLU D 1100 50.51 -5.65 45.73
N ALA D 1101 50.27 -5.63 44.43
CA ALA D 1101 50.39 -4.37 43.73
C ALA D 1101 49.34 -3.38 44.21
N GLU D 1102 48.08 -3.65 43.95
CA GLU D 1102 47.05 -2.72 44.38
C GLU D 1102 47.13 -2.47 45.86
N LEU D 1103 47.76 -3.37 46.61
CA LEU D 1103 48.00 -3.09 48.02
C LEU D 1103 48.61 -1.71 48.09
N ARG D 1104 49.30 -1.31 47.05
CA ARG D 1104 49.50 0.08 46.76
C ARG D 1104 48.46 0.48 45.71
N LYS D 1105 47.40 1.12 46.16
CA LYS D 1105 46.55 1.88 45.25
C LYS D 1105 46.35 3.27 45.82
N ALA D 1106 47.14 3.67 46.80
CA ALA D 1106 46.93 4.91 47.53
C ALA D 1106 47.11 6.15 46.69
N THR D 1107 47.45 6.04 45.42
CA THR D 1107 47.48 7.25 44.62
C THR D 1107 46.10 7.56 44.12
N ILE D 1108 45.52 6.58 43.44
CA ILE D 1108 44.17 6.72 42.90
C ILE D 1108 43.31 7.61 43.79
N PRO D 1109 43.20 7.35 45.09
CA PRO D 1109 42.54 8.32 45.96
C PRO D 1109 43.04 9.71 45.78
N ILE D 1110 44.34 9.92 45.88
CA ILE D 1110 44.84 11.28 45.90
C ILE D 1110 44.57 11.94 44.56
N PHE D 1111 44.70 11.16 43.50
CA PHE D 1111 44.16 11.56 42.21
C PHE D 1111 42.71 12.01 42.39
N PHE D 1112 41.91 11.25 43.11
CA PHE D 1112 40.52 11.65 43.29
C PHE D 1112 40.44 12.94 44.08
N ASP D 1113 41.26 13.05 45.11
CA ASP D 1113 41.17 14.18 46.02
C ASP D 1113 41.51 15.44 45.27
N MET D 1114 42.71 15.49 44.72
CA MET D 1114 43.06 16.51 43.75
C MET D 1114 41.89 16.79 42.83
N MET D 1115 41.29 15.75 42.27
CA MET D 1115 40.16 15.98 41.39
C MET D 1115 39.12 16.83 42.11
N LEU D 1116 38.71 16.43 43.31
CA LEU D 1116 37.75 17.23 44.04
C LEU D 1116 38.28 18.64 44.26
N CYS D 1117 39.60 18.78 44.36
CA CYS D 1117 40.19 20.09 44.48
C CYS D 1117 40.21 20.74 43.11
N ASP D 1124 36.31 21.04 40.50
CA ASP D 1124 35.89 19.75 41.04
C ASP D 1124 36.48 18.59 40.23
N PHE D 1125 35.77 17.46 40.19
CA PHE D 1125 36.43 16.16 40.36
C PHE D 1125 36.15 15.15 39.26
N LYS D 1126 34.91 15.09 38.76
CA LYS D 1126 34.36 13.88 38.15
C LYS D 1126 35.21 13.28 37.07
N LYS D 1127 36.07 14.10 36.48
CA LYS D 1127 37.03 13.58 35.51
C LYS D 1127 37.57 12.25 36.00
N PHE D 1128 38.06 12.23 37.24
CA PHE D 1128 38.45 10.99 37.88
C PHE D 1128 37.42 9.93 37.60
N GLU D 1129 36.25 10.07 38.21
CA GLU D 1129 35.13 9.23 37.87
C GLU D 1129 35.07 8.98 36.39
N ASN D 1130 34.89 10.07 35.63
CA ASN D 1130 34.86 9.97 34.19
C ASN D 1130 35.97 9.08 33.70
N GLU D 1131 37.18 9.58 33.81
CA GLU D 1131 38.32 8.93 33.19
C GLU D 1131 38.33 7.47 33.54
N ILE D 1132 37.95 7.14 34.76
CA ILE D 1132 38.27 5.83 35.25
C ILE D 1132 37.40 4.82 34.58
N ILE D 1133 36.10 5.06 34.60
CA ILE D 1133 35.20 3.94 34.49
C ILE D 1133 35.39 3.26 33.17
N LEU D 1134 35.29 4.04 32.11
CA LEU D 1134 35.49 3.56 30.77
C LEU D 1134 36.62 2.55 30.71
N LYS D 1135 37.81 2.89 31.19
CA LYS D 1135 38.89 1.94 31.08
C LYS D 1135 38.59 0.76 31.95
N LEU D 1136 38.32 1.04 33.22
CA LEU D 1136 37.67 0.08 34.10
C LEU D 1136 36.78 -0.82 33.31
N ASP D 1137 35.81 -0.18 32.64
CA ASP D 1137 34.82 -0.88 31.86
C ASP D 1137 35.51 -1.91 31.00
N HIS D 1138 36.18 -1.40 29.99
CA HIS D 1138 36.77 -2.28 29.00
C HIS D 1138 37.84 -3.13 29.63
N GLU D 1139 38.44 -2.63 30.69
CA GLU D 1139 39.52 -3.40 31.28
C GLU D 1139 39.06 -4.81 31.50
N VAL D 1140 37.92 -4.97 32.14
CA VAL D 1140 37.61 -6.29 32.65
C VAL D 1140 37.25 -7.24 31.53
N GLU D 1141 37.16 -6.72 30.31
CA GLU D 1141 36.94 -7.57 29.15
C GLU D 1141 37.89 -8.74 29.16
N GLY D 1142 39.16 -8.47 29.06
CA GLY D 1142 40.15 -9.53 28.96
C GLY D 1142 40.97 -9.60 30.22
N GLY D 1143 40.94 -10.74 30.86
CA GLY D 1143 41.86 -11.01 31.95
C GLY D 1143 41.26 -10.60 33.28
N ARG D 1144 41.57 -9.37 33.70
CA ARG D 1144 41.94 -9.12 35.08
C ARG D 1144 41.16 -10.00 36.06
N GLY D 1145 39.85 -9.85 36.10
CA GLY D 1145 39.16 -10.54 37.18
C GLY D 1145 39.47 -9.85 38.49
N ASP D 1146 40.15 -10.55 39.40
CA ASP D 1146 40.53 -9.98 40.70
C ASP D 1146 39.31 -9.68 41.53
N GLU D 1147 38.61 -10.72 41.96
CA GLU D 1147 37.57 -10.55 42.93
C GLU D 1147 37.98 -9.57 44.02
N GLN D 1148 39.14 -9.78 44.64
CA GLN D 1148 39.47 -9.07 45.87
C GLN D 1148 39.62 -7.58 45.64
N TYR D 1149 39.36 -7.15 44.41
CA TYR D 1149 39.61 -5.78 44.04
C TYR D 1149 38.86 -4.82 44.92
N MET D 1150 37.56 -4.74 44.71
CA MET D 1150 36.77 -3.80 45.49
C MET D 1150 36.99 -4.02 46.96
N GLN D 1151 37.21 -5.28 47.33
CA GLN D 1151 37.45 -5.59 48.72
C GLN D 1151 38.46 -4.66 49.29
N LEU D 1152 39.68 -4.73 48.79
CA LEU D 1152 40.67 -3.81 49.33
C LEU D 1152 40.27 -2.39 49.02
N LEU D 1153 39.62 -2.18 47.89
CA LEU D 1153 39.31 -0.83 47.47
C LEU D 1153 38.59 -0.09 48.56
N GLU D 1154 37.36 -0.53 48.80
CA GLU D 1154 36.45 0.12 49.71
C GLU D 1154 37.21 0.65 50.90
N SER D 1155 38.07 -0.18 51.46
CA SER D 1155 38.88 0.22 52.58
C SER D 1155 39.72 1.41 52.21
N ILE D 1156 40.72 1.17 51.37
CA ILE D 1156 41.73 2.19 51.19
C ILE D 1156 41.02 3.47 50.92
N LEU D 1157 40.07 3.37 50.03
CA LEU D 1157 39.28 4.51 49.66
C LEU D 1157 38.68 5.16 50.87
N MET D 1158 38.13 4.35 51.77
CA MET D 1158 37.41 4.93 52.87
C MET D 1158 38.35 5.70 53.78
N GLU D 1159 39.57 5.24 53.87
CA GLU D 1159 40.47 6.04 54.70
C GLU D 1159 40.99 7.25 53.99
N CYS D 1160 41.35 7.16 52.72
CA CYS D 1160 41.73 8.40 52.05
C CYS D 1160 40.59 9.39 52.17
N ALA D 1161 39.38 8.90 52.03
CA ALA D 1161 38.22 9.64 52.47
C ALA D 1161 38.44 10.19 53.86
N ALA D 1162 38.74 9.35 54.83
CA ALA D 1162 38.96 9.87 56.15
C ALA D 1162 40.12 10.85 56.08
N GLU D 1163 40.32 11.58 57.16
CA GLU D 1163 41.35 12.62 57.25
C GLU D 1163 41.02 13.76 56.28
N HIS D 1164 39.89 13.60 55.60
CA HIS D 1164 39.49 14.43 54.52
C HIS D 1164 37.97 14.45 54.47
N PRO D 1165 37.30 15.04 55.45
CA PRO D 1165 35.95 14.57 55.75
C PRO D 1165 34.92 15.02 54.75
N THR D 1166 34.98 16.27 54.28
CA THR D 1166 34.15 16.63 53.16
C THR D 1166 34.57 15.84 51.95
N ILE D 1167 35.88 15.84 51.70
CA ILE D 1167 36.40 14.90 50.74
C ILE D 1167 35.92 13.52 51.09
N ALA D 1168 36.09 13.08 52.33
CA ALA D 1168 35.53 11.79 52.72
C ALA D 1168 34.14 11.61 52.20
N LYS D 1169 33.40 12.69 52.09
CA LYS D 1169 32.04 12.61 51.58
C LYS D 1169 32.06 12.53 50.07
N SER D 1170 32.76 13.48 49.44
CA SER D 1170 33.00 13.38 48.02
C SER D 1170 33.43 11.97 47.64
N VAL D 1171 34.50 11.50 48.28
CA VAL D 1171 34.97 10.14 48.15
C VAL D 1171 33.81 9.18 48.32
N GLU D 1172 33.23 9.11 49.52
CA GLU D 1172 32.17 8.16 49.76
C GLU D 1172 31.22 8.07 48.57
N ASN D 1173 30.92 9.20 47.94
CA ASN D 1173 30.27 9.12 46.64
C ASN D 1173 31.14 8.41 45.65
N PHE D 1174 32.38 8.81 45.59
CA PHE D 1174 33.29 8.14 44.68
C PHE D 1174 33.25 6.65 44.95
N VAL D 1175 33.38 6.28 46.22
CA VAL D 1175 33.48 4.89 46.56
C VAL D 1175 32.20 4.19 46.18
N ASN D 1176 31.15 4.42 46.95
CA ASN D 1176 29.91 3.70 46.76
C ASN D 1176 29.60 3.62 45.28
N LEU D 1177 29.83 4.72 44.58
CA LEU D 1177 29.62 4.73 43.17
C LEU D 1177 30.51 3.70 42.52
N VAL D 1178 31.82 3.96 42.56
CA VAL D 1178 32.81 3.10 41.98
C VAL D 1178 32.64 1.70 42.54
N LYS D 1179 31.90 1.59 43.61
CA LYS D 1179 32.00 0.43 44.46
C LYS D 1179 30.94 -0.57 44.12
N GLY D 1180 29.68 -0.17 44.26
CA GLY D 1180 28.66 -0.89 43.54
C GLY D 1180 29.10 -1.07 42.10
N LEU D 1181 29.83 -0.10 41.59
CA LEU D 1181 30.22 -0.15 40.21
C LEU D 1181 31.06 -1.38 39.89
N LEU D 1182 32.26 -1.41 40.37
CA LEU D 1182 33.06 -2.60 40.16
C LEU D 1182 32.31 -3.83 40.59
N GLU D 1183 31.60 -3.71 41.71
CA GLU D 1183 30.77 -4.78 42.20
C GLU D 1183 29.95 -5.34 41.08
N LYS D 1184 29.64 -4.49 40.11
CA LYS D 1184 28.92 -4.92 38.94
C LYS D 1184 29.91 -5.53 37.97
N LEU D 1185 31.06 -4.92 37.90
CA LEU D 1185 31.87 -5.17 36.75
C LEU D 1185 32.52 -6.54 36.87
N LEU D 1186 33.19 -6.81 37.99
CA LEU D 1186 33.57 -8.18 38.26
C LEU D 1186 32.43 -9.15 38.07
N ASP D 1187 31.22 -8.73 38.34
CA ASP D 1187 30.17 -9.64 37.99
C ASP D 1187 30.25 -10.02 36.54
N TYR D 1188 30.25 -9.05 35.65
CA TYR D 1188 30.29 -9.49 34.27
C TYR D 1188 31.54 -10.31 34.01
N ARG D 1189 32.63 -9.92 34.64
CA ARG D 1189 33.88 -10.66 34.51
C ARG D 1189 33.65 -12.14 34.74
N GLY D 1190 33.22 -12.49 35.94
CA GLY D 1190 33.01 -13.90 36.23
C GLY D 1190 32.10 -14.51 35.21
N VAL D 1191 31.03 -13.81 34.87
CA VAL D 1191 29.96 -14.43 34.15
C VAL D 1191 30.31 -14.57 32.67
N MET D 1192 31.12 -13.66 32.16
CA MET D 1192 31.27 -13.66 30.72
C MET D 1192 31.94 -14.95 30.28
N THR D 1193 31.13 -15.90 29.82
CA THR D 1193 31.68 -17.21 29.50
C THR D 1193 30.56 -18.18 29.09
N ASP D 1194 30.93 -19.17 28.26
CA ASP D 1194 30.37 -20.53 28.15
C ASP D 1194 29.05 -20.74 27.42
N GLU D 1195 28.49 -19.70 26.82
CA GLU D 1195 27.29 -19.74 25.98
C GLU D 1195 26.00 -20.00 26.73
N SER D 1196 26.06 -20.52 27.94
CA SER D 1196 25.40 -19.92 29.11
C SER D 1196 24.33 -18.92 28.84
N LYS D 1197 23.57 -19.04 27.75
CA LYS D 1197 23.03 -17.81 27.17
C LYS D 1197 22.40 -16.97 28.22
N ASP D 1198 21.90 -17.64 29.25
CA ASP D 1198 21.57 -16.92 30.44
C ASP D 1198 22.55 -15.88 30.83
N ASN D 1199 23.66 -16.31 31.39
CA ASN D 1199 24.44 -15.33 32.11
C ASN D 1199 24.97 -14.32 31.13
N ARG D 1200 25.50 -14.80 30.03
CA ARG D 1200 25.88 -13.92 28.96
C ARG D 1200 24.83 -12.86 28.79
N MET D 1201 23.61 -13.26 28.54
CA MET D 1201 22.64 -12.24 28.23
C MET D 1201 22.27 -11.43 29.45
N SER D 1202 21.69 -12.04 30.45
CA SER D 1202 21.30 -11.27 31.62
C SER D 1202 22.39 -10.31 32.04
N CYS D 1203 23.55 -10.83 32.35
CA CYS D 1203 24.64 -10.00 32.81
C CYS D 1203 24.89 -8.90 31.82
N THR D 1204 24.68 -9.21 30.56
CA THR D 1204 24.77 -8.15 29.61
C THR D 1204 23.75 -7.09 29.90
N VAL D 1205 22.51 -7.51 30.04
CA VAL D 1205 21.47 -6.61 30.44
C VAL D 1205 21.92 -5.79 31.61
N ASN D 1206 22.58 -6.43 32.52
CA ASN D 1206 22.79 -5.72 33.75
C ASN D 1206 23.88 -4.71 33.59
N LEU D 1207 25.07 -5.14 33.22
CA LEU D 1207 26.14 -4.19 32.97
C LEU D 1207 25.58 -3.05 32.16
N LEU D 1208 24.68 -3.35 31.24
CA LEU D 1208 23.92 -2.27 30.68
C LEU D 1208 23.35 -1.42 31.76
N ASN D 1209 22.51 -2.00 32.57
CA ASN D 1209 21.68 -1.26 33.47
C ASN D 1209 22.50 -0.54 34.50
N PHE D 1210 23.69 -1.01 34.74
CA PHE D 1210 24.60 -0.21 35.48
C PHE D 1210 25.05 0.95 34.68
N TYR D 1211 25.35 0.76 33.41
CA TYR D 1211 25.69 1.95 32.67
C TYR D 1211 24.47 2.85 32.56
N LYS D 1212 23.31 2.28 32.81
CA LYS D 1212 22.18 3.08 33.19
C LYS D 1212 22.38 3.79 34.52
N ASP D 1213 22.68 3.08 35.61
CA ASP D 1213 22.72 3.74 36.91
C ASP D 1213 23.66 4.93 36.90
N ASN D 1214 24.96 4.65 36.88
CA ASN D 1214 25.97 5.65 36.65
C ASN D 1214 25.53 6.63 35.59
N ASN D 1215 24.70 6.17 34.66
CA ASN D 1215 24.21 6.91 33.53
C ASN D 1215 25.23 7.00 32.43
N ARG D 1216 26.17 6.07 32.33
CA ARG D 1216 27.38 6.33 31.58
C ARG D 1216 27.30 5.62 30.24
N GLU D 1217 26.79 6.35 29.27
CA GLU D 1217 26.05 5.68 28.23
C GLU D 1217 26.87 5.26 27.03
N GLU D 1218 27.74 6.13 26.52
CA GLU D 1218 28.25 5.87 25.19
C GLU D 1218 29.01 4.54 25.09
N MET D 1219 29.14 3.81 26.18
CA MET D 1219 29.51 2.41 26.09
C MET D 1219 28.30 1.51 26.19
N TYR D 1220 27.48 1.75 27.21
CA TYR D 1220 26.17 1.14 27.33
C TYR D 1220 25.60 0.84 26.00
N ILE D 1221 25.48 1.87 25.20
CA ILE D 1221 24.97 1.76 23.84
C ILE D 1221 25.74 0.62 23.23
N ARG D 1222 27.03 0.62 23.40
CA ARG D 1222 27.71 -0.21 22.45
C ARG D 1222 27.70 -1.63 22.95
N TYR D 1223 27.79 -1.78 24.25
CA TYR D 1223 27.37 -3.02 24.88
C TYR D 1223 26.03 -3.43 24.39
N LEU D 1224 25.04 -2.57 24.60
CA LEU D 1224 23.73 -2.81 24.03
C LEU D 1224 23.88 -3.50 22.71
N TYR D 1225 24.68 -2.94 21.85
CA TYR D 1225 24.91 -3.63 20.62
C TYR D 1225 25.39 -5.02 20.85
N LYS D 1226 26.51 -5.15 21.54
CA LYS D 1226 27.13 -6.46 21.71
C LYS D 1226 26.07 -7.47 22.03
N LEU D 1227 25.17 -7.06 22.89
CA LEU D 1227 23.99 -7.86 23.14
C LEU D 1227 23.22 -8.11 21.87
N ARG D 1228 22.75 -7.03 21.24
CA ARG D 1228 21.96 -7.18 20.04
C ARG D 1228 22.56 -8.27 19.19
N ASP D 1229 23.86 -8.36 19.20
CA ASP D 1229 24.55 -9.42 18.51
C ASP D 1229 24.25 -10.75 19.14
N LEU D 1230 24.19 -10.76 20.44
CA LEU D 1230 23.75 -11.99 21.04
C LEU D 1230 22.41 -12.39 20.49
N HIS D 1231 21.42 -11.55 20.60
CA HIS D 1231 20.17 -11.82 19.90
C HIS D 1231 20.34 -12.17 18.44
N LEU D 1232 21.37 -11.66 17.80
CA LEU D 1232 21.59 -12.07 16.44
C LEU D 1232 21.72 -13.56 16.38
N ASP D 1233 22.35 -14.11 17.40
CA ASP D 1233 22.27 -15.54 17.57
C ASP D 1233 20.83 -15.96 17.78
N CYS D 1234 20.13 -15.23 18.62
CA CYS D 1234 18.93 -15.69 19.30
C CYS D 1234 17.67 -15.50 18.48
N ASP D 1235 17.69 -14.66 17.46
CA ASP D 1235 16.49 -14.29 16.73
C ASP D 1235 15.46 -13.71 17.66
N ASN D 1236 15.89 -13.19 18.79
CA ASN D 1236 15.01 -12.30 19.48
C ASN D 1236 15.16 -10.96 18.84
N TYR D 1237 14.66 -10.90 17.61
CA TYR D 1237 14.27 -9.63 17.06
C TYR D 1237 13.59 -8.82 18.10
N THR D 1238 13.09 -9.50 19.12
CA THR D 1238 12.60 -8.82 20.29
C THR D 1238 13.62 -7.86 20.79
N GLU D 1239 14.49 -8.29 21.65
CA GLU D 1239 15.20 -7.19 22.26
C GLU D 1239 16.33 -6.80 21.40
N ALA D 1240 16.58 -7.61 20.38
CA ALA D 1240 17.30 -7.14 19.24
C ALA D 1240 16.69 -5.80 18.97
N ALA D 1241 15.42 -5.79 18.63
CA ALA D 1241 14.78 -4.52 18.52
C ALA D 1241 14.95 -3.70 19.78
N TYR D 1242 14.42 -4.19 20.88
CA TYR D 1242 14.50 -3.46 22.12
C TYR D 1242 15.87 -2.89 22.33
N THR D 1243 16.89 -3.69 22.06
CA THR D 1243 18.20 -3.11 21.96
C THR D 1243 18.08 -1.78 21.29
N LEU D 1244 17.60 -1.82 20.07
CA LEU D 1244 17.48 -0.58 19.35
C LEU D 1244 16.67 0.40 20.09
N LEU D 1245 15.73 -0.09 20.84
CA LEU D 1245 14.69 0.81 21.23
C LEU D 1245 15.15 1.60 22.39
N LEU D 1246 15.58 0.91 23.39
CA LEU D 1246 16.37 1.57 24.38
C LEU D 1246 17.37 2.49 23.77
N HIS D 1247 17.97 2.08 22.68
CA HIS D 1247 18.98 2.98 22.18
C HIS D 1247 18.30 4.28 21.87
N THR D 1248 17.32 4.19 20.99
CA THR D 1248 16.53 5.37 20.66
C THR D 1248 16.23 6.15 21.90
N TRP D 1249 15.76 5.44 22.91
CA TRP D 1249 15.19 6.04 24.07
C TRP D 1249 15.96 7.27 24.47
N LEU D 1250 17.27 7.19 24.37
CA LEU D 1250 18.05 8.40 24.52
C LEU D 1250 18.45 8.97 23.17
N LEU D 1251 17.51 9.02 22.25
CA LEU D 1251 17.67 10.00 21.18
C LEU D 1251 16.55 11.01 21.27
N LYS D 1252 16.48 11.89 20.26
CA LYS D 1252 15.60 13.05 20.23
C LYS D 1252 15.56 13.55 18.81
N TRP D 1253 14.53 14.30 18.45
CA TRP D 1253 14.33 14.53 17.03
C TRP D 1253 15.02 15.79 16.51
N SER D 1254 16.38 15.83 16.49
CA SER D 1254 17.17 16.92 15.85
C SER D 1254 18.63 16.47 15.61
N ASP D 1255 19.05 16.44 14.35
CA ASP D 1255 20.36 15.92 14.06
C ASP D 1255 21.48 16.77 14.62
N GLU D 1256 22.67 16.18 14.65
CA GLU D 1256 23.87 16.74 15.26
C GLU D 1256 25.09 16.23 14.53
N GLN D 1271 27.09 12.25 14.11
CA GLN D 1271 26.53 12.84 12.92
C GLN D 1271 25.04 13.07 13.05
N THR D 1272 24.33 12.83 11.97
CA THR D 1272 23.00 13.40 11.85
C THR D 1272 22.12 12.78 12.90
N HIS D 1273 22.11 13.42 14.05
CA HIS D 1273 21.60 12.82 15.28
C HIS D 1273 20.28 12.09 15.07
N ARG D 1274 19.20 12.82 14.89
CA ARG D 1274 17.98 12.07 14.93
C ARG D 1274 17.77 11.39 13.62
N GLN D 1275 18.50 11.81 12.63
CA GLN D 1275 18.45 10.99 11.46
C GLN D 1275 18.98 9.61 11.73
N LEU D 1276 20.19 9.54 12.22
CA LEU D 1276 20.69 8.25 12.62
C LEU D 1276 19.71 7.56 13.54
N LYS D 1277 18.98 8.34 14.35
CA LYS D 1277 17.89 7.74 15.11
C LYS D 1277 16.95 6.95 14.23
N GLU D 1278 16.39 7.60 13.24
CA GLU D 1278 15.64 6.80 12.31
C GLU D 1278 16.43 5.56 11.95
N THR D 1279 17.67 5.75 11.52
CA THR D 1279 18.42 4.65 10.92
C THR D 1279 18.26 3.43 11.77
N LEU D 1280 18.45 3.66 13.04
CA LEU D 1280 17.98 2.75 14.04
C LEU D 1280 16.60 2.21 13.71
N TYR D 1281 15.57 3.06 13.70
CA TYR D 1281 14.22 2.50 13.59
C TYR D 1281 14.13 1.56 12.45
N GLU D 1282 14.81 1.90 11.38
CA GLU D 1282 14.89 0.95 10.31
C GLU D 1282 15.24 -0.40 10.85
N THR D 1283 16.43 -0.47 11.38
CA THR D 1283 16.95 -1.76 11.76
C THR D 1283 15.94 -2.46 12.64
N ILE D 1284 15.28 -1.65 13.46
CA ILE D 1284 14.14 -2.11 14.22
C ILE D 1284 13.23 -2.89 13.35
N ILE D 1285 12.69 -2.22 12.37
CA ILE D 1285 11.48 -2.76 11.81
C ILE D 1285 11.84 -4.02 11.08
N GLY D 1286 13.05 -4.05 10.55
CA GLY D 1286 13.57 -5.32 10.12
C GLY D 1286 13.34 -6.35 11.19
N TYR D 1287 13.85 -6.07 12.36
CA TYR D 1287 13.74 -7.09 13.39
C TYR D 1287 12.31 -7.45 13.63
N PHE D 1288 11.54 -6.48 14.06
CA PHE D 1288 10.19 -6.78 14.48
C PHE D 1288 9.30 -6.99 13.29
N ASP D 1289 9.89 -7.29 12.15
CA ASP D 1289 9.13 -8.05 11.17
C ASP D 1289 9.44 -9.50 11.36
N LYS D 1290 10.71 -9.81 11.53
CA LYS D 1290 10.99 -11.20 11.87
C LYS D 1290 10.27 -11.54 13.15
N GLY D 1291 10.68 -10.90 14.24
CA GLY D 1291 10.28 -11.22 15.60
C GLY D 1291 8.78 -11.35 15.81
N LYS D 1292 7.99 -10.97 14.82
CA LYS D 1292 6.56 -11.14 14.77
C LYS D 1292 5.83 -10.27 15.74
N MET D 1293 6.54 -9.67 16.65
CA MET D 1293 5.87 -8.96 17.69
C MET D 1293 5.36 -7.70 17.02
N TRP D 1294 4.36 -7.89 16.24
CA TRP D 1294 3.98 -6.91 15.25
C TRP D 1294 3.17 -5.77 15.76
N GLU D 1295 3.09 -5.61 17.04
CA GLU D 1295 2.45 -4.42 17.54
C GLU D 1295 3.17 -3.19 17.07
N GLU D 1296 4.32 -2.92 17.67
CA GLU D 1296 5.15 -1.82 17.27
C GLU D 1296 5.22 -1.76 15.80
N ALA D 1297 5.26 -2.92 15.22
CA ALA D 1297 5.38 -2.99 13.83
C ALA D 1297 4.60 -1.92 13.20
N ILE D 1298 3.34 -1.76 13.54
CA ILE D 1298 2.70 -0.53 13.11
C ILE D 1298 3.17 0.63 13.95
N SER D 1299 3.36 0.40 15.26
CA SER D 1299 3.68 1.51 16.15
C SER D 1299 4.72 2.41 15.60
N LEU D 1300 5.97 2.01 15.62
CA LEU D 1300 6.96 2.98 15.22
C LEU D 1300 6.63 3.49 13.85
N CYS D 1301 6.30 2.60 12.94
CA CYS D 1301 5.85 3.06 11.64
C CYS D 1301 5.02 4.31 11.74
N LYS D 1302 4.14 4.36 12.71
CA LYS D 1302 3.42 5.59 12.90
C LYS D 1302 4.39 6.73 13.10
N GLU D 1303 5.43 6.52 13.85
CA GLU D 1303 6.17 7.68 14.23
C GLU D 1303 7.01 8.14 13.11
N LEU D 1304 7.59 7.19 12.43
CA LEU D 1304 8.11 7.52 11.14
C LEU D 1304 7.19 8.48 10.45
N ALA D 1305 5.91 8.16 10.43
CA ALA D 1305 5.00 9.12 9.83
C ALA D 1305 4.95 10.42 10.61
N GLU D 1306 5.04 10.31 11.92
CA GLU D 1306 5.06 11.46 12.77
C GLU D 1306 6.15 12.39 12.32
N GLN D 1307 7.38 11.91 12.37
CA GLN D 1307 8.46 12.67 11.79
C GLN D 1307 8.03 13.27 10.49
N TYR D 1308 7.69 12.41 9.56
CA TYR D 1308 7.66 12.84 8.20
C TYR D 1308 6.78 13.99 8.02
N GLU D 1309 5.50 13.84 8.24
CA GLU D 1309 4.67 15.00 7.97
C GLU D 1309 5.07 16.05 8.98
N MET D 1310 5.17 15.67 10.23
CA MET D 1310 5.32 16.69 11.22
C MET D 1310 6.67 17.37 11.11
N GLU D 1311 7.76 16.64 11.33
CA GLU D 1311 9.06 17.27 11.18
C GLU D 1311 9.32 17.43 9.69
N ILE D 1312 9.60 16.36 8.97
CA ILE D 1312 10.42 16.51 7.80
C ILE D 1312 9.63 16.95 6.59
N PHE D 1313 8.34 16.74 6.57
CA PHE D 1313 7.53 17.07 5.40
C PHE D 1313 7.97 16.27 4.19
N ASP D 1314 9.05 15.49 4.28
CA ASP D 1314 9.19 14.38 3.37
C ASP D 1314 7.94 13.56 3.49
N TYR D 1315 7.49 13.03 2.37
CA TYR D 1315 6.16 12.44 2.33
C TYR D 1315 6.19 11.07 1.76
N GLU D 1316 7.34 10.62 1.36
CA GLU D 1316 7.31 9.59 0.37
C GLU D 1316 8.07 8.40 0.81
N LEU D 1317 8.91 8.61 1.76
CA LEU D 1317 9.44 7.43 2.37
C LEU D 1317 8.52 7.03 3.49
N LEU D 1318 7.88 8.02 4.05
CA LEU D 1318 6.58 7.86 4.64
C LEU D 1318 5.75 6.87 3.86
N SER D 1319 5.75 6.99 2.54
CA SER D 1319 4.97 6.05 1.79
C SER D 1319 5.37 4.65 2.13
N GLN D 1320 6.66 4.42 2.22
CA GLN D 1320 7.03 3.08 2.59
C GLN D 1320 6.50 2.77 3.95
N ASN D 1321 6.70 3.70 4.86
CA ASN D 1321 6.23 3.50 6.21
C ASN D 1321 4.84 2.92 6.18
N LEU D 1322 3.92 3.66 5.62
CA LEU D 1322 2.58 3.18 5.49
C LEU D 1322 2.55 1.77 4.93
N ILE D 1323 3.28 1.54 3.86
CA ILE D 1323 3.27 0.19 3.35
C ILE D 1323 3.51 -0.81 4.45
N GLN D 1324 4.57 -0.61 5.19
CA GLN D 1324 4.93 -1.65 6.15
C GLN D 1324 3.84 -1.82 7.17
N GLN D 1325 3.34 -0.73 7.71
CA GLN D 1325 2.36 -0.88 8.77
C GLN D 1325 1.19 -1.68 8.24
N ALA D 1326 0.71 -1.28 7.06
CA ALA D 1326 -0.22 -2.14 6.35
C ALA D 1326 0.20 -3.56 6.53
N LYS D 1327 1.45 -3.75 6.55
CA LYS D 1327 1.67 -5.12 6.59
C LYS D 1327 1.85 -5.61 7.97
N PHE D 1328 1.23 -4.96 8.95
CA PHE D 1328 0.90 -5.60 10.23
C PHE D 1328 -0.58 -5.54 10.51
N TYR D 1329 -1.27 -4.64 9.83
CA TYR D 1329 -2.64 -4.99 9.56
C TYR D 1329 -2.70 -6.44 9.18
N GLU D 1330 -1.96 -6.77 8.14
CA GLU D 1330 -1.67 -8.13 7.83
C GLU D 1330 -1.31 -8.93 9.07
N SER D 1331 -0.29 -8.49 9.76
CA SER D 1331 0.61 -9.40 10.44
C SER D 1331 -0.01 -10.10 11.64
N ILE D 1332 -1.02 -9.53 12.28
CA ILE D 1332 -1.43 -10.28 13.45
C ILE D 1332 -2.90 -10.66 13.42
N MET D 1333 -3.81 -9.70 13.54
CA MET D 1333 -5.22 -10.06 13.59
C MET D 1333 -5.54 -10.90 12.37
N LYS D 1334 -4.79 -10.69 11.30
CA LYS D 1334 -4.89 -11.65 10.23
C LYS D 1334 -3.98 -12.84 10.45
N ILE D 1335 -2.67 -12.65 10.38
CA ILE D 1335 -1.75 -13.76 10.17
C ILE D 1335 -1.49 -14.43 11.50
N LEU D 1336 -1.71 -15.72 11.55
CA LEU D 1336 -1.76 -16.44 12.79
C LEU D 1336 -0.48 -16.27 13.61
N ARG D 1337 -0.66 -16.38 14.91
CA ARG D 1337 0.30 -16.08 15.94
C ARG D 1337 0.40 -17.26 16.88
N PRO D 1338 1.57 -17.77 17.11
CA PRO D 1338 1.76 -18.73 18.19
C PRO D 1338 1.67 -18.13 19.58
N LYS D 1339 2.07 -18.90 20.56
CA LYS D 1339 1.81 -18.57 21.94
C LYS D 1339 3.10 -18.58 22.75
N PRO D 1340 3.29 -17.66 23.67
CA PRO D 1340 4.40 -17.74 24.61
C PRO D 1340 3.98 -18.57 25.78
N ASP D 1341 4.96 -19.06 26.47
CA ASP D 1341 4.82 -20.26 27.24
C ASP D 1341 5.91 -20.15 28.26
N TYR D 1342 5.58 -19.90 29.50
CA TYR D 1342 6.55 -19.25 30.38
C TYR D 1342 6.85 -20.27 31.47
N PHE D 1343 8.03 -20.22 32.11
CA PHE D 1343 8.48 -21.28 33.03
C PHE D 1343 9.62 -20.83 33.90
N ALA D 1344 9.80 -21.47 35.04
CA ALA D 1344 10.76 -20.94 35.98
C ALA D 1344 11.69 -22.00 36.52
N VAL D 1345 12.73 -21.52 37.19
CA VAL D 1345 14.00 -22.19 37.38
C VAL D 1345 14.58 -21.69 38.67
N GLY D 1346 14.76 -22.59 39.59
CA GLY D 1346 14.68 -22.24 40.95
C GLY D 1346 16.03 -22.45 41.50
N TYR D 1347 16.79 -21.40 41.53
CA TYR D 1347 18.08 -21.52 42.14
C TYR D 1347 17.85 -21.63 43.61
N TYR D 1348 18.16 -22.79 44.15
CA TYR D 1348 17.89 -23.16 45.53
C TYR D 1348 18.86 -24.25 45.89
N GLY D 1349 19.49 -24.12 47.01
CA GLY D 1349 20.78 -24.72 47.21
C GLY D 1349 21.84 -23.72 46.85
N GLN D 1350 23.08 -24.08 47.13
CA GLN D 1350 24.16 -23.13 46.98
C GLN D 1350 24.93 -23.32 45.69
N GLY D 1351 24.44 -24.11 44.76
CA GLY D 1351 25.30 -24.35 43.63
C GLY D 1351 25.32 -23.27 42.58
N PHE D 1352 24.50 -22.26 42.69
CA PHE D 1352 24.08 -21.47 41.54
C PHE D 1352 24.96 -20.26 41.34
N PRO D 1353 25.21 -19.90 40.10
CA PRO D 1353 25.84 -18.61 39.82
C PRO D 1353 24.98 -17.48 40.38
N SER D 1354 25.49 -16.88 41.46
CA SER D 1354 24.67 -16.30 42.52
C SER D 1354 23.45 -15.57 42.02
N PHE D 1355 23.61 -14.67 41.05
CA PHE D 1355 22.46 -14.08 40.39
C PHE D 1355 21.44 -15.13 40.06
N LEU D 1356 21.86 -16.35 39.85
CA LEU D 1356 20.94 -17.46 39.98
C LEU D 1356 20.56 -17.71 41.40
N ARG D 1357 21.53 -18.05 42.22
CA ARG D 1357 21.25 -18.75 43.47
C ARG D 1357 20.07 -18.11 44.17
N ASN D 1358 19.16 -18.96 44.59
CA ASN D 1358 18.06 -18.57 45.45
C ASN D 1358 17.00 -17.83 44.63
N LYS D 1359 17.30 -17.55 43.39
CA LYS D 1359 16.32 -16.87 42.57
C LYS D 1359 15.35 -17.89 42.05
N VAL D 1360 14.41 -17.40 41.25
CA VAL D 1360 13.57 -18.20 40.39
C VAL D 1360 13.35 -17.40 39.14
N PHE D 1361 14.05 -17.75 38.13
CA PHE D 1361 13.76 -16.88 37.03
C PHE D 1361 12.50 -17.38 36.40
N ILE D 1362 11.44 -16.67 36.69
CA ILE D 1362 10.34 -16.65 35.79
C ILE D 1362 11.00 -16.58 34.45
N TYR D 1363 10.40 -17.24 33.53
CA TYR D 1363 10.97 -17.38 32.24
C TYR D 1363 9.81 -17.18 31.29
N ARG D 1364 10.07 -16.63 30.13
CA ARG D 1364 9.00 -16.35 29.21
C ARG D 1364 8.86 -17.50 28.26
N GLY D 1365 7.95 -17.32 27.34
CA GLY D 1365 7.97 -18.11 26.16
C GLY D 1365 8.68 -17.44 25.06
N LYS D 1366 9.74 -18.08 24.68
CA LYS D 1366 10.08 -18.09 23.28
C LYS D 1366 9.10 -19.04 22.65
N GLU D 1367 9.33 -19.32 21.39
CA GLU D 1367 8.32 -20.01 20.63
C GLU D 1367 8.16 -21.41 21.20
N TYR D 1368 7.02 -21.62 21.84
CA TYR D 1368 6.66 -22.89 22.45
C TYR D 1368 7.78 -23.39 23.36
N GLU D 1369 8.30 -22.38 24.07
CA GLU D 1369 9.28 -22.51 25.14
C GLU D 1369 8.65 -23.45 26.15
N ARG D 1370 9.43 -24.45 26.57
CA ARG D 1370 8.91 -25.68 27.15
C ARG D 1370 9.02 -25.58 28.66
N ARG D 1371 8.44 -26.52 29.40
CA ARG D 1371 8.81 -26.57 30.80
C ARG D 1371 9.77 -27.76 30.97
N GLU D 1372 9.52 -28.78 30.16
CA GLU D 1372 10.28 -30.02 30.28
C GLU D 1372 11.62 -29.91 29.59
N ASP D 1373 11.61 -29.74 28.27
CA ASP D 1373 12.83 -29.34 27.60
C ASP D 1373 13.50 -28.23 28.35
N PHE D 1374 12.71 -27.24 28.79
CA PHE D 1374 13.20 -26.13 29.63
C PHE D 1374 14.20 -26.63 30.65
N GLN D 1375 13.81 -27.60 31.48
CA GLN D 1375 14.74 -28.03 32.52
C GLN D 1375 15.87 -28.84 31.86
N MET D 1376 15.55 -29.54 30.77
CA MET D 1376 16.62 -30.19 30.01
C MET D 1376 17.66 -29.18 29.60
N GLN D 1377 17.22 -28.12 28.96
CA GLN D 1377 18.07 -27.03 28.55
C GLN D 1377 18.79 -26.48 29.74
N LEU D 1378 18.24 -26.70 30.90
CA LEU D 1378 18.99 -26.29 32.06
C LEU D 1378 20.12 -27.26 32.34
N MET D 1379 19.85 -28.55 32.34
CA MET D 1379 20.93 -29.44 32.68
C MET D 1379 21.97 -29.41 31.58
N THR D 1380 21.51 -29.11 30.38
CA THR D 1380 22.35 -28.43 29.42
C THR D 1380 23.12 -27.34 30.13
N GLN D 1381 22.41 -26.33 30.58
CA GLN D 1381 23.06 -25.22 31.21
C GLN D 1381 23.77 -25.65 32.48
N PHE D 1382 23.31 -26.70 33.14
CA PHE D 1382 23.82 -27.04 34.45
C PHE D 1382 24.17 -28.49 34.71
N PRO D 1383 25.25 -28.74 35.40
CA PRO D 1383 25.36 -30.02 36.10
C PRO D 1383 24.45 -30.08 37.29
N ASN D 1384 24.71 -29.20 38.21
CA ASN D 1384 24.25 -29.30 39.57
C ASN D 1384 22.81 -28.89 39.69
N ALA D 1385 22.29 -28.12 38.72
CA ALA D 1385 20.87 -27.77 38.76
C ALA D 1385 20.04 -29.02 38.88
N GLU D 1386 19.17 -29.00 39.85
CA GLU D 1386 18.50 -30.20 40.25
C GLU D 1386 17.03 -29.86 40.25
N LYS D 1387 16.18 -30.81 39.87
CA LYS D 1387 14.77 -30.66 40.16
C LYS D 1387 14.46 -31.04 41.60
N MET D 1388 13.75 -30.13 42.24
CA MET D 1388 13.18 -30.26 43.58
C MET D 1388 11.77 -30.82 43.52
N ASN D 1389 11.06 -30.53 44.61
CA ASN D 1389 9.93 -31.27 45.15
C ASN D 1389 8.63 -30.48 45.16
N THR D 1390 8.74 -29.19 45.46
CA THR D 1390 7.57 -28.32 45.55
C THR D 1390 7.63 -27.27 44.46
N THR D 1391 6.50 -26.97 43.82
CA THR D 1391 6.49 -25.76 43.03
C THR D 1391 7.00 -24.59 43.86
N SER D 1392 6.23 -24.20 44.84
CA SER D 1392 6.69 -23.11 45.64
C SER D 1392 7.78 -23.61 46.57
N ALA D 1393 8.10 -22.77 47.53
CA ALA D 1393 8.81 -23.14 48.74
C ALA D 1393 9.84 -24.28 48.53
N PRO D 1394 10.75 -24.09 47.55
CA PRO D 1394 11.83 -25.05 47.44
C PRO D 1394 12.39 -25.34 48.79
N GLY D 1395 12.71 -26.62 49.01
CA GLY D 1395 13.23 -27.01 50.30
C GLY D 1395 14.12 -25.90 50.82
N ASP D 1396 13.71 -25.33 51.94
CA ASP D 1396 14.23 -24.01 52.24
C ASP D 1396 15.70 -24.10 52.60
N ASP D 1397 16.09 -25.19 53.23
CA ASP D 1397 17.49 -25.55 53.11
C ASP D 1397 17.78 -26.00 51.71
N VAL D 1398 16.94 -26.82 51.14
CA VAL D 1398 17.30 -27.20 49.80
C VAL D 1398 17.35 -25.95 48.94
N LYS D 1399 16.67 -24.90 49.36
CA LYS D 1399 17.02 -23.58 48.90
C LYS D 1399 18.42 -23.21 49.34
N ASN D 1400 18.75 -23.53 50.57
CA ASN D 1400 19.97 -23.04 51.18
C ASN D 1400 21.06 -24.11 51.16
N ALA D 1401 20.71 -25.32 50.72
CA ALA D 1401 21.66 -26.42 50.62
C ALA D 1401 22.73 -26.05 49.61
N PRO D 1402 23.75 -26.86 49.43
CA PRO D 1402 24.81 -26.41 48.51
C PRO D 1402 24.59 -26.76 47.05
N GLY D 1403 23.82 -27.75 46.76
CA GLY D 1403 23.68 -28.14 45.39
C GLY D 1403 22.79 -27.22 44.66
N GLN D 1404 22.75 -27.40 43.36
CA GLN D 1404 21.91 -26.55 42.53
C GLN D 1404 20.57 -27.24 42.40
N TYR D 1405 19.72 -26.93 43.32
CA TYR D 1405 18.34 -27.36 43.30
C TYR D 1405 17.54 -26.28 42.64
N ILE D 1406 17.35 -26.42 41.35
CA ILE D 1406 16.57 -25.47 40.58
C ILE D 1406 15.13 -25.92 40.46
N GLN D 1407 14.24 -25.04 40.91
CA GLN D 1407 12.82 -25.29 40.91
C GLN D 1407 12.21 -24.85 39.58
N CYS D 1408 11.40 -25.71 39.02
CA CYS D 1408 11.30 -25.66 37.59
C CYS D 1408 9.92 -26.11 37.19
N PHE D 1409 9.15 -25.19 36.63
CA PHE D 1409 7.81 -25.52 36.19
C PHE D 1409 7.24 -24.36 35.43
N THR D 1410 5.93 -24.30 35.39
CA THR D 1410 5.32 -23.16 34.75
C THR D 1410 4.36 -22.44 35.66
N VAL D 1411 4.08 -21.18 35.31
CA VAL D 1411 2.89 -20.46 35.71
C VAL D 1411 2.00 -20.30 34.50
N GLN D 1412 0.87 -19.69 34.69
CA GLN D 1412 0.36 -19.05 33.50
C GLN D 1412 0.54 -17.55 33.70
N PRO D 1413 0.64 -16.76 32.66
CA PRO D 1413 1.20 -15.42 32.86
C PRO D 1413 0.08 -14.44 33.13
N VAL D 1414 0.36 -13.39 33.88
CA VAL D 1414 -0.73 -12.51 34.26
C VAL D 1414 -0.87 -11.39 33.29
N LEU D 1415 -1.90 -11.51 32.48
CA LEU D 1415 -2.38 -10.42 31.68
C LEU D 1415 -2.42 -9.11 32.47
N ASP D 1416 -1.77 -8.09 31.93
CA ASP D 1416 -1.73 -6.74 32.48
C ASP D 1416 -2.75 -5.83 31.80
N GLU D 1417 -2.51 -4.54 31.98
CA GLU D 1417 -3.35 -3.47 31.46
C GLU D 1417 -3.15 -3.28 29.95
N HIS D 1418 -4.25 -2.94 29.28
CA HIS D 1418 -4.37 -2.88 27.83
C HIS D 1418 -5.54 -1.99 27.47
N PRO D 1419 -5.33 -0.69 27.43
CA PRO D 1419 -6.45 0.21 27.71
C PRO D 1419 -7.45 0.26 26.60
N ARG D 1420 -6.96 0.69 25.45
CA ARG D 1420 -7.69 0.70 24.20
C ARG D 1420 -8.41 -0.61 23.99
N PHE D 1421 -7.78 -1.67 24.45
CA PHE D 1421 -8.51 -2.88 24.63
C PHE D 1421 -9.52 -2.70 25.76
N LYS D 1422 -9.01 -2.47 26.96
CA LYS D 1422 -9.84 -2.54 28.16
C LYS D 1422 -11.22 -1.99 27.92
N ASN D 1423 -11.32 -0.69 27.81
CA ASN D 1423 -12.51 -0.02 27.35
C ASN D 1423 -13.21 -0.75 26.25
N LYS D 1424 -12.49 -1.25 25.26
CA LYS D 1424 -13.19 -1.57 24.04
C LYS D 1424 -13.51 -3.04 23.97
N PRO D 1425 -14.70 -3.33 23.64
CA PRO D 1425 -15.04 -4.65 23.10
C PRO D 1425 -14.31 -4.89 21.78
N VAL D 1426 -13.06 -5.25 21.97
CA VAL D 1426 -12.08 -5.48 20.90
C VAL D 1426 -12.35 -6.83 20.24
N PRO D 1427 -12.16 -6.98 18.91
CA PRO D 1427 -11.83 -8.31 18.38
C PRO D 1427 -10.44 -8.75 18.83
N ASP D 1428 -10.41 -9.15 20.08
CA ASP D 1428 -9.25 -9.50 20.85
C ASP D 1428 -8.33 -10.55 20.27
N GLN D 1429 -8.53 -10.87 19.01
CA GLN D 1429 -7.63 -11.79 18.32
C GLN D 1429 -6.20 -11.53 18.71
N ILE D 1430 -5.97 -10.47 19.47
CA ILE D 1430 -4.70 -9.93 19.91
C ILE D 1430 -4.36 -10.14 21.37
N ILE D 1431 -5.28 -9.83 22.27
CA ILE D 1431 -5.01 -9.94 23.69
C ILE D 1431 -4.61 -11.35 23.95
N ASN D 1432 -5.29 -12.28 23.29
CA ASN D 1432 -4.80 -13.62 23.32
C ASN D 1432 -3.31 -13.57 23.25
N PHE D 1433 -2.80 -12.75 22.37
CA PHE D 1433 -1.38 -12.63 22.50
C PHE D 1433 -0.97 -11.52 23.48
N TYR D 1434 -1.88 -10.83 24.16
CA TYR D 1434 -1.38 -9.87 25.15
C TYR D 1434 -1.32 -10.40 26.58
N LYS D 1435 -2.31 -11.16 27.02
CA LYS D 1435 -2.11 -12.19 28.04
C LYS D 1435 -1.29 -13.33 27.51
N SER D 1436 -0.84 -13.19 26.27
CA SER D 1436 0.44 -13.71 25.84
C SER D 1436 1.51 -12.64 25.80
N ASN D 1437 1.40 -11.61 26.62
CA ASN D 1437 2.29 -10.49 26.57
C ASN D 1437 2.44 -9.86 27.93
N TYR D 1438 3.44 -9.04 28.03
CA TYR D 1438 3.48 -7.95 28.98
C TYR D 1438 3.44 -8.40 30.43
N VAL D 1439 3.41 -9.68 30.69
CA VAL D 1439 3.01 -10.03 32.05
C VAL D 1439 4.16 -9.88 33.03
N GLN D 1440 3.86 -9.38 34.21
CA GLN D 1440 4.85 -9.40 35.27
C GLN D 1440 4.43 -10.31 36.38
N ARG D 1441 3.13 -10.52 36.52
CA ARG D 1441 2.56 -11.49 37.43
C ARG D 1441 2.25 -12.74 36.66
N PHE D 1442 1.98 -13.83 37.38
CA PHE D 1442 2.15 -15.16 36.81
C PHE D 1442 1.28 -16.19 37.46
N HIS D 1443 0.19 -16.51 36.80
CA HIS D 1443 -0.76 -17.46 37.33
C HIS D 1443 -0.04 -18.70 37.75
N TYR D 1444 0.01 -18.93 39.03
CA TYR D 1444 0.33 -20.28 39.40
C TYR D 1444 -0.93 -20.90 39.94
N SER D 1445 -1.75 -21.34 39.03
CA SER D 1445 -2.78 -22.32 39.27
C SER D 1445 -2.23 -23.35 40.22
N ARG D 1446 -2.95 -23.60 41.28
CA ARG D 1446 -2.57 -24.74 42.07
C ARG D 1446 -3.73 -25.38 42.78
N PRO D 1447 -3.79 -26.69 42.83
CA PRO D 1447 -4.78 -27.34 43.68
C PRO D 1447 -4.20 -27.48 45.10
N VAL D 1448 -5.08 -27.39 46.07
CA VAL D 1448 -4.86 -27.96 47.37
C VAL D 1448 -6.21 -28.33 47.98
N ARG D 1449 -6.37 -29.62 48.26
CA ARG D 1449 -7.63 -30.09 48.81
C ARG D 1449 -7.65 -29.68 50.28
N ARG D 1450 -7.73 -28.36 50.49
CA ARG D 1450 -8.11 -27.91 51.82
C ARG D 1450 -9.36 -28.64 52.25
N GLY D 1451 -10.37 -28.62 51.40
CA GLY D 1451 -11.50 -29.49 51.59
C GLY D 1451 -11.11 -30.95 51.48
N THR D 1452 -11.96 -31.81 52.03
CA THR D 1452 -11.75 -33.24 51.96
C THR D 1452 -12.39 -33.78 50.68
N VAL D 1453 -11.85 -34.88 50.18
CA VAL D 1453 -12.25 -35.36 48.85
C VAL D 1453 -13.45 -36.27 49.04
N ASP D 1454 -14.60 -35.74 48.73
CA ASP D 1454 -15.62 -36.49 48.05
C ASP D 1454 -15.12 -36.89 46.66
N PRO D 1455 -14.93 -38.18 46.40
CA PRO D 1455 -14.31 -38.61 45.14
C PRO D 1455 -15.10 -38.29 43.88
N GLU D 1456 -16.22 -37.58 43.99
CA GLU D 1456 -16.79 -37.00 42.78
C GLU D 1456 -16.38 -35.54 42.64
N ASN D 1457 -16.45 -34.74 43.70
CA ASN D 1457 -16.00 -33.36 43.53
C ASN D 1457 -14.77 -33.11 44.42
N GLU D 1458 -13.65 -33.63 43.96
CA GLU D 1458 -12.37 -33.08 44.32
C GLU D 1458 -12.37 -31.58 44.16
N PHE D 1459 -12.80 -31.09 43.00
CA PHE D 1459 -12.97 -29.66 42.74
C PHE D 1459 -13.73 -28.99 43.87
N ALA D 1460 -14.30 -29.78 44.78
CA ALA D 1460 -14.89 -29.20 45.98
C ALA D 1460 -13.91 -29.28 47.14
N SER D 1461 -13.15 -30.35 47.23
CA SER D 1461 -12.01 -30.26 48.11
C SER D 1461 -11.04 -29.22 47.62
N MET D 1462 -11.05 -29.00 46.32
CA MET D 1462 -9.90 -28.47 45.61
C MET D 1462 -9.89 -26.97 45.62
N TRP D 1463 -9.36 -26.42 46.70
CA TRP D 1463 -8.95 -25.04 46.75
C TRP D 1463 -7.86 -24.83 45.70
N ILE D 1464 -7.55 -23.58 45.37
CA ILE D 1464 -6.48 -23.30 44.40
C ILE D 1464 -5.45 -22.40 45.06
N GLU D 1465 -4.35 -23.01 45.50
CA GLU D 1465 -3.21 -22.17 45.78
C GLU D 1465 -2.80 -21.57 44.46
N ARG D 1466 -3.21 -20.35 44.24
CA ARG D 1466 -2.62 -19.62 43.16
C ARG D 1466 -1.50 -18.80 43.71
N THR D 1467 -0.34 -19.09 43.21
CA THR D 1467 0.81 -18.27 43.43
C THR D 1467 1.14 -17.67 42.08
N SER D 1468 0.65 -16.49 41.84
CA SER D 1468 1.10 -15.82 40.67
C SER D 1468 2.39 -15.15 41.06
N PHE D 1469 3.08 -14.63 40.08
CA PHE D 1469 4.40 -14.13 40.40
C PHE D 1469 4.59 -12.82 39.72
N VAL D 1470 5.38 -11.98 40.31
CA VAL D 1470 5.57 -10.74 39.62
C VAL D 1470 7.04 -10.63 39.34
N THR D 1471 7.32 -10.52 38.06
CA THR D 1471 8.64 -10.28 37.52
C THR D 1471 8.92 -8.79 37.43
N ALA D 1472 10.02 -8.48 36.76
CA ALA D 1472 10.50 -7.14 36.48
C ALA D 1472 9.94 -6.55 35.20
N TYR D 1473 10.33 -7.07 34.06
CA TYR D 1473 10.07 -6.31 32.84
C TYR D 1473 8.96 -6.94 32.07
N LYS D 1474 8.34 -6.08 31.31
CA LYS D 1474 7.17 -6.43 30.54
C LYS D 1474 7.49 -7.68 29.76
N LEU D 1475 6.52 -8.36 29.35
CA LEU D 1475 6.86 -9.57 28.64
C LEU D 1475 6.05 -9.68 27.37
N PRO D 1476 6.61 -9.33 26.24
CA PRO D 1476 8.04 -9.33 26.16
C PRO D 1476 8.61 -8.15 26.88
N GLY D 1477 9.66 -8.37 27.64
CA GLY D 1477 10.51 -7.28 28.04
C GLY D 1477 11.90 -7.78 27.83
N ILE D 1478 12.90 -6.97 28.18
CA ILE D 1478 14.14 -6.96 27.44
C ILE D 1478 14.78 -8.32 27.29
N LEU D 1479 14.19 -9.34 27.87
CA LEU D 1479 14.65 -10.65 27.55
C LEU D 1479 13.63 -11.63 28.07
N ARG D 1480 13.68 -12.83 27.53
CA ARG D 1480 12.59 -13.77 27.65
C ARG D 1480 12.43 -14.26 29.07
N TRP D 1481 12.97 -13.57 30.05
CA TRP D 1481 12.71 -14.03 31.38
C TRP D 1481 13.15 -13.00 32.39
N PHE D 1482 12.63 -13.17 33.60
CA PHE D 1482 12.79 -12.24 34.68
C PHE D 1482 12.43 -12.95 35.96
N GLU D 1483 12.98 -12.48 37.05
CA GLU D 1483 12.76 -13.15 38.30
C GLU D 1483 11.35 -12.90 38.79
N VAL D 1484 10.86 -13.78 39.63
CA VAL D 1484 9.76 -13.38 40.49
C VAL D 1484 10.27 -12.34 41.46
N VAL D 1485 9.94 -11.08 41.22
CA VAL D 1485 10.15 -10.14 42.31
C VAL D 1485 9.24 -10.49 43.48
N HIS D 1486 7.93 -10.59 43.25
CA HIS D 1486 7.07 -11.04 44.34
C HIS D 1486 6.51 -12.40 44.02
N MET D 1487 6.75 -13.34 44.91
CA MET D 1487 5.86 -14.48 44.99
C MET D 1487 4.45 -13.94 45.19
N SER D 1488 3.45 -14.76 44.89
CA SER D 1488 2.10 -14.39 45.28
C SER D 1488 1.34 -15.67 45.53
N GLN D 1489 1.44 -16.18 46.75
CA GLN D 1489 0.88 -17.47 47.07
C GLN D 1489 -0.36 -17.30 47.91
N THR D 1490 -1.39 -18.03 47.54
CA THR D 1490 -2.65 -17.90 48.23
C THR D 1490 -3.51 -19.05 47.79
N THR D 1491 -4.67 -19.18 48.41
CA THR D 1491 -5.56 -20.22 47.95
C THR D 1491 -6.97 -19.69 47.78
N ILE D 1492 -7.60 -20.13 46.71
CA ILE D 1492 -8.91 -19.70 46.29
C ILE D 1492 -9.83 -20.87 46.55
N SER D 1493 -11.10 -20.58 46.78
CA SER D 1493 -11.98 -21.66 47.15
C SER D 1493 -12.10 -22.66 46.02
N PRO D 1494 -12.32 -23.93 46.37
CA PRO D 1494 -12.68 -24.91 45.35
C PRO D 1494 -13.90 -24.48 44.60
N LEU D 1495 -14.68 -23.59 45.20
CA LEU D 1495 -15.71 -22.91 44.45
C LEU D 1495 -15.11 -21.87 43.55
N GLU D 1496 -14.35 -20.93 44.12
CA GLU D 1496 -13.62 -20.02 43.23
C GLU D 1496 -13.05 -20.81 42.09
N ASN D 1497 -12.27 -21.82 42.43
CA ASN D 1497 -11.95 -22.88 41.48
C ASN D 1497 -13.14 -23.20 40.61
N ALA D 1498 -14.25 -23.54 41.23
CA ALA D 1498 -15.35 -24.15 40.52
C ALA D 1498 -15.87 -23.23 39.45
N ILE D 1499 -16.32 -22.06 39.88
CA ILE D 1499 -16.64 -21.00 38.95
C ILE D 1499 -15.62 -20.96 37.86
N GLU D 1500 -14.37 -20.87 38.22
CA GLU D 1500 -13.40 -20.67 37.17
C GLU D 1500 -13.48 -21.78 36.17
N THR D 1501 -13.52 -22.99 36.70
CA THR D 1501 -13.68 -24.17 35.88
C THR D 1501 -14.71 -23.86 34.83
N MET D 1502 -15.77 -23.25 35.29
CA MET D 1502 -16.73 -22.74 34.35
C MET D 1502 -16.11 -21.64 33.51
N SER D 1503 -15.72 -20.54 34.16
CA SER D 1503 -15.26 -19.35 33.48
C SER D 1503 -14.53 -19.73 32.23
N THR D 1504 -13.52 -20.53 32.42
CA THR D 1504 -12.89 -21.24 31.34
C THR D 1504 -13.89 -21.84 30.40
N ALA D 1505 -14.55 -22.91 30.84
CA ALA D 1505 -15.29 -23.72 29.88
C ALA D 1505 -16.12 -22.82 29.01
N ASN D 1506 -16.68 -21.83 29.67
CA ASN D 1506 -17.39 -20.78 29.02
C ASN D 1506 -16.53 -20.12 27.99
N GLU D 1507 -15.39 -19.68 28.39
CA GLU D 1507 -14.70 -18.86 27.44
C GLU D 1507 -14.20 -19.71 26.31
N LYS D 1508 -13.88 -20.94 26.62
CA LYS D 1508 -13.73 -21.91 25.58
C LYS D 1508 -14.83 -21.78 24.59
N ILE D 1509 -16.05 -21.89 25.10
CA ILE D 1509 -17.20 -21.62 24.26
C ILE D 1509 -16.97 -20.36 23.48
N LEU D 1510 -16.84 -19.27 24.21
CA LEU D 1510 -16.76 -17.95 23.61
C LEU D 1510 -15.82 -17.94 22.45
N MET D 1511 -14.66 -18.50 22.65
CA MET D 1511 -13.83 -18.80 21.52
C MET D 1511 -14.66 -19.45 20.45
N MET D 1512 -15.00 -20.70 20.70
CA MET D 1512 -15.59 -21.51 19.66
C MET D 1512 -16.66 -20.74 18.94
N ILE D 1513 -17.57 -20.20 19.72
CA ILE D 1513 -18.49 -19.25 19.17
C ILE D 1513 -17.71 -18.24 18.38
N ASN D 1514 -16.81 -17.52 19.01
CA ASN D 1514 -16.50 -16.28 18.34
C ASN D 1514 -15.68 -16.51 17.10
N GLN D 1515 -14.67 -17.37 17.16
CA GLN D 1515 -13.96 -17.69 15.93
C GLN D 1515 -14.95 -18.01 14.84
N TYR D 1516 -16.01 -18.70 15.17
CA TYR D 1516 -16.90 -19.03 14.08
C TYR D 1516 -17.94 -17.98 13.82
N GLN D 1517 -18.33 -17.23 14.85
CA GLN D 1517 -19.08 -16.00 14.64
C GLN D 1517 -18.54 -15.29 13.43
N SER D 1518 -17.21 -15.26 13.33
CA SER D 1518 -16.62 -14.80 12.09
C SER D 1518 -16.17 -15.98 11.26
N ASP D 1519 -15.24 -16.79 11.76
CA ASP D 1519 -14.64 -17.73 10.86
C ASP D 1519 -14.92 -19.15 11.23
N GLU D 1520 -15.22 -19.87 10.19
CA GLU D 1520 -16.02 -21.04 10.14
C GLU D 1520 -15.35 -22.04 9.24
N THR D 1521 -14.42 -21.53 8.43
CA THR D 1521 -13.94 -22.21 7.25
C THR D 1521 -13.05 -23.39 7.60
N LEU D 1522 -13.11 -23.85 8.82
CA LEU D 1522 -12.63 -24.64 9.92
C LEU D 1522 -13.45 -25.91 10.08
N PRO D 1523 -12.82 -27.08 10.04
CA PRO D 1523 -13.58 -28.29 10.25
C PRO D 1523 -14.31 -28.20 11.57
N ILE D 1524 -15.64 -28.23 11.49
CA ILE D 1524 -16.56 -28.04 12.60
C ILE D 1524 -16.11 -28.75 13.84
N ASN D 1525 -15.31 -29.70 13.70
CA ASN D 1525 -15.24 -30.82 14.55
C ASN D 1525 -15.21 -30.42 16.02
N PRO D 1526 -14.22 -29.63 16.41
CA PRO D 1526 -13.96 -29.39 17.83
C PRO D 1526 -15.16 -28.91 18.57
N LEU D 1527 -16.16 -28.59 17.80
CA LEU D 1527 -17.22 -27.80 18.36
C LEU D 1527 -18.28 -28.82 18.72
N SER D 1528 -18.51 -29.74 17.83
CA SER D 1528 -19.17 -30.96 18.22
C SER D 1528 -18.54 -31.51 19.47
N MET D 1529 -17.22 -31.48 19.50
CA MET D 1529 -16.48 -31.98 20.65
C MET D 1529 -16.89 -31.25 21.91
N LEU D 1530 -16.52 -29.99 21.98
CA LEU D 1530 -16.68 -29.25 23.20
C LEU D 1530 -18.14 -29.14 23.54
N LEU D 1531 -18.92 -29.02 22.48
CA LEU D 1531 -20.34 -29.12 22.56
C LEU D 1531 -20.73 -30.21 23.53
N ASN D 1532 -20.38 -31.44 23.22
CA ASN D 1532 -20.54 -32.49 24.22
C ASN D 1532 -19.81 -32.11 25.50
N GLY D 1533 -18.48 -32.13 25.47
CA GLY D 1533 -17.66 -32.15 26.68
C GLY D 1533 -18.12 -31.23 27.78
N ILE D 1534 -18.73 -30.12 27.42
CA ILE D 1534 -19.38 -29.31 28.43
C ILE D 1534 -20.80 -29.75 28.65
N VAL D 1535 -21.63 -29.70 27.60
CA VAL D 1535 -23.01 -30.02 27.89
C VAL D 1535 -23.03 -31.39 28.49
N ASP D 1536 -22.12 -32.20 28.05
CA ASP D 1536 -21.75 -33.41 28.67
C ASP D 1536 -21.12 -33.11 30.00
N PRO D 1537 -21.73 -33.41 31.10
CA PRO D 1537 -20.90 -33.64 32.27
C PRO D 1537 -20.16 -34.94 32.08
N ALA D 1538 -19.14 -34.90 31.22
CA ALA D 1538 -18.52 -36.13 30.73
C ALA D 1538 -18.06 -37.02 31.88
N VAL D 1539 -17.02 -36.60 32.58
CA VAL D 1539 -16.54 -37.39 33.70
C VAL D 1539 -17.22 -36.94 34.98
N MET D 1540 -17.42 -35.65 35.07
CA MET D 1540 -17.84 -34.99 36.28
C MET D 1540 -19.17 -34.31 36.00
N GLY D 1541 -20.08 -34.32 36.97
CA GLY D 1541 -21.35 -33.66 36.78
C GLY D 1541 -21.23 -32.18 36.52
N GLY D 1542 -20.10 -31.60 36.90
CA GLY D 1542 -19.79 -30.24 36.56
C GLY D 1542 -20.77 -29.32 37.21
N PHE D 1543 -21.61 -28.75 36.35
CA PHE D 1543 -22.81 -28.11 36.80
C PHE D 1543 -23.31 -28.97 37.93
N ALA D 1544 -23.60 -30.23 37.59
CA ALA D 1544 -24.22 -31.11 38.54
C ALA D 1544 -23.49 -31.02 39.84
N LYS D 1545 -22.19 -31.26 39.79
CA LYS D 1545 -21.36 -31.11 40.98
C LYS D 1545 -21.49 -29.74 41.55
N TYR D 1546 -21.05 -28.74 40.80
CA TYR D 1546 -21.20 -27.39 41.29
C TYR D 1546 -22.61 -27.18 41.76
N GLU D 1547 -23.58 -27.75 41.05
CA GLU D 1547 -24.85 -28.00 41.69
C GLU D 1547 -24.69 -28.89 42.90
N LYS D 1548 -24.41 -30.16 42.65
CA LYS D 1548 -24.47 -31.17 43.69
C LYS D 1548 -23.50 -30.94 44.81
N ALA D 1549 -22.68 -29.91 44.72
CA ALA D 1549 -21.88 -29.49 45.85
C ALA D 1549 -22.38 -28.17 46.39
N PHE D 1550 -22.50 -27.20 45.53
CA PHE D 1550 -22.66 -25.87 46.03
C PHE D 1550 -24.03 -25.33 45.69
N PHE D 1551 -24.46 -25.53 44.44
CA PHE D 1551 -25.84 -25.27 44.08
C PHE D 1551 -26.78 -26.30 44.64
N THR D 1552 -26.27 -27.41 45.15
CA THR D 1552 -26.89 -27.95 46.34
C THR D 1552 -26.38 -27.14 47.51
N GLU D 1553 -27.32 -26.47 48.16
CA GLU D 1553 -26.94 -25.36 49.02
C GLU D 1553 -26.18 -25.84 50.22
N GLU D 1554 -26.05 -27.15 50.40
CA GLU D 1554 -25.14 -27.65 51.41
C GLU D 1554 -23.90 -26.77 51.48
N TYR D 1555 -23.28 -26.52 50.35
CA TYR D 1555 -22.12 -25.66 50.35
C TYR D 1555 -22.49 -24.19 50.41
N VAL D 1556 -23.51 -23.81 49.66
CA VAL D 1556 -24.06 -22.46 49.74
C VAL D 1556 -24.16 -21.97 51.18
N ARG D 1557 -24.63 -22.83 52.07
CA ARG D 1557 -24.85 -22.52 53.48
C ARG D 1557 -23.67 -22.84 54.35
N ASP D 1558 -22.78 -23.73 53.93
CA ASP D 1558 -21.48 -23.74 54.57
C ASP D 1558 -20.90 -22.34 54.56
N HIS D 1559 -21.22 -21.58 53.53
CA HIS D 1559 -20.63 -20.26 53.33
C HIS D 1559 -21.69 -19.34 52.76
N PRO D 1560 -22.56 -18.81 53.61
CA PRO D 1560 -23.50 -17.79 53.15
C PRO D 1560 -22.82 -16.66 52.39
N GLU D 1561 -21.52 -16.45 52.60
CA GLU D 1561 -20.81 -15.39 51.92
C GLU D 1561 -20.48 -15.69 50.46
N ASP D 1562 -20.97 -16.80 49.89
CA ASP D 1562 -20.58 -17.17 48.53
C ASP D 1562 -21.73 -17.71 47.70
N GLN D 1563 -22.91 -17.85 48.28
CA GLN D 1563 -24.04 -18.36 47.53
C GLN D 1563 -24.21 -17.62 46.22
N ASP D 1564 -24.10 -16.31 46.27
CA ASP D 1564 -24.09 -15.50 45.06
C ASP D 1564 -22.95 -15.85 44.14
N LYS D 1565 -21.75 -15.84 44.68
CA LYS D 1565 -20.69 -16.57 44.00
C LYS D 1565 -21.25 -17.79 43.32
N LEU D 1566 -21.90 -18.64 44.10
CA LEU D 1566 -22.66 -19.72 43.53
C LEU D 1566 -23.48 -19.23 42.35
N THR D 1567 -24.48 -18.44 42.62
CA THR D 1567 -25.28 -17.87 41.55
C THR D 1567 -24.40 -17.28 40.48
N HIS D 1568 -23.33 -16.60 40.87
CA HIS D 1568 -22.36 -16.13 39.90
C HIS D 1568 -22.11 -17.20 38.87
N LEU D 1569 -21.54 -18.30 39.33
CA LEU D 1569 -21.48 -19.51 38.55
C LEU D 1569 -22.71 -19.70 37.72
N LYS D 1570 -23.83 -19.87 38.40
CA LYS D 1570 -25.13 -19.95 37.76
C LYS D 1570 -25.22 -19.00 36.62
N ASP D 1571 -25.15 -17.71 36.93
CA ASP D 1571 -25.19 -16.69 35.90
C ASP D 1571 -24.29 -17.10 34.78
N LEU D 1572 -23.01 -17.14 35.11
CA LEU D 1572 -22.02 -17.63 34.20
C LEU D 1572 -22.54 -18.83 33.47
N ILE D 1573 -22.84 -19.88 34.22
CA ILE D 1573 -23.38 -21.07 33.61
C ILE D 1573 -24.53 -20.71 32.72
N ALA D 1574 -25.58 -20.20 33.35
CA ALA D 1574 -26.73 -19.74 32.62
C ALA D 1574 -26.29 -18.91 31.45
N TRP D 1575 -25.53 -17.88 31.71
CA TRP D 1575 -25.04 -17.02 30.66
C TRP D 1575 -24.21 -17.77 29.67
N GLN D 1576 -23.34 -18.65 30.16
CA GLN D 1576 -22.77 -19.69 29.33
C GLN D 1576 -23.78 -20.27 28.38
N ILE D 1577 -24.84 -20.80 28.94
CA ILE D 1577 -25.66 -21.75 28.23
C ILE D 1577 -26.07 -21.19 26.88
N PRO D 1578 -26.90 -20.17 26.81
CA PRO D 1578 -27.69 -19.94 25.60
C PRO D 1578 -26.86 -20.02 24.38
N PHE D 1579 -25.61 -19.74 24.54
CA PHE D 1579 -24.79 -19.52 23.40
C PHE D 1579 -23.86 -20.67 23.21
N LEU D 1580 -23.71 -21.48 24.25
CA LEU D 1580 -23.58 -22.87 23.90
C LEU D 1580 -24.50 -23.09 22.74
N GLY D 1581 -25.78 -22.85 23.00
CA GLY D 1581 -26.74 -22.85 21.94
C GLY D 1581 -26.24 -22.10 20.75
N ALA D 1582 -25.79 -20.86 20.96
CA ALA D 1582 -25.28 -20.11 19.83
C ALA D 1582 -24.37 -20.96 19.01
N GLY D 1583 -23.28 -21.41 19.62
CA GLY D 1583 -22.37 -22.27 18.91
C GLY D 1583 -23.07 -23.49 18.45
N ILE D 1584 -23.88 -24.06 19.32
CA ILE D 1584 -24.78 -25.09 18.88
C ILE D 1584 -25.50 -24.63 17.64
N LYS D 1585 -26.27 -23.56 17.79
CA LYS D 1585 -26.76 -22.87 16.62
C LYS D 1585 -25.66 -22.76 15.60
N ILE D 1586 -24.57 -22.13 15.99
CA ILE D 1586 -23.49 -21.99 15.06
C ILE D 1586 -23.08 -23.32 14.49
N HIS D 1587 -22.90 -24.32 15.33
CA HIS D 1587 -22.37 -25.55 14.79
C HIS D 1587 -23.30 -26.00 13.67
N GLU D 1588 -24.58 -25.86 13.96
CA GLU D 1588 -25.61 -26.03 12.99
C GLU D 1588 -25.13 -25.86 11.57
N LYS D 1589 -24.43 -24.78 11.33
CA LYS D 1589 -24.38 -24.25 10.00
C LYS D 1589 -23.67 -25.17 9.05
N ARG D 1590 -22.62 -25.81 9.49
CA ARG D 1590 -21.85 -26.49 8.47
C ARG D 1590 -21.36 -27.86 8.90
N VAL D 1591 -21.81 -28.33 10.04
CA VAL D 1591 -21.54 -29.68 10.51
C VAL D 1591 -22.15 -30.74 9.59
N SER D 1592 -21.78 -32.02 9.83
CA SER D 1592 -21.87 -33.09 8.85
C SER D 1592 -23.12 -33.94 8.95
N ASP D 1593 -23.35 -34.65 7.86
CA ASP D 1593 -24.28 -35.73 7.73
C ASP D 1593 -24.33 -36.62 8.94
N ASN D 1594 -23.21 -37.25 9.27
CA ASN D 1594 -23.20 -38.23 10.33
C ASN D 1594 -23.56 -37.60 11.67
N LEU D 1595 -23.27 -36.34 11.83
CA LEU D 1595 -23.51 -35.72 13.12
C LEU D 1595 -24.59 -34.67 13.06
N ARG D 1596 -24.99 -34.25 11.87
CA ARG D 1596 -26.26 -33.57 11.76
C ARG D 1596 -27.27 -34.17 12.72
N PRO D 1597 -27.44 -35.49 12.80
CA PRO D 1597 -28.12 -36.03 13.95
C PRO D 1597 -27.43 -35.68 15.24
N PHE D 1598 -26.19 -36.11 15.43
CA PHE D 1598 -25.55 -35.80 16.69
C PHE D 1598 -25.71 -34.33 17.01
N HIS D 1599 -25.74 -33.49 15.99
CA HIS D 1599 -26.22 -32.14 16.22
C HIS D 1599 -27.58 -32.19 16.83
N ASP D 1600 -28.49 -32.83 16.13
CA ASP D 1600 -29.87 -32.83 16.54
C ASP D 1600 -29.95 -33.18 17.98
N ARG D 1601 -29.46 -34.38 18.23
CA ARG D 1601 -29.09 -34.81 19.55
C ARG D 1601 -28.76 -33.63 20.42
N MET D 1602 -27.83 -32.81 19.99
CA MET D 1602 -27.41 -31.83 20.95
C MET D 1602 -28.46 -30.75 21.08
N GLU D 1603 -28.91 -30.19 19.98
CA GLU D 1603 -29.93 -29.15 20.03
C GLU D 1603 -31.00 -29.51 21.00
N GLU D 1604 -31.52 -30.71 20.81
CA GLU D 1604 -32.35 -31.31 21.82
C GLU D 1604 -31.71 -31.07 23.16
N CYS D 1605 -30.56 -31.68 23.38
CA CYS D 1605 -29.92 -31.57 24.67
C CYS D 1605 -29.82 -30.13 25.14
N PHE D 1606 -29.84 -29.18 24.24
CA PHE D 1606 -29.79 -27.80 24.68
C PHE D 1606 -31.16 -27.50 25.18
N LYS D 1607 -32.15 -27.62 24.30
CA LYS D 1607 -33.52 -27.46 24.73
C LYS D 1607 -33.66 -28.04 26.11
N ASN D 1608 -33.16 -29.23 26.28
CA ASN D 1608 -33.14 -29.90 27.55
C ASN D 1608 -32.29 -29.17 28.57
N LEU D 1609 -30.97 -29.26 28.49
CA LEU D 1609 -30.10 -28.86 29.58
C LEU D 1609 -30.00 -27.36 29.69
N LYS D 1610 -29.92 -26.68 28.57
CA LYS D 1610 -30.34 -25.30 28.53
C LYS D 1610 -31.55 -25.11 29.40
N MET D 1611 -32.63 -25.81 29.09
CA MET D 1611 -33.84 -25.57 29.83
C MET D 1611 -33.66 -26.01 31.26
N LYS D 1612 -32.68 -26.86 31.49
CA LYS D 1612 -32.42 -27.33 32.83
C LYS D 1612 -31.58 -26.34 33.59
N VAL D 1613 -31.02 -25.38 32.88
CA VAL D 1613 -30.19 -24.41 33.55
C VAL D 1613 -30.93 -23.12 33.67
N GLU D 1614 -31.68 -22.78 32.64
CA GLU D 1614 -32.86 -21.98 32.84
C GLU D 1614 -33.57 -22.42 34.11
N LYS D 1615 -33.88 -23.71 34.19
CA LYS D 1615 -34.38 -24.28 35.42
C LYS D 1615 -33.41 -24.05 36.56
N GLU D 1616 -32.13 -24.26 36.30
CA GLU D 1616 -31.14 -23.92 37.28
C GLU D 1616 -31.25 -22.45 37.61
N TYR D 1617 -31.27 -21.58 36.60
CA TYR D 1617 -31.27 -20.16 36.90
C TYR D 1617 -31.99 -19.23 35.93
N GLY D 1618 -32.70 -19.74 34.94
CA GLY D 1618 -33.32 -18.80 34.02
C GLY D 1618 -32.42 -18.47 32.84
N VAL D 1619 -33.03 -18.42 31.66
CA VAL D 1619 -32.27 -18.26 30.42
C VAL D 1619 -31.57 -16.90 30.40
N ARG D 1620 -30.52 -16.82 29.59
CA ARG D 1620 -29.76 -15.60 29.41
C ARG D 1620 -29.56 -15.35 27.94
N ALA E 5 53.39 -71.01 94.57
CA ALA E 5 53.43 -70.10 93.44
C ALA E 5 54.32 -70.65 92.33
N ASP E 6 55.60 -70.86 92.64
CA ASP E 6 56.56 -71.44 91.70
C ASP E 6 56.49 -72.96 91.89
N ILE E 7 55.76 -73.62 91.00
CA ILE E 7 55.40 -75.02 91.17
C ILE E 7 55.79 -75.80 89.93
N VAL E 8 56.28 -77.03 90.13
CA VAL E 8 56.60 -77.93 89.03
C VAL E 8 56.21 -79.35 89.42
N LYS E 9 55.41 -80.01 88.56
CA LYS E 9 54.98 -81.37 88.80
C LYS E 9 56.02 -82.34 88.26
N VAL E 10 56.50 -83.25 89.13
CA VAL E 10 57.56 -84.18 88.79
C VAL E 10 57.19 -85.56 89.31
N ALA E 11 57.76 -86.59 88.70
CA ALA E 11 57.68 -87.96 89.19
C ALA E 11 59.07 -88.46 89.56
N ILE E 12 59.23 -88.84 90.83
CA ILE E 12 60.50 -89.33 91.36
C ILE E 12 60.44 -90.85 91.37
N GLU E 13 61.47 -91.50 90.81
CA GLU E 13 61.49 -92.95 90.69
C GLU E 13 62.67 -93.54 91.43
N TRP E 14 62.58 -94.85 91.68
CA TRP E 14 63.57 -95.62 92.42
C TRP E 14 63.38 -97.09 92.03
N PRO E 15 64.45 -97.79 91.66
CA PRO E 15 64.31 -99.23 91.35
C PRO E 15 63.70 -100.00 92.52
N GLY E 16 62.64 -100.75 92.22
CA GLY E 16 61.95 -101.54 93.20
C GLY E 16 60.81 -100.84 93.92
N ALA E 17 60.57 -99.57 93.64
CA ALA E 17 59.52 -98.81 94.29
C ALA E 17 58.64 -98.12 93.25
N TYR E 18 57.49 -97.66 93.70
CA TYR E 18 56.54 -96.92 92.87
C TYR E 18 56.92 -95.45 92.80
N PRO E 19 56.69 -94.78 91.68
CA PRO E 19 57.08 -93.37 91.57
C PRO E 19 56.21 -92.48 92.45
N LYS E 20 56.85 -91.49 93.05
CA LYS E 20 56.17 -90.49 93.86
C LYS E 20 55.91 -89.25 93.01
N LEU E 21 54.64 -88.88 92.93
CA LEU E 21 54.22 -87.69 92.19
C LEU E 21 54.32 -86.49 93.13
N MET E 22 55.35 -85.68 92.93
CA MET E 22 55.64 -84.55 93.81
C MET E 22 55.44 -83.24 93.07
N GLU E 23 54.68 -82.35 93.68
CA GLU E 23 54.51 -80.99 93.19
C GLU E 23 55.57 -80.13 93.89
N ILE E 24 56.77 -80.09 93.33
CA ILE E 24 57.90 -79.45 93.98
C ILE E 24 57.71 -77.93 93.92
N ASP E 25 57.92 -77.27 95.06
CA ASP E 25 57.96 -75.82 95.14
C ASP E 25 59.41 -75.37 95.02
N GLN E 26 59.69 -74.54 94.03
CA GLN E 26 61.05 -74.11 93.75
C GLN E 26 61.64 -73.22 94.85
N LYS E 27 60.82 -72.76 95.81
CA LYS E 27 61.36 -72.04 96.96
C LYS E 27 61.85 -72.97 98.05
N LYS E 28 61.35 -74.20 98.09
CA LYS E 28 61.79 -75.16 99.10
C LYS E 28 63.17 -75.69 98.73
N PRO E 29 64.09 -75.84 99.69
CA PRO E 29 65.41 -76.39 99.37
C PRO E 29 65.30 -77.82 98.87
N LEU E 30 66.28 -78.23 98.07
CA LEU E 30 66.27 -79.58 97.53
C LEU E 30 66.36 -80.63 98.63
N SER E 31 67.12 -80.33 99.70
CA SER E 31 67.32 -81.30 100.76
C SER E 31 66.00 -81.69 101.41
N ALA E 32 65.10 -80.73 101.61
CA ALA E 32 63.79 -81.04 102.18
C ALA E 32 63.00 -81.96 101.25
N ILE E 33 63.07 -81.70 99.94
CA ILE E 33 62.37 -82.56 98.97
C ILE E 33 62.92 -83.98 99.05
N ILE E 34 64.25 -84.12 99.04
CA ILE E 34 64.85 -85.45 99.08
C ILE E 34 64.50 -86.16 100.38
N LYS E 35 64.44 -85.41 101.49
CA LYS E 35 64.08 -86.02 102.77
C LYS E 35 62.64 -86.51 102.74
N GLU E 36 61.73 -85.71 102.19
CA GLU E 36 60.34 -86.14 102.04
C GLU E 36 60.26 -87.42 101.18
N VAL E 37 61.04 -87.47 100.10
CA VAL E 37 60.99 -88.63 99.21
C VAL E 37 61.51 -89.87 99.91
N CYS E 38 62.64 -89.75 100.62
CA CYS E 38 63.18 -90.91 101.32
C CYS E 38 62.28 -91.36 102.47
N ASP E 39 61.58 -90.40 103.11
CA ASP E 39 60.62 -90.78 104.15
C ASP E 39 59.43 -91.51 103.55
N GLY E 40 58.98 -91.07 102.36
CA GLY E 40 57.94 -91.80 101.67
C GLY E 40 58.39 -93.17 101.21
N TRP E 41 59.68 -93.34 100.95
CA TRP E 41 60.26 -94.62 100.57
C TRP E 41 60.90 -95.35 101.76
N SER E 42 60.75 -94.82 102.97
CA SER E 42 61.33 -95.41 104.19
C SER E 42 62.83 -95.65 104.04
N LEU E 43 63.52 -94.68 103.43
CA LEU E 43 64.97 -94.73 103.31
C LEU E 43 65.59 -93.80 104.34
N ALA E 44 66.47 -94.35 105.17
CA ALA E 44 67.20 -93.52 106.12
C ALA E 44 68.37 -92.82 105.42
N ASN E 45 68.92 -91.82 106.11
CA ASN E 45 70.08 -91.05 105.63
C ASN E 45 69.75 -90.37 104.30
N HIS E 46 68.81 -89.43 104.36
CA HIS E 46 68.42 -88.69 103.16
C HIS E 46 69.56 -87.83 102.61
N GLU E 47 70.53 -87.47 103.45
CA GLU E 47 71.63 -86.63 103.00
C GLU E 47 72.59 -87.37 102.08
N TYR E 48 72.48 -88.70 101.98
CA TYR E 48 73.27 -89.46 101.01
C TYR E 48 72.71 -89.36 99.60
N PHE E 49 71.46 -88.90 99.46
CA PHE E 49 70.74 -88.97 98.21
C PHE E 49 70.61 -87.59 97.58
N ALA E 50 70.44 -87.59 96.25
CA ALA E 50 70.14 -86.40 95.50
C ALA E 50 69.19 -86.80 94.37
N LEU E 51 68.88 -85.84 93.51
CA LEU E 51 68.01 -86.11 92.38
C LEU E 51 68.79 -86.00 91.07
N GLN E 52 68.35 -86.77 90.07
CA GLN E 52 68.91 -86.69 88.74
C GLN E 52 67.81 -86.96 87.74
N HIS E 53 68.13 -86.80 86.45
CA HIS E 53 67.15 -87.11 85.41
C HIS E 53 67.12 -88.61 85.16
N ALA E 54 65.92 -89.17 85.08
CA ALA E 54 65.80 -90.58 84.69
C ALA E 54 65.88 -90.73 83.18
N ASP E 55 65.74 -89.61 82.46
CA ASP E 55 65.89 -89.49 81.02
C ASP E 55 67.36 -89.46 80.64
N SER E 56 67.63 -88.82 79.51
CA SER E 56 68.96 -88.68 78.87
C SER E 56 69.95 -88.14 79.92
N SER E 57 71.23 -87.97 79.57
CA SER E 57 72.42 -88.39 80.31
C SER E 57 72.37 -88.19 81.82
N ASN E 58 71.28 -87.65 82.38
CA ASN E 58 71.00 -87.78 83.82
C ASN E 58 71.93 -86.93 84.66
N PHE E 59 72.08 -85.67 84.28
CA PHE E 59 72.78 -84.70 85.10
C PHE E 59 72.09 -84.56 86.45
N TYR E 60 72.88 -84.29 87.49
CA TYR E 60 72.34 -84.21 88.83
C TYR E 60 71.62 -82.88 89.04
N ILE E 61 70.55 -82.93 89.83
CA ILE E 61 69.73 -81.75 90.07
C ILE E 61 70.28 -80.99 91.28
N THR E 62 70.60 -79.72 91.07
CA THR E 62 71.05 -78.83 92.12
C THR E 62 70.08 -77.64 92.21
N GLU E 63 70.42 -76.70 93.10
CA GLU E 63 69.58 -75.52 93.26
C GLU E 63 69.58 -74.64 92.01
N LYS E 64 70.56 -74.81 91.13
CA LYS E 64 70.61 -74.04 89.88
C LYS E 64 69.85 -74.75 88.77
N ASN E 65 70.16 -76.03 88.55
CA ASN E 65 69.54 -76.79 87.47
C ASN E 65 68.08 -77.12 87.74
N ARG E 66 67.62 -77.05 89.00
CA ARG E 66 66.23 -77.37 89.29
C ARG E 66 65.28 -76.40 88.62
N ASN E 67 65.75 -75.20 88.27
CA ASN E 67 64.90 -74.26 87.54
C ASN E 67 64.61 -74.73 86.12
N GLU E 68 65.47 -75.59 85.57
CA GLU E 68 65.24 -76.15 84.24
C GLU E 68 64.31 -77.35 84.26
N ILE E 69 63.83 -77.76 85.44
CA ILE E 69 62.94 -78.91 85.53
C ILE E 69 61.58 -78.55 84.97
N LYS E 70 61.13 -79.30 83.97
CA LYS E 70 59.85 -79.05 83.33
C LYS E 70 58.75 -79.89 83.97
N ASN E 71 57.50 -79.50 83.72
CA ASN E 71 56.37 -80.22 84.27
C ASN E 71 56.25 -81.60 83.63
N GLY E 72 55.96 -82.61 84.45
CA GLY E 72 55.78 -83.95 83.96
C GLY E 72 57.05 -84.74 83.75
N THR E 73 58.21 -84.15 84.03
CA THR E 73 59.46 -84.88 83.86
C THR E 73 59.55 -86.01 84.87
N ILE E 74 60.27 -87.07 84.50
CA ILE E 74 60.55 -88.17 85.41
C ILE E 74 61.97 -88.02 85.92
N LEU E 75 62.11 -87.98 87.24
CA LEU E 75 63.41 -87.90 87.89
C LEU E 75 63.67 -89.16 88.69
N ARG E 76 64.95 -89.47 88.85
CA ARG E 76 65.40 -90.60 89.65
C ARG E 76 66.16 -90.05 90.85
N LEU E 77 65.64 -90.28 92.05
CA LEU E 77 66.44 -90.10 93.24
C LEU E 77 67.53 -91.17 93.23
N THR E 78 68.77 -90.74 93.51
CA THR E 78 69.89 -91.67 93.45
C THR E 78 70.98 -91.18 94.39
N THR E 79 72.14 -91.82 94.31
CA THR E 79 73.26 -91.42 95.13
C THR E 79 73.68 -89.99 94.77
N SER E 80 74.07 -89.23 95.80
CA SER E 80 74.48 -87.86 95.63
C SER E 80 75.69 -87.80 94.69
N PRO E 81 75.92 -86.66 94.02
CA PRO E 81 77.13 -86.54 93.19
C PRO E 81 78.41 -86.90 93.92
N ALA E 82 78.49 -86.60 95.22
CA ALA E 82 79.66 -87.00 96.01
C ALA E 82 79.76 -88.51 96.11
N GLN E 83 78.65 -89.18 96.40
CA GLN E 83 78.64 -90.64 96.46
C GLN E 83 78.96 -91.27 95.11
N ASN E 84 78.46 -90.68 94.02
CA ASN E 84 78.79 -91.16 92.68
C ASN E 84 80.29 -91.02 92.40
N ALA E 85 80.86 -89.86 92.73
CA ALA E 85 82.30 -89.66 92.54
C ALA E 85 83.10 -90.66 93.38
N GLN E 86 82.63 -90.96 94.59
CA GLN E 86 83.34 -91.90 95.44
C GLN E 86 83.29 -93.32 94.86
N GLN E 87 82.10 -93.79 94.50
CA GLN E 87 81.98 -95.14 93.95
C GLN E 87 82.75 -95.24 92.64
N LEU E 88 82.84 -94.14 91.88
CA LEU E 88 83.55 -94.20 90.62
C LEU E 88 85.07 -94.19 90.84
N HIS E 89 85.56 -93.38 91.78
CA HIS E 89 86.98 -93.43 92.12
C HIS E 89 87.36 -94.80 92.64
N GLU E 90 86.43 -95.50 93.31
CA GLU E 90 86.73 -96.84 93.77
C GLU E 90 86.73 -97.85 92.62
N ARG E 91 85.70 -97.81 91.77
CA ARG E 91 85.50 -98.87 90.79
C ARG E 91 86.38 -98.72 89.56
N ILE E 92 86.72 -97.48 89.15
CA ILE E 92 87.58 -97.30 87.99
C ILE E 92 89.01 -97.72 88.27
N GLN E 93 89.39 -97.88 89.53
CA GLN E 93 90.70 -98.40 89.90
C GLN E 93 90.65 -99.88 90.28
N SER E 94 89.52 -100.55 90.03
CA SER E 94 89.35 -101.92 90.50
C SER E 94 90.23 -102.88 89.71
N SER E 95 90.64 -103.95 90.39
CA SER E 95 91.42 -105.01 89.75
C SER E 95 90.60 -105.84 88.78
N SER E 96 89.27 -105.81 88.89
CA SER E 96 88.40 -106.50 87.94
C SER E 96 88.30 -105.68 86.67
N MET E 97 88.70 -106.25 85.54
CA MET E 97 88.72 -105.52 84.29
C MET E 97 87.32 -105.12 83.85
N ASP E 98 86.34 -106.01 84.02
CA ASP E 98 84.97 -105.67 83.64
C ASP E 98 84.40 -104.58 84.54
N ALA E 99 84.67 -104.65 85.84
CA ALA E 99 84.22 -103.61 86.75
C ALA E 99 84.88 -102.27 86.41
N LYS E 100 86.17 -102.30 86.10
CA LYS E 100 86.87 -101.07 85.70
C LYS E 100 86.29 -100.51 84.41
N LEU E 101 85.95 -101.37 83.46
CA LEU E 101 85.38 -100.91 82.20
C LEU E 101 84.01 -100.29 82.40
N GLU E 102 83.14 -100.94 83.16
CA GLU E 102 81.81 -100.39 83.43
C GLU E 102 81.92 -99.11 84.23
N ALA E 103 82.87 -99.02 85.16
CA ALA E 103 83.08 -97.81 85.91
C ALA E 103 83.55 -96.67 85.00
N LEU E 104 84.49 -96.95 84.11
CA LEU E 104 84.95 -95.92 83.19
C LEU E 104 83.82 -95.48 82.26
N LYS E 105 82.94 -96.40 81.89
CA LYS E 105 81.78 -96.04 81.07
C LYS E 105 80.86 -95.09 81.82
N ASP E 106 80.42 -95.49 83.02
CA ASP E 106 79.58 -94.62 83.82
C ASP E 106 80.26 -93.30 84.13
N LEU E 107 81.60 -93.31 84.20
CA LEU E 107 82.34 -92.12 84.57
C LEU E 107 82.43 -91.14 83.40
N ALA E 108 82.70 -91.64 82.19
CA ALA E 108 82.70 -90.76 81.03
C ALA E 108 81.28 -90.33 80.67
N SER E 109 80.28 -91.06 81.16
CA SER E 109 78.90 -90.63 80.96
C SER E 109 78.50 -89.54 81.94
N LEU E 110 78.94 -89.66 83.21
CA LEU E 110 78.59 -88.68 84.23
C LEU E 110 79.52 -87.47 84.27
N SER E 111 80.73 -87.57 83.72
CA SER E 111 81.73 -86.52 83.90
C SER E 111 81.45 -85.29 83.05
N ARG E 112 80.39 -85.32 82.24
CA ARG E 112 79.97 -84.12 81.53
C ARG E 112 79.19 -83.18 82.44
N ASP E 113 78.75 -83.65 83.60
CA ASP E 113 78.00 -82.85 84.55
C ASP E 113 78.97 -82.14 85.49
N VAL E 114 78.87 -80.80 85.54
CA VAL E 114 79.75 -80.03 86.43
C VAL E 114 79.52 -80.42 87.87
N THR E 115 78.31 -80.87 88.21
CA THR E 115 78.00 -81.23 89.59
C THR E 115 78.77 -82.48 90.02
N PHE E 116 78.64 -83.56 89.27
CA PHE E 116 79.38 -84.78 89.58
C PHE E 116 80.88 -84.58 89.36
N ALA E 117 81.25 -83.89 88.29
CA ALA E 117 82.65 -83.72 87.97
C ALA E 117 83.37 -82.91 89.02
N GLN E 118 82.67 -81.95 89.66
CA GLN E 118 83.29 -81.21 90.74
C GLN E 118 83.74 -82.13 91.86
N GLU E 119 82.83 -83.00 92.32
CA GLU E 119 83.17 -83.97 93.36
C GLU E 119 84.27 -84.92 92.89
N PHE E 120 84.28 -85.24 91.60
CA PHE E 120 85.27 -86.19 91.11
C PHE E 120 86.66 -85.55 91.03
N ILE E 121 86.74 -84.24 90.76
CA ILE E 121 88.03 -83.55 90.76
C ILE E 121 88.51 -83.34 92.19
N ASN E 122 87.59 -83.05 93.11
CA ASN E 122 88.01 -82.79 94.49
C ASN E 122 88.64 -84.01 95.16
N LEU E 123 88.62 -85.17 94.52
CA LEU E 123 89.29 -86.37 95.04
C LEU E 123 90.50 -86.77 94.20
N ASP E 124 90.99 -85.86 93.35
CA ASP E 124 92.12 -86.12 92.47
C ASP E 124 91.87 -87.31 91.55
N GLY E 125 90.64 -87.46 91.07
CA GLY E 125 90.36 -88.49 90.10
C GLY E 125 91.05 -88.26 88.77
N ILE E 126 91.32 -86.99 88.44
CA ILE E 126 92.17 -86.68 87.30
C ILE E 126 93.52 -87.37 87.47
N SER E 127 94.05 -87.43 88.70
CA SER E 127 95.29 -88.14 88.93
C SER E 127 95.16 -89.63 88.67
N LEU E 128 94.05 -90.24 89.11
CA LEU E 128 93.81 -91.66 88.82
C LEU E 128 93.78 -91.90 87.32
N LEU E 129 93.06 -91.07 86.58
CA LEU E 129 92.92 -91.27 85.14
C LEU E 129 94.25 -91.07 84.42
N THR E 130 94.99 -90.02 84.81
CA THR E 130 96.28 -89.77 84.19
C THR E 130 97.28 -90.87 84.52
N GLN E 131 97.23 -91.41 85.73
CA GLN E 131 98.09 -92.53 86.09
C GLN E 131 97.73 -93.77 85.29
N MET E 132 96.43 -93.97 85.04
CA MET E 132 96.01 -95.07 84.19
C MET E 132 96.57 -94.93 82.78
N VAL E 133 96.59 -93.70 82.26
CA VAL E 133 97.18 -93.46 80.94
C VAL E 133 98.69 -93.69 80.98
N GLU E 134 99.34 -93.25 82.06
CA GLU E 134 100.79 -93.32 82.13
C GLU E 134 101.29 -94.76 82.25
N SER E 135 100.74 -95.51 83.20
CA SER E 135 101.28 -96.83 83.51
C SER E 135 100.34 -97.98 83.16
N GLY E 136 99.21 -97.73 82.50
CA GLY E 136 98.34 -98.82 82.12
C GLY E 136 98.97 -99.72 81.09
N THR E 137 98.81 -101.02 81.28
CA THR E 137 99.39 -102.02 80.39
C THR E 137 98.33 -102.58 79.45
N GLU E 138 98.76 -102.95 78.25
CA GLU E 138 97.89 -103.50 77.21
C GLU E 138 96.68 -102.59 76.96
N LEU E 139 96.89 -101.28 77.01
CA LEU E 139 95.81 -100.32 76.87
C LEU E 139 95.45 -100.08 75.41
N ASP E 153 89.39 -99.89 75.14
CA ASP E 153 88.09 -99.48 75.66
C ASP E 153 88.21 -98.80 77.03
N MET E 154 89.03 -99.41 77.90
CA MET E 154 89.30 -98.82 79.21
C MET E 154 89.95 -97.45 79.06
N LEU E 155 90.92 -97.34 78.16
CA LEU E 155 91.64 -96.08 77.98
C LEU E 155 90.78 -95.05 77.27
N SER E 156 89.91 -95.48 76.36
CA SER E 156 89.00 -94.55 75.69
C SER E 156 88.11 -93.85 76.69
N PHE E 157 87.44 -94.60 77.56
CA PHE E 157 86.58 -93.98 78.55
C PHE E 157 87.40 -93.22 79.59
N THR E 158 88.60 -93.72 79.90
CA THR E 158 89.53 -92.96 80.73
C THR E 158 89.71 -91.55 80.20
N LEU E 159 90.08 -91.43 78.92
CA LEU E 159 90.43 -90.13 78.37
C LEU E 159 89.19 -89.27 78.15
N THR E 160 88.07 -89.89 77.75
CA THR E 160 86.83 -89.15 77.61
C THR E 160 86.41 -88.55 78.95
N ALA E 161 86.44 -89.35 80.01
CA ALA E 161 86.15 -88.83 81.33
C ALA E 161 87.13 -87.73 81.72
N PHE E 162 88.42 -87.93 81.43
CA PHE E 162 89.43 -86.94 81.77
C PHE E 162 89.12 -85.59 81.14
N VAL E 163 88.81 -85.57 79.85
CA VAL E 163 88.53 -84.29 79.18
C VAL E 163 87.21 -83.70 79.67
N GLU E 164 86.19 -84.54 79.85
CA GLU E 164 84.90 -84.02 80.32
C GLU E 164 85.05 -83.39 81.70
N LEU E 165 85.89 -83.98 82.55
CA LEU E 165 86.15 -83.41 83.87
C LEU E 165 86.90 -82.10 83.78
N MET E 166 88.02 -82.07 83.06
CA MET E 166 88.83 -80.85 83.04
C MET E 166 88.15 -79.74 82.23
N ASP E 167 87.11 -80.07 81.47
CA ASP E 167 86.40 -79.05 80.71
C ASP E 167 85.58 -78.09 81.58
N HIS E 168 85.47 -78.36 82.88
CA HIS E 168 84.60 -77.56 83.73
C HIS E 168 85.36 -76.52 84.55
N GLY E 169 86.69 -76.49 84.44
CA GLY E 169 87.47 -75.42 85.03
C GLY E 169 87.50 -75.36 86.54
N ILE E 170 87.53 -76.50 87.22
CA ILE E 170 87.72 -76.45 88.67
C ILE E 170 89.21 -76.40 89.01
N VAL E 171 90.05 -77.10 88.25
CA VAL E 171 91.49 -77.11 88.47
C VAL E 171 92.20 -76.67 87.20
N SER E 172 93.39 -76.10 87.39
CA SER E 172 94.19 -75.61 86.28
C SER E 172 94.80 -76.77 85.51
N TRP E 173 95.10 -76.53 84.23
CA TRP E 173 95.70 -77.57 83.41
C TRP E 173 97.18 -77.78 83.72
N ASP E 174 97.79 -76.87 84.49
CA ASP E 174 99.18 -77.03 84.88
C ASP E 174 99.38 -78.12 85.92
N THR E 175 98.30 -78.73 86.44
CA THR E 175 98.43 -79.80 87.41
C THR E 175 98.84 -81.12 86.76
N PHE E 176 98.72 -81.22 85.44
CA PHE E 176 99.13 -82.45 84.75
C PHE E 176 100.64 -82.61 84.79
N SER E 177 101.08 -83.81 85.13
CA SER E 177 102.51 -84.09 85.21
C SER E 177 103.11 -84.21 83.81
N VAL E 178 104.44 -84.08 83.74
CA VAL E 178 105.12 -84.23 82.46
C VAL E 178 105.01 -85.67 81.98
N ALA E 179 104.84 -86.63 82.90
CA ALA E 179 104.67 -88.02 82.50
C ALA E 179 103.39 -88.23 81.71
N PHE E 180 102.28 -87.63 82.17
CA PHE E 180 101.03 -87.75 81.43
C PHE E 180 101.11 -87.08 80.07
N ILE E 181 101.80 -85.94 80.01
CA ILE E 181 101.93 -85.22 78.75
C ILE E 181 102.76 -86.03 77.77
N LYS E 182 103.84 -86.66 78.26
CA LYS E 182 104.65 -87.51 77.40
C LYS E 182 103.88 -88.74 76.95
N LYS E 183 103.08 -89.34 77.84
CA LYS E 183 102.30 -90.50 77.46
C LYS E 183 101.26 -90.14 76.40
N ILE E 184 100.61 -88.99 76.54
CA ILE E 184 99.56 -88.62 75.60
C ILE E 184 100.19 -88.21 74.27
N ALA E 185 101.35 -87.56 74.32
CA ALA E 185 102.03 -87.19 73.08
C ALA E 185 102.64 -88.42 72.42
N SER E 186 102.83 -89.49 73.18
CA SER E 186 103.23 -90.75 72.59
C SER E 186 102.05 -91.45 71.93
N PHE E 187 100.88 -91.42 72.58
CA PHE E 187 99.67 -91.91 71.94
C PHE E 187 99.39 -91.16 70.64
N VAL E 188 99.75 -89.89 70.58
CA VAL E 188 99.67 -89.14 69.33
C VAL E 188 100.82 -89.47 68.38
N ASN E 189 102.02 -89.70 68.90
CA ASN E 189 103.23 -89.78 68.09
C ASN E 189 103.50 -91.18 67.54
N LYS E 190 102.90 -92.22 68.12
CA LYS E 190 103.08 -93.56 67.62
C LYS E 190 102.33 -93.74 66.30
N SER E 191 102.64 -94.83 65.61
CA SER E 191 101.88 -95.20 64.42
C SER E 191 100.40 -95.29 64.78
N ALA E 192 99.53 -95.00 63.81
CA ALA E 192 98.09 -94.86 64.03
C ALA E 192 97.54 -95.92 64.97
N ILE E 193 96.92 -95.49 66.06
CA ILE E 193 96.40 -96.37 67.09
C ILE E 193 94.88 -96.28 67.07
N ASP E 194 94.23 -97.02 67.96
CA ASP E 194 92.78 -97.01 68.08
C ASP E 194 92.23 -95.60 67.95
N ILE E 195 91.26 -95.43 67.05
CA ILE E 195 90.83 -94.09 66.64
C ILE E 195 90.28 -93.32 67.84
N SER E 196 89.59 -94.00 68.75
CA SER E 196 89.09 -93.33 69.94
C SER E 196 90.23 -92.81 70.80
N ILE E 197 91.24 -93.64 71.04
CA ILE E 197 92.42 -93.21 71.79
C ILE E 197 93.04 -91.99 71.12
N LEU E 198 93.13 -92.01 69.78
CA LEU E 198 93.79 -90.92 69.07
C LEU E 198 93.00 -89.63 69.17
N GLN E 199 91.67 -89.69 69.03
CA GLN E 199 90.87 -88.48 69.08
C GLN E 199 90.86 -87.89 70.50
N ARG E 200 90.80 -88.76 71.52
CA ARG E 200 90.89 -88.26 72.88
C ARG E 200 92.27 -87.65 73.17
N SER E 201 93.32 -88.26 72.62
CA SER E 201 94.67 -87.72 72.79
C SER E 201 94.81 -86.36 72.13
N LEU E 202 94.26 -86.21 70.92
CA LEU E 202 94.27 -84.91 70.27
C LEU E 202 93.50 -83.88 71.07
N ALA E 203 92.36 -84.29 71.64
CA ALA E 203 91.60 -83.40 72.51
C ALA E 203 92.44 -82.93 73.69
N ILE E 204 93.09 -83.88 74.39
CA ILE E 204 93.89 -83.53 75.55
C ILE E 204 95.02 -82.59 75.17
N LEU E 205 95.75 -82.90 74.09
CA LEU E 205 96.89 -82.07 73.74
C LEU E 205 96.45 -80.66 73.32
N GLU E 206 95.38 -80.57 72.52
CA GLU E 206 94.87 -79.26 72.13
C GLU E 206 94.47 -78.46 73.36
N SER E 207 93.75 -79.10 74.29
CA SER E 207 93.34 -78.41 75.50
C SER E 207 94.55 -77.92 76.31
N MET E 208 95.57 -78.76 76.45
CA MET E 208 96.68 -78.40 77.33
C MET E 208 97.57 -77.33 76.71
N VAL E 209 97.66 -77.29 75.38
CA VAL E 209 98.39 -76.19 74.76
C VAL E 209 97.58 -74.89 74.84
N LEU E 210 96.25 -74.99 74.71
CA LEU E 210 95.42 -73.79 74.83
C LEU E 210 95.44 -73.20 76.24
N ASN E 211 95.42 -74.05 77.27
CA ASN E 211 95.20 -73.59 78.63
C ASN E 211 96.49 -73.33 79.40
N SER E 212 97.65 -73.53 78.79
CA SER E 212 98.91 -73.29 79.48
C SER E 212 100.01 -73.04 78.45
N HIS E 213 100.85 -72.04 78.70
CA HIS E 213 101.96 -71.76 77.80
C HIS E 213 103.09 -72.76 78.00
N ASP E 214 103.44 -73.03 79.26
CA ASP E 214 104.49 -74.02 79.54
C ASP E 214 104.09 -75.40 79.04
N LEU E 215 102.79 -75.71 79.09
CA LEU E 215 102.33 -76.98 78.54
C LEU E 215 102.46 -77.00 77.03
N TYR E 216 102.27 -75.85 76.38
CA TYR E 216 102.55 -75.77 74.95
C TYR E 216 104.02 -75.99 74.66
N GLN E 217 104.89 -75.41 75.50
CA GLN E 217 106.33 -75.65 75.34
C GLN E 217 106.64 -77.13 75.45
N LYS E 218 106.03 -77.81 76.42
CA LYS E 218 106.29 -79.23 76.62
C LYS E 218 105.71 -80.08 75.49
N VAL E 219 104.60 -79.65 74.90
CA VAL E 219 103.97 -80.45 73.87
C VAL E 219 104.68 -80.27 72.53
N ALA E 220 105.13 -79.05 72.23
CA ALA E 220 105.76 -78.78 70.94
C ALA E 220 107.03 -79.61 70.75
N GLN E 221 107.69 -79.99 71.84
CA GLN E 221 108.90 -80.80 71.75
C GLN E 221 108.60 -82.29 71.73
N GLU E 222 107.37 -82.70 72.06
CA GLU E 222 107.00 -84.10 72.12
C GLU E 222 106.30 -84.60 70.87
N ILE E 223 105.77 -83.71 70.03
CA ILE E 223 105.11 -84.10 68.79
C ILE E 223 105.74 -83.30 67.65
N THR E 224 106.01 -83.98 66.54
CA THR E 224 106.57 -83.33 65.37
C THR E 224 105.50 -83.08 64.32
N ILE E 225 105.80 -82.17 63.39
CA ILE E 225 104.86 -81.88 62.31
C ILE E 225 104.66 -83.10 61.43
N GLY E 226 105.74 -83.82 61.16
CA GLY E 226 105.63 -85.02 60.32
C GLY E 226 104.81 -86.12 60.98
N GLN E 227 104.43 -85.92 62.25
CA GLN E 227 103.54 -86.86 62.91
C GLN E 227 102.11 -86.29 62.96
N LEU E 228 101.99 -84.97 63.02
CA LEU E 228 100.68 -84.36 63.19
C LEU E 228 99.96 -84.24 61.85
N ILE E 229 100.72 -84.18 60.76
CA ILE E 229 100.15 -84.08 59.42
C ILE E 229 99.53 -85.39 58.96
N PRO E 230 100.16 -86.56 59.16
CA PRO E 230 99.55 -87.81 58.65
C PRO E 230 98.19 -88.12 59.25
N HIS E 231 97.87 -87.59 60.43
CA HIS E 231 96.53 -87.76 60.97
C HIS E 231 95.49 -87.04 60.13
N LEU E 232 95.91 -86.11 59.29
CA LEU E 232 95.05 -85.55 58.25
C LEU E 232 94.68 -86.59 57.20
N GLN E 233 95.49 -87.64 57.05
CA GLN E 233 95.27 -88.65 56.03
C GLN E 233 94.22 -89.68 56.41
N GLY E 234 93.74 -89.67 57.64
CA GLY E 234 92.72 -90.62 58.04
C GLY E 234 91.38 -90.27 57.43
N SER E 235 90.63 -91.32 57.08
CA SER E 235 89.29 -91.13 56.53
C SER E 235 88.30 -90.66 57.60
N ASP E 236 88.66 -90.71 58.87
CA ASP E 236 87.83 -90.18 59.94
C ASP E 236 88.02 -88.67 60.00
N GLN E 237 86.95 -87.93 59.73
CA GLN E 237 87.03 -86.47 59.73
C GLN E 237 87.22 -85.92 61.13
N GLU E 238 86.87 -86.68 62.17
CA GLU E 238 87.08 -86.22 63.54
C GLU E 238 88.57 -86.14 63.87
N ILE E 239 89.33 -87.17 63.48
CA ILE E 239 90.77 -87.17 63.70
C ILE E 239 91.42 -86.02 62.93
N GLN E 240 90.96 -85.81 61.69
CA GLN E 240 91.48 -84.73 60.87
C GLN E 240 91.19 -83.36 61.49
N THR E 241 89.96 -83.17 61.97
CA THR E 241 89.59 -81.90 62.58
C THR E 241 90.40 -81.64 63.84
N TYR E 242 90.57 -82.66 64.68
CA TYR E 242 91.36 -82.46 65.89
C TYR E 242 92.84 -82.25 65.57
N THR E 243 93.32 -82.84 64.47
CA THR E 243 94.69 -82.60 64.05
C THR E 243 94.90 -81.14 63.63
N ILE E 244 93.98 -80.61 62.82
CA ILE E 244 94.12 -79.21 62.43
C ILE E 244 93.88 -78.29 63.61
N ALA E 245 93.05 -78.72 64.57
CA ALA E 245 92.91 -77.96 65.81
C ALA E 245 94.23 -77.93 66.57
N VAL E 246 94.97 -79.04 66.56
CA VAL E 246 96.31 -79.08 67.15
C VAL E 246 97.24 -78.13 66.41
N ILE E 247 97.19 -78.16 65.07
CA ILE E 247 98.00 -77.25 64.26
C ILE E 247 97.75 -75.81 64.68
N ASN E 248 96.48 -75.40 64.70
CA ASN E 248 96.14 -74.01 65.00
C ASN E 248 96.47 -73.67 66.44
N ALA E 249 96.40 -74.65 67.34
CA ALA E 249 96.74 -74.40 68.74
C ALA E 249 98.23 -74.14 68.91
N LEU E 250 99.07 -74.97 68.30
CA LEU E 250 100.51 -74.70 68.32
C LEU E 250 100.83 -73.40 67.60
N PHE E 251 100.05 -73.05 66.58
CA PHE E 251 100.26 -71.79 65.88
C PHE E 251 99.94 -70.60 66.77
N LEU E 252 98.85 -70.68 67.54
CA LEU E 252 98.42 -69.54 68.34
C LEU E 252 99.27 -69.39 69.59
N LYS E 253 99.71 -70.51 70.17
CA LYS E 253 100.57 -70.45 71.34
C LYS E 253 102.04 -70.25 70.99
N ALA E 254 102.40 -70.29 69.71
CA ALA E 254 103.77 -70.09 69.31
C ALA E 254 104.18 -68.63 69.46
N PRO E 255 105.46 -68.37 69.72
CA PRO E 255 105.95 -67.00 69.70
C PRO E 255 105.85 -66.41 68.30
N ASP E 256 105.84 -65.07 68.24
CA ASP E 256 105.69 -64.40 66.96
C ASP E 256 106.90 -64.64 66.06
N GLU E 257 108.09 -64.65 66.64
CA GLU E 257 109.30 -64.84 65.84
C GLU E 257 109.37 -66.27 65.28
N ARG E 258 109.04 -67.26 66.11
CA ARG E 258 109.08 -68.65 65.67
C ARG E 258 107.87 -69.04 64.83
N ARG E 259 106.86 -68.16 64.74
CA ARG E 259 105.69 -68.47 63.93
C ARG E 259 106.04 -68.55 62.46
N GLN E 260 106.87 -67.63 61.98
CA GLN E 260 107.31 -67.71 60.59
C GLN E 260 108.09 -68.99 60.33
N GLU E 261 108.97 -69.36 61.26
CA GLU E 261 109.75 -70.58 61.09
C GLU E 261 108.87 -71.82 61.07
N MET E 262 107.88 -71.90 61.96
CA MET E 262 107.01 -73.07 61.97
C MET E 262 106.09 -73.07 60.76
N ALA E 263 105.76 -71.88 60.23
CA ALA E 263 105.02 -71.81 58.97
C ALA E 263 105.86 -72.34 57.81
N ASN E 264 107.14 -71.98 57.78
CA ASN E 264 108.02 -72.54 56.75
C ASN E 264 108.13 -74.05 56.89
N ILE E 265 108.23 -74.54 58.13
CA ILE E 265 108.32 -75.99 58.36
C ILE E 265 107.06 -76.69 57.88
N LEU E 266 105.89 -76.09 58.15
CA LEU E 266 104.64 -76.71 57.73
C LEU E 266 104.48 -76.68 56.22
N ALA E 267 104.89 -75.58 55.59
CA ALA E 267 104.75 -75.47 54.14
C ALA E 267 105.73 -76.40 53.42
N GLN E 268 106.92 -76.59 54.00
CA GLN E 268 107.91 -77.48 53.41
C GLN E 268 107.44 -78.92 53.40
N LYS E 269 106.55 -79.31 54.33
CA LYS E 269 105.96 -80.63 54.35
C LYS E 269 104.64 -80.67 53.58
N GLN E 270 104.40 -79.68 52.72
CA GLN E 270 103.22 -79.63 51.86
C GLN E 270 101.93 -79.70 52.68
N LEU E 271 101.84 -78.85 53.71
CA LEU E 271 100.60 -78.77 54.48
C LEU E 271 99.47 -78.26 53.61
N ARG E 272 99.76 -77.26 52.77
CA ARG E 272 98.73 -76.68 51.90
C ARG E 272 98.20 -77.70 50.91
N SER E 273 99.11 -78.38 50.20
CA SER E 273 98.67 -79.35 49.19
C SER E 273 98.01 -80.56 49.83
N ILE E 274 98.42 -80.94 51.04
CA ILE E 274 97.80 -82.11 51.66
C ILE E 274 96.40 -81.74 52.15
N ILE E 275 96.22 -80.51 52.64
CA ILE E 275 94.87 -80.05 52.97
C ILE E 275 94.00 -79.99 51.72
N LEU E 276 94.60 -79.58 50.59
CA LEU E 276 93.85 -79.52 49.35
C LEU E 276 93.40 -80.91 48.92
N THR E 277 94.33 -81.87 48.87
CA THR E 277 94.03 -83.17 48.30
C THR E 277 93.19 -84.02 49.25
N HIS E 278 93.25 -83.76 50.56
CA HIS E 278 92.59 -84.65 51.51
C HIS E 278 91.55 -83.97 52.39
N VAL E 279 91.32 -82.66 52.23
CA VAL E 279 90.26 -82.00 52.98
C VAL E 279 89.28 -81.30 52.05
N ILE E 280 89.76 -80.30 51.30
CA ILE E 280 88.85 -79.49 50.50
C ILE E 280 88.32 -80.30 49.32
N ARG E 281 89.16 -81.19 48.77
CA ARG E 281 88.75 -82.06 47.67
C ARG E 281 88.57 -83.51 48.13
N ALA E 282 88.42 -83.74 49.42
CA ALA E 282 88.19 -85.09 49.91
C ALA E 282 86.77 -85.55 49.55
N GLN E 283 86.53 -86.84 49.77
CA GLN E 283 85.21 -87.39 49.49
C GLN E 283 84.17 -86.87 50.50
N ARG E 284 84.55 -86.83 51.77
CA ARG E 284 83.66 -86.32 52.80
C ARG E 284 83.56 -84.80 52.71
N ALA E 285 82.33 -84.29 52.74
CA ALA E 285 82.12 -82.85 52.67
C ALA E 285 82.69 -82.16 53.89
N ILE E 286 83.22 -80.95 53.69
CA ILE E 286 83.81 -80.19 54.79
C ILE E 286 82.71 -79.79 55.76
N ASN E 287 82.86 -80.17 57.02
CA ASN E 287 81.88 -79.85 58.05
C ASN E 287 82.07 -78.41 58.52
N ASN E 288 81.25 -78.02 59.50
CA ASN E 288 81.34 -76.68 60.05
C ASN E 288 82.64 -76.48 60.82
N GLU E 289 83.04 -77.48 61.62
CA GLU E 289 84.26 -77.36 62.41
C GLU E 289 85.52 -77.35 61.56
N MET E 290 85.58 -78.18 60.51
CA MET E 290 86.75 -78.16 59.64
C MET E 290 86.80 -76.86 58.84
N ALA E 291 85.63 -76.33 58.47
CA ALA E 291 85.60 -75.01 57.85
C ALA E 291 86.10 -73.94 58.82
N HIS E 292 85.75 -74.07 60.11
CA HIS E 292 86.26 -73.16 61.13
C HIS E 292 87.78 -73.22 61.20
N GLN E 293 88.34 -74.43 61.27
CA GLN E 293 89.79 -74.58 61.37
C GLN E 293 90.49 -74.10 60.11
N LEU E 294 89.88 -74.31 58.94
CA LEU E 294 90.46 -73.82 57.70
C LEU E 294 90.41 -72.30 57.65
N TYR E 295 89.32 -71.71 58.16
CA TYR E 295 89.25 -70.26 58.34
C TYR E 295 90.38 -69.76 59.20
N VAL E 296 90.60 -70.40 60.36
CA VAL E 296 91.63 -69.94 61.28
C VAL E 296 93.01 -70.07 60.65
N LEU E 297 93.26 -71.19 59.96
CA LEU E 297 94.54 -71.37 59.30
C LEU E 297 94.75 -70.30 58.23
N GLN E 298 93.69 -69.94 57.52
CA GLN E 298 93.81 -68.90 56.51
C GLN E 298 94.07 -67.54 57.13
N VAL E 299 93.36 -67.22 58.21
CA VAL E 299 93.61 -65.97 58.92
C VAL E 299 95.07 -65.90 59.33
N LEU E 300 95.61 -66.99 59.86
CA LEU E 300 96.99 -66.94 60.33
C LEU E 300 98.00 -66.88 59.19
N THR E 301 97.75 -67.61 58.09
CA THR E 301 98.68 -67.55 56.96
C THR E 301 98.61 -66.19 56.29
N PHE E 302 97.54 -65.43 56.54
CA PHE E 302 97.53 -64.05 56.09
C PHE E 302 98.23 -63.14 57.09
N ASN E 303 97.94 -63.28 58.39
CA ASN E 303 98.64 -62.53 59.43
C ASN E 303 100.14 -62.66 59.34
N LEU E 304 100.66 -63.75 58.78
CA LEU E 304 102.10 -63.84 58.53
C LEU E 304 102.62 -62.65 57.73
N LEU E 305 101.73 -61.87 57.11
CA LEU E 305 102.11 -60.76 56.28
C LEU E 305 101.89 -59.41 56.96
N GLU E 306 101.18 -59.40 58.09
CA GLU E 306 100.96 -58.17 58.84
C GLU E 306 102.26 -57.50 59.22
N ASP E 307 103.29 -58.30 59.55
CA ASP E 307 104.56 -57.72 59.95
C ASP E 307 105.19 -56.92 58.82
N ARG E 308 105.43 -57.56 57.68
CA ARG E 308 106.00 -56.85 56.53
C ARG E 308 105.08 -55.72 56.08
N MET E 309 103.80 -55.80 56.45
CA MET E 309 102.88 -54.69 56.18
C MET E 309 103.22 -53.46 57.03
N MET E 310 103.59 -53.67 58.29
CA MET E 310 103.79 -52.58 59.24
C MET E 310 105.24 -52.12 59.37
N THR E 311 106.11 -52.54 58.46
CA THR E 311 107.52 -52.13 58.53
C THR E 311 107.81 -51.07 57.46
N LYS E 312 108.20 -49.88 57.91
CA LYS E 312 108.55 -48.79 57.02
C LYS E 312 109.95 -49.00 56.44
N MET E 313 110.23 -48.34 55.32
CA MET E 313 111.57 -48.40 54.76
C MET E 313 112.52 -47.46 55.50
N ASP E 314 113.79 -47.83 55.49
CA ASP E 314 114.84 -46.89 55.83
C ASP E 314 115.38 -46.31 54.53
N PRO E 315 114.93 -45.12 54.13
CA PRO E 315 115.41 -44.54 52.87
C PRO E 315 116.90 -44.24 52.86
N GLN E 316 117.58 -44.42 53.99
CA GLN E 316 119.03 -44.34 54.04
C GLN E 316 119.69 -45.71 53.93
N ASP E 317 118.90 -46.79 53.99
CA ASP E 317 119.42 -48.14 53.84
C ASP E 317 119.70 -48.38 52.37
N GLN E 318 120.99 -48.51 52.03
CA GLN E 318 121.37 -48.60 50.63
C GLN E 318 120.86 -49.88 49.97
N ALA E 319 120.71 -50.95 50.75
CA ALA E 319 120.16 -52.18 50.18
C ALA E 319 118.68 -52.04 49.87
N GLN E 320 117.93 -51.39 50.77
CA GLN E 320 116.52 -51.17 50.51
C GLN E 320 116.30 -50.27 49.30
N ARG E 321 117.21 -49.32 49.07
CA ARG E 321 117.13 -48.50 47.88
C ARG E 321 117.54 -49.28 46.65
N ASP E 322 118.59 -50.10 46.76
CA ASP E 322 119.04 -50.92 45.64
C ASP E 322 117.97 -51.92 45.22
N ILE E 323 117.09 -52.32 46.16
CA ILE E 323 115.95 -53.12 45.76
C ILE E 323 115.08 -52.37 44.75
N ILE E 324 114.81 -51.10 45.02
CA ILE E 324 114.02 -50.29 44.08
C ILE E 324 114.82 -50.02 42.81
N PHE E 325 116.15 -49.86 42.95
CA PHE E 325 117.02 -49.70 41.78
C PHE E 325 116.92 -50.91 40.86
N GLU E 326 116.93 -52.11 41.45
CA GLU E 326 116.78 -53.32 40.65
C GLU E 326 115.38 -53.44 40.07
N LEU E 327 114.36 -53.08 40.85
CA LEU E 327 113.00 -53.05 40.34
C LEU E 327 112.89 -52.13 39.13
N ARG E 328 113.65 -51.04 39.15
CA ARG E 328 113.67 -50.11 38.03
C ARG E 328 114.48 -50.65 36.88
N ARG E 329 115.57 -51.34 37.16
CA ARG E 329 116.45 -51.84 36.11
C ARG E 329 115.79 -52.97 35.34
N ILE E 330 115.27 -53.97 36.05
CA ILE E 330 114.57 -55.07 35.40
C ILE E 330 113.49 -54.54 34.47
N ALA E 331 112.80 -53.48 34.91
CA ALA E 331 111.75 -52.87 34.11
C ALA E 331 112.33 -52.14 32.89
N PHE E 332 113.23 -51.19 33.15
CA PHE E 332 113.74 -50.31 32.11
C PHE E 332 114.61 -51.08 31.13
N ASP E 333 115.40 -52.03 31.62
CA ASP E 333 116.32 -52.75 30.77
C ASP E 333 115.62 -53.94 30.11
N ARG E 354 113.56 -37.65 35.90
CA ARG E 354 112.66 -38.64 36.48
C ARG E 354 113.41 -39.54 37.47
N ASP E 355 114.03 -40.58 36.92
CA ASP E 355 114.85 -41.57 37.60
C ASP E 355 114.02 -42.50 38.48
N TYR E 356 112.78 -42.11 38.79
CA TYR E 356 111.78 -43.00 39.34
C TYR E 356 110.37 -42.62 38.92
N LYS E 357 110.23 -41.60 38.07
CA LYS E 357 108.92 -41.05 37.78
C LYS E 357 108.14 -41.94 36.80
N LYS E 358 108.83 -42.48 35.80
CA LYS E 358 108.21 -43.38 34.85
C LYS E 358 107.74 -44.68 35.48
N LEU E 359 108.25 -45.04 36.65
CA LEU E 359 107.75 -46.16 37.41
C LEU E 359 106.52 -45.80 38.24
N GLY E 360 106.20 -44.51 38.33
CA GLY E 360 105.03 -44.08 39.06
C GLY E 360 105.22 -43.90 40.54
N PHE E 361 106.46 -43.72 41.01
CA PHE E 361 106.67 -43.34 42.39
C PHE E 361 106.39 -41.86 42.57
N ILE E 362 105.60 -41.53 43.60
CA ILE E 362 105.28 -40.14 43.87
C ILE E 362 106.55 -39.35 44.16
N ASN E 363 107.54 -39.99 44.78
CA ASN E 363 108.84 -39.36 45.01
C ASN E 363 109.77 -39.79 43.89
N HIS E 364 110.02 -38.85 42.97
CA HIS E 364 110.82 -39.13 41.78
C HIS E 364 112.26 -39.46 42.15
N VAL E 365 112.75 -38.91 43.24
CA VAL E 365 114.15 -39.08 43.59
C VAL E 365 114.36 -40.06 44.74
N ASN E 366 113.46 -40.09 45.72
CA ASN E 366 113.57 -40.99 46.87
C ASN E 366 112.28 -41.78 46.99
N PRO E 367 112.09 -42.78 46.12
CA PRO E 367 110.89 -43.62 46.23
C PRO E 367 110.87 -44.46 47.50
N ALA E 368 112.00 -44.56 48.20
CA ALA E 368 112.04 -45.28 49.46
C ALA E 368 111.16 -44.61 50.50
N MET E 369 111.08 -43.27 50.46
CA MET E 369 110.13 -42.57 51.32
C MET E 369 108.71 -43.02 51.01
N ASP E 370 108.44 -43.34 49.74
CA ASP E 370 107.16 -43.91 49.34
C ASP E 370 106.83 -45.19 50.08
N PHE E 371 107.73 -45.70 50.91
CA PHE E 371 107.49 -46.92 51.66
C PHE E 371 107.49 -46.69 53.17
N THR E 372 107.67 -45.46 53.63
CA THR E 372 107.55 -45.18 55.06
C THR E 372 106.09 -45.11 55.52
N GLN E 373 105.15 -45.31 54.60
CA GLN E 373 103.73 -45.35 54.93
C GLN E 373 103.35 -46.81 55.18
N THR E 374 103.11 -47.14 56.44
CA THR E 374 102.70 -48.48 56.84
C THR E 374 101.29 -48.43 57.41
N PRO E 375 100.32 -49.12 56.80
CA PRO E 375 100.49 -49.96 55.61
C PRO E 375 100.71 -49.14 54.35
N PRO E 376 101.26 -49.76 53.29
CA PRO E 376 101.65 -51.17 53.16
C PRO E 376 103.09 -51.47 53.54
N GLY E 377 103.96 -50.47 53.50
CA GLY E 377 105.33 -50.66 53.90
C GLY E 377 106.04 -51.71 53.07
N MET E 378 106.75 -52.61 53.75
CA MET E 378 107.59 -53.59 53.06
C MET E 378 106.80 -54.76 52.50
N LEU E 379 105.57 -54.98 52.96
CA LEU E 379 104.73 -55.96 52.29
C LEU E 379 104.56 -55.58 50.82
N ALA E 380 104.33 -54.29 50.54
CA ALA E 380 104.19 -53.85 49.16
C ALA E 380 105.46 -54.10 48.37
N LEU E 381 106.62 -53.87 48.98
CA LEU E 381 107.88 -54.19 48.32
C LEU E 381 107.99 -55.67 48.00
N ASP E 382 107.69 -56.52 49.00
CA ASP E 382 107.72 -57.96 48.76
C ASP E 382 106.83 -58.32 47.58
N ASN E 383 105.66 -57.70 47.50
CA ASN E 383 104.73 -58.03 46.43
C ASN E 383 105.25 -57.58 45.07
N MET E 384 105.73 -56.33 44.97
CA MET E 384 106.18 -55.86 43.66
C MET E 384 107.44 -56.59 43.21
N LEU E 385 108.31 -56.96 44.14
CA LEU E 385 109.47 -57.77 43.77
C LEU E 385 109.03 -59.16 43.31
N TYR E 386 108.03 -59.74 43.98
CA TYR E 386 107.48 -61.02 43.53
C TYR E 386 106.92 -60.88 42.12
N PHE E 387 106.23 -59.78 41.85
CA PHE E 387 105.66 -59.57 40.53
C PHE E 387 106.75 -59.42 39.47
N ALA E 388 107.84 -58.73 39.83
CA ALA E 388 108.93 -58.52 38.88
C ALA E 388 109.70 -59.81 38.63
N LYS E 389 109.77 -60.70 39.62
CA LYS E 389 110.60 -61.89 39.48
C LYS E 389 109.82 -63.10 38.97
N HIS E 390 108.72 -63.47 39.63
CA HIS E 390 107.97 -64.65 39.25
C HIS E 390 107.07 -64.41 38.05
N HIS E 391 106.66 -63.16 37.82
CA HIS E 391 105.81 -62.79 36.71
C HIS E 391 106.48 -61.67 35.92
N GLN E 392 107.74 -61.91 35.60
CA GLN E 392 108.59 -60.93 34.93
C GLN E 392 107.91 -60.32 33.71
N ASP E 393 107.31 -61.16 32.86
CA ASP E 393 106.69 -60.65 31.64
C ASP E 393 105.58 -59.65 31.97
N ALA E 394 104.71 -60.00 32.91
CA ALA E 394 103.64 -59.10 33.31
C ALA E 394 104.19 -57.79 33.85
N TYR E 395 105.21 -57.88 34.72
CA TYR E 395 105.82 -56.68 35.28
C TYR E 395 106.35 -55.77 34.18
N ILE E 396 107.08 -56.34 33.23
CA ILE E 396 107.68 -55.54 32.17
C ILE E 396 106.59 -54.91 31.31
N ARG E 397 105.56 -55.67 30.96
CA ARG E 397 104.48 -55.12 30.14
C ARG E 397 103.81 -53.95 30.84
N ILE E 398 103.43 -54.16 32.11
CA ILE E 398 102.77 -53.10 32.87
C ILE E 398 103.63 -51.84 32.91
N VAL E 399 104.92 -52.00 33.21
CA VAL E 399 105.77 -50.83 33.41
C VAL E 399 106.07 -50.15 32.07
N LEU E 400 106.20 -50.93 30.99
CA LEU E 400 106.54 -50.34 29.70
C LEU E 400 105.36 -49.60 29.12
N GLU E 401 104.14 -50.12 29.30
CA GLU E 401 102.97 -49.40 28.83
C GLU E 401 102.76 -48.09 29.57
N ASN E 402 103.52 -47.83 30.64
CA ASN E 402 103.34 -46.63 31.45
C ASN E 402 104.64 -45.86 31.68
N SER E 403 105.78 -46.40 31.25
CA SER E 403 107.05 -45.69 31.42
C SER E 403 107.30 -44.68 30.31
N SER E 404 106.78 -44.93 29.12
CA SER E 404 106.94 -44.01 28.00
C SER E 404 105.81 -43.00 27.90
N ARG E 405 104.74 -43.19 28.66
CA ARG E 405 103.58 -42.31 28.59
C ARG E 405 103.92 -40.98 29.25
N GLU E 406 103.91 -39.91 28.45
CA GLU E 406 104.05 -38.55 28.98
C GLU E 406 102.72 -37.81 29.02
N ASP E 407 101.60 -38.53 28.96
CA ASP E 407 100.27 -37.93 29.10
C ASP E 407 99.72 -38.15 30.51
N LYS E 408 98.61 -37.48 30.80
CA LYS E 408 98.06 -37.42 32.16
C LYS E 408 97.08 -38.54 32.47
N HIS E 409 97.17 -39.65 31.75
CA HIS E 409 96.31 -40.80 32.00
C HIS E 409 97.08 -42.04 32.40
N GLU E 410 98.34 -41.90 32.77
CA GLU E 410 99.18 -43.04 33.10
C GLU E 410 98.84 -43.61 34.47
N CYS E 411 99.13 -44.90 34.64
CA CYS E 411 98.92 -45.56 35.92
C CYS E 411 100.24 -45.65 36.66
N PRO E 412 100.43 -44.90 37.75
CA PRO E 412 101.73 -44.86 38.42
C PRO E 412 102.02 -46.16 39.15
N PHE E 413 102.90 -46.98 38.56
CA PHE E 413 103.05 -48.36 39.01
C PHE E 413 103.56 -48.45 40.44
N GLY E 414 104.53 -47.61 40.81
CA GLY E 414 105.01 -47.62 42.17
C GLY E 414 103.93 -47.24 43.16
N ARG E 415 103.30 -46.09 42.95
CA ARG E 415 102.23 -45.63 43.83
C ARG E 415 101.02 -46.55 43.77
N SER E 416 100.67 -47.01 42.57
CA SER E 416 99.59 -47.98 42.44
C SER E 416 99.85 -49.23 43.24
N SER E 417 101.08 -49.76 43.17
CA SER E 417 101.41 -50.97 43.90
C SER E 417 101.39 -50.74 45.41
N ILE E 418 101.95 -49.62 45.86
CA ILE E 418 101.86 -49.26 47.27
C ILE E 418 100.41 -49.29 47.73
N GLU E 419 99.56 -48.48 47.08
CA GLU E 419 98.18 -48.37 47.51
C GLU E 419 97.45 -49.69 47.37
N LEU E 420 97.82 -50.50 46.38
CA LEU E 420 97.09 -51.73 46.11
C LEU E 420 97.43 -52.79 47.13
N THR E 421 98.69 -52.85 47.55
CA THR E 421 99.04 -53.72 48.67
C THR E 421 98.34 -53.26 49.94
N LYS E 422 98.30 -51.96 50.18
CA LYS E 422 97.58 -51.47 51.35
C LYS E 422 96.12 -51.89 51.31
N MET E 423 95.49 -51.75 50.15
CA MET E 423 94.08 -52.14 50.00
C MET E 423 93.89 -53.64 50.18
N LEU E 424 94.78 -54.44 49.62
CA LEU E 424 94.66 -55.89 49.80
C LEU E 424 94.82 -56.27 51.26
N CYS E 425 95.76 -55.64 51.95
CA CYS E 425 95.89 -55.86 53.39
C CYS E 425 94.62 -55.44 54.12
N GLU E 426 93.94 -54.43 53.60
CA GLU E 426 92.70 -53.98 54.23
C GLU E 426 91.56 -54.96 53.99
N ILE E 427 91.44 -55.47 52.76
CA ILE E 427 90.29 -56.32 52.41
C ILE E 427 90.49 -57.72 52.95
N LEU E 428 91.73 -58.21 52.96
CA LEU E 428 92.00 -59.51 53.59
C LEU E 428 92.01 -59.43 55.10
N LYS E 429 91.99 -58.22 55.67
CA LYS E 429 91.96 -58.03 57.12
C LYS E 429 93.17 -58.67 57.78
N VAL E 430 94.34 -58.48 57.17
CA VAL E 430 95.57 -58.93 57.80
C VAL E 430 95.82 -58.09 59.05
N GLY E 431 96.42 -58.73 60.05
CA GLY E 431 96.48 -58.13 61.37
C GLY E 431 95.32 -58.48 62.26
N GLU E 432 94.29 -59.13 61.72
CA GLU E 432 93.14 -59.55 62.52
C GLU E 432 93.39 -60.92 63.11
N LEU E 433 92.88 -61.13 64.31
CA LEU E 433 93.05 -62.40 64.97
C LEU E 433 91.91 -63.35 64.61
N PRO E 434 92.17 -64.65 64.61
CA PRO E 434 91.08 -65.61 64.35
C PRO E 434 90.09 -65.61 65.50
N SER E 435 88.82 -65.72 65.13
CA SER E 435 87.73 -65.70 66.11
C SER E 435 86.96 -67.01 66.03
N GLU E 436 86.08 -67.21 67.01
CA GLU E 436 85.33 -68.45 67.10
C GLU E 436 84.07 -68.45 66.24
N THR E 437 83.70 -67.31 65.68
CA THR E 437 82.42 -67.17 65.00
C THR E 437 82.49 -67.43 63.50
N CYS E 438 83.68 -67.60 62.93
CA CYS E 438 83.83 -67.65 61.49
C CYS E 438 84.39 -69.00 61.05
N ASN E 439 83.89 -69.48 59.90
CA ASN E 439 84.38 -70.71 59.29
C ASN E 439 84.77 -70.49 57.84
N ASP E 440 84.97 -69.23 57.43
CA ASP E 440 85.17 -68.89 56.03
C ASP E 440 86.65 -68.89 55.67
N PHE E 441 86.97 -69.57 54.58
CA PHE E 441 88.33 -69.62 54.08
C PHE E 441 88.26 -69.61 52.55
N HIS E 442 89.21 -68.92 51.94
CA HIS E 442 89.33 -68.93 50.49
C HIS E 442 90.09 -70.20 50.10
N PRO E 443 89.44 -71.18 49.46
CA PRO E 443 90.18 -72.39 49.07
C PRO E 443 91.25 -72.12 48.03
N MET E 444 91.15 -70.99 47.31
CA MET E 444 92.14 -70.67 46.29
C MET E 444 93.54 -70.52 46.88
N PHE E 445 93.67 -69.96 48.08
CA PHE E 445 94.97 -69.84 48.72
C PHE E 445 95.56 -71.19 49.08
N PHE E 446 94.78 -72.26 48.97
CA PHE E 446 95.29 -73.61 49.18
C PHE E 446 95.72 -74.28 47.88
N THR E 447 95.67 -73.54 46.77
CA THR E 447 96.09 -74.04 45.47
C THR E 447 97.43 -73.49 45.03
N HIS E 448 98.01 -72.56 45.78
CA HIS E 448 99.29 -71.98 45.44
C HIS E 448 100.06 -71.68 46.72
N ASP E 449 101.35 -71.99 46.72
CA ASP E 449 102.19 -71.73 47.88
C ASP E 449 102.38 -70.23 48.11
N ARG E 450 102.41 -69.45 47.03
CA ARG E 450 102.52 -68.00 47.14
C ARG E 450 101.24 -67.34 46.64
N SER E 451 100.09 -67.93 47.02
CA SER E 451 98.81 -67.45 46.50
C SER E 451 98.58 -65.99 46.82
N PHE E 452 99.19 -65.49 47.91
CA PHE E 452 99.03 -64.08 48.26
C PHE E 452 99.70 -63.17 47.22
N GLU E 453 100.99 -63.39 46.97
CA GLU E 453 101.71 -62.52 46.05
C GLU E 453 101.29 -62.79 44.60
N GLU E 454 100.92 -64.03 44.29
CA GLU E 454 100.30 -64.30 43.01
C GLU E 454 99.02 -63.50 42.84
N PHE E 455 98.17 -63.47 43.88
CA PHE E 455 96.96 -62.66 43.83
C PHE E 455 97.31 -61.19 43.69
N PHE E 456 98.42 -60.76 44.31
CA PHE E 456 98.89 -59.39 44.12
C PHE E 456 99.15 -59.11 42.65
N CYS E 457 99.85 -60.02 41.97
CA CYS E 457 100.13 -59.83 40.55
C CYS E 457 98.85 -59.81 39.73
N ILE E 458 97.95 -60.76 39.99
CA ILE E 458 96.67 -60.78 39.28
C ILE E 458 95.93 -59.46 39.46
N CYS E 459 95.93 -58.94 40.69
CA CYS E 459 95.16 -57.74 40.98
C CYS E 459 95.83 -56.47 40.46
N ILE E 460 97.17 -56.45 40.35
CA ILE E 460 97.79 -55.30 39.69
C ILE E 460 97.52 -55.33 38.19
N GLN E 461 97.51 -56.51 37.56
CA GLN E 461 97.10 -56.60 36.16
C GLN E 461 95.68 -56.07 35.99
N LEU E 462 94.75 -56.57 36.78
CA LEU E 462 93.36 -56.12 36.70
C LEU E 462 93.26 -54.61 36.98
N LEU E 463 94.14 -54.10 37.84
CA LEU E 463 94.15 -52.68 38.15
C LEU E 463 94.51 -51.85 36.92
N ASN E 464 95.57 -52.24 36.21
CA ASN E 464 95.94 -51.49 35.01
C ASN E 464 94.85 -51.60 33.96
N LYS E 465 94.28 -52.80 33.79
CA LYS E 465 93.18 -52.96 32.83
C LYS E 465 92.01 -52.04 33.19
N THR E 466 91.73 -51.92 34.48
CA THR E 466 90.63 -51.05 34.95
C THR E 466 90.90 -49.60 34.62
N TRP E 467 92.07 -49.09 35.02
CA TRP E 467 92.44 -47.71 34.68
C TRP E 467 92.28 -47.47 33.18
N LYS E 468 92.65 -48.47 32.37
CA LYS E 468 92.44 -48.35 30.93
C LYS E 468 90.97 -48.19 30.60
N GLU E 469 90.12 -49.05 31.14
CA GLU E 469 88.71 -49.01 30.77
C GLU E 469 88.07 -47.67 31.09
N MET E 470 88.58 -46.95 32.08
CA MET E 470 87.89 -45.75 32.57
C MET E 470 88.51 -44.46 32.09
N ARG E 471 89.66 -44.52 31.41
CA ARG E 471 90.40 -43.31 31.09
C ARG E 471 90.66 -42.54 32.37
N ALA E 472 91.41 -43.14 33.28
CA ALA E 472 91.65 -42.48 34.53
C ALA E 472 92.83 -41.53 34.43
N THR E 473 92.71 -40.40 35.13
CA THR E 473 93.84 -39.53 35.37
C THR E 473 94.32 -39.81 36.79
N SER E 474 95.48 -39.24 37.13
CA SER E 474 96.07 -39.52 38.44
C SER E 474 95.25 -38.91 39.56
N GLU E 475 94.59 -37.77 39.31
CA GLU E 475 93.71 -37.20 40.33
C GLU E 475 92.57 -38.15 40.65
N ASP E 476 92.11 -38.89 39.65
CA ASP E 476 91.00 -39.82 39.86
C ASP E 476 91.45 -41.04 40.64
N PHE E 477 92.73 -41.10 41.01
CA PHE E 477 93.36 -42.27 41.61
C PHE E 477 92.38 -42.89 42.60
N ASN E 478 91.99 -42.12 43.61
CA ASN E 478 91.00 -42.57 44.58
C ASN E 478 89.82 -43.25 43.92
N LYS E 479 89.13 -42.55 43.01
CA LYS E 479 88.01 -43.15 42.30
C LYS E 479 88.43 -44.48 41.70
N VAL E 480 89.50 -44.47 40.92
CA VAL E 480 90.06 -45.69 40.36
C VAL E 480 90.17 -46.75 41.44
N MET E 481 90.87 -46.44 42.52
CA MET E 481 91.03 -47.41 43.61
C MET E 481 89.67 -47.89 44.08
N GLN E 482 88.76 -46.95 44.37
CA GLN E 482 87.40 -47.33 44.67
C GLN E 482 86.90 -48.33 43.65
N VAL E 483 86.90 -47.95 42.38
CA VAL E 483 86.55 -48.87 41.30
C VAL E 483 87.26 -50.20 41.49
N VAL E 484 88.60 -50.15 41.57
CA VAL E 484 89.36 -51.39 41.68
C VAL E 484 88.91 -52.20 42.88
N LYS E 485 88.78 -51.54 44.05
CA LYS E 485 88.38 -52.28 45.24
C LYS E 485 87.05 -52.96 45.01
N GLU E 486 86.12 -52.25 44.36
CA GLU E 486 84.77 -52.76 44.17
C GLU E 486 84.75 -53.92 43.17
N GLN E 487 85.86 -54.18 42.49
CA GLN E 487 85.99 -55.43 41.75
C GLN E 487 86.43 -56.56 42.69
N VAL E 488 87.50 -56.32 43.45
CA VAL E 488 88.10 -57.40 44.24
C VAL E 488 87.09 -57.96 45.23
N MET E 489 86.48 -57.09 46.03
CA MET E 489 85.48 -57.50 46.99
C MET E 489 84.31 -58.22 46.34
N ARG E 490 84.06 -58.00 45.05
CA ARG E 490 82.96 -58.64 44.36
C ARG E 490 83.34 -59.96 43.72
N ALA E 491 84.62 -60.34 43.78
CA ALA E 491 85.03 -61.62 43.20
C ALA E 491 85.24 -62.69 44.26
N LEU E 492 85.83 -62.32 45.40
CA LEU E 492 86.09 -63.29 46.46
C LEU E 492 84.80 -63.89 47.00
N THR E 493 83.70 -63.14 46.89
CA THR E 493 82.40 -63.65 47.30
C THR E 493 81.97 -64.88 46.50
N THR E 494 82.56 -65.10 45.32
CA THR E 494 82.24 -66.28 44.52
C THR E 494 82.98 -67.52 45.00
N LYS E 495 83.86 -67.40 45.99
CA LYS E 495 84.65 -68.52 46.50
C LYS E 495 85.35 -69.28 45.37
N PRO E 496 86.30 -68.65 44.68
CA PRO E 496 87.01 -69.35 43.60
C PRO E 496 87.83 -70.51 44.15
N SER E 497 87.72 -71.66 43.48
CA SER E 497 88.44 -72.85 43.91
C SER E 497 89.95 -72.69 43.81
N SER E 498 90.45 -71.97 42.82
CA SER E 498 91.87 -71.69 42.68
C SER E 498 92.03 -70.27 42.17
N LEU E 499 93.29 -69.87 42.01
CA LEU E 499 93.60 -68.52 41.57
C LEU E 499 93.06 -68.26 40.16
N ASP E 500 92.99 -69.31 39.33
CA ASP E 500 92.53 -69.14 37.96
C ASP E 500 91.04 -68.83 37.91
N GLN E 501 90.25 -69.51 38.76
CA GLN E 501 88.84 -69.15 38.86
C GLN E 501 88.67 -67.72 39.35
N PHE E 502 89.57 -67.27 40.22
CA PHE E 502 89.55 -65.87 40.65
C PHE E 502 89.82 -64.93 39.48
N LYS E 503 90.80 -65.27 38.63
CA LYS E 503 91.07 -64.46 37.45
C LYS E 503 89.86 -64.40 36.53
N SER E 504 89.24 -65.54 36.27
CA SER E 504 88.08 -65.57 35.39
C SER E 504 86.91 -64.80 35.97
N LYS E 505 86.78 -64.80 37.30
CA LYS E 505 85.73 -64.00 37.94
C LYS E 505 86.02 -62.51 37.79
N LEU E 506 87.27 -62.09 38.02
CA LEU E 506 87.64 -60.70 37.81
C LEU E 506 87.39 -60.27 36.36
N GLN E 507 87.63 -61.17 35.40
CA GLN E 507 87.45 -60.82 34.00
C GLN E 507 86.01 -60.44 33.70
N ASN E 508 85.06 -61.01 34.43
CA ASN E 508 83.65 -60.73 34.24
C ASN E 508 83.18 -59.47 34.95
N LEU E 509 84.06 -58.78 35.69
CA LEU E 509 83.70 -57.54 36.39
C LEU E 509 84.04 -56.37 35.48
N SER E 510 83.01 -55.76 34.87
CA SER E 510 83.20 -54.69 33.90
C SER E 510 83.16 -53.31 34.55
N TYR E 511 83.53 -52.29 33.78
CA TYR E 511 83.53 -50.93 34.29
C TYR E 511 82.10 -50.44 34.50
N THR E 512 81.70 -50.34 35.77
CA THR E 512 80.56 -49.55 36.22
C THR E 512 79.19 -50.13 35.89
N GLU E 513 79.14 -51.26 35.17
CA GLU E 513 77.85 -51.75 34.70
C GLU E 513 77.04 -52.38 35.83
N ILE E 514 77.56 -53.47 36.40
CA ILE E 514 76.92 -54.08 37.55
C ILE E 514 76.95 -53.13 38.74
N LEU E 515 78.04 -52.36 38.84
CA LEU E 515 78.18 -51.36 39.89
C LEU E 515 77.03 -50.36 39.82
N LYS E 516 76.35 -50.28 38.68
CA LYS E 516 75.17 -49.44 38.54
C LYS E 516 73.86 -50.22 38.67
N ILE E 517 73.81 -51.46 38.19
CA ILE E 517 72.59 -52.24 38.36
C ILE E 517 72.27 -52.48 39.83
N ARG E 518 73.26 -52.37 40.73
CA ARG E 518 73.03 -52.65 42.15
C ARG E 518 72.00 -51.74 42.83
N GLN E 519 72.21 -50.42 42.81
CA GLN E 519 71.28 -49.53 43.51
C GLN E 519 69.88 -49.61 42.92
N SER E 520 69.80 -49.94 41.62
CA SER E 520 68.49 -50.14 40.98
C SER E 520 67.72 -51.27 41.63
N GLU E 521 68.40 -52.37 41.97
CA GLU E 521 67.71 -53.48 42.62
C GLU E 521 67.54 -53.23 44.12
N ARG E 522 68.30 -52.29 44.70
CA ARG E 522 68.21 -52.08 46.14
C ARG E 522 66.88 -51.47 46.59
N MET E 523 65.92 -51.30 45.69
CA MET E 523 64.68 -50.64 46.04
C MET E 523 63.40 -51.37 45.63
N ASN E 524 63.41 -52.08 44.49
CA ASN E 524 62.17 -52.52 43.84
C ASN E 524 61.18 -53.14 44.80
N GLN E 525 61.66 -53.95 45.73
CA GLN E 525 60.85 -54.33 46.87
C GLN E 525 60.54 -53.12 47.74
N GLU E 526 61.57 -52.51 48.33
CA GLU E 526 61.41 -51.54 49.41
C GLU E 526 60.38 -50.48 49.09
N ASP E 527 60.22 -50.16 47.82
CA ASP E 527 59.20 -49.21 47.41
C ASP E 527 57.88 -49.74 47.91
N PHE E 528 57.48 -50.86 47.32
CA PHE E 528 56.56 -51.72 48.02
C PHE E 528 57.11 -52.03 49.41
N GLN E 529 58.16 -52.78 49.48
CA GLN E 529 58.58 -53.38 50.74
C GLN E 529 59.43 -52.50 51.61
N SER E 530 59.07 -51.29 52.01
CA SER E 530 59.76 -50.65 53.13
C SER E 530 58.79 -49.71 53.80
N ARG E 531 58.66 -49.87 55.12
CA ARG E 531 57.66 -49.21 55.93
C ARG E 531 57.58 -47.72 55.66
N PRO E 532 58.62 -46.92 55.85
CA PRO E 532 58.46 -45.49 55.67
C PRO E 532 58.32 -45.12 54.22
N ILE E 533 59.08 -45.75 53.35
CA ILE E 533 58.85 -45.53 51.92
C ILE E 533 57.43 -45.87 51.57
N LEU E 534 57.06 -47.13 51.74
CA LEU E 534 55.76 -47.54 51.26
C LEU E 534 54.67 -46.70 51.90
N GLU E 535 54.89 -46.31 53.15
CA GLU E 535 54.16 -45.22 53.77
C GLU E 535 53.96 -44.10 52.79
N LEU E 536 55.03 -43.70 52.12
CA LEU E 536 54.83 -42.72 51.08
C LEU E 536 54.40 -43.34 49.76
N LYS E 537 54.77 -44.60 49.50
CA LYS E 537 54.22 -45.27 48.31
C LYS E 537 52.75 -45.38 48.35
N GLU E 538 52.17 -45.24 49.51
CA GLU E 538 50.76 -45.48 49.69
C GLU E 538 50.04 -44.27 50.23
N LYS E 539 50.72 -43.43 51.00
CA LYS E 539 50.18 -42.11 51.29
C LYS E 539 49.74 -41.42 50.01
N ILE E 540 50.27 -41.85 48.87
CA ILE E 540 49.88 -41.19 47.63
C ILE E 540 49.45 -42.13 46.48
N GLN E 541 49.88 -43.40 46.45
CA GLN E 541 49.47 -44.32 45.40
C GLN E 541 48.00 -44.26 44.95
N PRO E 542 47.05 -44.20 45.88
CA PRO E 542 45.64 -44.23 45.45
C PRO E 542 45.25 -43.06 44.60
N GLU E 543 45.54 -41.86 45.04
CA GLU E 543 45.25 -40.79 44.12
C GLU E 543 45.97 -41.00 42.81
N ILE E 544 47.05 -41.77 42.80
CA ILE E 544 47.71 -42.00 41.53
C ILE E 544 46.78 -42.82 40.68
N LEU E 545 46.24 -43.85 41.27
CA LEU E 545 45.07 -44.43 40.68
C LEU E 545 44.15 -43.37 40.17
N GLU E 546 43.82 -42.39 40.97
CA GLU E 546 42.95 -41.36 40.44
C GLU E 546 43.52 -40.81 39.15
N LEU E 547 44.78 -40.49 39.17
CA LEU E 547 45.31 -39.70 38.09
C LEU E 547 45.20 -40.50 36.83
N ILE E 548 45.39 -41.80 36.96
CA ILE E 548 44.84 -42.70 35.97
C ILE E 548 43.47 -42.24 35.59
N LYS E 549 42.62 -42.18 36.58
CA LYS E 549 41.22 -42.16 36.27
C LYS E 549 40.92 -40.95 35.44
N GLN E 550 41.20 -39.79 36.00
CA GLN E 550 40.86 -38.56 35.30
C GLN E 550 41.21 -38.68 33.84
N GLN E 551 42.31 -39.34 33.57
CA GLN E 551 42.58 -39.51 32.17
C GLN E 551 41.57 -40.43 31.54
N ARG E 552 41.44 -41.60 32.12
CA ARG E 552 40.39 -42.45 31.64
C ARG E 552 39.19 -41.64 31.32
N LEU E 553 38.84 -40.74 32.19
CA LEU E 553 37.78 -39.80 31.92
C LEU E 553 38.03 -39.15 30.57
N ASN E 554 39.23 -38.75 30.33
CA ASN E 554 39.42 -37.97 29.14
C ASN E 554 39.25 -38.85 27.93
N ARG E 555 39.65 -40.09 28.10
CA ARG E 555 39.13 -41.13 27.26
C ARG E 555 37.64 -40.99 27.20
N LEU E 556 37.02 -40.87 28.35
CA LEU E 556 35.57 -40.86 28.35
C LEU E 556 35.05 -39.83 27.38
N VAL E 557 35.83 -38.81 27.10
CA VAL E 557 35.15 -37.74 26.40
C VAL E 557 35.73 -37.53 25.00
N GLU E 558 36.78 -38.25 24.61
CA GLU E 558 37.04 -38.20 23.17
C GLU E 558 35.81 -38.67 22.44
N GLY E 559 35.11 -39.58 23.08
CA GLY E 559 34.06 -40.33 22.46
C GLY E 559 34.71 -41.41 21.63
N THR E 560 34.29 -42.68 21.78
CA THR E 560 34.79 -43.78 20.96
C THR E 560 33.73 -44.20 19.99
N CYS E 561 34.20 -44.70 18.86
CA CYS E 561 33.42 -45.66 18.12
C CYS E 561 32.85 -46.68 19.11
N PHE E 562 31.64 -47.17 18.85
CA PHE E 562 30.99 -48.17 19.71
C PHE E 562 30.20 -49.18 18.88
N ARG E 563 29.45 -50.04 19.56
CA ARG E 563 28.99 -51.27 18.95
C ARG E 563 27.92 -51.88 19.83
N LYS E 564 26.68 -51.82 19.38
CA LYS E 564 25.58 -52.50 20.06
C LYS E 564 25.77 -54.01 19.99
N LEU E 565 24.68 -54.76 20.18
CA LEU E 565 24.66 -56.19 19.83
C LEU E 565 24.40 -56.46 18.36
N ASN E 566 25.18 -57.39 17.81
CA ASN E 566 24.77 -58.20 16.66
C ASN E 566 24.22 -57.33 15.53
N ALA E 567 24.96 -56.29 15.17
CA ALA E 567 24.53 -55.25 14.23
C ALA E 567 25.09 -55.41 12.82
N ARG E 568 24.75 -56.49 12.14
CA ARG E 568 25.31 -56.80 10.83
C ARG E 568 24.69 -55.93 9.73
N ARG E 569 25.15 -56.13 8.49
CA ARG E 569 24.57 -55.48 7.30
C ARG E 569 24.77 -53.96 7.28
N ARG E 570 26.04 -53.56 7.30
CA ARG E 570 26.46 -52.18 7.03
C ARG E 570 25.91 -51.17 8.03
N GLN E 571 25.22 -51.64 9.07
CA GLN E 571 24.67 -50.74 10.07
C GLN E 571 25.77 -49.87 10.65
N ASP E 572 25.34 -48.94 11.48
CA ASP E 572 26.28 -48.25 12.34
C ASP E 572 26.72 -49.29 13.37
N LYS E 573 27.39 -50.35 12.88
CA LYS E 573 28.11 -51.35 13.66
C LYS E 573 28.92 -50.58 14.66
N PHE E 574 29.28 -49.42 14.17
CA PHE E 574 30.09 -48.48 14.88
C PHE E 574 29.21 -47.33 15.35
N TRP E 575 29.59 -46.70 16.46
CA TRP E 575 28.87 -45.50 16.86
C TRP E 575 29.66 -44.73 17.91
N TYR E 576 30.16 -43.56 17.51
CA TYR E 576 31.08 -42.75 18.26
C TYR E 576 30.34 -42.09 19.41
N CYS E 577 31.02 -41.19 20.11
CA CYS E 577 30.31 -40.31 21.01
C CYS E 577 31.14 -39.08 21.28
N ARG E 578 30.65 -38.33 22.23
CA ARG E 578 31.34 -37.24 22.87
C ARG E 578 30.48 -36.94 24.05
N LEU E 579 30.83 -35.95 24.83
CA LEU E 579 29.98 -36.03 25.97
C LEU E 579 29.52 -34.65 26.35
N SER E 580 28.44 -34.66 27.07
CA SER E 580 28.05 -33.52 27.82
C SER E 580 29.16 -33.21 28.79
N PRO E 581 29.92 -32.17 28.56
CA PRO E 581 30.74 -31.59 29.62
C PRO E 581 30.01 -31.48 30.96
N ASN E 582 28.81 -30.89 31.05
CA ASN E 582 28.26 -30.75 32.40
C ASN E 582 27.78 -32.08 32.92
N HIS E 583 28.28 -33.17 32.31
CA HIS E 583 28.15 -34.54 32.75
C HIS E 583 26.73 -34.84 33.19
N LYS E 584 25.86 -34.38 32.43
CA LYS E 584 24.56 -34.98 32.51
C LYS E 584 24.38 -36.07 31.49
N VAL E 585 24.97 -35.96 30.30
CA VAL E 585 24.44 -36.68 29.16
C VAL E 585 25.55 -37.21 28.28
N LEU E 586 25.20 -38.21 27.47
CA LEU E 586 25.99 -38.55 26.32
C LEU E 586 25.76 -37.57 25.20
N HIS E 587 26.61 -37.65 24.19
CA HIS E 587 26.33 -37.06 22.90
C HIS E 587 26.96 -38.04 21.94
N TYR E 588 26.23 -39.10 21.71
CA TYR E 588 26.67 -40.15 20.83
C TYR E 588 26.03 -39.88 19.49
N GLY E 589 26.44 -40.60 18.48
CA GLY E 589 25.79 -40.45 17.19
C GLY E 589 25.43 -41.81 16.67
N ASP E 590 26.01 -42.12 15.52
CA ASP E 590 26.23 -43.49 15.05
C ASP E 590 27.29 -43.52 13.96
N LEU E 591 28.26 -44.42 14.08
CA LEU E 591 29.29 -44.51 13.07
C LEU E 591 28.94 -45.65 12.17
N GLU E 592 29.21 -45.55 10.90
CA GLU E 592 28.94 -46.78 10.20
C GLU E 592 30.08 -47.69 10.53
N GLU E 593 29.85 -48.97 10.33
CA GLU E 593 30.96 -49.68 9.77
C GLU E 593 31.41 -48.84 8.58
N SER E 594 32.58 -48.21 8.70
CA SER E 594 32.98 -47.28 7.66
C SER E 594 34.49 -47.19 7.53
N PRO E 595 35.00 -46.78 6.34
CA PRO E 595 36.45 -46.71 6.12
C PRO E 595 37.15 -45.40 6.49
N GLN E 596 36.48 -44.24 6.42
CA GLN E 596 37.19 -42.95 6.48
C GLN E 596 37.52 -42.58 7.92
N GLY E 597 36.54 -42.70 8.82
CA GLY E 597 36.72 -42.36 10.21
C GLY E 597 35.41 -42.47 10.93
N GLU E 598 35.34 -41.99 12.17
CA GLU E 598 34.02 -41.87 12.73
C GLU E 598 33.20 -40.97 11.83
N VAL E 599 31.95 -41.33 11.64
CA VAL E 599 31.01 -40.37 11.09
C VAL E 599 30.33 -39.81 12.34
N PRO E 600 30.87 -38.72 12.94
CA PRO E 600 30.27 -38.21 14.16
C PRO E 600 28.91 -37.60 13.84
N HIS E 601 28.04 -38.34 13.17
CA HIS E 601 26.71 -37.85 12.84
C HIS E 601 25.82 -38.03 14.05
N ASP E 602 25.42 -36.90 14.61
CA ASP E 602 24.70 -36.97 15.85
C ASP E 602 23.31 -37.48 15.54
N SER E 603 23.24 -38.77 15.31
CA SER E 603 22.07 -39.48 15.72
C SER E 603 21.67 -38.90 17.04
N LEU E 604 20.44 -38.44 17.11
CA LEU E 604 19.86 -38.14 18.39
C LEU E 604 20.00 -39.30 19.34
N GLN E 605 20.42 -40.44 18.81
CA GLN E 605 21.15 -41.39 19.61
C GLN E 605 22.32 -40.57 20.02
N ASP E 606 22.02 -39.60 20.87
CA ASP E 606 22.88 -38.52 21.28
C ASP E 606 22.86 -38.45 22.78
N LYS E 607 21.72 -38.71 23.38
CA LYS E 607 21.59 -38.47 24.79
C LYS E 607 21.24 -39.77 25.44
N LEU E 608 21.88 -40.01 26.56
CA LEU E 608 21.51 -41.02 27.33
C LEU E 608 22.12 -40.37 28.57
N PRO E 609 21.27 -39.95 29.50
CA PRO E 609 21.80 -39.07 30.55
C PRO E 609 22.79 -39.80 31.41
N VAL E 610 23.94 -39.15 31.63
CA VAL E 610 24.95 -39.67 32.53
C VAL E 610 24.36 -40.00 33.88
N ALA E 611 23.94 -38.99 34.63
CA ALA E 611 23.47 -39.27 35.98
C ALA E 611 22.19 -40.07 35.97
N ASP E 612 21.50 -40.10 34.83
CA ASP E 612 20.42 -41.04 34.65
C ASP E 612 20.80 -42.44 35.08
N ILE E 613 22.05 -42.80 34.85
CA ILE E 613 22.46 -44.19 34.84
C ILE E 613 22.51 -44.74 36.27
N LYS E 614 21.61 -45.67 36.57
CA LYS E 614 21.67 -46.43 37.82
C LYS E 614 22.92 -47.28 37.82
N ALA E 615 23.07 -48.17 36.83
CA ALA E 615 24.24 -49.02 36.78
C ALA E 615 24.43 -49.54 35.37
N VAL E 616 25.55 -49.16 34.78
CA VAL E 616 26.07 -49.83 33.60
C VAL E 616 26.40 -51.24 34.04
N VAL E 617 25.96 -52.19 33.25
CA VAL E 617 26.25 -53.56 33.51
C VAL E 617 27.15 -54.04 32.38
N THR E 618 27.74 -55.21 32.55
CA THR E 618 28.85 -55.63 31.72
C THR E 618 28.72 -57.10 31.35
N GLY E 619 29.21 -57.43 30.16
CA GLY E 619 29.49 -58.82 29.88
C GLY E 619 28.25 -59.67 29.80
N LYS E 620 28.02 -60.45 30.85
CA LYS E 620 26.89 -61.38 30.84
C LYS E 620 25.59 -60.74 31.31
N ASP E 621 25.63 -59.81 32.26
CA ASP E 621 24.43 -59.06 32.59
C ASP E 621 23.90 -58.30 31.38
N CYS E 622 24.76 -58.06 30.38
CA CYS E 622 24.35 -57.50 29.10
C CYS E 622 23.25 -58.35 28.49
N PRO E 623 22.11 -57.77 28.12
CA PRO E 623 20.95 -58.60 27.74
C PRO E 623 21.05 -59.31 26.38
N HIS E 624 22.22 -59.41 25.74
CA HIS E 624 22.27 -60.21 24.52
C HIS E 624 23.50 -61.12 24.47
N ASN E 634 31.86 -64.54 17.24
CA ASN E 634 32.76 -64.04 18.28
C ASN E 634 32.09 -63.95 19.65
N LYS E 635 32.50 -64.81 20.57
CA LYS E 635 32.19 -64.57 21.97
C LYS E 635 33.15 -63.56 22.58
N GLU E 636 34.05 -62.99 21.75
CA GLU E 636 35.03 -62.02 22.21
C GLU E 636 34.39 -60.67 22.47
N VAL E 637 33.07 -60.58 22.28
CA VAL E 637 32.38 -59.31 22.38
C VAL E 637 31.13 -59.38 23.27
N LEU E 638 30.62 -60.58 23.62
CA LEU E 638 29.55 -60.64 24.62
C LEU E 638 30.01 -60.15 25.99
N GLU E 639 31.27 -60.38 26.36
CA GLU E 639 31.85 -59.60 27.44
C GLU E 639 31.85 -58.12 27.11
N LEU E 640 32.41 -57.75 25.95
CA LEU E 640 32.38 -56.38 25.47
C LEU E 640 30.95 -55.91 25.32
N ALA E 641 30.07 -56.78 24.85
CA ALA E 641 28.66 -56.57 25.04
C ALA E 641 28.40 -56.29 26.49
N PHE E 642 27.79 -55.16 26.71
CA PHE E 642 27.45 -54.78 28.04
C PHE E 642 26.52 -53.63 27.86
N SER E 643 25.87 -53.22 28.91
CA SER E 643 24.82 -52.24 28.77
C SER E 643 25.16 -51.08 29.67
N ILE E 644 24.61 -49.93 29.33
CA ILE E 644 24.07 -49.13 30.41
C ILE E 644 22.84 -49.86 30.84
N LEU E 645 22.72 -50.11 32.13
CA LEU E 645 21.44 -50.19 32.78
C LEU E 645 21.26 -48.83 33.41
N TYR E 646 20.18 -48.18 33.07
CA TYR E 646 19.80 -46.97 33.74
C TYR E 646 18.29 -47.10 33.78
N ASP E 647 17.52 -46.02 33.95
CA ASP E 647 16.17 -46.10 34.51
C ASP E 647 15.38 -47.26 33.91
N SER E 648 14.40 -47.74 34.69
CA SER E 648 14.20 -49.17 34.92
C SER E 648 14.69 -50.04 33.79
N ASN E 649 14.25 -49.80 32.56
CA ASN E 649 14.69 -50.64 31.46
C ASN E 649 15.37 -49.90 30.33
N CYS E 650 15.54 -48.59 30.44
CA CYS E 650 16.27 -47.90 29.38
C CYS E 650 17.75 -48.10 29.62
N GLN E 651 18.47 -48.34 28.52
CA GLN E 651 19.71 -49.08 28.61
C GLN E 651 20.22 -49.25 27.20
N LEU E 652 21.39 -49.86 27.08
CA LEU E 652 21.72 -50.43 25.79
C LEU E 652 23.00 -51.21 25.91
N ASN E 653 23.38 -51.85 24.83
CA ASN E 653 24.12 -53.09 24.85
C ASN E 653 25.13 -52.99 23.75
N PHE E 654 26.31 -53.51 24.01
CA PHE E 654 27.48 -52.72 23.69
C PHE E 654 28.70 -53.58 23.45
N ILE E 655 29.63 -53.03 22.66
CA ILE E 655 30.93 -53.62 22.31
C ILE E 655 31.92 -52.45 22.14
N ALA E 656 33.15 -52.57 22.72
CA ALA E 656 34.06 -51.40 22.90
C ALA E 656 35.43 -51.54 22.19
N PRO E 657 35.96 -50.44 21.62
CA PRO E 657 37.03 -50.58 20.60
C PRO E 657 38.28 -51.36 21.03
N ASP E 658 38.42 -51.74 22.30
CA ASP E 658 39.46 -52.66 22.74
C ASP E 658 39.46 -52.80 24.26
N LYS E 659 40.39 -53.63 24.75
CA LYS E 659 40.56 -53.79 26.19
C LYS E 659 40.74 -52.44 26.85
N HIS E 660 41.58 -51.61 26.25
CA HIS E 660 41.52 -50.20 26.56
C HIS E 660 40.08 -49.81 26.75
N GLU E 661 39.27 -50.03 25.71
CA GLU E 661 37.91 -49.56 25.69
C GLU E 661 37.03 -50.31 26.64
N TYR E 662 37.35 -51.57 26.93
CA TYR E 662 36.59 -52.24 27.98
C TYR E 662 36.78 -51.58 29.32
N CYS E 663 38.03 -51.62 29.85
CA CYS E 663 38.33 -50.84 31.03
C CYS E 663 37.55 -49.55 30.94
N ILE E 664 37.73 -48.88 29.82
CA ILE E 664 37.10 -47.60 29.55
C ILE E 664 35.64 -47.65 29.84
N TRP E 665 34.96 -48.62 29.34
CA TRP E 665 33.54 -48.43 29.45
C TRP E 665 33.07 -48.85 30.80
N THR E 666 33.45 -50.05 31.20
CA THR E 666 33.22 -50.47 32.56
C THR E 666 33.46 -49.33 33.51
N ASP E 667 34.67 -48.86 33.50
CA ASP E 667 35.17 -47.96 34.49
C ASP E 667 34.77 -46.54 34.24
N GLY E 668 34.65 -46.14 33.00
CA GLY E 668 34.10 -44.85 32.73
C GLY E 668 32.74 -44.77 33.35
N LEU E 669 31.97 -45.79 33.15
CA LEU E 669 30.68 -45.87 33.79
C LEU E 669 30.83 -46.18 35.27
N ASN E 670 32.00 -46.67 35.67
CA ASN E 670 32.23 -46.91 37.08
C ASN E 670 32.39 -45.61 37.82
N ALA E 671 33.48 -44.93 37.54
CA ALA E 671 33.68 -43.58 38.05
C ALA E 671 32.61 -42.65 37.54
N LEU E 672 31.88 -43.06 36.51
CA LEU E 672 30.69 -42.34 36.10
C LEU E 672 29.57 -42.63 37.10
N LEU E 673 29.79 -43.62 37.97
CA LEU E 673 29.16 -43.67 39.29
C LEU E 673 30.14 -43.41 40.42
N GLY E 674 31.31 -42.86 40.13
CA GLY E 674 32.36 -42.87 41.11
C GLY E 674 32.86 -44.24 41.46
N LYS E 675 32.39 -45.29 40.78
CA LYS E 675 32.86 -46.62 41.12
C LYS E 675 34.32 -46.74 40.74
N ASP E 676 35.09 -47.30 41.67
CA ASP E 676 36.50 -47.45 41.41
C ASP E 676 36.68 -48.29 40.15
N MET E 677 37.75 -48.00 39.43
CA MET E 677 37.94 -48.66 38.15
C MET E 677 38.28 -50.12 38.34
N MET E 678 37.68 -50.96 37.51
CA MET E 678 37.83 -52.39 37.68
C MET E 678 38.97 -52.99 36.89
N SER E 679 39.23 -52.56 35.67
CA SER E 679 40.36 -53.10 34.95
C SER E 679 41.66 -52.52 35.48
N ASP E 680 42.77 -52.80 34.77
CA ASP E 680 44.10 -52.67 35.34
C ASP E 680 45.12 -51.91 34.50
N LEU E 681 44.96 -51.84 33.18
CA LEU E 681 45.85 -51.01 32.39
C LEU E 681 46.01 -49.65 33.06
N THR E 682 44.95 -49.23 33.74
CA THR E 682 45.04 -48.23 34.76
C THR E 682 46.28 -48.42 35.60
N ARG E 683 46.41 -49.54 36.28
CA ARG E 683 47.46 -49.62 37.28
C ARG E 683 48.82 -49.84 36.60
N ASN E 684 48.84 -50.43 35.39
CA ASN E 684 49.95 -50.16 34.49
C ASN E 684 50.42 -48.76 34.71
N ASP E 685 49.49 -47.85 34.60
CA ASP E 685 49.87 -46.46 34.72
C ASP E 685 50.14 -46.10 36.17
N LEU E 686 49.24 -46.48 37.09
CA LEU E 686 49.41 -46.15 38.52
C LEU E 686 50.86 -46.27 38.91
N ASP E 687 51.56 -47.24 38.33
CA ASP E 687 52.95 -47.27 38.70
C ASP E 687 53.87 -46.91 37.55
N THR E 688 53.42 -46.94 36.29
CA THR E 688 54.15 -46.24 35.25
C THR E 688 54.56 -44.88 35.73
N LEU E 689 53.73 -44.31 36.57
CA LEU E 689 53.89 -42.96 37.06
C LEU E 689 54.42 -42.95 38.47
N LEU E 690 53.71 -43.57 39.41
CA LEU E 690 54.21 -43.67 40.77
C LEU E 690 55.67 -44.06 40.78
N SER E 691 56.06 -44.88 39.83
CA SER E 691 57.39 -45.03 39.32
C SER E 691 58.01 -43.68 39.46
N MET E 692 57.55 -42.76 38.66
CA MET E 692 58.18 -41.45 38.62
C MET E 692 58.01 -40.71 39.93
N GLU E 693 56.86 -40.88 40.53
CA GLU E 693 56.47 -39.98 41.57
C GLU E 693 57.42 -40.09 42.74
N ILE E 694 57.48 -41.25 43.32
CA ILE E 694 58.52 -41.41 44.31
C ILE E 694 59.84 -41.60 43.62
N LYS E 695 59.91 -41.65 42.30
CA LYS E 695 61.25 -41.37 41.81
C LYS E 695 61.70 -40.05 42.34
N LEU E 696 60.78 -39.10 42.40
CA LEU E 696 61.09 -37.84 43.04
C LEU E 696 61.57 -38.10 44.46
N ARG E 697 60.67 -38.60 45.30
CA ARG E 697 61.05 -38.82 46.68
C ARG E 697 62.22 -39.79 46.86
N LEU E 698 62.56 -40.58 45.86
CA LEU E 698 63.83 -41.27 45.92
C LEU E 698 64.88 -40.30 46.33
N LEU E 699 64.89 -39.18 45.64
CA LEU E 699 65.97 -38.23 45.64
C LEU E 699 66.12 -37.54 46.96
N ASP E 700 65.00 -37.09 47.53
CA ASP E 700 65.01 -36.49 48.85
C ASP E 700 65.82 -37.34 49.82
N LEU E 701 65.49 -38.61 49.93
CA LEU E 701 66.14 -39.49 50.90
C LEU E 701 67.04 -40.49 50.16
N GLU E 702 67.40 -40.18 48.92
CA GLU E 702 68.16 -41.11 48.07
C GLU E 702 69.48 -41.46 48.70
N ASN E 703 69.75 -42.75 48.77
CA ASN E 703 70.99 -43.24 49.34
C ASN E 703 71.14 -42.73 50.76
N ILE E 704 70.02 -42.29 51.33
CA ILE E 704 69.82 -42.14 52.76
C ILE E 704 68.95 -43.31 53.19
N GLN E 705 69.20 -43.85 54.37
CA GLN E 705 68.58 -45.11 54.71
C GLN E 705 67.08 -44.94 54.95
N ILE E 706 66.36 -45.98 54.58
CA ILE E 706 64.90 -46.00 54.69
C ILE E 706 64.53 -46.65 56.02
N PRO E 707 64.12 -45.88 57.02
CA PRO E 707 63.91 -46.44 58.35
C PRO E 707 62.57 -47.15 58.45
N ASP E 708 62.49 -48.40 57.98
CA ASP E 708 61.25 -49.13 58.12
C ASP E 708 60.79 -49.16 59.56
N ALA E 709 61.72 -49.13 60.48
CA ALA E 709 61.39 -48.69 61.80
C ALA E 709 61.13 -47.18 61.75
N PRO E 710 59.91 -46.73 61.94
CA PRO E 710 59.70 -45.35 62.28
C PRO E 710 60.66 -44.95 63.39
N PRO E 711 61.34 -43.83 63.26
CA PRO E 711 61.93 -43.24 64.45
C PRO E 711 60.83 -42.92 65.44
N PRO E 712 61.16 -42.46 66.63
CA PRO E 712 60.13 -41.92 67.50
C PRO E 712 59.87 -40.44 67.24
N ILE E 713 58.64 -40.04 67.49
CA ILE E 713 58.44 -38.62 67.76
C ILE E 713 59.06 -38.31 69.12
N PRO E 714 60.10 -37.50 69.19
CA PRO E 714 60.71 -37.21 70.49
C PRO E 714 59.82 -36.28 71.28
N LYS E 715 60.19 -36.09 72.55
CA LYS E 715 59.44 -35.19 73.41
C LYS E 715 59.38 -33.81 72.78
N GLU E 716 58.18 -33.41 72.37
CA GLU E 716 58.04 -32.10 71.81
C GLU E 716 58.61 -31.09 72.81
N PRO E 717 59.40 -30.13 72.32
CA PRO E 717 60.21 -29.32 73.24
C PRO E 717 59.35 -28.39 74.08
N SER E 718 59.51 -28.52 75.40
CA SER E 718 58.67 -27.81 76.36
C SER E 718 58.74 -26.31 76.17
N ASN E 719 59.85 -25.81 75.64
CA ASN E 719 59.94 -24.41 75.27
C ASN E 719 59.43 -24.24 73.84
N TYR E 720 58.47 -23.34 73.67
CA TYR E 720 58.05 -22.93 72.34
C TYR E 720 58.29 -21.43 72.13
N ASP E 721 59.18 -20.84 72.93
CA ASP E 721 59.79 -19.55 72.61
C ASP E 721 60.78 -19.77 71.47
N PHE E 722 60.24 -19.81 70.26
CA PHE E 722 61.07 -20.17 69.11
C PHE E 722 62.03 -19.02 68.84
N VAL E 723 63.29 -19.23 69.21
CA VAL E 723 64.30 -18.17 69.16
C VAL E 723 64.37 -17.56 67.77
N TYR E 724 64.19 -18.39 66.76
CA TYR E 724 64.18 -17.93 65.38
C TYR E 724 62.74 -17.94 64.92
N ASP E 725 62.43 -17.10 63.95
CA ASP E 725 61.03 -16.77 63.69
C ASP E 725 60.40 -17.70 62.66
N CYS E 726 59.11 -17.55 62.45
CA CYS E 726 58.39 -18.31 61.46
C CYS E 726 58.67 -17.72 60.08
N MET F 1 0.59 -25.01 14.31
CA MET F 1 -0.18 -25.15 15.56
C MET F 1 -1.28 -26.17 15.30
N GLN F 2 -1.21 -26.77 14.11
CA GLN F 2 -2.33 -27.51 13.53
C GLN F 2 -2.98 -28.40 14.58
N ALA F 3 -4.24 -28.14 14.87
CA ALA F 3 -4.89 -28.92 15.91
C ALA F 3 -5.27 -30.26 15.35
N ILE F 4 -5.76 -31.15 16.21
CA ILE F 4 -6.20 -32.44 15.72
C ILE F 4 -7.39 -32.93 16.51
N LYS F 5 -8.28 -33.66 15.81
CA LYS F 5 -9.39 -34.39 16.38
C LYS F 5 -8.83 -35.54 17.17
N CYS F 6 -8.72 -35.33 18.46
CA CYS F 6 -8.11 -36.30 19.35
C CYS F 6 -9.19 -36.83 20.26
N VAL F 7 -9.72 -38.02 19.98
CA VAL F 7 -10.66 -38.68 20.88
C VAL F 7 -9.92 -39.72 21.70
N VAL F 8 -9.89 -39.53 23.02
CA VAL F 8 -9.05 -40.29 23.95
C VAL F 8 -9.83 -41.40 24.61
N VAL F 9 -9.88 -42.57 24.01
CA VAL F 9 -10.61 -43.66 24.65
C VAL F 9 -9.73 -44.16 25.78
N GLY F 10 -10.28 -44.99 26.63
CA GLY F 10 -9.51 -45.32 27.81
C GLY F 10 -10.45 -45.57 28.95
N ASP F 11 -10.15 -46.58 29.73
CA ASP F 11 -11.14 -47.09 30.65
C ASP F 11 -11.14 -46.32 31.95
N GLY F 12 -12.23 -46.48 32.71
CA GLY F 12 -12.49 -45.62 33.84
C GLY F 12 -11.48 -45.70 34.96
N ALA F 13 -10.77 -46.81 35.08
CA ALA F 13 -9.78 -46.91 36.13
C ALA F 13 -8.48 -46.20 35.78
N VAL F 14 -8.42 -45.51 34.63
CA VAL F 14 -7.15 -44.98 34.14
C VAL F 14 -6.88 -43.58 34.71
N GLY F 15 -7.71 -42.60 34.37
CA GLY F 15 -7.58 -41.27 34.95
C GLY F 15 -6.82 -40.25 34.13
N LYS F 16 -6.91 -40.31 32.80
CA LYS F 16 -6.15 -39.39 31.96
C LYS F 16 -6.49 -37.96 32.24
N THR F 17 -7.56 -37.71 32.98
CA THR F 17 -7.98 -36.35 33.24
C THR F 17 -6.85 -35.60 33.93
N CYS F 18 -6.59 -35.96 35.19
CA CYS F 18 -5.47 -35.41 35.93
C CYS F 18 -4.24 -35.38 35.09
N LEU F 19 -4.11 -36.40 34.25
CA LEU F 19 -2.93 -36.55 33.43
C LEU F 19 -2.76 -35.30 32.58
N LEU F 20 -3.70 -35.08 31.68
CA LEU F 20 -3.66 -33.87 30.89
C LEU F 20 -3.62 -32.65 31.79
N ILE F 21 -4.35 -32.66 32.89
CA ILE F 21 -4.56 -31.43 33.65
C ILE F 21 -3.29 -31.05 34.38
N SER F 22 -2.39 -32.01 34.53
CA SER F 22 -1.14 -31.68 35.18
C SER F 22 -0.06 -31.38 34.17
N TYR F 23 -0.04 -32.06 33.02
CA TYR F 23 0.88 -31.57 32.01
C TYR F 23 0.60 -30.13 31.68
N THR F 24 -0.54 -29.89 31.05
CA THR F 24 -0.62 -28.70 30.25
C THR F 24 -0.88 -27.44 31.08
N THR F 25 -1.34 -27.54 32.33
CA THR F 25 -1.27 -26.37 33.20
C THR F 25 0.16 -25.98 33.44
N ASN F 26 1.07 -26.90 33.15
CA ASN F 26 2.45 -26.58 32.86
C ASN F 26 3.27 -26.32 34.14
N ALA F 27 2.54 -26.14 35.21
CA ALA F 27 3.07 -26.36 36.54
C ALA F 27 3.69 -27.75 36.68
N PHE F 28 4.27 -28.02 37.89
CA PHE F 28 5.27 -28.83 38.59
C PHE F 28 5.19 -30.31 38.17
N PRO F 29 6.11 -31.16 38.66
CA PRO F 29 5.76 -32.56 38.74
C PRO F 29 4.35 -32.79 39.23
N GLY F 30 3.98 -32.32 40.42
CA GLY F 30 2.69 -32.69 40.97
C GLY F 30 1.38 -31.92 40.83
N GLU F 31 1.33 -30.67 41.29
CA GLU F 31 0.06 -30.06 41.67
C GLU F 31 -0.46 -29.11 40.61
N TYR F 32 -1.69 -29.38 40.19
CA TYR F 32 -2.44 -28.82 39.07
C TYR F 32 -3.88 -28.83 39.52
N ILE F 33 -4.70 -27.95 38.99
CA ILE F 33 -6.10 -28.04 39.41
C ILE F 33 -6.82 -28.93 38.40
N PRO F 34 -7.26 -30.12 38.80
CA PRO F 34 -8.11 -30.98 37.95
C PRO F 34 -9.38 -30.33 37.46
N THR F 35 -10.05 -30.94 36.48
CA THR F 35 -11.25 -30.31 35.88
C THR F 35 -12.35 -31.36 35.64
N VAL F 36 -13.57 -30.85 35.48
CA VAL F 36 -14.82 -31.58 35.34
C VAL F 36 -15.20 -31.89 33.90
N PHE F 37 -15.40 -30.87 33.08
CA PHE F 37 -15.78 -31.06 31.68
C PHE F 37 -14.50 -31.14 30.88
N ASP F 38 -14.28 -32.26 30.26
CA ASP F 38 -12.89 -32.61 30.08
C ASP F 38 -12.43 -32.93 28.68
N ASN F 39 -13.15 -32.54 27.65
CA ASN F 39 -12.45 -32.39 26.39
C ASN F 39 -11.23 -31.58 26.76
N TYR F 40 -10.07 -32.22 26.73
CA TYR F 40 -8.85 -31.55 27.16
C TYR F 40 -8.12 -31.08 25.92
N SER F 41 -6.87 -30.62 26.08
CA SER F 41 -6.03 -30.25 24.94
C SER F 41 -4.60 -29.93 25.38
N ALA F 42 -3.74 -29.78 24.38
CA ALA F 42 -2.33 -29.53 24.65
C ALA F 42 -1.63 -29.32 23.32
N ASN F 43 -0.30 -29.18 23.35
CA ASN F 43 0.46 -28.91 22.14
C ASN F 43 1.96 -28.88 22.37
N VAL F 44 2.71 -28.58 21.29
CA VAL F 44 3.95 -27.80 21.34
C VAL F 44 4.07 -27.17 19.96
N MET F 45 5.08 -26.31 19.79
CA MET F 45 5.64 -26.12 18.45
C MET F 45 6.31 -27.45 18.20
N VAL F 46 5.49 -28.43 17.86
CA VAL F 46 6.00 -29.78 18.00
C VAL F 46 6.40 -30.30 16.62
N ASP F 47 7.69 -30.14 16.33
CA ASP F 47 8.41 -30.94 15.37
C ASP F 47 8.26 -30.44 13.94
N GLY F 48 7.90 -29.17 13.75
CA GLY F 48 7.45 -28.74 12.44
C GLY F 48 6.10 -29.31 12.16
N LYS F 49 5.56 -30.01 13.14
CA LYS F 49 4.19 -30.47 13.20
C LYS F 49 3.79 -29.51 14.30
N PRO F 50 3.90 -28.28 14.05
CA PRO F 50 3.86 -27.33 15.14
C PRO F 50 2.42 -27.30 15.56
N VAL F 51 2.02 -28.19 16.44
CA VAL F 51 0.61 -28.50 16.40
C VAL F 51 -0.02 -28.46 17.78
N ASN F 52 -1.33 -28.22 17.73
CA ASN F 52 -2.22 -28.30 18.87
C ASN F 52 -3.11 -29.51 18.71
N LEU F 53 -3.34 -30.15 19.83
CA LEU F 53 -4.26 -31.25 19.91
C LEU F 53 -5.49 -30.84 20.71
N GLY F 54 -6.69 -31.09 20.15
CA GLY F 54 -7.94 -30.97 20.88
C GLY F 54 -8.41 -32.34 21.33
N LEU F 55 -8.14 -32.66 22.59
CA LEU F 55 -8.46 -33.92 23.22
C LEU F 55 -9.98 -33.96 23.36
N TRP F 56 -10.60 -34.87 22.62
CA TRP F 56 -12.05 -35.08 22.63
C TRP F 56 -12.42 -36.08 23.71
N ASP F 57 -12.60 -35.58 24.92
CA ASP F 57 -13.05 -36.49 25.96
C ASP F 57 -14.58 -36.51 25.99
N THR F 58 -15.17 -37.64 25.65
CA THR F 58 -16.51 -37.92 26.10
C THR F 58 -16.42 -38.21 27.59
N ALA F 59 -17.50 -38.71 28.15
CA ALA F 59 -17.33 -39.37 29.44
C ALA F 59 -16.42 -40.57 29.24
N GLY F 60 -15.48 -40.75 30.16
CA GLY F 60 -14.76 -42.01 30.14
C GLY F 60 -15.60 -43.19 30.55
N GLN F 61 -16.78 -42.93 31.10
CA GLN F 61 -17.71 -43.96 31.55
C GLN F 61 -18.35 -44.67 30.36
N GLU F 62 -18.98 -45.81 30.65
CA GLU F 62 -19.62 -46.69 29.70
C GLU F 62 -21.00 -46.28 29.20
N ASP F 63 -21.64 -45.24 29.75
CA ASP F 63 -22.93 -44.83 29.19
C ASP F 63 -22.80 -44.17 27.83
N TYR F 64 -21.64 -44.27 27.20
CA TYR F 64 -21.40 -43.64 25.90
C TYR F 64 -21.22 -44.62 24.76
N ASP F 65 -21.69 -45.87 24.89
CA ASP F 65 -21.42 -46.80 23.80
C ASP F 65 -22.28 -46.52 22.58
N ARG F 66 -22.88 -45.33 22.60
CA ARG F 66 -23.16 -44.54 21.42
C ARG F 66 -22.43 -43.22 21.41
N LEU F 67 -22.37 -42.50 22.53
CA LEU F 67 -21.83 -41.15 22.52
C LEU F 67 -20.34 -41.20 22.24
N ARG F 68 -19.69 -42.20 22.81
CA ARG F 68 -18.35 -42.56 22.38
C ARG F 68 -18.36 -43.09 20.95
N PRO F 69 -19.16 -44.12 20.58
CA PRO F 69 -19.46 -44.33 19.14
C PRO F 69 -19.88 -43.12 18.34
N LEU F 70 -20.37 -42.07 18.99
CA LEU F 70 -20.54 -40.82 18.27
C LEU F 70 -19.31 -39.93 18.38
N SER F 71 -18.17 -40.49 18.79
CA SER F 71 -16.92 -39.76 18.82
C SER F 71 -15.86 -40.43 17.94
N TYR F 72 -16.16 -41.60 17.41
CA TYR F 72 -15.23 -42.35 16.58
C TYR F 72 -15.18 -42.02 15.09
N PRO F 73 -16.32 -42.06 14.35
CA PRO F 73 -16.26 -42.38 12.91
C PRO F 73 -15.08 -41.77 12.17
N GLN F 74 -14.66 -40.55 12.52
CA GLN F 74 -13.53 -39.90 11.84
C GLN F 74 -12.56 -39.24 12.83
N THR F 75 -12.12 -39.92 13.93
CA THR F 75 -11.06 -39.34 14.75
C THR F 75 -9.69 -39.78 14.26
N ASP F 76 -8.84 -38.80 14.04
CA ASP F 76 -7.54 -38.95 13.41
C ASP F 76 -6.77 -40.16 13.93
N VAL F 77 -6.79 -40.34 15.24
CA VAL F 77 -6.08 -41.37 15.98
C VAL F 77 -6.96 -41.61 17.20
N PHE F 78 -6.60 -42.55 18.06
CA PHE F 78 -7.30 -42.64 19.33
C PHE F 78 -6.34 -42.91 20.47
N LEU F 79 -6.38 -42.03 21.49
CA LEU F 79 -5.69 -42.31 22.74
C LEU F 79 -6.53 -43.36 23.46
N ILE F 80 -5.91 -44.51 23.75
CA ILE F 80 -6.58 -45.74 24.16
C ILE F 80 -5.92 -46.25 25.43
N CYS F 81 -6.60 -46.06 26.57
CA CYS F 81 -5.91 -46.10 27.85
C CYS F 81 -6.17 -47.37 28.63
N PHE F 82 -5.10 -47.96 29.17
CA PHE F 82 -5.23 -48.89 30.27
C PHE F 82 -4.12 -48.65 31.28
N SER F 83 -4.06 -49.52 32.30
CA SER F 83 -3.26 -49.34 33.50
C SER F 83 -2.55 -50.64 33.92
N LEU F 84 -1.76 -50.57 35.02
CA LEU F 84 -0.84 -51.67 35.34
C LEU F 84 -1.12 -52.30 36.71
N VAL F 85 -1.72 -51.55 37.64
CA VAL F 85 -2.09 -52.13 38.93
C VAL F 85 -3.28 -53.06 38.87
N SER F 86 -3.90 -53.23 37.70
CA SER F 86 -5.08 -54.06 37.55
C SER F 86 -5.12 -54.74 36.19
N PRO F 87 -4.69 -56.00 36.08
CA PRO F 87 -4.59 -56.67 34.76
C PRO F 87 -5.82 -56.57 33.90
N ALA F 88 -7.00 -56.36 34.49
CA ALA F 88 -8.20 -56.12 33.71
C ALA F 88 -7.93 -55.08 32.65
N SER F 89 -7.11 -54.10 32.97
CA SER F 89 -6.64 -53.17 31.96
C SER F 89 -5.86 -53.91 30.88
N PHE F 90 -4.85 -54.67 31.27
CA PHE F 90 -4.07 -55.41 30.30
C PHE F 90 -4.92 -56.41 29.53
N GLU F 91 -6.20 -56.51 29.84
CA GLU F 91 -7.01 -57.43 29.07
C GLU F 91 -8.08 -56.70 28.26
N ASN F 92 -8.81 -55.81 28.89
CA ASN F 92 -9.77 -55.01 28.16
C ASN F 92 -9.19 -54.50 26.85
N VAL F 93 -7.86 -54.51 26.74
CA VAL F 93 -7.14 -53.88 25.65
C VAL F 93 -7.43 -54.56 24.32
N ARG F 94 -7.05 -55.81 24.15
CA ARG F 94 -7.60 -56.49 23.00
C ARG F 94 -9.09 -56.67 23.17
N ALA F 95 -9.62 -56.41 24.36
CA ALA F 95 -11.00 -56.79 24.63
C ALA F 95 -12.03 -55.69 24.41
N LYS F 96 -11.78 -54.43 24.78
CA LYS F 96 -12.87 -53.45 24.76
C LYS F 96 -12.68 -52.30 23.78
N TRP F 97 -11.64 -51.47 23.95
CA TRP F 97 -11.45 -50.37 23.01
C TRP F 97 -10.96 -50.90 21.66
N TYR F 98 -10.34 -52.07 21.67
CA TYR F 98 -9.78 -52.64 20.44
C TYR F 98 -10.88 -53.11 19.53
N PRO F 99 -11.82 -53.89 20.02
CA PRO F 99 -13.00 -54.13 19.22
C PRO F 99 -13.56 -52.78 18.86
N GLU F 100 -13.82 -51.91 19.83
CA GLU F 100 -14.43 -50.63 19.49
C GLU F 100 -13.66 -49.92 18.37
N VAL F 101 -12.39 -50.29 18.17
CA VAL F 101 -11.62 -49.80 17.03
C VAL F 101 -12.02 -50.56 15.78
N ARG F 102 -11.86 -51.87 15.84
CA ARG F 102 -12.43 -52.77 14.84
C ARG F 102 -13.80 -52.29 14.40
N HIS F 103 -14.52 -51.74 15.35
CA HIS F 103 -15.91 -51.33 15.39
C HIS F 103 -16.16 -50.05 14.63
N HIS F 104 -15.41 -48.99 14.88
CA HIS F 104 -15.63 -47.78 14.09
C HIS F 104 -14.71 -47.63 12.90
N CYS F 105 -13.45 -48.07 12.97
CA CYS F 105 -12.50 -47.85 11.89
C CYS F 105 -11.43 -48.93 11.83
N PRO F 106 -11.26 -49.56 10.67
CA PRO F 106 -10.00 -50.26 10.39
C PRO F 106 -9.00 -49.47 9.55
N ASN F 107 -8.65 -48.21 9.88
CA ASN F 107 -7.63 -47.53 9.07
C ASN F 107 -6.59 -46.69 9.87
N THR F 108 -7.00 -45.91 10.96
CA THR F 108 -6.28 -44.87 11.74
C THR F 108 -5.22 -45.42 12.70
N PRO F 109 -4.27 -44.58 13.13
CA PRO F 109 -3.36 -44.99 14.19
C PRO F 109 -4.11 -45.29 15.47
N ILE F 110 -3.82 -46.45 16.02
CA ILE F 110 -4.48 -46.93 17.22
C ILE F 110 -3.44 -47.56 18.10
N ILE F 111 -3.43 -47.20 19.35
CA ILE F 111 -2.27 -47.47 20.17
C ILE F 111 -2.76 -47.84 21.54
N LEU F 112 -1.82 -48.09 22.45
CA LEU F 112 -2.14 -48.47 23.80
C LEU F 112 -1.16 -47.89 24.79
N VAL F 113 -1.56 -47.97 26.05
CA VAL F 113 -0.82 -47.42 27.17
C VAL F 113 -1.29 -48.10 28.43
N GLY F 114 -0.35 -48.53 29.24
CA GLY F 114 -0.68 -48.92 30.59
C GLY F 114 -0.38 -47.80 31.54
N THR F 115 -1.42 -47.14 32.00
CA THR F 115 -1.25 -46.23 33.12
C THR F 115 -0.87 -47.05 34.35
N LYS F 116 -0.71 -46.35 35.47
CA LYS F 116 -0.22 -46.95 36.70
C LYS F 116 1.12 -47.63 36.46
N LEU F 117 1.78 -47.25 35.38
CA LEU F 117 3.16 -47.66 35.18
C LEU F 117 4.01 -47.30 36.38
N ASP F 118 3.90 -46.05 36.83
CA ASP F 118 4.57 -45.65 38.05
C ASP F 118 3.90 -46.29 39.26
N LEU F 119 2.72 -46.87 39.07
CA LEU F 119 2.02 -47.46 40.20
C LEU F 119 1.97 -48.97 40.13
N ARG F 120 2.46 -49.53 39.03
CA ARG F 120 2.39 -50.98 38.83
C ARG F 120 3.01 -51.74 40.00
N ASP F 121 4.04 -51.18 40.61
CA ASP F 121 4.98 -52.01 41.34
C ASP F 121 5.27 -51.58 42.78
N ASP F 122 4.43 -50.76 43.40
CA ASP F 122 4.57 -50.56 44.84
C ASP F 122 4.42 -51.86 45.59
N LYS F 123 5.21 -52.01 46.65
CA LYS F 123 4.99 -53.09 47.61
C LYS F 123 3.52 -53.17 48.00
N ASP F 124 2.83 -52.03 48.00
CA ASP F 124 1.42 -52.10 48.24
C ASP F 124 0.65 -52.37 46.96
N THR F 125 1.18 -51.95 45.79
CA THR F 125 0.53 -52.32 44.54
C THR F 125 0.93 -53.71 44.12
N ILE F 126 2.21 -54.04 44.23
CA ILE F 126 2.61 -55.43 44.27
C ILE F 126 1.69 -56.20 45.21
N GLU F 127 1.37 -55.61 46.37
CA GLU F 127 0.72 -56.32 47.46
C GLU F 127 -0.73 -56.64 47.14
N LYS F 128 -1.50 -55.65 46.70
CA LYS F 128 -2.88 -55.94 46.31
C LYS F 128 -3.01 -56.22 44.82
N LEU F 129 -1.89 -56.39 44.13
CA LEU F 129 -1.89 -57.11 42.86
C LEU F 129 -1.67 -58.60 43.12
N LYS F 130 -1.05 -58.94 44.28
CA LYS F 130 -1.05 -60.35 44.70
C LYS F 130 -2.30 -60.74 45.46
N GLU F 131 -2.88 -59.84 46.26
CA GLU F 131 -4.11 -60.21 46.96
C GLU F 131 -5.20 -60.58 45.96
N LYS F 132 -5.21 -59.90 44.81
CA LYS F 132 -6.07 -60.25 43.68
C LYS F 132 -5.41 -61.25 42.77
N LYS F 133 -4.11 -61.52 42.97
CA LYS F 133 -3.48 -62.74 42.50
C LYS F 133 -3.40 -62.73 40.98
N LEU F 134 -3.40 -61.53 40.44
CA LEU F 134 -3.11 -61.21 39.06
C LEU F 134 -1.88 -60.34 39.06
N THR F 135 -1.56 -59.79 37.91
CA THR F 135 -0.18 -59.41 37.82
C THR F 135 0.00 -57.91 37.70
N PRO F 136 0.96 -57.35 38.42
CA PRO F 136 1.43 -56.00 38.11
C PRO F 136 2.07 -56.07 36.74
N ILE F 137 1.19 -56.11 35.72
CA ILE F 137 1.48 -56.70 34.41
C ILE F 137 2.90 -56.37 33.98
N THR F 138 3.58 -57.35 33.44
CA THR F 138 4.83 -57.05 32.80
C THR F 138 4.51 -56.17 31.60
N TYR F 139 5.20 -55.04 31.49
CA TYR F 139 5.22 -54.43 30.18
C TYR F 139 5.52 -55.48 29.12
N PRO F 140 6.44 -56.43 29.33
CA PRO F 140 6.56 -57.54 28.39
C PRO F 140 5.24 -58.14 27.99
N GLN F 141 4.38 -58.44 28.97
CA GLN F 141 3.02 -58.78 28.61
C GLN F 141 2.51 -57.75 27.66
N GLY F 142 2.90 -56.51 27.87
CA GLY F 142 2.73 -55.50 26.85
C GLY F 142 3.30 -55.91 25.50
N LEU F 143 4.62 -55.98 25.37
CA LEU F 143 5.20 -56.07 24.04
C LEU F 143 4.62 -57.21 23.25
N ALA F 144 4.03 -58.17 23.93
CA ALA F 144 3.25 -59.13 23.17
C ALA F 144 1.94 -58.45 22.80
N MET F 145 1.19 -58.06 23.83
CA MET F 145 -0.12 -57.46 23.71
C MET F 145 -0.21 -56.47 22.56
N ALA F 146 0.84 -55.65 22.42
CA ALA F 146 0.90 -54.58 21.44
C ALA F 146 1.42 -55.08 20.10
N LYS F 147 2.13 -56.19 20.12
CA LYS F 147 2.30 -56.88 18.87
C LYS F 147 0.97 -57.43 18.40
N GLU F 148 0.08 -57.66 19.36
CA GLU F 148 -1.17 -58.37 19.19
C GLU F 148 -2.30 -57.56 18.55
N ILE F 149 -2.91 -56.59 19.26
CA ILE F 149 -4.13 -56.02 18.64
C ILE F 149 -3.95 -54.66 17.99
N GLY F 150 -2.75 -54.07 18.01
CA GLY F 150 -2.63 -52.70 17.50
C GLY F 150 -2.40 -51.47 18.40
N ALA F 151 -1.34 -51.47 19.19
CA ALA F 151 -0.80 -50.26 19.77
C ALA F 151 0.35 -49.75 18.93
N VAL F 152 0.14 -48.71 18.11
CA VAL F 152 1.15 -48.38 17.10
C VAL F 152 2.46 -47.95 17.77
N LYS F 153 2.36 -47.40 18.98
CA LYS F 153 3.49 -47.37 19.90
C LYS F 153 2.96 -48.21 21.04
N TYR F 154 3.63 -48.18 22.16
CA TYR F 154 2.88 -48.48 23.36
C TYR F 154 3.54 -47.77 24.51
N LEU F 155 2.72 -47.14 25.34
CA LEU F 155 3.26 -46.17 26.28
C LEU F 155 2.53 -46.15 27.61
N GLU F 156 2.84 -45.10 28.36
CA GLU F 156 2.54 -44.85 29.77
C GLU F 156 2.83 -43.38 30.05
N CYS F 157 2.12 -42.77 31.01
CA CYS F 157 2.47 -41.42 31.44
C CYS F 157 1.76 -41.10 32.74
N SER F 158 2.38 -40.28 33.56
CA SER F 158 1.79 -39.98 34.85
C SER F 158 2.03 -38.55 35.27
N ALA F 159 0.91 -37.86 35.53
CA ALA F 159 0.89 -36.42 35.78
C ALA F 159 1.33 -36.06 37.18
N LEU F 160 1.20 -37.00 38.13
CA LEU F 160 1.88 -36.89 39.40
C LEU F 160 3.33 -36.56 39.19
N THR F 161 4.01 -37.43 38.47
CA THR F 161 5.30 -37.14 37.89
C THR F 161 5.22 -36.06 36.82
N GLN F 162 4.04 -35.89 36.20
CA GLN F 162 3.86 -35.12 34.97
C GLN F 162 4.80 -35.62 33.88
N ARG F 163 4.91 -36.95 33.71
CA ARG F 163 5.96 -37.66 32.99
C ARG F 163 5.41 -38.77 32.10
N GLY F 164 6.30 -39.34 31.28
CA GLY F 164 5.91 -40.22 30.21
C GLY F 164 5.04 -39.42 29.28
N LEU F 165 4.96 -38.15 29.57
CA LEU F 165 3.85 -37.31 29.26
C LEU F 165 3.96 -36.86 27.81
N LYS F 166 4.93 -35.97 27.56
CA LYS F 166 5.37 -35.73 26.19
C LYS F 166 5.67 -37.06 25.54
N THR F 167 6.36 -37.94 26.27
CA THR F 167 6.68 -39.28 25.81
C THR F 167 5.45 -39.86 25.18
N VAL F 168 4.40 -39.93 25.98
CA VAL F 168 3.10 -40.25 25.41
C VAL F 168 2.78 -39.28 24.30
N PHE F 169 2.70 -37.99 24.63
CA PHE F 169 2.29 -37.03 23.64
C PHE F 169 3.14 -37.14 22.39
N ASP F 170 4.26 -37.86 22.46
CA ASP F 170 5.18 -37.92 21.34
C ASP F 170 4.47 -38.27 20.06
N GLU F 171 4.06 -39.49 19.93
CA GLU F 171 3.64 -39.85 18.62
C GLU F 171 2.15 -39.84 18.56
N ALA F 172 1.54 -39.80 19.74
CA ALA F 172 0.22 -39.22 19.89
C ALA F 172 0.14 -37.96 19.07
N ILE F 173 1.27 -37.30 18.92
CA ILE F 173 1.37 -36.32 17.86
C ILE F 173 1.85 -36.97 16.57
N ARG F 174 3.07 -37.48 16.53
CA ARG F 174 3.64 -37.80 15.22
C ARG F 174 3.01 -39.00 14.55
N ALA F 175 1.88 -39.47 15.05
CA ALA F 175 1.06 -40.34 14.22
C ALA F 175 1.02 -39.84 12.78
N VAL F 176 1.07 -38.52 12.60
CA VAL F 176 1.23 -37.98 11.26
C VAL F 176 2.38 -38.66 10.57
N LEU F 177 3.48 -38.82 11.28
CA LEU F 177 4.62 -39.55 10.76
C LEU F 177 4.21 -40.99 10.70
#